data_1WSX
#
_entry.id   1WSX
#
_entity_poly.entity_id   1
_entity_poly.type   'polypeptide(L)'
_entity_poly.pdbx_seq_one_letter_code
;GPLGSEDDLYRQSLEIISRYLREQATGSKDSKPLGEAGAAGRRALETLRRVGDGVQRNHETAFQGMLRKLDIKNEGDVKS
FSRVMVHVFKDGVTNWGRIVTLISFGAFVAKHLKSVNQESFIEPLAETITDVLVRTKRDWLVKQRGWDGFVEFFHVQDLE
GG
;
_entity_poly.pdbx_strand_id   A
#
# COMPACT_ATOMS: atom_id res chain seq x y z
N GLY A 1 -4.58 -24.15 -13.97
CA GLY A 1 -5.74 -23.94 -13.06
C GLY A 1 -6.03 -22.47 -12.83
N PRO A 2 -5.41 -21.84 -11.81
CA PRO A 2 -5.62 -20.43 -11.50
C PRO A 2 -5.34 -19.52 -12.69
N LEU A 3 -4.21 -19.77 -13.35
CA LEU A 3 -3.82 -18.98 -14.52
C LEU A 3 -4.87 -19.05 -15.61
N GLY A 4 -5.39 -17.89 -16.01
CA GLY A 4 -6.41 -17.83 -17.04
C GLY A 4 -7.09 -16.49 -17.12
N SER A 5 -8.37 -16.45 -16.73
CA SER A 5 -9.14 -15.22 -16.77
C SER A 5 -9.23 -14.59 -15.38
N GLU A 6 -8.50 -15.17 -14.42
CA GLU A 6 -8.49 -14.66 -13.06
C GLU A 6 -7.76 -13.32 -12.97
N ASP A 7 -7.15 -13.07 -11.82
CA ASP A 7 -6.42 -11.82 -11.61
C ASP A 7 -4.92 -12.09 -11.46
N ASP A 8 -4.13 -11.55 -12.38
CA ASP A 8 -2.68 -11.73 -12.34
C ASP A 8 -2.02 -10.69 -11.45
N LEU A 9 -2.48 -9.44 -11.54
CA LEU A 9 -1.93 -8.36 -10.73
C LEU A 9 -2.10 -8.65 -9.25
N TYR A 10 -3.33 -8.93 -8.83
CA TYR A 10 -3.63 -9.22 -7.43
C TYR A 10 -2.53 -10.05 -6.80
N ARG A 11 -2.07 -11.08 -7.51
CA ARG A 11 -1.00 -11.93 -7.00
C ARG A 11 0.22 -11.09 -6.64
N GLN A 12 0.57 -10.17 -7.53
CA GLN A 12 1.70 -9.29 -7.33
C GLN A 12 1.39 -8.22 -6.28
N SER A 13 0.28 -7.50 -6.49
CA SER A 13 -0.15 -6.46 -5.57
C SER A 13 -0.02 -6.94 -4.12
N LEU A 14 -0.22 -8.25 -3.94
CA LEU A 14 -0.13 -8.90 -2.63
C LEU A 14 1.31 -9.21 -2.28
N GLU A 15 2.05 -9.76 -3.24
CA GLU A 15 3.45 -10.11 -3.02
C GLU A 15 4.25 -8.90 -2.56
N ILE A 16 4.02 -7.76 -3.20
CA ILE A 16 4.73 -6.53 -2.86
C ILE A 16 4.16 -5.88 -1.61
N ILE A 17 2.84 -5.93 -1.43
CA ILE A 17 2.23 -5.35 -0.25
C ILE A 17 2.75 -6.06 0.99
N SER A 18 2.80 -7.38 0.92
CA SER A 18 3.30 -8.18 2.04
C SER A 18 4.76 -7.86 2.28
N ARG A 19 5.55 -7.87 1.21
CA ARG A 19 6.97 -7.57 1.29
C ARG A 19 7.21 -6.18 1.87
N TYR A 20 6.39 -5.23 1.45
CA TYR A 20 6.50 -3.85 1.91
C TYR A 20 6.07 -3.70 3.38
N LEU A 21 4.84 -4.11 3.66
CA LEU A 21 4.29 -4.01 5.01
C LEU A 21 5.11 -4.82 6.02
N ARG A 22 5.70 -5.92 5.56
CA ARG A 22 6.51 -6.76 6.43
C ARG A 22 7.81 -6.06 6.82
N GLU A 23 8.45 -5.45 5.84
CA GLU A 23 9.70 -4.73 6.08
C GLU A 23 9.46 -3.46 6.89
N GLN A 24 8.25 -2.92 6.78
CA GLN A 24 7.89 -1.70 7.50
C GLN A 24 7.56 -2.01 8.95
N ALA A 25 6.73 -3.02 9.17
CA ALA A 25 6.33 -3.42 10.52
C ALA A 25 7.55 -3.73 11.38
N THR A 26 8.48 -4.49 10.82
CA THR A 26 9.70 -4.86 11.54
C THR A 26 10.60 -3.66 11.75
N GLY A 27 10.66 -2.79 10.74
CA GLY A 27 11.50 -1.61 10.83
C GLY A 27 12.90 -1.84 10.29
N SER A 28 13.26 -3.11 10.13
CA SER A 28 14.58 -3.46 9.61
C SER A 28 14.55 -3.57 8.09
N LYS A 29 15.63 -3.13 7.45
CA LYS A 29 15.74 -3.17 6.00
C LYS A 29 15.97 -4.60 5.51
N ASP A 30 15.16 -5.04 4.55
CA ASP A 30 15.28 -6.38 4.00
C ASP A 30 16.60 -6.54 3.24
N SER A 31 17.25 -7.68 3.44
CA SER A 31 18.52 -7.94 2.77
C SER A 31 18.30 -8.64 1.43
N LYS A 32 17.22 -9.41 1.35
CA LYS A 32 16.89 -10.14 0.11
C LYS A 32 15.99 -9.29 -0.79
N PRO A 33 16.42 -9.01 -2.03
CA PRO A 33 15.66 -8.22 -2.98
C PRO A 33 14.53 -9.01 -3.63
N LEU A 34 13.76 -8.36 -4.50
CA LEU A 34 12.65 -9.01 -5.18
C LEU A 34 13.15 -10.16 -6.05
N GLY A 35 12.23 -11.03 -6.45
CA GLY A 35 12.61 -12.17 -7.27
C GLY A 35 11.42 -13.01 -7.70
N GLU A 36 10.22 -12.48 -7.49
CA GLU A 36 9.00 -13.19 -7.85
C GLU A 36 7.96 -12.24 -8.42
N ALA A 37 7.79 -11.09 -7.76
CA ALA A 37 6.82 -10.10 -8.20
C ALA A 37 7.16 -9.60 -9.60
N GLY A 38 8.42 -9.78 -10.00
CA GLY A 38 8.84 -9.34 -11.32
C GLY A 38 9.56 -8.00 -11.28
N ALA A 39 9.19 -7.12 -12.20
CA ALA A 39 9.81 -5.80 -12.29
C ALA A 39 9.17 -4.80 -11.34
N ALA A 40 7.84 -4.80 -11.28
CA ALA A 40 7.11 -3.87 -10.42
C ALA A 40 7.63 -3.90 -9.00
N GLY A 41 7.59 -5.08 -8.38
CA GLY A 41 8.04 -5.21 -7.01
C GLY A 41 9.44 -4.69 -6.77
N ARG A 42 10.34 -4.93 -7.71
CA ARG A 42 11.71 -4.47 -7.57
C ARG A 42 11.77 -2.96 -7.35
N ARG A 43 11.13 -2.22 -8.24
CA ARG A 43 11.11 -0.75 -8.14
C ARG A 43 9.99 -0.25 -7.24
N ALA A 44 9.02 -1.11 -6.96
CA ALA A 44 7.87 -0.75 -6.12
C ALA A 44 8.23 -0.74 -4.64
N LEU A 45 8.78 -1.84 -4.15
CA LEU A 45 9.13 -1.92 -2.75
C LEU A 45 10.12 -0.82 -2.37
N GLU A 46 10.94 -0.41 -3.33
CA GLU A 46 11.92 0.65 -3.10
C GLU A 46 11.26 2.01 -3.23
N THR A 47 10.40 2.15 -4.22
CA THR A 47 9.69 3.40 -4.44
C THR A 47 8.72 3.65 -3.28
N LEU A 48 7.82 2.69 -3.07
CA LEU A 48 6.84 2.77 -1.99
C LEU A 48 7.52 3.05 -0.66
N ARG A 49 8.70 2.49 -0.45
CA ARG A 49 9.44 2.71 0.78
C ARG A 49 9.76 4.19 0.94
N ARG A 50 10.24 4.80 -0.14
CA ARG A 50 10.58 6.22 -0.13
C ARG A 50 9.32 7.09 -0.02
N VAL A 51 8.38 6.91 -0.95
CA VAL A 51 7.14 7.68 -0.94
C VAL A 51 6.42 7.54 0.39
N GLY A 52 6.61 6.41 1.06
CA GLY A 52 5.96 6.20 2.33
C GLY A 52 6.62 7.01 3.43
N ASP A 53 7.95 7.02 3.44
CA ASP A 53 8.69 7.79 4.42
C ASP A 53 8.31 9.26 4.31
N GLY A 54 8.09 9.69 3.08
CA GLY A 54 7.68 11.06 2.83
C GLY A 54 6.23 11.28 3.18
N VAL A 55 5.36 10.41 2.65
CA VAL A 55 3.93 10.51 2.91
C VAL A 55 3.66 10.65 4.40
N GLN A 56 4.35 9.85 5.20
CA GLN A 56 4.19 9.88 6.64
C GLN A 56 4.57 11.25 7.19
N ARG A 57 5.67 11.81 6.67
CA ARG A 57 6.13 13.12 7.10
C ARG A 57 5.21 14.21 6.57
N ASN A 58 4.49 13.90 5.50
CA ASN A 58 3.57 14.84 4.87
C ASN A 58 2.16 14.70 5.45
N HIS A 59 1.88 13.56 6.06
CA HIS A 59 0.58 13.29 6.60
C HIS A 59 0.60 13.18 8.12
N GLU A 60 1.77 13.25 8.72
CA GLU A 60 1.89 13.14 10.18
C GLU A 60 0.69 13.75 10.88
N THR A 61 0.15 14.84 10.33
CA THR A 61 -1.02 15.48 10.90
C THR A 61 -2.27 14.66 10.58
N ALA A 62 -2.41 14.29 9.31
CA ALA A 62 -3.53 13.49 8.86
C ALA A 62 -3.46 12.09 9.47
N PHE A 63 -2.32 11.43 9.28
CA PHE A 63 -2.09 10.09 9.80
C PHE A 63 -2.43 10.02 11.29
N GLN A 64 -2.05 11.06 12.03
CA GLN A 64 -2.30 11.11 13.46
C GLN A 64 -3.79 11.16 13.76
N GLY A 65 -4.52 11.98 13.00
CA GLY A 65 -5.95 12.10 13.20
C GLY A 65 -6.73 10.94 12.63
N MET A 66 -6.22 10.32 11.58
CA MET A 66 -6.90 9.19 10.96
C MET A 66 -6.89 7.95 11.85
N LEU A 67 -5.69 7.53 12.24
CA LEU A 67 -5.55 6.35 13.11
C LEU A 67 -6.15 6.60 14.48
N ARG A 68 -5.96 7.81 15.01
CA ARG A 68 -6.50 8.16 16.33
C ARG A 68 -8.02 7.99 16.33
N LYS A 69 -8.65 8.34 15.21
CA LYS A 69 -10.09 8.21 15.08
C LYS A 69 -10.49 6.74 15.12
N LEU A 70 -9.60 5.89 14.63
CA LEU A 70 -9.85 4.45 14.61
C LEU A 70 -9.31 3.80 15.88
N ASP A 71 -9.43 2.48 15.97
CA ASP A 71 -8.94 1.75 17.13
C ASP A 71 -9.00 0.24 16.89
N ILE A 72 -7.96 -0.28 16.25
CA ILE A 72 -7.88 -1.71 15.94
C ILE A 72 -7.94 -2.54 17.22
N LYS A 73 -8.96 -3.39 17.29
CA LYS A 73 -9.13 -4.27 18.45
C LYS A 73 -9.16 -5.72 18.00
N ASN A 74 -9.74 -5.94 16.83
CA ASN A 74 -9.84 -7.26 16.24
C ASN A 74 -9.88 -7.15 14.73
N GLU A 75 -10.12 -8.27 14.06
CA GLU A 75 -10.19 -8.30 12.60
C GLU A 75 -11.45 -7.56 12.13
N GLY A 76 -12.27 -7.15 13.09
CA GLY A 76 -13.50 -6.43 12.77
C GLY A 76 -13.25 -4.94 12.60
N ASP A 77 -12.16 -4.46 13.17
CA ASP A 77 -11.82 -3.04 13.08
C ASP A 77 -11.38 -2.69 11.66
N VAL A 78 -11.17 -3.72 10.85
CA VAL A 78 -10.76 -3.53 9.47
C VAL A 78 -11.82 -2.74 8.70
N LYS A 79 -13.04 -2.78 9.21
CA LYS A 79 -14.15 -2.05 8.61
C LYS A 79 -13.83 -0.56 8.61
N SER A 80 -13.08 -0.13 9.62
CA SER A 80 -12.68 1.27 9.73
C SER A 80 -11.76 1.63 8.58
N PHE A 81 -10.94 0.67 8.16
CA PHE A 81 -10.03 0.89 7.05
C PHE A 81 -10.84 1.12 5.78
N SER A 82 -11.95 0.42 5.65
CA SER A 82 -12.81 0.59 4.49
C SER A 82 -13.26 2.04 4.38
N ARG A 83 -13.53 2.65 5.54
CA ARG A 83 -13.95 4.04 5.59
C ARG A 83 -12.88 4.94 4.96
N VAL A 84 -11.65 4.78 5.41
CA VAL A 84 -10.55 5.57 4.88
C VAL A 84 -10.26 5.16 3.44
N MET A 85 -10.62 3.93 3.08
CA MET A 85 -10.41 3.46 1.72
C MET A 85 -11.07 4.42 0.75
N VAL A 86 -12.29 4.80 1.07
CA VAL A 86 -13.04 5.73 0.25
C VAL A 86 -12.63 7.18 0.48
N HIS A 87 -12.43 7.53 1.75
CA HIS A 87 -12.05 8.89 2.10
C HIS A 87 -10.73 9.28 1.44
N VAL A 88 -9.93 8.29 1.07
CA VAL A 88 -8.65 8.55 0.42
C VAL A 88 -8.87 9.07 -1.00
N PHE A 89 -9.79 8.43 -1.73
CA PHE A 89 -10.11 8.85 -3.09
C PHE A 89 -11.36 9.73 -3.08
N LYS A 90 -11.46 10.60 -2.09
CA LYS A 90 -12.60 11.50 -1.96
C LYS A 90 -12.76 12.37 -3.21
N ASP A 91 -11.65 12.72 -3.84
CA ASP A 91 -11.66 13.55 -5.03
C ASP A 91 -12.12 12.75 -6.25
N GLY A 92 -12.93 13.38 -7.09
CA GLY A 92 -13.43 12.72 -8.28
C GLY A 92 -12.31 12.22 -9.18
N VAL A 93 -11.34 13.10 -9.44
CA VAL A 93 -10.22 12.75 -10.29
C VAL A 93 -9.30 11.75 -9.59
N THR A 94 -8.97 10.66 -10.30
CA THR A 94 -8.11 9.64 -9.74
C THR A 94 -6.64 9.90 -10.07
N ASN A 95 -5.82 9.97 -9.03
CA ASN A 95 -4.39 10.23 -9.19
C ASN A 95 -3.56 9.20 -8.42
N TRP A 96 -2.42 8.81 -9.00
CA TRP A 96 -1.55 7.84 -8.37
C TRP A 96 -1.20 8.27 -6.96
N GLY A 97 -1.09 9.58 -6.75
CA GLY A 97 -0.79 10.10 -5.43
C GLY A 97 -1.82 9.66 -4.41
N ARG A 98 -3.08 9.65 -4.82
CA ARG A 98 -4.17 9.25 -3.94
C ARG A 98 -4.02 7.78 -3.57
N ILE A 99 -3.81 6.94 -4.58
CA ILE A 99 -3.62 5.51 -4.36
C ILE A 99 -2.40 5.27 -3.49
N VAL A 100 -1.44 6.18 -3.58
CA VAL A 100 -0.22 6.09 -2.79
C VAL A 100 -0.53 6.34 -1.33
N THR A 101 -1.49 7.22 -1.07
CA THR A 101 -1.90 7.55 0.29
C THR A 101 -2.63 6.37 0.92
N LEU A 102 -3.39 5.65 0.11
CA LEU A 102 -4.12 4.49 0.60
C LEU A 102 -3.15 3.43 1.09
N ILE A 103 -2.21 3.06 0.23
CA ILE A 103 -1.20 2.08 0.58
C ILE A 103 -0.34 2.63 1.72
N SER A 104 -0.15 3.94 1.71
CA SER A 104 0.65 4.62 2.72
C SER A 104 0.00 4.57 4.09
N PHE A 105 -1.33 4.69 4.14
CA PHE A 105 -2.04 4.66 5.41
C PHE A 105 -1.97 3.28 6.05
N GLY A 106 -2.46 2.27 5.33
CA GLY A 106 -2.44 0.92 5.84
C GLY A 106 -1.05 0.43 6.14
N ALA A 107 -0.08 0.91 5.38
CA ALA A 107 1.31 0.51 5.60
C ALA A 107 1.80 1.09 6.92
N PHE A 108 1.43 2.34 7.17
CA PHE A 108 1.80 3.03 8.40
C PHE A 108 1.01 2.46 9.57
N VAL A 109 -0.23 2.05 9.30
CA VAL A 109 -1.09 1.46 10.31
C VAL A 109 -0.59 0.07 10.68
N ALA A 110 -0.01 -0.63 9.71
CA ALA A 110 0.53 -1.96 9.94
C ALA A 110 1.71 -1.88 10.88
N LYS A 111 2.58 -0.91 10.65
CA LYS A 111 3.75 -0.70 11.50
C LYS A 111 3.28 -0.28 12.89
N HIS A 112 2.14 0.41 12.91
CA HIS A 112 1.55 0.87 14.16
C HIS A 112 1.01 -0.33 14.92
N LEU A 113 0.31 -1.20 14.20
CA LEU A 113 -0.26 -2.41 14.76
C LEU A 113 0.83 -3.31 15.34
N LYS A 114 2.01 -3.26 14.73
CA LYS A 114 3.13 -4.08 15.18
C LYS A 114 3.79 -3.45 16.41
N SER A 115 3.70 -2.13 16.51
CA SER A 115 4.29 -1.41 17.63
C SER A 115 3.54 -1.72 18.93
N VAL A 116 2.33 -2.23 18.81
CA VAL A 116 1.51 -2.57 19.97
C VAL A 116 1.48 -4.08 20.21
N ASN A 117 2.24 -4.82 19.39
CA ASN A 117 2.31 -6.27 19.51
C ASN A 117 0.97 -6.93 19.22
N GLN A 118 0.41 -6.62 18.05
CA GLN A 118 -0.88 -7.18 17.64
C GLN A 118 -0.77 -7.81 16.26
N GLU A 119 0.40 -8.36 15.95
CA GLU A 119 0.64 -8.99 14.66
C GLU A 119 -0.49 -9.95 14.29
N SER A 120 -1.22 -10.40 15.31
CA SER A 120 -2.33 -11.32 15.10
C SER A 120 -3.32 -10.75 14.11
N PHE A 121 -3.67 -9.47 14.28
CA PHE A 121 -4.61 -8.80 13.40
C PHE A 121 -3.89 -8.20 12.22
N ILE A 122 -2.56 -8.22 12.27
CA ILE A 122 -1.74 -7.67 11.20
C ILE A 122 -1.82 -8.53 9.94
N GLU A 123 -1.74 -9.84 10.10
CA GLU A 123 -1.80 -10.75 8.97
C GLU A 123 -3.02 -10.44 8.11
N PRO A 124 -4.23 -10.43 8.71
CA PRO A 124 -5.46 -10.12 7.99
C PRO A 124 -5.50 -8.66 7.59
N LEU A 125 -4.74 -7.83 8.30
CA LEU A 125 -4.68 -6.41 8.00
C LEU A 125 -4.11 -6.17 6.61
N ALA A 126 -2.93 -6.74 6.38
CA ALA A 126 -2.27 -6.62 5.09
C ALA A 126 -3.10 -7.26 3.98
N GLU A 127 -3.66 -8.43 4.27
CA GLU A 127 -4.47 -9.14 3.29
C GLU A 127 -5.66 -8.29 2.83
N THR A 128 -6.19 -7.49 3.75
CA THR A 128 -7.34 -6.63 3.42
C THR A 128 -6.91 -5.38 2.67
N ILE A 129 -5.89 -4.68 3.19
CA ILE A 129 -5.40 -3.47 2.57
C ILE A 129 -5.08 -3.70 1.09
N THR A 130 -4.47 -4.85 0.80
CA THR A 130 -4.14 -5.18 -0.58
C THR A 130 -5.38 -5.47 -1.41
N ASP A 131 -6.18 -6.41 -0.92
CA ASP A 131 -7.42 -6.78 -1.59
C ASP A 131 -8.20 -5.56 -1.97
N VAL A 132 -8.44 -4.74 -0.97
CA VAL A 132 -9.18 -3.53 -1.11
C VAL A 132 -8.47 -2.53 -2.00
N LEU A 133 -7.16 -2.66 -2.11
CA LEU A 133 -6.36 -1.76 -2.94
C LEU A 133 -6.50 -2.07 -4.43
N VAL A 134 -6.21 -3.32 -4.82
CA VAL A 134 -6.31 -3.70 -6.22
C VAL A 134 -7.76 -3.91 -6.63
N ARG A 135 -8.56 -4.37 -5.70
CA ARG A 135 -9.98 -4.62 -5.96
C ARG A 135 -10.78 -3.32 -6.02
N THR A 136 -10.30 -2.26 -5.37
CA THR A 136 -11.02 -0.98 -5.39
C THR A 136 -10.61 -0.15 -6.59
N LYS A 137 -9.35 -0.28 -7.01
CA LYS A 137 -8.86 0.47 -8.16
C LYS A 137 -8.49 -0.48 -9.29
N ARG A 138 -9.31 -1.52 -9.47
CA ARG A 138 -9.08 -2.50 -10.52
C ARG A 138 -9.24 -1.87 -11.89
N ASP A 139 -10.38 -1.20 -12.12
CA ASP A 139 -10.64 -0.55 -13.40
C ASP A 139 -9.44 0.29 -13.82
N TRP A 140 -8.95 1.09 -12.88
CA TRP A 140 -7.79 1.93 -13.12
C TRP A 140 -6.59 1.03 -13.42
N LEU A 141 -6.39 0.04 -12.58
CA LEU A 141 -5.30 -0.91 -12.73
C LEU A 141 -5.34 -1.59 -14.09
N VAL A 142 -6.54 -1.73 -14.64
CA VAL A 142 -6.71 -2.36 -15.95
C VAL A 142 -6.55 -1.33 -17.06
N LYS A 143 -6.91 -0.09 -16.75
CA LYS A 143 -6.82 1.00 -17.72
C LYS A 143 -5.42 1.61 -17.73
N GLN A 144 -4.62 1.28 -16.71
CA GLN A 144 -3.27 1.80 -16.61
C GLN A 144 -2.27 0.67 -16.37
N ARG A 145 -2.51 -0.46 -17.03
CA ARG A 145 -1.66 -1.64 -16.94
C ARG A 145 -1.19 -1.91 -15.50
N GLY A 146 -1.95 -1.42 -14.54
CA GLY A 146 -1.65 -1.64 -13.14
C GLY A 146 -0.22 -1.33 -12.73
N TRP A 147 0.35 -2.26 -11.97
CA TRP A 147 1.70 -2.16 -11.43
C TRP A 147 2.66 -1.31 -12.27
N ASP A 148 2.93 -1.75 -13.49
CA ASP A 148 3.86 -1.03 -14.37
C ASP A 148 3.53 0.46 -14.41
N GLY A 149 2.24 0.78 -14.51
CA GLY A 149 1.83 2.17 -14.55
C GLY A 149 2.28 2.92 -13.30
N PHE A 150 1.99 2.35 -12.14
CA PHE A 150 2.37 2.96 -10.87
C PHE A 150 3.81 3.47 -10.95
N VAL A 151 4.69 2.63 -11.47
CA VAL A 151 6.11 2.99 -11.61
C VAL A 151 6.29 3.97 -12.77
N GLU A 152 5.42 3.88 -13.78
CA GLU A 152 5.51 4.78 -14.93
C GLU A 152 5.36 6.22 -14.44
N PHE A 153 4.51 6.39 -13.44
CA PHE A 153 4.27 7.69 -12.84
C PHE A 153 5.47 8.13 -12.00
N PHE A 154 6.16 7.12 -11.46
CA PHE A 154 7.33 7.37 -10.63
C PHE A 154 8.61 6.86 -11.29
N HIS A 155 8.77 7.20 -12.57
CA HIS A 155 9.96 6.79 -13.32
C HIS A 155 11.10 7.77 -13.08
N VAL A 156 10.92 8.65 -12.10
CA VAL A 156 11.92 9.64 -11.76
C VAL A 156 12.74 9.21 -10.53
N GLN A 157 14.06 9.26 -10.66
CA GLN A 157 14.94 8.88 -9.57
C GLN A 157 15.51 10.12 -8.88
N ASP A 158 16.37 10.83 -9.58
CA ASP A 158 16.99 12.04 -9.04
C ASP A 158 16.66 13.25 -9.91
N LEU A 159 15.65 13.11 -10.76
CA LEU A 159 15.24 14.20 -11.64
C LEU A 159 13.85 14.72 -11.26
N GLU A 160 13.65 16.02 -11.44
CA GLU A 160 12.38 16.65 -11.11
C GLU A 160 11.88 17.51 -12.26
N GLY A 161 10.61 17.39 -12.59
CA GLY A 161 10.03 18.16 -13.67
C GLY A 161 8.84 18.99 -13.22
N GLY A 162 7.74 18.32 -12.90
CA GLY A 162 6.55 19.02 -12.46
C GLY A 162 5.32 18.12 -12.41
N GLY A 1 -11.63 -22.65 -16.57
CA GLY A 1 -10.76 -21.98 -15.58
C GLY A 1 -11.38 -21.90 -14.20
N PRO A 2 -11.44 -23.03 -13.47
CA PRO A 2 -12.02 -23.08 -12.12
C PRO A 2 -11.34 -22.11 -11.17
N LEU A 3 -10.02 -21.94 -11.33
CA LEU A 3 -9.25 -21.05 -10.48
C LEU A 3 -8.73 -19.86 -11.27
N GLY A 4 -9.38 -19.57 -12.41
CA GLY A 4 -8.97 -18.46 -13.23
C GLY A 4 -9.98 -17.34 -13.25
N SER A 5 -10.81 -17.29 -12.21
CA SER A 5 -11.84 -16.25 -12.11
C SER A 5 -11.40 -15.16 -11.15
N GLU A 6 -10.16 -15.24 -10.68
CA GLU A 6 -9.61 -14.25 -9.76
C GLU A 6 -8.94 -13.11 -10.52
N ASP A 7 -7.97 -12.47 -9.86
CA ASP A 7 -7.26 -11.35 -10.48
C ASP A 7 -5.77 -11.69 -10.62
N ASP A 8 -5.17 -11.19 -11.70
CA ASP A 8 -3.75 -11.43 -11.96
C ASP A 8 -2.88 -10.42 -11.23
N LEU A 9 -3.23 -9.14 -11.35
CA LEU A 9 -2.47 -8.08 -10.71
C LEU A 9 -2.46 -8.27 -9.19
N TYR A 10 -3.64 -8.50 -8.61
CA TYR A 10 -3.77 -8.68 -7.17
C TYR A 10 -2.65 -9.55 -6.62
N ARG A 11 -2.29 -10.61 -7.35
CA ARG A 11 -1.22 -11.49 -6.92
C ARG A 11 0.06 -10.71 -6.69
N GLN A 12 0.34 -9.78 -7.61
CA GLN A 12 1.52 -8.94 -7.52
C GLN A 12 1.31 -7.84 -6.48
N SER A 13 0.22 -7.10 -6.61
CA SER A 13 -0.11 -6.02 -5.69
C SER A 13 0.04 -6.49 -4.24
N LEU A 14 -0.18 -7.79 -4.04
CA LEU A 14 -0.06 -8.42 -2.73
C LEU A 14 1.37 -8.83 -2.44
N GLU A 15 2.04 -9.41 -3.43
CA GLU A 15 3.42 -9.85 -3.27
C GLU A 15 4.30 -8.68 -2.82
N ILE A 16 4.11 -7.53 -3.46
CA ILE A 16 4.88 -6.34 -3.12
C ILE A 16 4.38 -5.72 -1.83
N ILE A 17 3.06 -5.67 -1.66
CA ILE A 17 2.50 -5.09 -0.45
C ILE A 17 2.99 -5.86 0.77
N SER A 18 3.06 -7.17 0.64
CA SER A 18 3.52 -8.02 1.73
C SER A 18 5.00 -7.77 1.99
N ARG A 19 5.76 -7.56 0.92
CA ARG A 19 7.18 -7.30 1.03
C ARG A 19 7.42 -5.96 1.73
N TYR A 20 6.75 -4.93 1.23
CA TYR A 20 6.86 -3.58 1.79
C TYR A 20 6.34 -3.53 3.22
N LEU A 21 5.12 -4.01 3.43
CA LEU A 21 4.49 -4.00 4.74
C LEU A 21 5.34 -4.74 5.78
N ARG A 22 5.93 -5.86 5.37
CA ARG A 22 6.76 -6.64 6.28
C ARG A 22 8.08 -5.94 6.57
N GLU A 23 8.52 -5.09 5.64
CA GLU A 23 9.77 -4.36 5.80
C GLU A 23 9.56 -3.09 6.62
N GLN A 24 8.34 -2.55 6.58
CA GLN A 24 8.02 -1.34 7.33
C GLN A 24 7.55 -1.66 8.75
N ALA A 25 6.78 -2.73 8.88
CA ALA A 25 6.27 -3.14 10.18
C ALA A 25 7.40 -3.37 11.18
N THR A 26 8.53 -3.87 10.68
CA THR A 26 9.68 -4.13 11.54
C THR A 26 10.75 -3.06 11.36
N GLY A 27 10.90 -2.58 10.13
CA GLY A 27 11.90 -1.55 9.86
C GLY A 27 13.30 -2.13 9.74
N SER A 28 13.43 -3.43 10.03
CA SER A 28 14.71 -4.11 9.94
C SER A 28 14.57 -5.47 9.28
N LYS A 29 13.51 -5.61 8.49
CA LYS A 29 13.25 -6.87 7.78
C LYS A 29 14.24 -7.07 6.65
N ASP A 30 13.73 -7.28 5.43
CA ASP A 30 14.59 -7.49 4.27
C ASP A 30 15.32 -6.20 3.91
N SER A 31 16.61 -6.34 3.60
CA SER A 31 17.43 -5.18 3.23
C SER A 31 17.71 -5.18 1.73
N LYS A 32 17.69 -6.35 1.12
CA LYS A 32 17.93 -6.47 -0.31
C LYS A 32 16.64 -6.32 -1.10
N PRO A 33 16.73 -5.88 -2.37
CA PRO A 33 15.55 -5.69 -3.24
C PRO A 33 14.72 -6.96 -3.37
N LEU A 34 13.53 -6.81 -3.94
CA LEU A 34 12.63 -7.94 -4.14
C LEU A 34 13.27 -9.02 -5.01
N GLY A 35 12.59 -10.16 -5.13
CA GLY A 35 13.11 -11.25 -5.94
C GLY A 35 12.02 -12.18 -6.43
N GLU A 36 10.85 -11.62 -6.73
CA GLU A 36 9.73 -12.40 -7.22
C GLU A 36 8.84 -11.58 -8.14
N ALA A 37 8.47 -10.38 -7.68
CA ALA A 37 7.62 -9.48 -8.46
C ALA A 37 8.31 -9.09 -9.76
N GLY A 38 9.61 -9.30 -9.83
CA GLY A 38 10.37 -8.95 -11.02
C GLY A 38 10.72 -7.48 -11.08
N ALA A 39 10.09 -6.76 -12.02
CA ALA A 39 10.36 -5.34 -12.19
C ALA A 39 9.51 -4.49 -11.25
N ALA A 40 8.33 -4.99 -10.89
CA ALA A 40 7.43 -4.25 -10.01
C ALA A 40 8.00 -4.10 -8.62
N GLY A 41 8.16 -5.21 -7.93
CA GLY A 41 8.67 -5.19 -6.56
C GLY A 41 9.98 -4.45 -6.39
N ARG A 42 10.88 -4.59 -7.35
CA ARG A 42 12.18 -3.93 -7.26
C ARG A 42 12.03 -2.41 -7.33
N ARG A 43 11.21 -1.94 -8.27
CA ARG A 43 10.99 -0.50 -8.45
C ARG A 43 9.86 0.01 -7.57
N ALA A 44 9.04 -0.90 -7.05
CA ALA A 44 7.91 -0.52 -6.21
C ALA A 44 8.30 -0.46 -4.75
N LEU A 45 9.02 -1.46 -4.27
CA LEU A 45 9.44 -1.48 -2.87
C LEU A 45 10.41 -0.33 -2.60
N GLU A 46 11.18 0.05 -3.62
CA GLU A 46 12.14 1.15 -3.48
C GLU A 46 11.42 2.48 -3.63
N THR A 47 10.50 2.55 -4.59
CA THR A 47 9.74 3.77 -4.82
C THR A 47 8.84 4.02 -3.62
N LEU A 48 8.00 3.04 -3.30
CA LEU A 48 7.08 3.12 -2.17
C LEU A 48 7.83 3.49 -0.90
N ARG A 49 9.06 2.98 -0.77
CA ARG A 49 9.87 3.27 0.40
C ARG A 49 10.10 4.77 0.53
N ARG A 50 10.52 5.38 -0.57
CA ARG A 50 10.78 6.82 -0.60
C ARG A 50 9.48 7.61 -0.42
N VAL A 51 8.50 7.36 -1.29
CA VAL A 51 7.22 8.07 -1.20
C VAL A 51 6.58 7.89 0.16
N GLY A 52 6.82 6.75 0.78
CA GLY A 52 6.26 6.49 2.09
C GLY A 52 6.92 7.33 3.16
N ASP A 53 8.26 7.38 3.12
CA ASP A 53 9.02 8.17 4.08
C ASP A 53 8.57 9.61 4.03
N GLY A 54 8.26 10.08 2.82
CA GLY A 54 7.80 11.44 2.64
C GLY A 54 6.35 11.57 3.05
N VAL A 55 5.50 10.69 2.53
CA VAL A 55 4.08 10.71 2.85
C VAL A 55 3.86 10.81 4.35
N GLN A 56 4.59 9.99 5.11
CA GLN A 56 4.47 9.99 6.56
C GLN A 56 4.82 11.37 7.13
N ARG A 57 5.86 11.98 6.57
CA ARG A 57 6.30 13.30 7.01
C ARG A 57 5.32 14.37 6.55
N ASN A 58 4.57 14.05 5.49
CA ASN A 58 3.60 14.97 4.93
C ASN A 58 2.20 14.74 5.50
N HIS A 59 1.99 13.58 6.10
CA HIS A 59 0.70 13.24 6.63
C HIS A 59 0.72 13.07 8.14
N GLU A 60 1.89 13.12 8.75
CA GLU A 60 1.99 12.94 10.20
C GLU A 60 0.79 13.55 10.92
N THR A 61 0.30 14.67 10.40
CA THR A 61 -0.87 15.31 10.99
C THR A 61 -2.13 14.53 10.64
N ALA A 62 -2.26 14.20 9.36
CA ALA A 62 -3.40 13.42 8.87
C ALA A 62 -3.35 12.00 9.44
N PHE A 63 -2.23 11.33 9.22
CA PHE A 63 -2.01 9.97 9.71
C PHE A 63 -2.38 9.85 11.18
N GLN A 64 -2.00 10.85 11.97
CA GLN A 64 -2.29 10.85 13.40
C GLN A 64 -3.78 10.99 13.64
N GLY A 65 -4.43 11.82 12.84
CA GLY A 65 -5.87 12.04 12.99
C GLY A 65 -6.70 10.90 12.43
N MET A 66 -6.17 10.21 11.42
CA MET A 66 -6.89 9.11 10.80
C MET A 66 -6.97 7.92 11.75
N LEU A 67 -5.82 7.46 12.21
CA LEU A 67 -5.76 6.33 13.13
C LEU A 67 -6.45 6.67 14.45
N ARG A 68 -6.32 7.92 14.88
CA ARG A 68 -6.95 8.37 16.12
C ARG A 68 -8.45 8.14 16.06
N LYS A 69 -9.05 8.48 14.93
CA LYS A 69 -10.48 8.30 14.74
C LYS A 69 -10.85 6.82 14.81
N LEU A 70 -9.93 5.96 14.36
CA LEU A 70 -10.16 4.52 14.40
C LEU A 70 -9.72 3.94 15.73
N ASP A 71 -9.82 2.62 15.85
CA ASP A 71 -9.44 1.93 17.08
C ASP A 71 -9.33 0.43 16.85
N ILE A 72 -8.30 0.03 16.14
CA ILE A 72 -8.07 -1.39 15.82
C ILE A 72 -8.01 -2.22 17.10
N LYS A 73 -8.93 -3.18 17.22
CA LYS A 73 -8.99 -4.05 18.37
C LYS A 73 -8.95 -5.51 17.93
N ASN A 74 -9.56 -5.76 16.77
CA ASN A 74 -9.60 -7.10 16.19
C ASN A 74 -9.68 -7.02 14.67
N GLU A 75 -9.87 -8.16 14.03
CA GLU A 75 -9.98 -8.20 12.58
C GLU A 75 -11.28 -7.54 12.12
N GLY A 76 -12.12 -7.18 13.09
CA GLY A 76 -13.39 -6.55 12.78
C GLY A 76 -13.25 -5.05 12.62
N ASP A 77 -12.19 -4.48 13.19
CA ASP A 77 -11.95 -3.04 13.10
C ASP A 77 -11.49 -2.66 11.70
N VAL A 78 -11.26 -3.67 10.87
CA VAL A 78 -10.82 -3.44 9.49
C VAL A 78 -11.87 -2.66 8.72
N LYS A 79 -13.11 -2.72 9.19
CA LYS A 79 -14.21 -2.01 8.56
C LYS A 79 -13.89 -0.52 8.52
N SER A 80 -13.14 -0.06 9.51
CA SER A 80 -12.74 1.33 9.59
C SER A 80 -11.80 1.66 8.43
N PHE A 81 -10.91 0.72 8.12
CA PHE A 81 -9.98 0.91 7.02
C PHE A 81 -10.73 1.09 5.71
N SER A 82 -11.89 0.43 5.61
CA SER A 82 -12.71 0.56 4.41
C SER A 82 -13.08 2.03 4.21
N ARG A 83 -13.32 2.72 5.31
CA ARG A 83 -13.67 4.13 5.26
C ARG A 83 -12.51 4.94 4.69
N VAL A 84 -11.35 4.85 5.35
CA VAL A 84 -10.16 5.56 4.89
C VAL A 84 -9.85 5.20 3.45
N MET A 85 -10.24 4.00 3.04
CA MET A 85 -10.04 3.59 1.67
C MET A 85 -10.77 4.58 0.77
N VAL A 86 -12.01 4.89 1.17
CA VAL A 86 -12.82 5.85 0.45
C VAL A 86 -12.31 7.27 0.71
N HIS A 87 -11.67 7.46 1.86
CA HIS A 87 -11.10 8.76 2.23
C HIS A 87 -10.15 9.24 1.15
N VAL A 88 -9.12 8.43 0.94
CA VAL A 88 -8.09 8.72 -0.04
C VAL A 88 -8.68 8.77 -1.46
N PHE A 89 -9.71 7.96 -1.69
CA PHE A 89 -10.37 7.92 -2.98
C PHE A 89 -11.71 8.65 -2.93
N LYS A 90 -11.73 9.78 -2.21
CA LYS A 90 -12.94 10.60 -2.05
C LYS A 90 -13.91 10.42 -3.22
N ASP A 91 -13.62 11.09 -4.33
CA ASP A 91 -14.48 10.99 -5.52
C ASP A 91 -13.84 11.71 -6.71
N GLY A 92 -13.81 13.04 -6.64
CA GLY A 92 -13.24 13.82 -7.72
C GLY A 92 -11.76 13.55 -7.93
N VAL A 93 -10.94 13.89 -6.95
CA VAL A 93 -9.49 13.68 -7.04
C VAL A 93 -9.15 12.21 -7.28
N THR A 94 -8.40 11.95 -8.34
CA THR A 94 -7.98 10.60 -8.68
C THR A 94 -6.65 10.60 -9.40
N ASN A 95 -5.62 10.08 -8.72
CA ASN A 95 -4.27 10.03 -9.30
C ASN A 95 -3.40 9.04 -8.55
N TRP A 96 -2.23 8.74 -9.11
CA TRP A 96 -1.30 7.80 -8.50
C TRP A 96 -0.92 8.25 -7.10
N GLY A 97 -0.72 9.56 -6.93
CA GLY A 97 -0.37 10.09 -5.63
C GLY A 97 -1.39 9.70 -4.59
N ARG A 98 -2.66 9.65 -4.99
CA ARG A 98 -3.74 9.27 -4.09
C ARG A 98 -3.59 7.81 -3.68
N ILE A 99 -3.39 6.94 -4.66
CA ILE A 99 -3.20 5.53 -4.39
C ILE A 99 -1.98 5.32 -3.51
N VAL A 100 -1.02 6.24 -3.62
CA VAL A 100 0.19 6.18 -2.82
C VAL A 100 -0.12 6.48 -1.37
N THR A 101 -1.08 7.38 -1.15
CA THR A 101 -1.50 7.76 0.20
C THR A 101 -2.21 6.60 0.88
N LEU A 102 -3.00 5.86 0.10
CA LEU A 102 -3.74 4.72 0.64
C LEU A 102 -2.76 3.66 1.12
N ILE A 103 -1.84 3.26 0.25
CA ILE A 103 -0.84 2.27 0.61
C ILE A 103 -0.01 2.79 1.78
N SER A 104 0.17 4.11 1.80
CA SER A 104 0.94 4.78 2.84
C SER A 104 0.26 4.68 4.19
N PHE A 105 -1.05 4.97 4.23
CA PHE A 105 -1.81 4.93 5.47
C PHE A 105 -1.74 3.55 6.13
N GLY A 106 -2.17 2.53 5.40
CA GLY A 106 -2.17 1.18 5.94
C GLY A 106 -0.78 0.71 6.30
N ALA A 107 0.21 1.07 5.49
CA ALA A 107 1.57 0.65 5.77
C ALA A 107 2.03 1.26 7.09
N PHE A 108 1.62 2.51 7.32
CA PHE A 108 1.96 3.21 8.55
C PHE A 108 1.14 2.65 9.71
N VAL A 109 -0.11 2.28 9.41
CA VAL A 109 -0.99 1.72 10.42
C VAL A 109 -0.48 0.36 10.87
N ALA A 110 0.15 -0.38 9.96
CA ALA A 110 0.70 -1.68 10.29
C ALA A 110 1.85 -1.51 11.26
N LYS A 111 2.74 -0.57 10.95
CA LYS A 111 3.88 -0.29 11.82
C LYS A 111 3.35 0.19 13.17
N HIS A 112 2.20 0.87 13.12
CA HIS A 112 1.57 1.37 14.33
C HIS A 112 1.04 0.20 15.14
N LEU A 113 0.38 -0.72 14.44
CA LEU A 113 -0.18 -1.91 15.07
C LEU A 113 0.92 -2.79 15.64
N LYS A 114 2.09 -2.76 15.00
CA LYS A 114 3.22 -3.55 15.45
C LYS A 114 3.84 -2.96 16.71
N SER A 115 3.73 -1.64 16.84
CA SER A 115 4.27 -0.94 18.01
C SER A 115 3.51 -1.31 19.28
N VAL A 116 2.33 -1.88 19.11
CA VAL A 116 1.52 -2.29 20.26
C VAL A 116 1.49 -3.81 20.42
N ASN A 117 2.24 -4.50 19.57
CA ASN A 117 2.32 -5.96 19.61
C ASN A 117 0.98 -6.60 19.26
N GLN A 118 0.49 -6.32 18.07
CA GLN A 118 -0.77 -6.88 17.60
C GLN A 118 -0.63 -7.39 16.17
N GLU A 119 0.56 -7.87 15.83
CA GLU A 119 0.84 -8.39 14.49
C GLU A 119 -0.26 -9.34 14.04
N SER A 120 -0.99 -9.90 14.99
CA SER A 120 -2.08 -10.83 14.69
C SER A 120 -3.07 -10.18 13.71
N PHE A 121 -3.45 -8.94 13.99
CA PHE A 121 -4.38 -8.22 13.14
C PHE A 121 -3.65 -7.54 12.00
N ILE A 122 -2.33 -7.50 12.10
CA ILE A 122 -1.50 -6.86 11.08
C ILE A 122 -1.57 -7.63 9.76
N GLU A 123 -1.44 -8.95 9.84
CA GLU A 123 -1.50 -9.78 8.63
C GLU A 123 -2.75 -9.46 7.81
N PRO A 124 -3.95 -9.54 8.42
CA PRO A 124 -5.20 -9.23 7.72
C PRO A 124 -5.35 -7.74 7.48
N LEU A 125 -4.54 -6.94 8.16
CA LEU A 125 -4.59 -5.49 8.01
C LEU A 125 -4.06 -5.07 6.64
N ALA A 126 -2.93 -5.65 6.25
CA ALA A 126 -2.33 -5.35 4.96
C ALA A 126 -3.00 -6.14 3.84
N GLU A 127 -3.35 -7.39 4.14
CA GLU A 127 -4.01 -8.25 3.15
C GLU A 127 -5.34 -7.64 2.72
N THR A 128 -5.98 -6.91 3.63
CA THR A 128 -7.26 -6.29 3.34
C THR A 128 -7.09 -4.97 2.61
N ILE A 129 -6.30 -4.07 3.17
CA ILE A 129 -6.07 -2.76 2.54
C ILE A 129 -5.58 -2.93 1.11
N THR A 130 -4.74 -3.94 0.89
CA THR A 130 -4.21 -4.23 -0.42
C THR A 130 -5.31 -4.76 -1.34
N ASP A 131 -6.04 -5.75 -0.85
CA ASP A 131 -7.13 -6.34 -1.62
C ASP A 131 -8.07 -5.26 -2.11
N VAL A 132 -8.55 -4.43 -1.20
CA VAL A 132 -9.46 -3.36 -1.55
C VAL A 132 -8.78 -2.33 -2.44
N LEU A 133 -7.46 -2.22 -2.36
CA LEU A 133 -6.75 -1.24 -3.20
C LEU A 133 -6.83 -1.63 -4.67
N VAL A 134 -6.39 -2.84 -5.00
CA VAL A 134 -6.43 -3.32 -6.37
C VAL A 134 -7.86 -3.63 -6.78
N ARG A 135 -8.64 -4.12 -5.83
CA ARG A 135 -10.04 -4.47 -6.08
C ARG A 135 -10.95 -3.24 -6.21
N THR A 136 -10.58 -2.13 -5.56
CA THR A 136 -11.41 -0.92 -5.62
C THR A 136 -11.02 -0.03 -6.80
N LYS A 137 -9.79 -0.16 -7.27
CA LYS A 137 -9.30 0.64 -8.38
C LYS A 137 -8.77 -0.25 -9.50
N ARG A 138 -9.44 -1.37 -9.74
CA ARG A 138 -9.03 -2.30 -10.79
C ARG A 138 -9.17 -1.65 -12.16
N ASP A 139 -10.25 -0.90 -12.36
CA ASP A 139 -10.47 -0.22 -13.63
C ASP A 139 -9.27 0.63 -14.01
N TRP A 140 -8.82 1.46 -13.07
CA TRP A 140 -7.66 2.31 -13.27
C TRP A 140 -6.43 1.43 -13.49
N LEU A 141 -6.30 0.41 -12.65
CA LEU A 141 -5.19 -0.52 -12.72
C LEU A 141 -5.13 -1.22 -14.08
N VAL A 142 -6.29 -1.39 -14.71
CA VAL A 142 -6.34 -2.04 -16.02
C VAL A 142 -6.18 -1.03 -17.15
N LYS A 143 -6.64 0.20 -16.91
CA LYS A 143 -6.55 1.25 -17.91
C LYS A 143 -5.20 1.96 -17.85
N GLN A 144 -4.44 1.69 -16.79
CA GLN A 144 -3.13 2.31 -16.63
C GLN A 144 -2.08 1.28 -16.22
N ARG A 145 -2.17 0.09 -16.82
CA ARG A 145 -1.23 -0.99 -16.54
C ARG A 145 -0.94 -1.14 -15.05
N GLY A 146 -1.87 -0.66 -14.21
CA GLY A 146 -1.70 -0.76 -12.77
C GLY A 146 -0.26 -0.62 -12.33
N TRP A 147 0.30 -1.72 -11.82
CA TRP A 147 1.67 -1.75 -11.34
C TRP A 147 2.61 -0.97 -12.27
N ASP A 148 2.62 -1.32 -13.55
CA ASP A 148 3.48 -0.65 -14.53
C ASP A 148 3.26 0.86 -14.50
N GLY A 149 2.00 1.28 -14.39
CA GLY A 149 1.70 2.69 -14.34
C GLY A 149 2.33 3.36 -13.14
N PHE A 150 2.09 2.78 -11.97
CA PHE A 150 2.64 3.31 -10.72
C PHE A 150 4.11 3.70 -10.91
N VAL A 151 4.86 2.81 -11.54
CA VAL A 151 6.27 3.06 -11.80
C VAL A 151 6.45 4.00 -13.00
N GLU A 152 5.48 3.97 -13.92
CA GLU A 152 5.53 4.84 -15.09
C GLU A 152 5.40 6.29 -14.64
N PHE A 153 4.70 6.47 -13.52
CA PHE A 153 4.49 7.78 -12.92
C PHE A 153 5.72 8.18 -12.13
N PHE A 154 6.42 7.17 -11.63
CA PHE A 154 7.62 7.39 -10.84
C PHE A 154 8.84 6.80 -11.51
N HIS A 155 8.98 7.06 -12.80
CA HIS A 155 10.11 6.56 -13.58
C HIS A 155 11.26 7.57 -13.53
N VAL A 156 11.14 8.54 -12.63
CA VAL A 156 12.17 9.58 -12.48
C VAL A 156 13.32 9.09 -11.61
N GLN A 157 13.22 7.83 -11.19
CA GLN A 157 14.25 7.23 -10.35
C GLN A 157 15.26 6.47 -11.20
N ASP A 158 14.99 6.39 -12.50
CA ASP A 158 15.87 5.69 -13.43
C ASP A 158 16.38 6.64 -14.51
N LEU A 159 16.25 7.94 -14.26
CA LEU A 159 16.70 8.94 -15.21
C LEU A 159 17.99 9.60 -14.74
N GLU A 160 18.71 10.22 -15.67
CA GLU A 160 19.96 10.89 -15.35
C GLU A 160 20.29 11.97 -16.38
N GLY A 161 20.56 13.19 -15.91
CA GLY A 161 20.88 14.28 -16.80
C GLY A 161 19.91 15.43 -16.68
N GLY A 162 19.70 16.15 -17.77
CA GLY A 162 18.79 17.29 -17.77
C GLY A 162 17.50 16.99 -18.50
N GLY A 1 -13.28 -23.44 -11.86
CA GLY A 1 -12.56 -22.13 -11.92
C GLY A 1 -12.96 -21.19 -10.80
N PRO A 2 -12.53 -21.46 -9.56
CA PRO A 2 -12.87 -20.61 -8.41
C PRO A 2 -12.43 -19.17 -8.61
N LEU A 3 -11.27 -18.99 -9.24
CA LEU A 3 -10.74 -17.65 -9.49
C LEU A 3 -10.75 -17.33 -10.98
N GLY A 4 -10.47 -16.07 -11.32
CA GLY A 4 -10.44 -15.67 -12.71
C GLY A 4 -9.03 -15.51 -13.25
N SER A 5 -8.92 -15.18 -14.53
CA SER A 5 -7.63 -14.99 -15.16
C SER A 5 -7.28 -13.51 -15.27
N GLU A 6 -8.24 -12.66 -14.97
CA GLU A 6 -8.05 -11.22 -15.02
C GLU A 6 -7.54 -10.67 -13.69
N ASP A 7 -7.24 -11.58 -12.77
CA ASP A 7 -6.76 -11.19 -11.45
C ASP A 7 -5.28 -11.52 -11.31
N ASP A 8 -4.47 -11.03 -12.25
CA ASP A 8 -3.03 -11.27 -12.23
C ASP A 8 -2.31 -10.24 -11.37
N LEU A 9 -2.80 -9.00 -11.41
CA LEU A 9 -2.20 -7.92 -10.63
C LEU A 9 -2.26 -8.23 -9.14
N TYR A 10 -3.47 -8.52 -8.65
CA TYR A 10 -3.71 -8.84 -7.25
C TYR A 10 -2.57 -9.65 -6.65
N ARG A 11 -2.12 -10.67 -7.38
CA ARG A 11 -1.03 -11.52 -6.92
C ARG A 11 0.20 -10.69 -6.55
N GLN A 12 0.55 -9.76 -7.44
CA GLN A 12 1.71 -8.90 -7.21
C GLN A 12 1.38 -7.81 -6.20
N SER A 13 0.21 -7.19 -6.34
CA SER A 13 -0.22 -6.14 -5.42
C SER A 13 -0.08 -6.61 -3.98
N LEU A 14 -0.25 -7.92 -3.81
CA LEU A 14 -0.16 -8.57 -2.51
C LEU A 14 1.28 -8.90 -2.15
N GLU A 15 2.00 -9.50 -3.10
CA GLU A 15 3.39 -9.87 -2.87
C GLU A 15 4.20 -8.66 -2.43
N ILE A 16 3.93 -7.52 -3.04
CA ILE A 16 4.64 -6.28 -2.72
C ILE A 16 4.10 -5.67 -1.44
N ILE A 17 2.79 -5.64 -1.28
CA ILE A 17 2.20 -5.07 -0.08
C ILE A 17 2.70 -5.83 1.14
N SER A 18 2.78 -7.15 1.01
CA SER A 18 3.27 -7.99 2.10
C SER A 18 4.73 -7.68 2.38
N ARG A 19 5.49 -7.44 1.31
CA ARG A 19 6.90 -7.12 1.44
C ARG A 19 7.09 -5.77 2.14
N TYR A 20 6.37 -4.76 1.65
CA TYR A 20 6.46 -3.42 2.23
C TYR A 20 5.93 -3.40 3.66
N LEU A 21 4.74 -3.97 3.86
CA LEU A 21 4.12 -4.01 5.18
C LEU A 21 5.01 -4.70 6.20
N ARG A 22 5.78 -5.69 5.74
CA ARG A 22 6.68 -6.44 6.62
C ARG A 22 7.92 -5.61 6.93
N GLU A 23 8.58 -5.12 5.90
CA GLU A 23 9.79 -4.32 6.06
C GLU A 23 9.50 -3.05 6.85
N GLN A 24 8.26 -2.59 6.79
CA GLN A 24 7.84 -1.37 7.49
C GLN A 24 7.49 -1.69 8.94
N ALA A 25 6.69 -2.73 9.14
CA ALA A 25 6.27 -3.14 10.47
C ALA A 25 7.47 -3.31 11.40
N THR A 26 8.50 -4.00 10.92
CA THR A 26 9.71 -4.22 11.70
C THR A 26 10.69 -3.06 11.57
N GLY A 27 10.67 -2.41 10.41
CA GLY A 27 11.56 -1.29 10.17
C GLY A 27 12.91 -1.73 9.66
N SER A 28 12.98 -2.94 9.10
CA SER A 28 14.23 -3.47 8.56
C SER A 28 14.33 -3.20 7.06
N LYS A 29 15.53 -2.82 6.63
CA LYS A 29 15.77 -2.54 5.21
C LYS A 29 16.22 -3.80 4.47
N ASP A 30 15.87 -3.87 3.19
CA ASP A 30 16.24 -5.03 2.38
C ASP A 30 17.23 -4.63 1.28
N SER A 31 18.13 -5.55 0.93
CA SER A 31 19.12 -5.30 -0.10
C SER A 31 18.99 -6.31 -1.23
N LYS A 32 18.39 -7.45 -0.94
CA LYS A 32 18.21 -8.50 -1.93
C LYS A 32 16.92 -8.30 -2.71
N PRO A 33 16.86 -8.80 -3.96
CA PRO A 33 15.67 -8.67 -4.81
C PRO A 33 14.38 -9.05 -4.07
N LEU A 34 13.26 -8.53 -4.57
CA LEU A 34 11.96 -8.81 -3.96
C LEU A 34 11.57 -10.28 -4.16
N GLY A 35 12.34 -10.97 -4.96
CA GLY A 35 12.07 -12.38 -5.23
C GLY A 35 11.71 -12.64 -6.68
N GLU A 36 10.52 -13.17 -6.92
CA GLU A 36 10.05 -13.48 -8.26
C GLU A 36 8.94 -12.54 -8.69
N ALA A 37 8.65 -11.55 -7.85
CA ALA A 37 7.60 -10.58 -8.15
C ALA A 37 7.81 -9.98 -9.53
N GLY A 38 9.04 -9.59 -9.81
CA GLY A 38 9.35 -9.02 -11.11
C GLY A 38 9.97 -7.64 -11.01
N ALA A 39 9.62 -6.77 -11.94
CA ALA A 39 10.14 -5.40 -11.96
C ALA A 39 9.32 -4.49 -11.05
N ALA A 40 8.08 -4.89 -10.76
CA ALA A 40 7.21 -4.09 -9.90
C ALA A 40 7.75 -4.01 -8.49
N GLY A 41 7.80 -5.14 -7.82
CA GLY A 41 8.29 -5.16 -6.44
C GLY A 41 9.66 -4.55 -6.26
N ARG A 42 10.60 -4.93 -7.12
CA ARG A 42 11.95 -4.41 -7.04
C ARG A 42 11.96 -2.89 -7.07
N ARG A 43 11.19 -2.31 -7.99
CA ARG A 43 11.12 -0.86 -8.14
C ARG A 43 10.06 -0.23 -7.24
N ALA A 44 9.14 -1.06 -6.76
CA ALA A 44 8.06 -0.58 -5.91
C ALA A 44 8.51 -0.48 -4.45
N LEU A 45 9.02 -1.57 -3.92
CA LEU A 45 9.48 -1.57 -2.53
C LEU A 45 10.45 -0.42 -2.28
N GLU A 46 11.18 -0.03 -3.32
CA GLU A 46 12.14 1.08 -3.21
C GLU A 46 11.42 2.41 -3.39
N THR A 47 10.41 2.42 -4.25
CA THR A 47 9.64 3.62 -4.49
C THR A 47 8.73 3.91 -3.30
N LEU A 48 7.88 2.93 -2.98
CA LEU A 48 6.96 3.03 -1.86
C LEU A 48 7.69 3.36 -0.56
N ARG A 49 8.91 2.85 -0.41
CA ARG A 49 9.71 3.12 0.77
C ARG A 49 9.96 4.62 0.91
N ARG A 50 10.40 5.23 -0.19
CA ARG A 50 10.68 6.66 -0.21
C ARG A 50 9.39 7.47 -0.05
N VAL A 51 8.42 7.24 -0.93
CA VAL A 51 7.15 7.97 -0.87
C VAL A 51 6.48 7.79 0.48
N GLY A 52 6.72 6.66 1.13
CA GLY A 52 6.13 6.42 2.42
C GLY A 52 6.79 7.25 3.50
N ASP A 53 8.12 7.28 3.48
CA ASP A 53 8.88 8.06 4.45
C ASP A 53 8.45 9.51 4.37
N GLY A 54 8.18 9.97 3.15
CA GLY A 54 7.74 11.32 2.95
C GLY A 54 6.29 11.51 3.33
N VAL A 55 5.43 10.62 2.81
CA VAL A 55 4.00 10.68 3.10
C VAL A 55 3.77 10.80 4.60
N GLN A 56 4.48 9.99 5.38
CA GLN A 56 4.34 10.01 6.83
C GLN A 56 4.70 11.39 7.37
N ARG A 57 5.77 11.97 6.85
CA ARG A 57 6.21 13.29 7.28
C ARG A 57 5.26 14.37 6.78
N ASN A 58 4.52 14.05 5.72
CA ASN A 58 3.58 14.97 5.13
C ASN A 58 2.17 14.79 5.69
N HIS A 59 1.94 13.63 6.32
CA HIS A 59 0.63 13.32 6.86
C HIS A 59 0.65 13.20 8.37
N GLU A 60 1.82 13.23 8.98
CA GLU A 60 1.92 13.10 10.44
C GLU A 60 0.73 13.73 11.14
N THR A 61 0.22 14.83 10.58
CA THR A 61 -0.95 15.49 11.15
C THR A 61 -2.21 14.68 10.81
N ALA A 62 -2.36 14.35 9.53
CA ALA A 62 -3.50 13.57 9.07
C ALA A 62 -3.44 12.16 9.65
N PHE A 63 -2.31 11.49 9.46
CA PHE A 63 -2.09 10.14 9.96
C PHE A 63 -2.46 10.04 11.43
N GLN A 64 -2.05 11.04 12.21
CA GLN A 64 -2.35 11.06 13.63
C GLN A 64 -3.84 11.18 13.89
N GLY A 65 -4.50 12.02 13.10
CA GLY A 65 -5.93 12.22 13.26
C GLY A 65 -6.76 11.07 12.72
N MET A 66 -6.25 10.39 11.70
CA MET A 66 -6.97 9.26 11.11
C MET A 66 -7.00 8.08 12.06
N LEU A 67 -5.82 7.62 12.47
CA LEU A 67 -5.72 6.49 13.40
C LEU A 67 -6.40 6.82 14.71
N ARG A 68 -6.32 8.08 15.13
CA ARG A 68 -6.95 8.51 16.38
C ARG A 68 -8.44 8.23 16.35
N LYS A 69 -9.08 8.57 15.22
CA LYS A 69 -10.51 8.34 15.05
C LYS A 69 -10.83 6.85 15.09
N LEU A 70 -9.90 6.04 14.59
CA LEU A 70 -10.07 4.59 14.57
C LEU A 70 -9.54 3.97 15.86
N ASP A 71 -9.64 2.65 15.97
CA ASP A 71 -9.16 1.95 17.16
C ASP A 71 -9.15 0.44 16.92
N ILE A 72 -8.12 -0.03 16.22
CA ILE A 72 -7.98 -1.44 15.92
C ILE A 72 -7.99 -2.28 17.19
N LYS A 73 -8.94 -3.20 17.27
CA LYS A 73 -9.07 -4.07 18.44
C LYS A 73 -9.02 -5.53 18.00
N ASN A 74 -9.60 -5.78 16.83
CA ASN A 74 -9.64 -7.11 16.25
C ASN A 74 -9.66 -7.03 14.73
N GLU A 75 -9.81 -8.18 14.09
CA GLU A 75 -9.87 -8.22 12.63
C GLU A 75 -11.14 -7.55 12.13
N GLY A 76 -12.04 -7.26 13.07
CA GLY A 76 -13.30 -6.61 12.73
C GLY A 76 -13.16 -5.11 12.66
N ASP A 77 -12.12 -4.58 13.30
CA ASP A 77 -11.88 -3.14 13.32
C ASP A 77 -11.39 -2.68 11.95
N VAL A 78 -11.08 -3.65 11.09
CA VAL A 78 -10.61 -3.36 9.74
C VAL A 78 -11.67 -2.59 8.96
N LYS A 79 -12.92 -2.73 9.40
CA LYS A 79 -14.04 -2.04 8.76
C LYS A 79 -13.79 -0.54 8.73
N SER A 80 -13.14 -0.05 9.79
CA SER A 80 -12.81 1.37 9.88
C SER A 80 -11.87 1.76 8.74
N PHE A 81 -10.93 0.86 8.45
CA PHE A 81 -9.97 1.09 7.38
C PHE A 81 -10.69 1.33 6.06
N SER A 82 -11.75 0.54 5.82
CA SER A 82 -12.53 0.68 4.61
C SER A 82 -12.95 2.13 4.36
N ARG A 83 -13.41 2.78 5.43
CA ARG A 83 -13.84 4.17 5.34
C ARG A 83 -12.66 5.11 5.08
N VAL A 84 -11.51 4.81 5.67
CA VAL A 84 -10.32 5.64 5.50
C VAL A 84 -9.48 5.22 4.30
N MET A 85 -9.83 4.10 3.68
CA MET A 85 -9.10 3.68 2.50
C MET A 85 -9.81 4.26 1.28
N VAL A 86 -11.11 4.55 1.46
CA VAL A 86 -11.91 5.15 0.41
C VAL A 86 -11.87 6.67 0.54
N HIS A 87 -11.89 7.14 1.78
CA HIS A 87 -11.85 8.58 2.07
C HIS A 87 -10.58 9.20 1.50
N VAL A 88 -9.59 8.35 1.20
CA VAL A 88 -8.34 8.82 0.63
C VAL A 88 -8.56 9.39 -0.76
N PHE A 89 -9.39 8.71 -1.55
CA PHE A 89 -9.70 9.16 -2.90
C PHE A 89 -10.97 10.01 -2.89
N LYS A 90 -11.11 10.84 -1.86
CA LYS A 90 -12.28 11.69 -1.71
C LYS A 90 -12.46 12.60 -2.92
N ASP A 91 -11.36 12.95 -3.56
CA ASP A 91 -11.40 13.81 -4.74
C ASP A 91 -11.90 13.05 -5.96
N GLY A 92 -12.71 13.71 -6.78
CA GLY A 92 -13.24 13.07 -7.97
C GLY A 92 -12.15 12.58 -8.90
N VAL A 93 -11.10 13.38 -9.05
CA VAL A 93 -9.98 13.03 -9.91
C VAL A 93 -9.09 11.98 -9.25
N THR A 94 -8.81 10.91 -9.99
CA THR A 94 -7.97 9.84 -9.47
C THR A 94 -6.51 10.04 -9.87
N ASN A 95 -5.62 9.95 -8.89
CA ASN A 95 -4.19 10.12 -9.14
C ASN A 95 -3.38 9.13 -8.33
N TRP A 96 -2.19 8.79 -8.85
CA TRP A 96 -1.32 7.84 -8.17
C TRP A 96 -0.99 8.32 -6.77
N GLY A 97 -0.89 9.64 -6.61
CA GLY A 97 -0.61 10.20 -5.30
C GLY A 97 -1.64 9.79 -4.27
N ARG A 98 -2.90 9.75 -4.69
CA ARG A 98 -4.00 9.36 -3.81
C ARG A 98 -3.83 7.90 -3.41
N ILE A 99 -3.62 7.04 -4.41
CA ILE A 99 -3.44 5.62 -4.16
C ILE A 99 -2.21 5.40 -3.28
N VAL A 100 -1.26 6.32 -3.37
CA VAL A 100 -0.04 6.25 -2.58
C VAL A 100 -0.35 6.55 -1.12
N THR A 101 -1.35 7.41 -0.90
CA THR A 101 -1.77 7.78 0.44
C THR A 101 -2.43 6.61 1.15
N LEU A 102 -3.22 5.85 0.42
CA LEU A 102 -3.90 4.69 0.99
C LEU A 102 -2.86 3.65 1.40
N ILE A 103 -2.01 3.28 0.45
CA ILE A 103 -0.96 2.31 0.73
C ILE A 103 -0.07 2.82 1.86
N SER A 104 0.08 4.15 1.92
CA SER A 104 0.90 4.79 2.94
C SER A 104 0.21 4.77 4.30
N PHE A 105 -1.11 4.93 4.32
CA PHE A 105 -1.86 4.95 5.57
C PHE A 105 -1.85 3.58 6.24
N GLY A 106 -2.33 2.56 5.53
CA GLY A 106 -2.37 1.23 6.08
C GLY A 106 -0.99 0.70 6.38
N ALA A 107 -0.01 1.11 5.59
CA ALA A 107 1.35 0.67 5.80
C ALA A 107 1.85 1.23 7.12
N PHE A 108 1.48 2.48 7.38
CA PHE A 108 1.85 3.17 8.62
C PHE A 108 1.06 2.60 9.79
N VAL A 109 -0.21 2.31 9.53
CA VAL A 109 -1.08 1.74 10.55
C VAL A 109 -0.62 0.33 10.91
N ALA A 110 -0.05 -0.36 9.94
CA ALA A 110 0.45 -1.71 10.15
C ALA A 110 1.67 -1.65 11.08
N LYS A 111 2.52 -0.66 10.84
CA LYS A 111 3.70 -0.47 11.67
C LYS A 111 3.27 0.00 13.05
N HIS A 112 2.14 0.71 13.07
CA HIS A 112 1.56 1.20 14.31
C HIS A 112 1.04 0.02 15.11
N LEU A 113 0.37 -0.89 14.40
CA LEU A 113 -0.19 -2.10 15.01
C LEU A 113 0.92 -2.98 15.56
N LYS A 114 2.10 -2.93 14.92
CA LYS A 114 3.24 -3.72 15.35
C LYS A 114 3.88 -3.11 16.59
N SER A 115 3.76 -1.80 16.73
CA SER A 115 4.34 -1.09 17.86
C SER A 115 3.61 -1.44 19.16
N VAL A 116 2.40 -1.98 19.02
CA VAL A 116 1.60 -2.36 20.19
C VAL A 116 1.60 -3.87 20.38
N ASN A 117 2.36 -4.57 19.56
CA ASN A 117 2.46 -6.03 19.64
C ASN A 117 1.12 -6.70 19.31
N GLN A 118 0.57 -6.37 18.15
CA GLN A 118 -0.70 -6.95 17.72
C GLN A 118 -0.56 -7.55 16.32
N GLU A 119 0.62 -8.08 16.03
CA GLU A 119 0.90 -8.69 14.72
C GLU A 119 -0.22 -9.64 14.33
N SER A 120 -0.95 -10.14 15.32
CA SER A 120 -2.06 -11.06 15.08
C SER A 120 -3.06 -10.46 14.09
N PHE A 121 -3.42 -9.20 14.33
CA PHE A 121 -4.36 -8.50 13.46
C PHE A 121 -3.64 -7.89 12.27
N ILE A 122 -2.31 -7.86 12.35
CA ILE A 122 -1.50 -7.30 11.28
C ILE A 122 -1.60 -8.13 10.01
N GLU A 123 -1.52 -9.45 10.15
CA GLU A 123 -1.60 -10.35 9.00
C GLU A 123 -2.84 -10.04 8.16
N PRO A 124 -4.05 -10.06 8.78
CA PRO A 124 -5.28 -9.75 8.06
C PRO A 124 -5.37 -8.26 7.73
N LEU A 125 -4.55 -7.47 8.40
CA LEU A 125 -4.53 -6.03 8.17
C LEU A 125 -3.97 -5.75 6.78
N ALA A 126 -2.78 -6.29 6.51
CA ALA A 126 -2.13 -6.10 5.22
C ALA A 126 -2.96 -6.73 4.10
N GLU A 127 -3.53 -7.90 4.38
CA GLU A 127 -4.33 -8.62 3.40
C GLU A 127 -5.55 -7.80 2.98
N THR A 128 -6.10 -7.02 3.90
CA THR A 128 -7.28 -6.20 3.61
C THR A 128 -6.90 -4.92 2.86
N ILE A 129 -5.89 -4.22 3.36
CA ILE A 129 -5.44 -2.97 2.73
C ILE A 129 -5.19 -3.19 1.24
N THR A 130 -4.54 -4.31 0.91
CA THR A 130 -4.25 -4.65 -0.47
C THR A 130 -5.52 -4.98 -1.24
N ASP A 131 -6.27 -5.94 -0.73
CA ASP A 131 -7.50 -6.38 -1.35
C ASP A 131 -8.33 -5.20 -1.84
N VAL A 132 -8.66 -4.31 -0.92
CA VAL A 132 -9.46 -3.15 -1.26
C VAL A 132 -8.72 -2.23 -2.23
N LEU A 133 -7.40 -2.20 -2.15
CA LEU A 133 -6.65 -1.31 -3.02
C LEU A 133 -6.74 -1.74 -4.48
N VAL A 134 -6.42 -3.00 -4.78
CA VAL A 134 -6.49 -3.49 -6.15
C VAL A 134 -7.93 -3.78 -6.56
N ARG A 135 -8.75 -4.18 -5.59
CA ARG A 135 -10.15 -4.49 -5.86
C ARG A 135 -11.00 -3.23 -5.99
N THR A 136 -10.59 -2.13 -5.33
CA THR A 136 -11.37 -0.89 -5.42
C THR A 136 -10.95 -0.05 -6.63
N LYS A 137 -9.67 -0.06 -6.93
CA LYS A 137 -9.16 0.71 -8.08
C LYS A 137 -8.71 -0.22 -9.20
N ARG A 138 -9.48 -1.29 -9.41
CA ARG A 138 -9.16 -2.25 -10.46
C ARG A 138 -9.27 -1.62 -11.84
N ASP A 139 -10.37 -0.88 -12.07
CA ASP A 139 -10.59 -0.23 -13.36
C ASP A 139 -9.36 0.58 -13.77
N TRP A 140 -8.90 1.43 -12.86
CA TRP A 140 -7.72 2.25 -13.11
C TRP A 140 -6.51 1.34 -13.30
N LEU A 141 -6.38 0.37 -12.41
CA LEU A 141 -5.28 -0.59 -12.46
C LEU A 141 -5.24 -1.31 -13.81
N VAL A 142 -6.41 -1.50 -14.43
CA VAL A 142 -6.48 -2.19 -15.71
C VAL A 142 -6.32 -1.21 -16.87
N LYS A 143 -6.76 0.04 -16.66
CA LYS A 143 -6.66 1.06 -17.69
C LYS A 143 -5.29 1.75 -17.67
N GLN A 144 -4.52 1.49 -16.62
CA GLN A 144 -3.20 2.09 -16.49
C GLN A 144 -2.15 1.05 -16.08
N ARG A 145 -2.28 -0.15 -16.64
CA ARG A 145 -1.35 -1.24 -16.37
C ARG A 145 -1.03 -1.36 -14.88
N GLY A 146 -1.93 -0.86 -14.04
CA GLY A 146 -1.74 -0.92 -12.60
C GLY A 146 -0.29 -0.76 -12.18
N TRP A 147 0.28 -1.85 -11.66
CA TRP A 147 1.66 -1.87 -11.19
C TRP A 147 2.61 -1.09 -12.12
N ASP A 148 2.56 -1.41 -13.41
CA ASP A 148 3.43 -0.74 -14.38
C ASP A 148 3.25 0.77 -14.32
N GLY A 149 2.01 1.22 -14.26
CA GLY A 149 1.75 2.65 -14.19
C GLY A 149 2.35 3.27 -12.95
N PHE A 150 2.08 2.65 -11.80
CA PHE A 150 2.61 3.14 -10.53
C PHE A 150 4.08 3.51 -10.66
N VAL A 151 4.84 2.65 -11.33
CA VAL A 151 6.26 2.88 -11.53
C VAL A 151 6.49 3.84 -12.70
N GLU A 152 5.56 3.85 -13.66
CA GLU A 152 5.66 4.74 -14.80
C GLU A 152 5.55 6.18 -14.31
N PHE A 153 4.80 6.35 -13.25
CA PHE A 153 4.60 7.64 -12.62
C PHE A 153 5.80 8.00 -11.77
N PHE A 154 6.47 6.96 -11.28
CA PHE A 154 7.64 7.13 -10.43
C PHE A 154 8.88 6.50 -11.04
N HIS A 155 9.06 6.72 -12.34
CA HIS A 155 10.22 6.18 -13.04
C HIS A 155 11.38 7.16 -12.94
N VAL A 156 11.43 7.90 -11.83
CA VAL A 156 12.48 8.88 -11.60
C VAL A 156 13.85 8.22 -11.46
N GLN A 157 13.86 6.90 -11.50
CA GLN A 157 15.09 6.14 -11.38
C GLN A 157 15.96 6.32 -12.62
N ASP A 158 15.37 6.07 -13.79
CA ASP A 158 16.09 6.21 -15.05
C ASP A 158 15.40 7.24 -15.95
N LEU A 159 15.24 8.45 -15.43
CA LEU A 159 14.58 9.52 -16.18
C LEU A 159 15.34 9.83 -17.46
N GLU A 160 14.62 10.30 -18.47
CA GLU A 160 15.23 10.64 -19.75
C GLU A 160 14.36 11.62 -20.53
N GLY A 161 15.00 12.48 -21.31
CA GLY A 161 14.26 13.46 -22.09
C GLY A 161 14.62 13.41 -23.57
N GLY A 162 14.27 12.31 -24.21
CA GLY A 162 14.56 12.16 -25.62
C GLY A 162 13.45 11.46 -26.38
N GLY A 1 -17.09 -17.96 -16.46
CA GLY A 1 -18.18 -17.58 -15.52
C GLY A 1 -17.67 -16.80 -14.32
N PRO A 2 -17.40 -17.47 -13.20
CA PRO A 2 -16.90 -16.82 -11.97
C PRO A 2 -15.61 -16.04 -12.22
N LEU A 3 -15.29 -15.12 -11.32
CA LEU A 3 -14.09 -14.31 -11.43
C LEU A 3 -13.05 -14.72 -10.39
N GLY A 4 -11.81 -14.89 -10.84
CA GLY A 4 -10.75 -15.28 -9.94
C GLY A 4 -9.42 -15.44 -10.65
N SER A 5 -9.44 -16.05 -11.82
CA SER A 5 -8.22 -16.27 -12.60
C SER A 5 -7.99 -15.11 -13.58
N GLU A 6 -8.94 -14.17 -13.60
CA GLU A 6 -8.84 -13.02 -14.49
C GLU A 6 -7.91 -11.97 -13.90
N ASP A 7 -8.13 -11.63 -12.63
CA ASP A 7 -7.31 -10.64 -11.95
C ASP A 7 -5.98 -11.24 -11.50
N ASP A 8 -4.97 -11.16 -12.36
CA ASP A 8 -3.66 -11.70 -12.06
C ASP A 8 -2.82 -10.68 -11.27
N LEU A 9 -3.17 -9.40 -11.42
CA LEU A 9 -2.44 -8.34 -10.73
C LEU A 9 -2.45 -8.55 -9.22
N TYR A 10 -3.63 -8.77 -8.65
CA TYR A 10 -3.77 -8.97 -7.21
C TYR A 10 -2.64 -9.83 -6.65
N ARG A 11 -2.22 -10.83 -7.41
CA ARG A 11 -1.13 -11.71 -6.98
C ARG A 11 0.12 -10.89 -6.68
N GLN A 12 0.44 -9.98 -7.59
CA GLN A 12 1.61 -9.13 -7.43
C GLN A 12 1.34 -8.03 -6.40
N SER A 13 0.23 -7.33 -6.57
CA SER A 13 -0.16 -6.26 -5.64
C SER A 13 0.00 -6.74 -4.19
N LEU A 14 -0.17 -8.04 -4.00
CA LEU A 14 -0.05 -8.67 -2.69
C LEU A 14 1.41 -9.02 -2.38
N GLU A 15 2.10 -9.59 -3.37
CA GLU A 15 3.49 -9.97 -3.19
C GLU A 15 4.33 -8.78 -2.76
N ILE A 16 4.07 -7.63 -3.38
CA ILE A 16 4.80 -6.42 -3.06
C ILE A 16 4.28 -5.78 -1.78
N ILE A 17 2.95 -5.82 -1.59
CA ILE A 17 2.36 -5.23 -0.40
C ILE A 17 2.91 -5.94 0.83
N SER A 18 3.02 -7.26 0.75
CA SER A 18 3.55 -8.05 1.86
C SER A 18 5.01 -7.71 2.10
N ARG A 19 5.78 -7.65 1.02
CA ARG A 19 7.20 -7.31 1.11
C ARG A 19 7.40 -5.91 1.69
N TYR A 20 6.59 -4.98 1.21
CA TYR A 20 6.66 -3.59 1.65
C TYR A 20 6.26 -3.45 3.12
N LEU A 21 5.06 -3.92 3.45
CA LEU A 21 4.53 -3.82 4.81
C LEU A 21 5.35 -4.63 5.80
N ARG A 22 5.93 -5.74 5.35
CA ARG A 22 6.72 -6.60 6.23
C ARG A 22 8.03 -5.89 6.63
N GLU A 23 8.64 -5.20 5.69
CA GLU A 23 9.88 -4.48 5.94
C GLU A 23 9.62 -3.20 6.71
N GLN A 24 8.42 -2.66 6.56
CA GLN A 24 8.04 -1.42 7.23
C GLN A 24 7.71 -1.68 8.69
N ALA A 25 6.93 -2.73 8.94
CA ALA A 25 6.53 -3.09 10.30
C ALA A 25 7.76 -3.32 11.19
N THR A 26 8.72 -4.09 10.68
CA THR A 26 9.92 -4.39 11.42
C THR A 26 10.81 -3.15 11.57
N GLY A 27 10.82 -2.32 10.53
CA GLY A 27 11.63 -1.12 10.57
C GLY A 27 13.01 -1.31 9.96
N SER A 28 13.25 -2.52 9.43
CA SER A 28 14.53 -2.83 8.82
C SER A 28 14.42 -2.86 7.30
N LYS A 29 15.47 -2.40 6.62
CA LYS A 29 15.49 -2.38 5.17
C LYS A 29 15.94 -3.73 4.61
N ASP A 30 15.47 -4.05 3.41
CA ASP A 30 15.82 -5.32 2.77
C ASP A 30 17.09 -5.17 1.95
N SER A 31 18.06 -6.05 2.22
CA SER A 31 19.34 -6.03 1.52
C SER A 31 19.27 -6.89 0.26
N LYS A 32 18.40 -7.90 0.29
CA LYS A 32 18.23 -8.81 -0.84
C LYS A 32 17.16 -8.29 -1.80
N PRO A 33 17.28 -8.61 -3.09
CA PRO A 33 16.31 -8.16 -4.10
C PRO A 33 14.95 -8.80 -3.92
N LEU A 34 13.94 -8.28 -4.62
CA LEU A 34 12.58 -8.81 -4.54
C LEU A 34 12.56 -10.29 -4.92
N GLY A 35 11.47 -10.96 -4.56
CA GLY A 35 11.33 -12.37 -4.86
C GLY A 35 11.17 -12.64 -6.35
N GLU A 36 10.08 -13.31 -6.71
CA GLU A 36 9.81 -13.64 -8.10
C GLU A 36 8.80 -12.67 -8.70
N ALA A 37 8.49 -11.61 -7.97
CA ALA A 37 7.54 -10.60 -8.43
C ALA A 37 7.92 -10.09 -9.82
N GLY A 38 9.20 -9.79 -9.99
CA GLY A 38 9.68 -9.30 -11.27
C GLY A 38 10.19 -7.88 -11.20
N ALA A 39 9.73 -7.04 -12.13
CA ALA A 39 10.16 -5.64 -12.17
C ALA A 39 9.32 -4.77 -11.24
N ALA A 40 8.12 -5.23 -10.89
CA ALA A 40 7.25 -4.46 -10.01
C ALA A 40 7.83 -4.30 -8.63
N GLY A 41 7.96 -5.41 -7.91
CA GLY A 41 8.49 -5.38 -6.56
C GLY A 41 9.83 -4.70 -6.44
N ARG A 42 10.70 -4.91 -7.41
CA ARG A 42 12.02 -4.30 -7.37
C ARG A 42 11.92 -2.78 -7.38
N ARG A 43 11.12 -2.25 -8.30
CA ARG A 43 10.94 -0.82 -8.44
C ARG A 43 9.83 -0.29 -7.53
N ALA A 44 8.99 -1.17 -7.03
CA ALA A 44 7.88 -0.78 -6.16
C ALA A 44 8.30 -0.69 -4.71
N LEU A 45 9.01 -1.70 -4.21
CA LEU A 45 9.45 -1.69 -2.83
C LEU A 45 10.44 -0.56 -2.60
N GLU A 46 11.18 -0.19 -3.64
CA GLU A 46 12.16 0.89 -3.55
C GLU A 46 11.46 2.23 -3.69
N THR A 47 10.49 2.29 -4.59
CA THR A 47 9.74 3.53 -4.82
C THR A 47 8.81 3.80 -3.64
N LEU A 48 7.98 2.82 -3.32
CA LEU A 48 7.03 2.92 -2.22
C LEU A 48 7.76 3.25 -0.91
N ARG A 49 8.97 2.73 -0.76
CA ARG A 49 9.76 2.97 0.44
C ARG A 49 10.09 4.46 0.55
N ARG A 50 10.57 5.03 -0.55
CA ARG A 50 10.92 6.44 -0.59
C ARG A 50 9.68 7.31 -0.48
N VAL A 51 8.73 7.11 -1.40
CA VAL A 51 7.49 7.88 -1.40
C VAL A 51 6.75 7.71 -0.07
N GLY A 52 6.82 6.51 0.49
CA GLY A 52 6.16 6.25 1.76
C GLY A 52 6.79 7.03 2.90
N ASP A 53 8.12 7.02 2.94
CA ASP A 53 8.85 7.74 3.97
C ASP A 53 8.44 9.20 3.95
N GLY A 54 8.19 9.72 2.76
CA GLY A 54 7.77 11.10 2.63
C GLY A 54 6.32 11.26 2.99
N VAL A 55 5.48 10.38 2.45
CA VAL A 55 4.04 10.39 2.73
C VAL A 55 3.79 10.47 4.23
N GLN A 56 4.44 9.59 4.98
CA GLN A 56 4.29 9.56 6.43
C GLN A 56 4.69 10.89 7.05
N ARG A 57 5.73 11.50 6.51
CA ARG A 57 6.21 12.79 6.99
C ARG A 57 5.30 13.92 6.52
N ASN A 58 4.59 13.67 5.43
CA ASN A 58 3.69 14.64 4.84
C ASN A 58 2.28 14.48 5.40
N HIS A 59 2.00 13.33 5.98
CA HIS A 59 0.69 13.02 6.51
C HIS A 59 0.72 12.88 8.02
N GLU A 60 1.90 12.90 8.61
CA GLU A 60 2.02 12.75 10.07
C GLU A 60 0.84 13.37 10.80
N THR A 61 0.33 14.49 10.28
CA THR A 61 -0.83 15.13 10.87
C THR A 61 -2.10 14.35 10.54
N ALA A 62 -2.26 14.00 9.27
CA ALA A 62 -3.41 13.22 8.82
C ALA A 62 -3.34 11.81 9.39
N PHE A 63 -2.21 11.15 9.17
CA PHE A 63 -1.98 9.79 9.65
C PHE A 63 -2.30 9.67 11.14
N GLN A 64 -1.89 10.68 11.91
CA GLN A 64 -2.13 10.69 13.33
C GLN A 64 -3.62 10.85 13.65
N GLY A 65 -4.29 11.70 12.88
CA GLY A 65 -5.70 11.94 13.09
C GLY A 65 -6.57 10.80 12.57
N MET A 66 -6.10 10.11 11.53
CA MET A 66 -6.87 9.02 10.95
C MET A 66 -6.86 7.81 11.87
N LEU A 67 -5.66 7.32 12.22
CA LEU A 67 -5.52 6.17 13.10
C LEU A 67 -6.13 6.46 14.46
N ARG A 68 -6.01 7.71 14.92
CA ARG A 68 -6.56 8.10 16.20
C ARG A 68 -8.06 7.90 16.21
N LYS A 69 -8.72 8.28 15.11
CA LYS A 69 -10.16 8.13 14.99
C LYS A 69 -10.54 6.66 15.06
N LEU A 70 -9.65 5.79 14.55
CA LEU A 70 -9.90 4.36 14.56
C LEU A 70 -9.40 3.75 15.86
N ASP A 71 -9.59 2.44 16.01
CA ASP A 71 -9.15 1.73 17.21
C ASP A 71 -9.08 0.23 16.96
N ILE A 72 -8.04 -0.20 16.27
CA ILE A 72 -7.84 -1.61 15.96
C ILE A 72 -7.78 -2.45 17.23
N LYS A 73 -8.74 -3.35 17.37
CA LYS A 73 -8.80 -4.23 18.53
C LYS A 73 -8.84 -5.69 18.08
N ASN A 74 -9.48 -5.91 16.94
CA ASN A 74 -9.60 -7.24 16.37
C ASN A 74 -9.69 -7.15 14.85
N GLU A 75 -9.96 -8.27 14.20
CA GLU A 75 -10.08 -8.30 12.74
C GLU A 75 -11.36 -7.60 12.31
N GLY A 76 -12.16 -7.19 13.29
CA GLY A 76 -13.41 -6.50 12.99
C GLY A 76 -13.21 -5.01 12.79
N ASP A 77 -12.13 -4.46 13.35
CA ASP A 77 -11.84 -3.05 13.22
C ASP A 77 -11.41 -2.71 11.80
N VAL A 78 -11.22 -3.76 10.99
CA VAL A 78 -10.82 -3.58 9.61
C VAL A 78 -11.87 -2.78 8.84
N LYS A 79 -13.11 -2.82 9.34
CA LYS A 79 -14.21 -2.08 8.73
C LYS A 79 -13.87 -0.60 8.66
N SER A 80 -13.10 -0.14 9.65
CA SER A 80 -12.69 1.25 9.71
C SER A 80 -11.75 1.56 8.54
N PHE A 81 -10.93 0.58 8.18
CA PHE A 81 -10.00 0.75 7.08
C PHE A 81 -10.78 0.91 5.78
N SER A 82 -11.94 0.27 5.70
CA SER A 82 -12.79 0.37 4.52
C SER A 82 -13.22 1.82 4.33
N ARG A 83 -13.48 2.50 5.45
CA ARG A 83 -13.90 3.89 5.43
C ARG A 83 -12.82 4.76 4.79
N VAL A 84 -11.58 4.59 5.26
CA VAL A 84 -10.46 5.35 4.72
C VAL A 84 -10.15 4.89 3.30
N MET A 85 -10.47 3.64 3.00
CA MET A 85 -10.24 3.10 1.67
C MET A 85 -10.89 3.99 0.62
N VAL A 86 -12.15 4.33 0.87
CA VAL A 86 -12.89 5.19 -0.05
C VAL A 86 -12.59 6.67 0.23
N HIS A 87 -12.35 6.98 1.50
CA HIS A 87 -12.06 8.36 1.90
C HIS A 87 -10.78 8.85 1.22
N VAL A 88 -9.90 7.92 0.85
CA VAL A 88 -8.65 8.27 0.20
C VAL A 88 -8.92 8.72 -1.25
N PHE A 89 -9.72 7.96 -1.97
CA PHE A 89 -10.07 8.29 -3.34
C PHE A 89 -11.43 8.98 -3.40
N LYS A 90 -11.70 9.84 -2.43
CA LYS A 90 -12.97 10.55 -2.37
C LYS A 90 -12.97 11.75 -3.32
N ASP A 91 -11.81 12.06 -3.89
CA ASP A 91 -11.69 13.18 -4.81
C ASP A 91 -12.09 12.76 -6.22
N GLY A 92 -12.78 13.66 -6.92
CA GLY A 92 -13.21 13.37 -8.28
C GLY A 92 -12.05 13.07 -9.21
N VAL A 93 -10.94 13.76 -9.01
CA VAL A 93 -9.76 13.57 -9.84
C VAL A 93 -8.93 12.39 -9.32
N THR A 94 -8.55 11.51 -10.23
CA THR A 94 -7.74 10.34 -9.87
C THR A 94 -6.26 10.58 -10.13
N ASN A 95 -5.42 10.13 -9.21
CA ASN A 95 -3.98 10.31 -9.34
C ASN A 95 -3.23 9.26 -8.54
N TRP A 96 -2.07 8.85 -9.06
CA TRP A 96 -1.25 7.84 -8.39
C TRP A 96 -0.93 8.29 -6.97
N GLY A 97 -0.83 9.60 -6.78
CA GLY A 97 -0.54 10.12 -5.46
C GLY A 97 -1.60 9.72 -4.45
N ARG A 98 -2.85 9.71 -4.90
CA ARG A 98 -3.97 9.32 -4.05
C ARG A 98 -3.85 7.84 -3.69
N ILE A 99 -3.63 7.01 -4.70
CA ILE A 99 -3.48 5.58 -4.47
C ILE A 99 -2.28 5.32 -3.57
N VAL A 100 -1.30 6.22 -3.64
CA VAL A 100 -0.11 6.10 -2.81
C VAL A 100 -0.47 6.39 -1.36
N THR A 101 -1.43 7.29 -1.17
CA THR A 101 -1.88 7.65 0.17
C THR A 101 -2.59 6.48 0.85
N LEU A 102 -3.33 5.71 0.07
CA LEU A 102 -4.05 4.56 0.61
C LEU A 102 -3.06 3.49 1.05
N ILE A 103 -2.17 3.11 0.15
CA ILE A 103 -1.16 2.11 0.47
C ILE A 103 -0.26 2.61 1.60
N SER A 104 -0.05 3.92 1.63
CA SER A 104 0.78 4.55 2.65
C SER A 104 0.13 4.49 4.03
N PHE A 105 -1.17 4.78 4.09
CA PHE A 105 -1.88 4.76 5.37
C PHE A 105 -1.81 3.39 6.03
N GLY A 106 -2.29 2.38 5.31
CA GLY A 106 -2.28 1.02 5.83
C GLY A 106 -0.89 0.54 6.18
N ALA A 107 0.08 0.83 5.30
CA ALA A 107 1.45 0.42 5.55
C ALA A 107 1.95 1.04 6.84
N PHE A 108 1.56 2.30 7.07
CA PHE A 108 1.94 3.03 8.26
C PHE A 108 1.17 2.48 9.46
N VAL A 109 -0.07 2.07 9.21
CA VAL A 109 -0.91 1.51 10.26
C VAL A 109 -0.38 0.15 10.69
N ALA A 110 0.22 -0.57 9.77
CA ALA A 110 0.79 -1.88 10.07
C ALA A 110 1.99 -1.71 11.00
N LYS A 111 2.84 -0.74 10.67
CA LYS A 111 4.02 -0.46 11.49
C LYS A 111 3.56 0.00 12.86
N HIS A 112 2.38 0.64 12.88
CA HIS A 112 1.79 1.13 14.12
C HIS A 112 1.30 -0.05 14.95
N LEU A 113 0.54 -0.92 14.28
CA LEU A 113 -0.01 -2.12 14.91
C LEU A 113 1.10 -3.00 15.48
N LYS A 114 2.16 -3.17 14.71
CA LYS A 114 3.31 -3.99 15.15
C LYS A 114 3.90 -3.42 16.43
N SER A 115 4.06 -2.10 16.48
CA SER A 115 4.61 -1.44 17.65
C SER A 115 3.66 -1.57 18.82
N VAL A 116 2.42 -1.93 18.51
CA VAL A 116 1.38 -2.11 19.52
C VAL A 116 1.30 -3.58 19.94
N ASN A 117 2.05 -4.42 19.25
CA ASN A 117 2.09 -5.85 19.53
C ASN A 117 0.79 -6.54 19.13
N GLN A 118 0.38 -6.35 17.89
CA GLN A 118 -0.85 -6.97 17.39
C GLN A 118 -0.66 -7.51 15.97
N GLU A 119 0.52 -8.05 15.70
CA GLU A 119 0.83 -8.61 14.39
C GLU A 119 -0.25 -9.58 13.95
N SER A 120 -1.00 -10.11 14.93
CA SER A 120 -2.07 -11.04 14.65
C SER A 120 -3.11 -10.41 13.72
N PHE A 121 -3.50 -9.18 14.03
CA PHE A 121 -4.46 -8.46 13.22
C PHE A 121 -3.77 -7.78 12.05
N ILE A 122 -2.44 -7.76 12.09
CA ILE A 122 -1.65 -7.13 11.04
C ILE A 122 -1.78 -7.92 9.74
N GLU A 123 -1.64 -9.24 9.83
CA GLU A 123 -1.73 -10.10 8.64
C GLU A 123 -3.00 -9.78 7.84
N PRO A 124 -4.18 -9.81 8.49
CA PRO A 124 -5.44 -9.51 7.81
C PRO A 124 -5.59 -8.01 7.52
N LEU A 125 -4.78 -7.21 8.21
CA LEU A 125 -4.82 -5.76 8.04
C LEU A 125 -4.29 -5.38 6.67
N ALA A 126 -3.20 -6.01 6.25
CA ALA A 126 -2.60 -5.74 4.95
C ALA A 126 -3.31 -6.51 3.85
N GLU A 127 -3.68 -7.75 4.15
CA GLU A 127 -4.37 -8.59 3.17
C GLU A 127 -5.67 -7.93 2.73
N THR A 128 -6.28 -7.19 3.63
CA THR A 128 -7.53 -6.50 3.34
C THR A 128 -7.29 -5.21 2.58
N ILE A 129 -6.47 -4.33 3.14
CA ILE A 129 -6.18 -3.05 2.50
C ILE A 129 -5.66 -3.26 1.08
N THR A 130 -4.82 -4.27 0.90
CA THR A 130 -4.27 -4.60 -0.40
C THR A 130 -5.36 -5.09 -1.34
N ASP A 131 -6.17 -6.03 -0.85
CA ASP A 131 -7.27 -6.57 -1.64
C ASP A 131 -8.13 -5.46 -2.18
N VAL A 132 -8.64 -4.61 -1.29
CA VAL A 132 -9.46 -3.49 -1.70
C VAL A 132 -8.66 -2.49 -2.52
N LEU A 133 -7.34 -2.49 -2.35
CA LEU A 133 -6.49 -1.57 -3.09
C LEU A 133 -6.56 -1.87 -4.58
N VAL A 134 -6.26 -3.12 -4.94
CA VAL A 134 -6.31 -3.54 -6.34
C VAL A 134 -7.75 -3.74 -6.77
N ARG A 135 -8.56 -4.22 -5.84
CA ARG A 135 -9.98 -4.47 -6.11
C ARG A 135 -10.78 -3.18 -6.26
N THR A 136 -10.30 -2.08 -5.67
CA THR A 136 -11.02 -0.81 -5.76
C THR A 136 -10.61 -0.04 -7.02
N LYS A 137 -9.31 0.05 -7.27
CA LYS A 137 -8.82 0.75 -8.44
C LYS A 137 -8.38 -0.22 -9.52
N ARG A 138 -9.15 -1.31 -9.68
CA ARG A 138 -8.85 -2.31 -10.68
C ARG A 138 -8.99 -1.76 -12.08
N ASP A 139 -10.11 -1.06 -12.34
CA ASP A 139 -10.35 -0.46 -13.65
C ASP A 139 -9.14 0.36 -14.09
N TRP A 140 -8.64 1.18 -13.17
CA TRP A 140 -7.47 2.01 -13.42
C TRP A 140 -6.26 1.10 -13.63
N LEU A 141 -6.12 0.14 -12.75
CA LEU A 141 -5.02 -0.83 -12.80
C LEU A 141 -5.00 -1.56 -14.14
N VAL A 142 -6.16 -1.73 -14.74
CA VAL A 142 -6.26 -2.42 -16.02
C VAL A 142 -6.14 -1.44 -17.19
N LYS A 143 -6.57 -0.22 -16.96
CA LYS A 143 -6.50 0.82 -17.99
C LYS A 143 -5.15 1.52 -17.99
N GLN A 144 -4.34 1.28 -16.97
CA GLN A 144 -3.02 1.89 -16.88
C GLN A 144 -1.97 0.89 -16.43
N ARG A 145 -2.08 -0.35 -16.93
CA ARG A 145 -1.14 -1.42 -16.61
C ARG A 145 -0.85 -1.47 -15.11
N GLY A 146 -1.78 -0.96 -14.30
CA GLY A 146 -1.63 -0.97 -12.86
C GLY A 146 -0.19 -0.82 -12.41
N TRP A 147 0.34 -1.89 -11.82
CA TRP A 147 1.70 -1.91 -11.31
C TRP A 147 2.68 -1.13 -12.20
N ASP A 148 2.65 -1.41 -13.50
CA ASP A 148 3.53 -0.73 -14.44
C ASP A 148 3.37 0.78 -14.35
N GLY A 149 2.13 1.25 -14.43
CA GLY A 149 1.86 2.67 -14.34
C GLY A 149 2.39 3.26 -13.05
N PHE A 150 2.11 2.58 -11.94
CA PHE A 150 2.58 3.03 -10.62
C PHE A 150 4.04 3.44 -10.70
N VAL A 151 4.85 2.61 -11.33
CA VAL A 151 6.28 2.87 -11.47
C VAL A 151 6.51 3.92 -12.57
N GLU A 152 5.60 3.96 -13.55
CA GLU A 152 5.71 4.93 -14.63
C GLU A 152 5.67 6.33 -14.05
N PHE A 153 4.93 6.47 -12.95
CA PHE A 153 4.80 7.73 -12.25
C PHE A 153 6.02 7.97 -11.37
N PHE A 154 6.55 6.87 -10.83
CA PHE A 154 7.70 6.92 -9.96
C PHE A 154 8.89 6.20 -10.58
N HIS A 155 9.20 6.55 -11.82
CA HIS A 155 10.32 5.95 -12.54
C HIS A 155 11.62 6.67 -12.20
N VAL A 156 11.54 7.57 -11.21
CA VAL A 156 12.70 8.32 -10.79
C VAL A 156 13.11 7.96 -9.36
N GLN A 157 14.18 7.20 -9.24
CA GLN A 157 14.68 6.77 -7.94
C GLN A 157 16.10 7.27 -7.71
N ASP A 158 16.88 7.34 -8.80
CA ASP A 158 18.26 7.79 -8.72
C ASP A 158 18.47 9.03 -9.60
N LEU A 159 17.42 9.83 -9.75
CA LEU A 159 17.49 11.04 -10.57
C LEU A 159 18.67 11.90 -10.15
N GLU A 160 19.28 12.57 -11.13
CA GLU A 160 20.43 13.44 -10.87
C GLU A 160 20.05 14.58 -9.92
N GLY A 161 21.04 15.11 -9.22
CA GLY A 161 20.80 16.20 -8.30
C GLY A 161 21.99 16.49 -7.40
N GLY A 162 21.93 16.00 -6.17
CA GLY A 162 23.02 16.21 -5.24
C GLY A 162 22.78 15.53 -3.90
N GLY A 1 -2.00 -23.90 -12.96
CA GLY A 1 -1.29 -22.99 -12.02
C GLY A 1 -2.21 -21.95 -11.42
N PRO A 2 -2.49 -20.86 -12.16
CA PRO A 2 -3.37 -19.78 -11.69
C PRO A 2 -4.83 -20.22 -11.60
N LEU A 3 -5.54 -19.66 -10.63
CA LEU A 3 -6.95 -19.99 -10.43
C LEU A 3 -7.85 -18.86 -10.94
N GLY A 4 -7.28 -17.95 -11.70
CA GLY A 4 -8.03 -16.83 -12.24
C GLY A 4 -7.19 -15.94 -13.12
N SER A 5 -7.66 -15.68 -14.34
CA SER A 5 -6.94 -14.83 -15.28
C SER A 5 -7.51 -13.42 -15.26
N GLU A 6 -8.48 -13.18 -14.39
CA GLU A 6 -9.12 -11.87 -14.27
C GLU A 6 -8.38 -11.01 -13.25
N ASP A 7 -7.87 -11.64 -12.20
CA ASP A 7 -7.15 -10.93 -11.15
C ASP A 7 -5.70 -11.40 -11.06
N ASP A 8 -4.91 -11.03 -12.06
CA ASP A 8 -3.49 -11.40 -12.08
C ASP A 8 -2.65 -10.43 -11.28
N LEU A 9 -2.93 -9.14 -11.44
CA LEU A 9 -2.20 -8.10 -10.72
C LEU A 9 -2.35 -8.28 -9.21
N TYR A 10 -3.58 -8.46 -8.75
CA TYR A 10 -3.86 -8.64 -7.33
C TYR A 10 -2.80 -9.51 -6.67
N ARG A 11 -2.43 -10.61 -7.32
CA ARG A 11 -1.43 -11.51 -6.78
C ARG A 11 -0.14 -10.73 -6.51
N GLN A 12 0.23 -9.88 -7.46
CA GLN A 12 1.43 -9.06 -7.33
C GLN A 12 1.21 -7.94 -6.32
N SER A 13 0.15 -7.16 -6.53
CA SER A 13 -0.20 -6.04 -5.65
C SER A 13 -0.08 -6.48 -4.19
N LEU A 14 -0.34 -7.75 -3.95
CA LEU A 14 -0.27 -8.34 -2.62
C LEU A 14 1.15 -8.80 -2.30
N GLU A 15 1.79 -9.45 -3.26
CA GLU A 15 3.15 -9.95 -3.08
C GLU A 15 4.10 -8.81 -2.69
N ILE A 16 3.86 -7.64 -3.28
CA ILE A 16 4.68 -6.47 -3.01
C ILE A 16 4.21 -5.77 -1.75
N ILE A 17 2.90 -5.69 -1.55
CA ILE A 17 2.38 -5.05 -0.36
C ILE A 17 2.84 -5.78 0.89
N SER A 18 2.85 -7.11 0.80
CA SER A 18 3.29 -7.94 1.92
C SER A 18 4.79 -7.75 2.15
N ARG A 19 5.56 -7.82 1.06
CA ARG A 19 7.00 -7.64 1.13
C ARG A 19 7.34 -6.26 1.69
N TYR A 20 6.62 -5.25 1.22
CA TYR A 20 6.84 -3.88 1.64
C TYR A 20 6.45 -3.66 3.12
N LEU A 21 5.20 -3.99 3.44
CA LEU A 21 4.69 -3.82 4.79
C LEU A 21 5.44 -4.68 5.80
N ARG A 22 5.94 -5.83 5.35
CA ARG A 22 6.67 -6.74 6.23
C ARG A 22 7.99 -6.11 6.66
N GLU A 23 8.76 -5.62 5.69
CA GLU A 23 10.05 -5.00 5.96
C GLU A 23 9.88 -3.70 6.75
N GLN A 24 8.77 -3.01 6.50
CA GLN A 24 8.48 -1.76 7.18
C GLN A 24 8.12 -2.00 8.65
N ALA A 25 7.24 -2.97 8.88
CA ALA A 25 6.81 -3.29 10.23
C ALA A 25 7.98 -3.68 11.12
N THR A 26 8.83 -4.58 10.62
CA THR A 26 10.00 -5.03 11.36
C THR A 26 11.04 -3.92 11.47
N GLY A 27 11.14 -3.09 10.44
CA GLY A 27 12.09 -2.00 10.45
C GLY A 27 13.36 -2.34 9.70
N SER A 28 13.49 -3.59 9.29
CA SER A 28 14.66 -4.04 8.55
C SER A 28 14.47 -3.87 7.05
N LYS A 29 15.51 -3.43 6.36
CA LYS A 29 15.45 -3.23 4.92
C LYS A 29 15.86 -4.50 4.18
N ASP A 30 15.28 -4.70 3.00
CA ASP A 30 15.58 -5.87 2.18
C ASP A 30 16.62 -5.54 1.12
N SER A 31 17.69 -6.33 1.07
CA SER A 31 18.75 -6.13 0.09
C SER A 31 18.60 -7.07 -1.09
N LYS A 32 18.09 -8.28 -0.82
CA LYS A 32 17.88 -9.28 -1.87
C LYS A 32 16.71 -8.89 -2.77
N PRO A 33 16.74 -9.32 -4.04
CA PRO A 33 15.68 -9.01 -5.02
C PRO A 33 14.30 -9.39 -4.49
N LEU A 34 13.27 -8.73 -5.02
CA LEU A 34 11.90 -8.98 -4.62
C LEU A 34 11.47 -10.40 -5.02
N GLY A 35 10.23 -10.74 -4.71
CA GLY A 35 9.72 -12.07 -5.03
C GLY A 35 9.56 -12.29 -6.52
N GLU A 36 8.52 -13.04 -6.90
CA GLU A 36 8.25 -13.33 -8.30
C GLU A 36 7.37 -12.26 -8.93
N ALA A 37 7.15 -11.17 -8.19
CA ALA A 37 6.32 -10.07 -8.66
C ALA A 37 6.74 -9.64 -10.06
N GLY A 38 8.03 -9.49 -10.27
CA GLY A 38 8.54 -9.08 -11.56
C GLY A 38 9.32 -7.78 -11.50
N ALA A 39 9.04 -6.89 -12.43
CA ALA A 39 9.73 -5.59 -12.49
C ALA A 39 9.07 -4.57 -11.57
N ALA A 40 7.75 -4.66 -11.43
CA ALA A 40 7.02 -3.72 -10.59
C ALA A 40 7.53 -3.74 -9.16
N GLY A 41 7.49 -4.90 -8.54
CA GLY A 41 7.92 -5.03 -7.16
C GLY A 41 9.32 -4.50 -6.91
N ARG A 42 10.28 -4.94 -7.71
CA ARG A 42 11.65 -4.49 -7.56
C ARG A 42 11.72 -2.97 -7.42
N ARG A 43 11.03 -2.29 -8.34
CA ARG A 43 11.00 -0.83 -8.33
C ARG A 43 9.89 -0.27 -7.45
N ALA A 44 8.94 -1.13 -7.09
CA ALA A 44 7.80 -0.70 -6.27
C ALA A 44 8.16 -0.60 -4.80
N LEU A 45 8.72 -1.66 -4.25
CA LEU A 45 9.10 -1.67 -2.84
C LEU A 45 10.07 -0.53 -2.53
N GLU A 46 10.86 -0.14 -3.52
CA GLU A 46 11.82 0.94 -3.33
C GLU A 46 11.15 2.30 -3.55
N THR A 47 10.32 2.38 -4.58
CA THR A 47 9.61 3.61 -4.90
C THR A 47 8.57 3.92 -3.83
N LEU A 48 8.07 2.87 -3.20
CA LEU A 48 7.07 2.99 -2.14
C LEU A 48 7.73 3.34 -0.82
N ARG A 49 8.94 2.82 -0.62
CA ARG A 49 9.68 3.08 0.60
C ARG A 49 10.06 4.55 0.68
N ARG A 50 10.36 5.14 -0.48
CA ARG A 50 10.74 6.55 -0.55
C ARG A 50 9.49 7.43 -0.51
N VAL A 51 8.51 7.15 -1.35
CA VAL A 51 7.29 7.93 -1.38
C VAL A 51 6.53 7.79 -0.07
N GLY A 52 6.59 6.60 0.51
CA GLY A 52 5.91 6.36 1.77
C GLY A 52 6.55 7.13 2.91
N ASP A 53 7.87 7.10 2.97
CA ASP A 53 8.60 7.83 4.01
C ASP A 53 8.22 9.29 3.98
N GLY A 54 8.01 9.81 2.77
CA GLY A 54 7.61 11.19 2.61
C GLY A 54 6.15 11.39 2.95
N VAL A 55 5.30 10.52 2.40
CA VAL A 55 3.86 10.57 2.65
C VAL A 55 3.58 10.65 4.14
N GLN A 56 4.23 9.78 4.90
CA GLN A 56 4.07 9.73 6.35
C GLN A 56 4.47 11.05 6.98
N ARG A 57 5.53 11.66 6.46
CA ARG A 57 6.02 12.93 6.98
C ARG A 57 5.13 14.08 6.48
N ASN A 58 4.43 13.84 5.38
CA ASN A 58 3.54 14.82 4.79
C ASN A 58 2.12 14.68 5.33
N HIS A 59 1.83 13.51 5.89
CA HIS A 59 0.51 13.22 6.41
C HIS A 59 0.54 13.05 7.91
N GLU A 60 1.72 13.10 8.51
CA GLU A 60 1.84 12.91 9.96
C GLU A 60 0.64 13.49 10.70
N THR A 61 0.10 14.60 10.19
CA THR A 61 -1.08 15.21 10.81
C THR A 61 -2.32 14.40 10.47
N ALA A 62 -2.48 14.06 9.19
CA ALA A 62 -3.60 13.26 8.73
C ALA A 62 -3.51 11.84 9.28
N PHE A 63 -2.36 11.20 9.05
CA PHE A 63 -2.10 9.85 9.52
C PHE A 63 -2.40 9.71 11.00
N GLN A 64 -2.01 10.72 11.78
CA GLN A 64 -2.24 10.70 13.22
C GLN A 64 -3.73 10.84 13.53
N GLY A 65 -4.41 11.70 12.77
CA GLY A 65 -5.82 11.92 12.97
C GLY A 65 -6.68 10.78 12.47
N MET A 66 -6.20 10.08 11.44
CA MET A 66 -6.93 8.96 10.87
C MET A 66 -7.00 7.80 11.85
N LEU A 67 -5.84 7.33 12.29
CA LEU A 67 -5.77 6.23 13.24
C LEU A 67 -6.40 6.61 14.57
N ARG A 68 -6.30 7.90 14.92
CA ARG A 68 -6.88 8.40 16.16
C ARG A 68 -8.38 8.13 16.19
N LYS A 69 -9.04 8.41 15.08
CA LYS A 69 -10.48 8.20 14.97
C LYS A 69 -10.81 6.71 15.04
N LEU A 70 -9.96 5.89 14.43
CA LEU A 70 -10.16 4.44 14.43
C LEU A 70 -9.64 3.84 15.74
N ASP A 71 -9.79 2.52 15.86
CA ASP A 71 -9.33 1.82 17.06
C ASP A 71 -9.25 0.32 16.80
N ILE A 72 -8.24 -0.08 16.05
CA ILE A 72 -8.04 -1.49 15.72
C ILE A 72 -7.97 -2.35 16.97
N LYS A 73 -8.89 -3.30 17.07
CA LYS A 73 -8.94 -4.20 18.21
C LYS A 73 -8.90 -5.65 17.73
N ASN A 74 -9.52 -5.89 16.58
CA ASN A 74 -9.57 -7.21 15.98
C ASN A 74 -9.66 -7.10 14.46
N GLU A 75 -9.84 -8.22 13.79
CA GLU A 75 -9.95 -8.24 12.34
C GLU A 75 -11.26 -7.58 11.91
N GLY A 76 -12.10 -7.28 12.89
CA GLY A 76 -13.37 -6.65 12.61
C GLY A 76 -13.26 -5.14 12.51
N ASP A 77 -12.20 -4.58 13.08
CA ASP A 77 -11.98 -3.15 13.05
C ASP A 77 -11.53 -2.71 11.67
N VAL A 78 -11.31 -3.68 10.79
CA VAL A 78 -10.88 -3.40 9.43
C VAL A 78 -11.96 -2.62 8.68
N LYS A 79 -13.19 -2.72 9.16
CA LYS A 79 -14.30 -2.00 8.56
C LYS A 79 -14.00 -0.51 8.51
N SER A 80 -13.22 -0.05 9.49
CA SER A 80 -12.84 1.35 9.56
C SER A 80 -11.90 1.70 8.41
N PHE A 81 -11.05 0.74 8.04
CA PHE A 81 -10.12 0.94 6.94
C PHE A 81 -10.89 1.08 5.64
N SER A 82 -12.05 0.46 5.57
CA SER A 82 -12.89 0.54 4.38
C SER A 82 -13.32 1.99 4.15
N ARG A 83 -13.73 2.65 5.23
CA ARG A 83 -14.15 4.05 5.14
C ARG A 83 -13.05 4.91 4.54
N VAL A 84 -11.85 4.81 5.11
CA VAL A 84 -10.70 5.57 4.62
C VAL A 84 -10.29 5.08 3.24
N MET A 85 -10.59 3.82 2.95
CA MET A 85 -10.26 3.25 1.65
C MET A 85 -10.99 4.00 0.55
N VAL A 86 -12.17 4.50 0.90
CA VAL A 86 -12.98 5.27 -0.04
C VAL A 86 -12.74 6.76 0.10
N HIS A 87 -12.49 7.20 1.32
CA HIS A 87 -12.25 8.61 1.60
C HIS A 87 -10.94 9.09 0.98
N VAL A 88 -10.01 8.18 0.75
CA VAL A 88 -8.72 8.53 0.16
C VAL A 88 -8.93 9.12 -1.23
N PHE A 89 -9.85 8.52 -2.00
CA PHE A 89 -10.15 8.99 -3.35
C PHE A 89 -11.46 9.77 -3.35
N LYS A 90 -11.68 10.55 -2.29
CA LYS A 90 -12.91 11.34 -2.17
C LYS A 90 -12.72 12.75 -2.70
N ASP A 91 -11.46 13.14 -2.90
CA ASP A 91 -11.14 14.47 -3.42
C ASP A 91 -11.69 14.65 -4.83
N GLY A 92 -12.12 13.55 -5.44
CA GLY A 92 -12.65 13.61 -6.79
C GLY A 92 -11.61 13.29 -7.84
N VAL A 93 -10.52 14.04 -7.85
CA VAL A 93 -9.44 13.83 -8.81
C VAL A 93 -8.74 12.49 -8.57
N THR A 94 -8.69 11.67 -9.60
CA THR A 94 -8.06 10.36 -9.51
C THR A 94 -6.63 10.40 -10.04
N ASN A 95 -5.68 9.98 -9.20
CA ASN A 95 -4.28 9.98 -9.59
C ASN A 95 -3.48 9.00 -8.73
N TRP A 96 -2.29 8.63 -9.22
CA TRP A 96 -1.44 7.70 -8.50
C TRP A 96 -1.14 8.22 -7.11
N GLY A 97 -1.11 9.54 -6.98
CA GLY A 97 -0.83 10.15 -5.69
C GLY A 97 -1.87 9.73 -4.66
N ARG A 98 -3.14 9.67 -5.08
CA ARG A 98 -4.22 9.27 -4.20
C ARG A 98 -4.04 7.81 -3.78
N ILE A 99 -3.82 6.95 -4.77
CA ILE A 99 -3.60 5.52 -4.52
C ILE A 99 -2.37 5.33 -3.64
N VAL A 100 -1.42 6.27 -3.75
CA VAL A 100 -0.21 6.22 -2.96
C VAL A 100 -0.53 6.53 -1.50
N THR A 101 -1.51 7.40 -1.29
CA THR A 101 -1.94 7.77 0.05
C THR A 101 -2.62 6.60 0.74
N LEU A 102 -3.33 5.79 -0.03
CA LEU A 102 -4.03 4.63 0.52
C LEU A 102 -3.02 3.58 0.98
N ILE A 103 -2.12 3.19 0.08
CA ILE A 103 -1.09 2.22 0.41
C ILE A 103 -0.26 2.74 1.57
N SER A 104 -0.09 4.07 1.58
CA SER A 104 0.68 4.74 2.63
C SER A 104 0.00 4.64 3.98
N PHE A 105 -1.31 4.91 4.03
CA PHE A 105 -2.05 4.86 5.28
C PHE A 105 -1.94 3.49 5.95
N GLY A 106 -2.37 2.45 5.23
CA GLY A 106 -2.32 1.11 5.78
C GLY A 106 -0.93 0.64 6.10
N ALA A 107 0.04 1.00 5.25
CA ALA A 107 1.41 0.61 5.49
C ALA A 107 1.90 1.22 6.80
N PHE A 108 1.50 2.46 7.04
CA PHE A 108 1.87 3.17 8.25
C PHE A 108 1.09 2.61 9.44
N VAL A 109 -0.16 2.24 9.17
CA VAL A 109 -1.02 1.67 10.21
C VAL A 109 -0.49 0.30 10.63
N ALA A 110 0.12 -0.41 9.69
CA ALA A 110 0.69 -1.72 9.97
C ALA A 110 1.85 -1.56 10.95
N LYS A 111 2.75 -0.64 10.62
CA LYS A 111 3.89 -0.36 11.49
C LYS A 111 3.39 0.11 12.84
N HIS A 112 2.25 0.78 12.82
CA HIS A 112 1.62 1.29 14.04
C HIS A 112 1.09 0.11 14.84
N LEU A 113 0.45 -0.81 14.14
CA LEU A 113 -0.11 -2.01 14.75
C LEU A 113 1.00 -2.91 15.30
N LYS A 114 2.15 -2.88 14.64
CA LYS A 114 3.30 -3.69 15.05
C LYS A 114 3.93 -3.12 16.31
N SER A 115 3.84 -1.80 16.47
CA SER A 115 4.40 -1.12 17.63
C SER A 115 3.69 -1.54 18.92
N VAL A 116 2.51 -2.14 18.78
CA VAL A 116 1.74 -2.58 19.94
C VAL A 116 1.74 -4.11 20.05
N ASN A 117 2.50 -4.77 19.18
CA ASN A 117 2.60 -6.22 19.18
C ASN A 117 1.26 -6.88 18.89
N GLN A 118 0.67 -6.54 17.75
CA GLN A 118 -0.60 -7.10 17.33
C GLN A 118 -0.53 -7.57 15.89
N GLU A 119 0.65 -8.04 15.48
CA GLU A 119 0.86 -8.51 14.12
C GLU A 119 -0.26 -9.45 13.67
N SER A 120 -0.97 -10.02 14.64
CA SER A 120 -2.08 -10.93 14.35
C SER A 120 -3.09 -10.27 13.41
N PHE A 121 -3.45 -9.03 13.71
CA PHE A 121 -4.39 -8.28 12.89
C PHE A 121 -3.68 -7.59 11.75
N ILE A 122 -2.36 -7.55 11.81
CA ILE A 122 -1.55 -6.92 10.79
C ILE A 122 -1.67 -7.66 9.45
N GLU A 123 -1.52 -8.98 9.50
CA GLU A 123 -1.61 -9.79 8.29
C GLU A 123 -2.89 -9.47 7.51
N PRO A 124 -4.07 -9.55 8.16
CA PRO A 124 -5.33 -9.23 7.50
C PRO A 124 -5.50 -7.75 7.26
N LEU A 125 -4.67 -6.95 7.93
CA LEU A 125 -4.72 -5.50 7.79
C LEU A 125 -4.23 -5.08 6.41
N ALA A 126 -3.12 -5.66 5.99
CA ALA A 126 -2.55 -5.34 4.69
C ALA A 126 -3.25 -6.12 3.59
N GLU A 127 -3.61 -7.37 3.88
CA GLU A 127 -4.29 -8.21 2.91
C GLU A 127 -5.64 -7.60 2.52
N THR A 128 -6.24 -6.85 3.44
CA THR A 128 -7.52 -6.21 3.18
C THR A 128 -7.34 -4.90 2.44
N ILE A 129 -6.52 -4.00 2.99
CA ILE A 129 -6.30 -2.70 2.36
C ILE A 129 -5.80 -2.88 0.92
N THR A 130 -4.94 -3.87 0.72
CA THR A 130 -4.41 -4.16 -0.60
C THR A 130 -5.49 -4.73 -1.51
N ASP A 131 -6.23 -5.69 -0.98
CA ASP A 131 -7.30 -6.32 -1.74
C ASP A 131 -8.24 -5.27 -2.30
N VAL A 132 -8.78 -4.44 -1.42
CA VAL A 132 -9.68 -3.38 -1.84
C VAL A 132 -8.96 -2.36 -2.70
N LEU A 133 -7.65 -2.28 -2.56
CA LEU A 133 -6.88 -1.31 -3.34
C LEU A 133 -6.91 -1.68 -4.82
N VAL A 134 -6.51 -2.91 -5.14
CA VAL A 134 -6.52 -3.36 -6.52
C VAL A 134 -7.94 -3.68 -6.96
N ARG A 135 -8.74 -4.18 -6.02
CA ARG A 135 -10.12 -4.55 -6.29
C ARG A 135 -11.02 -3.32 -6.45
N THR A 136 -10.63 -2.19 -5.87
CA THR A 136 -11.45 -0.97 -5.98
C THR A 136 -11.09 -0.17 -7.23
N LYS A 137 -9.81 -0.17 -7.58
CA LYS A 137 -9.35 0.56 -8.76
C LYS A 137 -8.81 -0.38 -9.83
N ARG A 138 -9.47 -1.52 -10.01
CA ARG A 138 -9.06 -2.50 -11.00
C ARG A 138 -9.19 -1.92 -12.40
N ASP A 139 -10.24 -1.13 -12.62
CA ASP A 139 -10.47 -0.51 -13.93
C ASP A 139 -9.26 0.33 -14.32
N TRP A 140 -8.81 1.17 -13.39
CA TRP A 140 -7.64 2.01 -13.60
C TRP A 140 -6.41 1.14 -13.78
N LEU A 141 -6.27 0.18 -12.88
CA LEU A 141 -5.16 -0.75 -12.90
C LEU A 141 -5.08 -1.51 -14.22
N VAL A 142 -6.22 -1.73 -14.85
CA VAL A 142 -6.26 -2.45 -16.12
C VAL A 142 -6.11 -1.49 -17.30
N LYS A 143 -6.57 -0.26 -17.13
CA LYS A 143 -6.47 0.75 -18.18
C LYS A 143 -5.12 1.47 -18.13
N GLN A 144 -4.37 1.25 -17.06
CA GLN A 144 -3.06 1.89 -16.90
C GLN A 144 -2.01 0.87 -16.47
N ARG A 145 -2.10 -0.33 -17.03
CA ARG A 145 -1.16 -1.40 -16.73
C ARG A 145 -0.87 -1.51 -15.23
N GLY A 146 -1.80 -1.00 -14.41
CA GLY A 146 -1.64 -1.05 -12.96
C GLY A 146 -0.21 -0.88 -12.51
N TRP A 147 0.35 -1.95 -11.96
CA TRP A 147 1.72 -1.94 -11.45
C TRP A 147 2.67 -1.15 -12.35
N ASP A 148 2.63 -1.41 -13.65
CA ASP A 148 3.51 -0.71 -14.59
C ASP A 148 3.32 0.79 -14.49
N GLY A 149 2.07 1.25 -14.56
CA GLY A 149 1.79 2.67 -14.46
C GLY A 149 2.32 3.25 -13.17
N PHE A 150 2.04 2.58 -12.06
CA PHE A 150 2.50 3.01 -10.75
C PHE A 150 3.97 3.45 -10.82
N VAL A 151 4.79 2.61 -11.44
CA VAL A 151 6.20 2.90 -11.59
C VAL A 151 6.42 3.95 -12.69
N GLU A 152 5.51 3.99 -13.66
CA GLU A 152 5.60 4.96 -14.73
C GLU A 152 5.52 6.37 -14.15
N PHE A 153 4.80 6.47 -13.04
CA PHE A 153 4.63 7.73 -12.32
C PHE A 153 5.83 7.97 -11.42
N PHE A 154 6.35 6.88 -10.86
CA PHE A 154 7.50 6.93 -9.97
C PHE A 154 8.70 6.20 -10.57
N HIS A 155 9.05 6.57 -11.80
CA HIS A 155 10.19 5.96 -12.47
C HIS A 155 11.48 6.63 -12.05
N VAL A 156 11.39 7.46 -11.02
CA VAL A 156 12.55 8.17 -10.50
C VAL A 156 13.25 7.36 -9.41
N GLN A 157 14.55 7.13 -9.60
CA GLN A 157 15.33 6.37 -8.65
C GLN A 157 16.18 7.30 -7.78
N ASP A 158 17.18 7.92 -8.39
CA ASP A 158 18.06 8.84 -7.67
C ASP A 158 18.00 10.24 -8.27
N LEU A 159 16.92 10.53 -9.00
CA LEU A 159 16.73 11.83 -9.63
C LEU A 159 15.62 12.61 -8.95
N GLU A 160 15.99 13.62 -8.17
CA GLU A 160 15.03 14.45 -7.47
C GLU A 160 14.53 15.59 -8.35
N GLY A 161 13.37 16.14 -8.01
CA GLY A 161 12.82 17.23 -8.79
C GLY A 161 11.36 16.98 -9.16
N GLY A 162 10.50 16.87 -8.16
CA GLY A 162 9.09 16.63 -8.41
C GLY A 162 8.33 17.91 -8.72
N GLY A 1 -9.40 -23.38 -5.38
CA GLY A 1 -10.13 -22.09 -5.20
C GLY A 1 -10.92 -21.70 -6.43
N PRO A 2 -11.32 -20.43 -6.55
CA PRO A 2 -12.09 -19.95 -7.71
C PRO A 2 -11.26 -19.90 -8.99
N LEU A 3 -11.90 -19.54 -10.09
CA LEU A 3 -11.21 -19.46 -11.38
C LEU A 3 -11.17 -18.01 -11.88
N GLY A 4 -9.96 -17.51 -12.11
CA GLY A 4 -9.82 -16.15 -12.59
C GLY A 4 -8.45 -15.91 -13.22
N SER A 5 -8.45 -15.63 -14.51
CA SER A 5 -7.21 -15.38 -15.25
C SER A 5 -6.99 -13.89 -15.43
N GLU A 6 -7.99 -13.09 -15.08
CA GLU A 6 -7.89 -11.63 -15.20
C GLU A 6 -7.33 -11.01 -13.92
N ASP A 7 -7.23 -11.81 -12.88
CA ASP A 7 -6.70 -11.34 -11.60
C ASP A 7 -5.21 -11.67 -11.47
N ASP A 8 -4.42 -11.21 -12.43
CA ASP A 8 -2.99 -11.46 -12.42
C ASP A 8 -2.26 -10.42 -11.57
N LEU A 9 -2.76 -9.18 -11.60
CA LEU A 9 -2.16 -8.11 -10.83
C LEU A 9 -2.19 -8.41 -9.34
N TYR A 10 -3.38 -8.73 -8.84
CA TYR A 10 -3.57 -9.04 -7.42
C TYR A 10 -2.39 -9.81 -6.84
N ARG A 11 -1.94 -10.83 -7.57
CA ARG A 11 -0.81 -11.64 -7.13
C ARG A 11 0.40 -10.76 -6.83
N GLN A 12 0.68 -9.84 -7.75
CA GLN A 12 1.81 -8.92 -7.61
C GLN A 12 1.50 -7.84 -6.56
N SER A 13 0.29 -7.29 -6.62
CA SER A 13 -0.12 -6.25 -5.67
C SER A 13 0.06 -6.75 -4.23
N LEU A 14 -0.08 -8.06 -4.06
CA LEU A 14 0.07 -8.71 -2.76
C LEU A 14 1.52 -9.03 -2.47
N GLU A 15 2.25 -9.49 -3.49
CA GLU A 15 3.66 -9.83 -3.33
C GLU A 15 4.43 -8.61 -2.82
N ILE A 16 4.16 -7.46 -3.42
CA ILE A 16 4.80 -6.23 -3.02
C ILE A 16 4.26 -5.74 -1.70
N ILE A 17 2.94 -5.79 -1.55
CA ILE A 17 2.32 -5.36 -0.30
C ILE A 17 2.95 -6.11 0.86
N SER A 18 3.18 -7.40 0.67
CA SER A 18 3.78 -8.23 1.70
C SER A 18 5.21 -7.76 1.98
N ARG A 19 5.93 -7.42 0.92
CA ARG A 19 7.30 -6.94 1.04
C ARG A 19 7.35 -5.60 1.79
N TYR A 20 6.50 -4.67 1.38
CA TYR A 20 6.44 -3.34 2.00
C TYR A 20 5.88 -3.41 3.42
N LEU A 21 4.75 -4.07 3.58
CA LEU A 21 4.08 -4.18 4.88
C LEU A 21 4.96 -4.90 5.91
N ARG A 22 5.73 -5.88 5.45
CA ARG A 22 6.60 -6.64 6.34
C ARG A 22 7.81 -5.82 6.77
N GLU A 23 8.45 -5.17 5.80
CA GLU A 23 9.62 -4.35 6.08
C GLU A 23 9.26 -3.11 6.89
N GLN A 24 8.02 -2.67 6.76
CA GLN A 24 7.54 -1.49 7.49
C GLN A 24 7.06 -1.87 8.89
N ALA A 25 6.37 -3.00 8.98
CA ALA A 25 5.85 -3.48 10.26
C ALA A 25 6.96 -3.62 11.30
N THR A 26 8.06 -4.27 10.90
CA THR A 26 9.19 -4.48 11.80
C THR A 26 10.20 -3.34 11.70
N GLY A 27 10.22 -2.68 10.54
CA GLY A 27 11.14 -1.58 10.34
C GLY A 27 12.43 -2.02 9.68
N SER A 28 12.60 -3.33 9.52
CA SER A 28 13.80 -3.88 8.91
C SER A 28 13.63 -4.00 7.40
N LYS A 29 14.67 -3.62 6.66
CA LYS A 29 14.63 -3.68 5.20
C LYS A 29 15.04 -5.06 4.71
N ASP A 30 14.28 -5.59 3.75
CA ASP A 30 14.57 -6.91 3.19
C ASP A 30 15.64 -6.82 2.12
N SER A 31 16.72 -7.57 2.31
CA SER A 31 17.83 -7.58 1.35
C SER A 31 17.63 -8.63 0.28
N LYS A 32 16.59 -9.45 0.44
CA LYS A 32 16.29 -10.50 -0.52
C LYS A 32 15.61 -9.92 -1.76
N PRO A 33 15.78 -10.59 -2.92
CA PRO A 33 15.18 -10.13 -4.18
C PRO A 33 13.66 -10.28 -4.18
N LEU A 34 13.02 -9.72 -5.21
CA LEU A 34 11.57 -9.78 -5.32
C LEU A 34 11.13 -11.03 -6.09
N GLY A 35 12.10 -11.89 -6.39
CA GLY A 35 11.79 -13.11 -7.12
C GLY A 35 11.33 -12.84 -8.54
N GLU A 36 10.03 -13.05 -8.78
CA GLU A 36 9.46 -12.82 -10.10
C GLU A 36 8.99 -11.38 -10.25
N ALA A 37 8.79 -10.71 -9.11
CA ALA A 37 8.36 -9.33 -9.10
C ALA A 37 9.55 -8.39 -9.26
N GLY A 38 10.66 -8.95 -9.72
CA GLY A 38 11.88 -8.18 -9.92
C GLY A 38 11.63 -6.83 -10.58
N ALA A 39 10.57 -6.74 -11.37
CA ALA A 39 10.26 -5.49 -12.04
C ALA A 39 9.41 -4.57 -11.16
N ALA A 40 8.25 -5.06 -10.76
CA ALA A 40 7.34 -4.28 -9.92
C ALA A 40 7.87 -4.10 -8.51
N GLY A 41 7.96 -5.20 -7.78
CA GLY A 41 8.42 -5.15 -6.40
C GLY A 41 9.77 -4.46 -6.21
N ARG A 42 10.71 -4.72 -7.09
CA ARG A 42 12.02 -4.10 -6.95
C ARG A 42 11.92 -2.59 -7.11
N ARG A 43 11.14 -2.15 -8.10
CA ARG A 43 10.98 -0.73 -8.36
C ARG A 43 9.85 -0.11 -7.53
N ALA A 44 8.98 -0.95 -6.99
CA ALA A 44 7.86 -0.50 -6.18
C ALA A 44 8.22 -0.43 -4.71
N LEU A 45 8.99 -1.40 -4.24
CA LEU A 45 9.40 -1.42 -2.85
C LEU A 45 10.35 -0.27 -2.55
N GLU A 46 11.20 0.06 -3.52
CA GLU A 46 12.15 1.15 -3.36
C GLU A 46 11.44 2.48 -3.54
N THR A 47 10.49 2.51 -4.46
CA THR A 47 9.72 3.72 -4.71
C THR A 47 8.79 4.00 -3.52
N LEU A 48 7.97 3.00 -3.20
CA LEU A 48 7.03 3.09 -2.08
C LEU A 48 7.77 3.44 -0.79
N ARG A 49 8.98 2.93 -0.64
CA ARG A 49 9.77 3.19 0.55
C ARG A 49 10.01 4.69 0.69
N ARG A 50 10.44 5.31 -0.39
CA ARG A 50 10.71 6.75 -0.40
C ARG A 50 9.40 7.55 -0.25
N VAL A 51 8.44 7.30 -1.14
CA VAL A 51 7.16 8.01 -1.08
C VAL A 51 6.47 7.80 0.25
N GLY A 52 6.74 6.67 0.89
CA GLY A 52 6.13 6.39 2.17
C GLY A 52 6.77 7.19 3.27
N ASP A 53 8.11 7.19 3.30
CA ASP A 53 8.84 7.94 4.30
C ASP A 53 8.46 9.41 4.21
N GLY A 54 8.20 9.86 2.98
CA GLY A 54 7.79 11.22 2.76
C GLY A 54 6.34 11.44 3.14
N VAL A 55 5.47 10.58 2.60
CA VAL A 55 4.03 10.67 2.89
C VAL A 55 3.79 10.80 4.39
N GLN A 56 4.46 9.94 5.16
CA GLN A 56 4.33 9.95 6.61
C GLN A 56 4.73 11.31 7.18
N ARG A 57 5.79 11.88 6.64
CA ARG A 57 6.26 13.18 7.09
C ARG A 57 5.35 14.29 6.59
N ASN A 58 4.62 14.01 5.51
CA ASN A 58 3.70 14.96 4.92
C ASN A 58 2.31 14.81 5.48
N HIS A 59 2.03 13.67 6.10
CA HIS A 59 0.72 13.39 6.64
C HIS A 59 0.75 13.27 8.15
N GLU A 60 1.93 13.30 8.76
CA GLU A 60 2.04 13.15 10.21
C GLU A 60 0.85 13.79 10.92
N THR A 61 0.34 14.89 10.38
CA THR A 61 -0.82 15.55 10.96
C THR A 61 -2.08 14.75 10.63
N ALA A 62 -2.24 14.42 9.36
CA ALA A 62 -3.38 13.64 8.89
C ALA A 62 -3.33 12.24 9.48
N PHE A 63 -2.20 11.56 9.28
CA PHE A 63 -1.99 10.21 9.78
C PHE A 63 -2.34 10.11 11.26
N GLN A 64 -1.94 11.12 12.03
CA GLN A 64 -2.20 11.15 13.46
C GLN A 64 -3.69 11.26 13.73
N GLY A 65 -4.37 12.12 12.98
CA GLY A 65 -5.80 12.30 13.16
C GLY A 65 -6.63 11.16 12.61
N MET A 66 -6.11 10.51 11.56
CA MET A 66 -6.84 9.40 10.94
C MET A 66 -6.87 8.19 11.85
N LEU A 67 -5.69 7.73 12.27
CA LEU A 67 -5.59 6.57 13.15
C LEU A 67 -6.24 6.86 14.50
N ARG A 68 -6.13 8.11 14.94
CA ARG A 68 -6.72 8.51 16.21
C ARG A 68 -8.22 8.27 16.20
N LYS A 69 -8.85 8.63 15.08
CA LYS A 69 -10.29 8.44 14.92
C LYS A 69 -10.63 6.96 14.97
N LEU A 70 -9.73 6.13 14.46
CA LEU A 70 -9.93 4.68 14.45
C LEU A 70 -9.44 4.06 15.76
N ASP A 71 -9.56 2.74 15.87
CA ASP A 71 -9.13 2.05 17.07
C ASP A 71 -9.13 0.54 16.85
N ILE A 72 -8.11 0.06 16.15
CA ILE A 72 -7.99 -1.37 15.85
C ILE A 72 -8.04 -2.20 17.13
N LYS A 73 -8.99 -3.11 17.19
CA LYS A 73 -9.15 -3.98 18.35
C LYS A 73 -9.12 -5.43 17.92
N ASN A 74 -9.69 -5.69 16.74
CA ASN A 74 -9.73 -7.03 16.18
C ASN A 74 -9.75 -6.96 14.66
N GLU A 75 -9.90 -8.11 14.01
CA GLU A 75 -9.94 -8.16 12.55
C GLU A 75 -11.18 -7.44 12.05
N GLY A 76 -12.11 -7.16 12.95
CA GLY A 76 -13.32 -6.47 12.58
C GLY A 76 -13.13 -4.98 12.49
N ASP A 77 -12.08 -4.48 13.14
CA ASP A 77 -11.77 -3.06 13.12
C ASP A 77 -11.29 -2.63 11.74
N VAL A 78 -11.02 -3.62 10.89
CA VAL A 78 -10.57 -3.37 9.53
C VAL A 78 -11.63 -2.57 8.77
N LYS A 79 -12.86 -2.66 9.24
CA LYS A 79 -13.97 -1.93 8.63
C LYS A 79 -13.66 -0.44 8.63
N SER A 80 -12.94 0.00 9.66
CA SER A 80 -12.54 1.39 9.77
C SER A 80 -11.61 1.76 8.64
N PHE A 81 -10.77 0.81 8.24
CA PHE A 81 -9.85 1.03 7.14
C PHE A 81 -10.64 1.29 5.87
N SER A 82 -11.76 0.60 5.74
CA SER A 82 -12.63 0.77 4.58
C SER A 82 -13.09 2.23 4.50
N ARG A 83 -13.40 2.79 5.67
CA ARG A 83 -13.85 4.18 5.75
C ARG A 83 -12.82 5.11 5.10
N VAL A 84 -11.55 4.89 5.41
CA VAL A 84 -10.49 5.70 4.84
C VAL A 84 -10.20 5.27 3.40
N MET A 85 -10.50 4.02 3.09
CA MET A 85 -10.29 3.49 1.75
C MET A 85 -11.01 4.37 0.74
N VAL A 86 -12.17 4.88 1.15
CA VAL A 86 -12.97 5.74 0.28
C VAL A 86 -12.59 7.21 0.45
N HIS A 87 -12.32 7.60 1.70
CA HIS A 87 -11.96 8.99 1.99
C HIS A 87 -10.62 9.36 1.36
N VAL A 88 -9.80 8.36 1.06
CA VAL A 88 -8.51 8.61 0.43
C VAL A 88 -8.69 9.14 -0.99
N PHE A 89 -9.50 8.43 -1.79
CA PHE A 89 -9.77 8.85 -3.15
C PHE A 89 -11.09 9.62 -3.23
N LYS A 90 -11.33 10.46 -2.23
CA LYS A 90 -12.55 11.26 -2.18
C LYS A 90 -12.64 12.22 -3.34
N ASP A 91 -11.59 13.02 -3.53
CA ASP A 91 -11.54 14.00 -4.61
C ASP A 91 -11.82 13.34 -5.96
N GLY A 92 -12.60 14.01 -6.79
CA GLY A 92 -12.94 13.47 -8.11
C GLY A 92 -11.71 13.20 -8.94
N VAL A 93 -10.66 13.99 -8.72
CA VAL A 93 -9.42 13.83 -9.47
C VAL A 93 -8.65 12.60 -8.99
N THR A 94 -8.44 11.64 -9.90
CA THR A 94 -7.73 10.42 -9.57
C THR A 94 -6.25 10.53 -9.95
N ASN A 95 -5.39 10.42 -8.95
CA ASN A 95 -3.94 10.51 -9.18
C ASN A 95 -3.20 9.45 -8.38
N TRP A 96 -2.06 9.01 -8.92
CA TRP A 96 -1.26 8.00 -8.26
C TRP A 96 -0.91 8.44 -6.85
N GLY A 97 -0.78 9.74 -6.66
CA GLY A 97 -0.48 10.27 -5.34
C GLY A 97 -1.53 9.87 -4.33
N ARG A 98 -2.79 9.90 -4.75
CA ARG A 98 -3.90 9.52 -3.88
C ARG A 98 -3.79 8.05 -3.51
N ILE A 99 -3.58 7.21 -4.52
CA ILE A 99 -3.43 5.77 -4.31
C ILE A 99 -2.23 5.51 -3.41
N VAL A 100 -1.24 6.39 -3.49
CA VAL A 100 -0.05 6.27 -2.67
C VAL A 100 -0.39 6.54 -1.21
N THR A 101 -1.38 7.40 -0.99
CA THR A 101 -1.81 7.73 0.37
C THR A 101 -2.51 6.54 1.01
N LEU A 102 -3.31 5.83 0.23
CA LEU A 102 -4.02 4.65 0.73
C LEU A 102 -3.01 3.62 1.18
N ILE A 103 -2.09 3.27 0.29
CA ILE A 103 -1.06 2.30 0.61
C ILE A 103 -0.18 2.83 1.74
N SER A 104 -0.02 4.15 1.78
CA SER A 104 0.79 4.81 2.81
C SER A 104 0.13 4.74 4.18
N PHE A 105 -1.19 4.87 4.23
CA PHE A 105 -1.91 4.84 5.50
C PHE A 105 -1.83 3.46 6.14
N GLY A 106 -2.30 2.44 5.44
CA GLY A 106 -2.27 1.10 5.96
C GLY A 106 -0.86 0.63 6.29
N ALA A 107 0.11 1.11 5.51
CA ALA A 107 1.49 0.75 5.76
C ALA A 107 1.96 1.34 7.08
N PHE A 108 1.58 2.59 7.31
CA PHE A 108 1.93 3.29 8.54
C PHE A 108 1.13 2.73 9.71
N VAL A 109 -0.11 2.30 9.42
CA VAL A 109 -0.97 1.72 10.44
C VAL A 109 -0.48 0.34 10.82
N ALA A 110 0.14 -0.36 9.87
CA ALA A 110 0.67 -1.69 10.13
C ALA A 110 1.84 -1.59 11.10
N LYS A 111 2.72 -0.63 10.84
CA LYS A 111 3.86 -0.39 11.72
C LYS A 111 3.36 0.03 13.09
N HIS A 112 2.21 0.70 13.08
CA HIS A 112 1.57 1.16 14.32
C HIS A 112 1.05 -0.05 15.08
N LEU A 113 0.37 -0.92 14.35
CA LEU A 113 -0.20 -2.14 14.92
C LEU A 113 0.90 -3.04 15.49
N LYS A 114 2.08 -2.98 14.89
CA LYS A 114 3.21 -3.78 15.36
C LYS A 114 3.85 -3.16 16.60
N SER A 115 3.73 -1.84 16.72
CA SER A 115 4.30 -1.12 17.84
C SER A 115 3.57 -1.47 19.14
N VAL A 116 2.36 -2.02 19.00
CA VAL A 116 1.56 -2.40 20.16
C VAL A 116 1.57 -3.91 20.37
N ASN A 117 2.31 -4.62 19.51
CA ASN A 117 2.42 -6.07 19.59
C ASN A 117 1.08 -6.74 19.32
N GLN A 118 0.50 -6.44 18.16
CA GLN A 118 -0.78 -7.02 17.77
C GLN A 118 -0.68 -7.61 16.38
N GLU A 119 0.49 -8.15 16.04
CA GLU A 119 0.73 -8.75 14.73
C GLU A 119 -0.40 -9.71 14.37
N SER A 120 -1.13 -10.17 15.38
CA SER A 120 -2.24 -11.10 15.16
C SER A 120 -3.24 -10.51 14.16
N PHE A 121 -3.59 -9.24 14.35
CA PHE A 121 -4.52 -8.57 13.46
C PHE A 121 -3.78 -7.99 12.25
N ILE A 122 -2.46 -7.98 12.33
CA ILE A 122 -1.64 -7.45 11.25
C ILE A 122 -1.74 -8.34 10.01
N GLU A 123 -1.71 -9.65 10.21
CA GLU A 123 -1.80 -10.58 9.09
C GLU A 123 -3.01 -10.26 8.22
N PRO A 124 -4.24 -10.23 8.80
CA PRO A 124 -5.44 -9.91 8.04
C PRO A 124 -5.48 -8.43 7.66
N LEU A 125 -4.65 -7.65 8.35
CA LEU A 125 -4.58 -6.22 8.09
C LEU A 125 -3.96 -5.98 6.72
N ALA A 126 -2.78 -6.55 6.50
CA ALA A 126 -2.08 -6.39 5.24
C ALA A 126 -2.86 -7.03 4.10
N GLU A 127 -3.49 -8.17 4.38
CA GLU A 127 -4.27 -8.88 3.36
C GLU A 127 -5.45 -8.04 2.89
N THR A 128 -6.03 -7.26 3.80
CA THR A 128 -7.17 -6.42 3.47
C THR A 128 -6.73 -5.17 2.73
N ILE A 129 -5.77 -4.43 3.31
CA ILE A 129 -5.27 -3.21 2.70
C ILE A 129 -5.00 -3.40 1.21
N THR A 130 -4.36 -4.52 0.86
CA THR A 130 -4.07 -4.85 -0.52
C THR A 130 -5.33 -5.13 -1.31
N ASP A 131 -6.11 -6.09 -0.81
CA ASP A 131 -7.34 -6.49 -1.46
C ASP A 131 -8.14 -5.30 -1.93
N VAL A 132 -8.47 -4.40 -1.01
CA VAL A 132 -9.23 -3.22 -1.36
C VAL A 132 -8.44 -2.31 -2.29
N LEU A 133 -7.12 -2.34 -2.19
CA LEU A 133 -6.29 -1.49 -3.04
C LEU A 133 -6.44 -1.86 -4.52
N VAL A 134 -6.20 -3.12 -4.85
CA VAL A 134 -6.32 -3.56 -6.24
C VAL A 134 -7.78 -3.76 -6.62
N ARG A 135 -8.58 -4.16 -5.64
CA ARG A 135 -10.01 -4.39 -5.87
C ARG A 135 -10.79 -3.08 -5.97
N THR A 136 -10.30 -2.00 -5.35
CA THR A 136 -11.00 -0.72 -5.40
C THR A 136 -10.61 0.08 -6.64
N LYS A 137 -9.32 0.12 -6.93
CA LYS A 137 -8.83 0.85 -8.09
C LYS A 137 -8.49 -0.11 -9.22
N ARG A 138 -9.31 -1.15 -9.38
CA ARG A 138 -9.11 -2.14 -10.42
C ARG A 138 -9.27 -1.52 -11.80
N ASP A 139 -10.37 -0.78 -11.99
CA ASP A 139 -10.64 -0.13 -13.27
C ASP A 139 -9.42 0.66 -13.72
N TRP A 140 -8.88 1.46 -12.81
CA TRP A 140 -7.69 2.26 -13.08
C TRP A 140 -6.53 1.32 -13.40
N LEU A 141 -6.38 0.32 -12.54
CA LEU A 141 -5.32 -0.67 -12.70
C LEU A 141 -5.40 -1.36 -14.05
N VAL A 142 -6.61 -1.46 -14.59
CA VAL A 142 -6.81 -2.08 -15.89
C VAL A 142 -6.64 -1.06 -17.02
N LYS A 143 -6.97 0.19 -16.72
CA LYS A 143 -6.86 1.26 -17.70
C LYS A 143 -5.43 1.83 -17.75
N GLN A 144 -4.64 1.50 -16.74
CA GLN A 144 -3.26 1.97 -16.66
C GLN A 144 -2.30 0.81 -16.39
N ARG A 145 -2.60 -0.33 -17.00
CA ARG A 145 -1.79 -1.54 -16.86
C ARG A 145 -1.30 -1.75 -15.43
N GLY A 146 -2.04 -1.21 -14.47
CA GLY A 146 -1.71 -1.36 -13.06
C GLY A 146 -0.27 -1.08 -12.69
N TRP A 147 0.30 -2.01 -11.95
CA TRP A 147 1.67 -1.92 -11.43
C TRP A 147 2.61 -1.12 -12.31
N ASP A 148 2.87 -1.59 -13.53
CA ASP A 148 3.78 -0.91 -14.44
C ASP A 148 3.49 0.59 -14.50
N GLY A 149 2.21 0.94 -14.54
CA GLY A 149 1.83 2.34 -14.58
C GLY A 149 2.34 3.09 -13.37
N PHE A 150 2.07 2.54 -12.18
CA PHE A 150 2.50 3.15 -10.93
C PHE A 150 3.95 3.62 -11.05
N VAL A 151 4.81 2.74 -11.57
CA VAL A 151 6.22 3.06 -11.75
C VAL A 151 6.40 4.01 -12.93
N GLU A 152 5.50 3.93 -13.91
CA GLU A 152 5.57 4.81 -15.07
C GLU A 152 5.44 6.26 -14.60
N PHE A 153 4.64 6.44 -13.56
CA PHE A 153 4.42 7.75 -12.96
C PHE A 153 5.66 8.17 -12.17
N PHE A 154 6.31 7.18 -11.58
CA PHE A 154 7.50 7.40 -10.77
C PHE A 154 8.74 6.83 -11.46
N HIS A 155 8.91 7.16 -12.74
CA HIS A 155 10.07 6.69 -13.50
C HIS A 155 11.20 7.70 -13.38
N VAL A 156 10.96 8.71 -12.55
CA VAL A 156 11.93 9.77 -12.34
C VAL A 156 13.09 9.29 -11.47
N GLN A 157 12.96 8.08 -10.98
CA GLN A 157 13.99 7.46 -10.14
C GLN A 157 15.01 6.72 -10.99
N ASP A 158 14.69 6.54 -12.27
CA ASP A 158 15.59 5.85 -13.20
C ASP A 158 16.14 6.80 -14.24
N LEU A 159 16.04 8.10 -13.96
CA LEU A 159 16.54 9.13 -14.87
C LEU A 159 18.02 9.39 -14.64
N GLU A 160 18.61 10.19 -15.52
CA GLU A 160 20.03 10.52 -15.41
C GLU A 160 20.34 11.83 -16.12
N GLY A 161 21.12 12.69 -15.48
CA GLY A 161 21.48 13.97 -16.06
C GLY A 161 21.77 15.03 -15.02
N GLY A 162 20.79 15.33 -14.18
CA GLY A 162 20.98 16.33 -13.15
C GLY A 162 20.79 15.76 -11.76
N GLY A 1 -3.71 -21.02 -22.59
CA GLY A 1 -3.94 -22.24 -21.77
C GLY A 1 -4.73 -21.96 -20.51
N PRO A 2 -4.05 -21.62 -19.40
CA PRO A 2 -4.72 -21.33 -18.13
C PRO A 2 -5.48 -20.01 -18.17
N LEU A 3 -6.55 -19.92 -17.38
CA LEU A 3 -7.36 -18.72 -17.32
C LEU A 3 -6.99 -17.87 -16.12
N GLY A 4 -7.36 -16.58 -16.17
CA GLY A 4 -7.06 -15.68 -15.07
C GLY A 4 -5.96 -14.68 -15.42
N SER A 5 -6.20 -13.89 -16.45
CA SER A 5 -5.23 -12.89 -16.89
C SER A 5 -5.60 -11.51 -16.37
N GLU A 6 -6.83 -11.38 -15.86
CA GLU A 6 -7.32 -10.11 -15.33
C GLU A 6 -7.00 -9.98 -13.85
N ASP A 7 -6.87 -11.12 -13.17
CA ASP A 7 -6.57 -11.14 -11.75
C ASP A 7 -5.11 -11.50 -11.50
N ASP A 8 -4.24 -11.05 -12.41
CA ASP A 8 -2.81 -11.33 -12.29
C ASP A 8 -2.13 -10.30 -11.39
N LEU A 9 -2.65 -9.07 -11.40
CA LEU A 9 -2.10 -7.99 -10.60
C LEU A 9 -2.19 -8.34 -9.11
N TYR A 10 -3.40 -8.68 -8.67
CA TYR A 10 -3.67 -9.02 -7.28
C TYR A 10 -2.50 -9.78 -6.65
N ARG A 11 -1.91 -10.71 -7.41
CA ARG A 11 -0.80 -11.51 -6.92
C ARG A 11 0.37 -10.62 -6.48
N GLN A 12 0.73 -9.65 -7.32
CA GLN A 12 1.83 -8.74 -7.01
C GLN A 12 1.38 -7.64 -6.05
N SER A 13 0.12 -7.24 -6.14
CA SER A 13 -0.39 -6.21 -5.25
C SER A 13 -0.30 -6.72 -3.81
N LEU A 14 -0.43 -8.03 -3.68
CA LEU A 14 -0.35 -8.71 -2.38
C LEU A 14 1.09 -9.02 -2.00
N GLU A 15 1.81 -9.64 -2.92
CA GLU A 15 3.21 -10.01 -2.68
C GLU A 15 4.02 -8.78 -2.32
N ILE A 16 3.75 -7.67 -3.00
CA ILE A 16 4.47 -6.42 -2.75
C ILE A 16 3.98 -5.75 -1.48
N ILE A 17 2.66 -5.65 -1.32
CA ILE A 17 2.12 -5.02 -0.12
C ILE A 17 2.59 -5.77 1.12
N SER A 18 2.61 -7.09 1.03
CA SER A 18 3.06 -7.93 2.14
C SER A 18 4.52 -7.62 2.42
N ARG A 19 5.31 -7.54 1.35
CA ARG A 19 6.72 -7.22 1.43
C ARG A 19 6.94 -5.89 2.12
N TYR A 20 6.30 -4.85 1.59
CA TYR A 20 6.40 -3.50 2.15
C TYR A 20 5.91 -3.45 3.59
N LEU A 21 4.71 -3.97 3.82
CA LEU A 21 4.10 -3.98 5.15
C LEU A 21 5.04 -4.65 6.16
N ARG A 22 5.73 -5.69 5.73
CA ARG A 22 6.65 -6.41 6.60
C ARG A 22 7.96 -5.65 6.77
N GLU A 23 8.27 -4.79 5.80
CA GLU A 23 9.50 -4.00 5.85
C GLU A 23 9.29 -2.72 6.66
N GLN A 24 8.05 -2.26 6.71
CA GLN A 24 7.72 -1.04 7.44
C GLN A 24 7.38 -1.35 8.89
N ALA A 25 6.63 -2.43 9.10
CA ALA A 25 6.23 -2.84 10.45
C ALA A 25 7.45 -3.01 11.35
N THR A 26 8.54 -3.52 10.78
CA THR A 26 9.77 -3.73 11.53
C THR A 26 10.75 -2.59 11.31
N GLY A 27 10.85 -2.13 10.07
CA GLY A 27 11.76 -1.05 9.75
C GLY A 27 13.17 -1.53 9.48
N SER A 28 13.42 -2.81 9.73
CA SER A 28 14.73 -3.39 9.51
C SER A 28 14.61 -4.83 9.03
N LYS A 29 13.45 -5.17 8.48
CA LYS A 29 13.20 -6.51 7.97
C LYS A 29 13.96 -6.76 6.67
N ASP A 30 13.22 -7.04 5.60
CA ASP A 30 13.82 -7.29 4.29
C ASP A 30 14.77 -6.16 3.90
N SER A 31 16.02 -6.52 3.62
CA SER A 31 17.03 -5.54 3.23
C SER A 31 17.49 -5.76 1.79
N LYS A 32 17.57 -7.03 1.40
CA LYS A 32 18.00 -7.38 0.04
C LYS A 32 16.86 -7.18 -0.95
N PRO A 33 17.19 -6.77 -2.19
CA PRO A 33 16.20 -6.53 -3.24
C PRO A 33 15.34 -7.76 -3.52
N LEU A 34 14.13 -7.53 -4.01
CA LEU A 34 13.21 -8.62 -4.32
C LEU A 34 13.76 -9.48 -5.46
N GLY A 35 13.21 -10.69 -5.62
CA GLY A 35 13.67 -11.58 -6.67
C GLY A 35 12.61 -12.57 -7.09
N GLU A 36 11.37 -12.34 -6.68
CA GLU A 36 10.26 -13.23 -7.04
C GLU A 36 9.07 -12.43 -7.54
N ALA A 37 8.88 -11.23 -6.98
CA ALA A 37 7.78 -10.37 -7.36
C ALA A 37 7.91 -9.91 -8.81
N GLY A 38 9.13 -9.97 -9.33
CA GLY A 38 9.36 -9.56 -10.71
C GLY A 38 9.85 -8.14 -10.80
N ALA A 39 9.27 -7.37 -11.73
CA ALA A 39 9.66 -5.98 -11.93
C ALA A 39 8.94 -5.04 -10.98
N ALA A 40 7.68 -5.35 -10.68
CA ALA A 40 6.89 -4.51 -9.79
C ALA A 40 7.45 -4.47 -8.38
N GLY A 41 7.57 -5.63 -7.76
CA GLY A 41 8.07 -5.69 -6.40
C GLY A 41 9.40 -4.99 -6.20
N ARG A 42 10.37 -5.30 -7.05
CA ARG A 42 11.70 -4.70 -6.95
C ARG A 42 11.63 -3.18 -6.99
N ARG A 43 10.87 -2.65 -7.94
CA ARG A 43 10.75 -1.20 -8.10
C ARG A 43 9.64 -0.60 -7.24
N ALA A 44 8.75 -1.45 -6.74
CA ALA A 44 7.64 -0.98 -5.91
C ALA A 44 8.05 -0.88 -4.45
N LEU A 45 8.57 -1.96 -3.90
CA LEU A 45 8.99 -1.96 -2.50
C LEU A 45 10.04 -0.86 -2.26
N GLU A 46 10.81 -0.53 -3.30
CA GLU A 46 11.83 0.51 -3.17
C GLU A 46 11.20 1.89 -3.37
N THR A 47 10.24 1.97 -4.28
CA THR A 47 9.56 3.22 -4.54
C THR A 47 8.63 3.57 -3.38
N LEU A 48 7.73 2.64 -3.08
CA LEU A 48 6.78 2.81 -1.98
C LEU A 48 7.49 3.12 -0.66
N ARG A 49 8.67 2.54 -0.48
CA ARG A 49 9.44 2.78 0.74
C ARG A 49 9.78 4.26 0.85
N ARG A 50 10.29 4.82 -0.24
CA ARG A 50 10.65 6.23 -0.28
C ARG A 50 9.43 7.13 -0.15
N VAL A 51 8.44 6.92 -1.01
CA VAL A 51 7.22 7.74 -0.99
C VAL A 51 6.52 7.63 0.36
N GLY A 52 6.59 6.47 0.98
CA GLY A 52 5.97 6.29 2.28
C GLY A 52 6.67 7.07 3.36
N ASP A 53 8.00 7.06 3.32
CA ASP A 53 8.78 7.80 4.30
C ASP A 53 8.41 9.26 4.25
N GLY A 54 8.16 9.75 3.04
CA GLY A 54 7.76 11.13 2.87
C GLY A 54 6.31 11.35 3.26
N VAL A 55 5.42 10.51 2.70
CA VAL A 55 3.99 10.60 3.00
C VAL A 55 3.75 10.64 4.51
N GLN A 56 4.43 9.76 5.23
CA GLN A 56 4.29 9.70 6.68
C GLN A 56 4.71 11.02 7.32
N ARG A 57 5.76 11.62 6.79
CA ARG A 57 6.25 12.89 7.32
C ARG A 57 5.36 14.04 6.86
N ASN A 58 4.64 13.82 5.77
CA ASN A 58 3.75 14.81 5.21
C ASN A 58 2.34 14.67 5.77
N HIS A 59 2.05 13.50 6.33
CA HIS A 59 0.74 13.21 6.86
C HIS A 59 0.76 13.02 8.37
N GLU A 60 1.95 13.01 8.96
CA GLU A 60 2.07 12.82 10.40
C GLU A 60 0.89 13.43 11.16
N THR A 61 0.39 14.56 10.67
CA THR A 61 -0.76 15.20 11.28
C THR A 61 -2.03 14.43 10.95
N ALA A 62 -2.20 14.13 9.67
CA ALA A 62 -3.36 13.36 9.20
C ALA A 62 -3.30 11.94 9.73
N PHE A 63 -2.18 11.27 9.50
CA PHE A 63 -1.96 9.90 9.94
C PHE A 63 -2.27 9.75 11.44
N GLN A 64 -1.88 10.77 12.22
CA GLN A 64 -2.11 10.74 13.66
C GLN A 64 -3.60 10.87 13.97
N GLY A 65 -4.27 11.77 13.27
CA GLY A 65 -5.70 11.98 13.49
C GLY A 65 -6.55 10.86 12.92
N MET A 66 -6.06 10.22 11.87
CA MET A 66 -6.79 9.13 11.23
C MET A 66 -6.89 7.92 12.15
N LEU A 67 -5.73 7.42 12.59
CA LEU A 67 -5.68 6.27 13.48
C LEU A 67 -6.32 6.60 14.82
N ARG A 68 -6.20 7.86 15.23
CA ARG A 68 -6.78 8.31 16.50
C ARG A 68 -8.29 8.08 16.49
N LYS A 69 -8.92 8.39 15.36
CA LYS A 69 -10.36 8.22 15.22
C LYS A 69 -10.71 6.73 15.25
N LEU A 70 -9.85 5.91 14.68
CA LEU A 70 -10.06 4.46 14.65
C LEU A 70 -9.60 3.83 15.96
N ASP A 71 -9.73 2.51 16.06
CA ASP A 71 -9.31 1.79 17.26
C ASP A 71 -9.22 0.30 16.99
N ILE A 72 -8.16 -0.09 16.30
CA ILE A 72 -7.94 -1.50 15.97
C ILE A 72 -7.91 -2.37 17.21
N LYS A 73 -8.82 -3.34 17.27
CA LYS A 73 -8.91 -4.25 18.40
C LYS A 73 -8.69 -5.68 17.92
N ASN A 74 -9.20 -5.95 16.71
CA ASN A 74 -9.08 -7.27 16.10
C ASN A 74 -9.07 -7.12 14.58
N GLU A 75 -9.01 -8.25 13.88
CA GLU A 75 -9.01 -8.24 12.42
C GLU A 75 -10.33 -7.66 11.91
N GLY A 76 -11.32 -7.58 12.81
CA GLY A 76 -12.61 -7.05 12.45
C GLY A 76 -12.59 -5.53 12.40
N ASP A 77 -11.66 -4.92 13.13
CA ASP A 77 -11.55 -3.47 13.15
C ASP A 77 -11.12 -2.95 11.79
N VAL A 78 -10.72 -3.88 10.92
CA VAL A 78 -10.30 -3.53 9.57
C VAL A 78 -11.43 -2.80 8.83
N LYS A 79 -12.65 -3.00 9.31
CA LYS A 79 -13.81 -2.36 8.71
C LYS A 79 -13.59 -0.84 8.67
N SER A 80 -12.89 -0.33 9.68
CA SER A 80 -12.58 1.09 9.75
C SER A 80 -11.69 1.48 8.58
N PHE A 81 -10.79 0.58 8.21
CA PHE A 81 -9.89 0.81 7.10
C PHE A 81 -10.71 1.03 5.83
N SER A 82 -11.80 0.27 5.71
CA SER A 82 -12.69 0.40 4.55
C SER A 82 -13.17 1.84 4.42
N ARG A 83 -13.48 2.45 5.56
CA ARG A 83 -13.95 3.84 5.57
C ARG A 83 -12.91 4.75 4.92
N VAL A 84 -11.67 4.66 5.39
CA VAL A 84 -10.59 5.46 4.85
C VAL A 84 -10.24 5.00 3.44
N MET A 85 -10.56 3.75 3.12
CA MET A 85 -10.30 3.22 1.80
C MET A 85 -11.00 4.07 0.76
N VAL A 86 -12.22 4.47 1.07
CA VAL A 86 -13.01 5.29 0.17
C VAL A 86 -12.69 6.77 0.34
N HIS A 87 -12.51 7.19 1.58
CA HIS A 87 -12.21 8.57 1.88
C HIS A 87 -10.91 9.02 1.19
N VAL A 88 -10.04 8.05 0.89
CA VAL A 88 -8.78 8.37 0.23
C VAL A 88 -9.02 8.80 -1.22
N PHE A 89 -9.82 8.01 -1.94
CA PHE A 89 -10.14 8.33 -3.33
C PHE A 89 -11.53 8.97 -3.42
N LYS A 90 -11.84 9.84 -2.47
CA LYS A 90 -13.13 10.52 -2.44
C LYS A 90 -13.18 11.65 -3.46
N ASP A 91 -12.19 12.54 -3.40
CA ASP A 91 -12.12 13.66 -4.32
C ASP A 91 -12.15 13.20 -5.76
N GLY A 92 -12.77 14.00 -6.63
CA GLY A 92 -12.85 13.64 -8.04
C GLY A 92 -11.49 13.48 -8.68
N VAL A 93 -10.49 14.14 -8.11
CA VAL A 93 -9.13 14.07 -8.63
C VAL A 93 -8.51 12.71 -8.35
N THR A 94 -8.41 11.88 -9.40
CA THR A 94 -7.84 10.54 -9.26
C THR A 94 -6.43 10.50 -9.85
N ASN A 95 -5.47 10.11 -9.00
CA ASN A 95 -4.08 10.02 -9.43
C ASN A 95 -3.31 9.02 -8.57
N TRP A 96 -2.12 8.65 -9.03
CA TRP A 96 -1.28 7.71 -8.31
C TRP A 96 -0.98 8.23 -6.92
N GLY A 97 -0.92 9.55 -6.78
CA GLY A 97 -0.66 10.15 -5.49
C GLY A 97 -1.72 9.75 -4.47
N ARG A 98 -2.97 9.71 -4.91
CA ARG A 98 -4.08 9.33 -4.05
C ARG A 98 -3.93 7.88 -3.62
N ILE A 99 -3.69 7.01 -4.61
CA ILE A 99 -3.49 5.58 -4.32
C ILE A 99 -2.29 5.40 -3.41
N VAL A 100 -1.34 6.32 -3.49
CA VAL A 100 -0.15 6.26 -2.66
C VAL A 100 -0.52 6.54 -1.20
N THR A 101 -1.51 7.41 -1.00
CA THR A 101 -1.97 7.75 0.34
C THR A 101 -2.64 6.55 0.99
N LEU A 102 -3.43 5.81 0.22
CA LEU A 102 -4.11 4.64 0.75
C LEU A 102 -3.10 3.61 1.22
N ILE A 103 -2.16 3.27 0.34
CA ILE A 103 -1.12 2.32 0.68
C ILE A 103 -0.29 2.86 1.83
N SER A 104 -0.14 4.19 1.86
CA SER A 104 0.63 4.87 2.89
C SER A 104 -0.03 4.77 4.26
N PHE A 105 -1.36 4.92 4.31
CA PHE A 105 -2.07 4.86 5.57
C PHE A 105 -1.96 3.47 6.19
N GLY A 106 -2.42 2.46 5.46
CA GLY A 106 -2.36 1.10 5.96
C GLY A 106 -0.95 0.65 6.27
N ALA A 107 0.01 1.15 5.48
CA ALA A 107 1.40 0.79 5.70
C ALA A 107 1.88 1.33 7.04
N PHE A 108 1.49 2.56 7.33
CA PHE A 108 1.84 3.22 8.58
C PHE A 108 1.04 2.60 9.74
N VAL A 109 -0.19 2.21 9.44
CA VAL A 109 -1.06 1.61 10.44
C VAL A 109 -0.56 0.22 10.80
N ALA A 110 0.05 -0.45 9.83
CA ALA A 110 0.61 -1.78 10.06
C ALA A 110 1.79 -1.68 11.00
N LYS A 111 2.65 -0.69 10.74
CA LYS A 111 3.81 -0.45 11.60
C LYS A 111 3.33 -0.03 12.98
N HIS A 112 2.18 0.63 12.99
CA HIS A 112 1.57 1.09 14.24
C HIS A 112 1.06 -0.12 15.01
N LEU A 113 0.41 -1.02 14.29
CA LEU A 113 -0.13 -2.24 14.86
C LEU A 113 0.99 -3.13 15.40
N LYS A 114 2.15 -3.07 14.76
CA LYS A 114 3.29 -3.88 15.17
C LYS A 114 3.96 -3.28 16.41
N SER A 115 3.83 -1.96 16.57
CA SER A 115 4.41 -1.26 17.71
C SER A 115 3.69 -1.63 19.01
N VAL A 116 2.47 -2.14 18.88
CA VAL A 116 1.67 -2.52 20.03
C VAL A 116 1.67 -4.03 20.23
N ASN A 117 2.40 -4.74 19.35
CA ASN A 117 2.51 -6.20 19.43
C ASN A 117 1.16 -6.86 19.13
N GLN A 118 0.61 -6.57 17.96
CA GLN A 118 -0.67 -7.15 17.55
C GLN A 118 -0.56 -7.71 16.14
N GLU A 119 0.62 -8.21 15.78
CA GLU A 119 0.86 -8.78 14.46
C GLU A 119 -0.24 -9.76 14.09
N SER A 120 -0.96 -10.27 15.08
CA SER A 120 -2.04 -11.21 14.85
C SER A 120 -3.04 -10.65 13.83
N PHE A 121 -3.43 -9.39 14.02
CA PHE A 121 -4.37 -8.74 13.13
C PHE A 121 -3.64 -8.10 11.95
N ILE A 122 -2.32 -8.03 12.05
CA ILE A 122 -1.51 -7.44 11.00
C ILE A 122 -1.56 -8.28 9.73
N GLU A 123 -1.37 -9.59 9.88
CA GLU A 123 -1.39 -10.49 8.73
C GLU A 123 -2.65 -10.26 7.88
N PRO A 124 -3.85 -10.33 8.50
CA PRO A 124 -5.09 -10.11 7.77
C PRO A 124 -5.26 -8.65 7.37
N LEU A 125 -4.52 -7.77 8.03
CA LEU A 125 -4.58 -6.35 7.72
C LEU A 125 -3.94 -6.09 6.37
N ALA A 126 -2.71 -6.54 6.20
CA ALA A 126 -2.01 -6.37 4.94
C ALA A 126 -2.77 -7.04 3.80
N GLU A 127 -3.36 -8.19 4.09
CA GLU A 127 -4.13 -8.92 3.09
C GLU A 127 -5.34 -8.12 2.66
N THR A 128 -5.94 -7.40 3.61
CA THR A 128 -7.12 -6.59 3.32
C THR A 128 -6.73 -5.30 2.60
N ILE A 129 -5.80 -4.54 3.19
CA ILE A 129 -5.33 -3.29 2.61
C ILE A 129 -5.10 -3.44 1.10
N THR A 130 -4.49 -4.54 0.69
CA THR A 130 -4.22 -4.80 -0.72
C THR A 130 -5.50 -5.13 -1.47
N ASP A 131 -6.22 -6.13 -0.97
CA ASP A 131 -7.45 -6.58 -1.58
C ASP A 131 -8.31 -5.40 -2.01
N VAL A 132 -8.62 -4.53 -1.07
CA VAL A 132 -9.43 -3.38 -1.38
C VAL A 132 -8.78 -2.50 -2.42
N LEU A 133 -7.50 -2.19 -2.26
CA LEU A 133 -6.82 -1.32 -3.22
C LEU A 133 -6.92 -1.84 -4.65
N VAL A 134 -6.51 -3.08 -4.90
CA VAL A 134 -6.59 -3.62 -6.25
C VAL A 134 -8.04 -3.86 -6.65
N ARG A 135 -8.87 -4.18 -5.65
CA ARG A 135 -10.30 -4.40 -5.89
C ARG A 135 -11.05 -3.08 -6.03
N THR A 136 -10.50 -2.01 -5.47
CA THR A 136 -11.15 -0.68 -5.51
C THR A 136 -10.83 0.06 -6.81
N LYS A 137 -9.57 0.03 -7.22
CA LYS A 137 -9.16 0.72 -8.44
C LYS A 137 -8.70 -0.26 -9.51
N ARG A 138 -9.43 -1.36 -9.66
CA ARG A 138 -9.08 -2.36 -10.65
C ARG A 138 -9.20 -1.80 -12.07
N ASP A 139 -10.26 -1.03 -12.31
CA ASP A 139 -10.47 -0.43 -13.62
C ASP A 139 -9.25 0.38 -14.03
N TRP A 140 -8.77 1.21 -13.11
CA TRP A 140 -7.59 2.03 -13.36
C TRP A 140 -6.37 1.14 -13.50
N LEU A 141 -6.30 0.13 -12.63
CA LEU A 141 -5.20 -0.82 -12.65
C LEU A 141 -5.13 -1.56 -13.99
N VAL A 142 -6.28 -1.74 -14.63
CA VAL A 142 -6.34 -2.43 -15.91
C VAL A 142 -6.17 -1.44 -17.06
N LYS A 143 -6.60 -0.21 -16.84
CA LYS A 143 -6.50 0.83 -17.87
C LYS A 143 -5.13 1.52 -17.83
N GLN A 144 -4.36 1.26 -16.78
CA GLN A 144 -3.05 1.86 -16.64
C GLN A 144 -2.01 0.84 -16.18
N ARG A 145 -2.13 -0.39 -16.71
CA ARG A 145 -1.21 -1.47 -16.37
C ARG A 145 -0.93 -1.53 -14.87
N GLY A 146 -1.87 -1.02 -14.07
CA GLY A 146 -1.72 -1.03 -12.63
C GLY A 146 -0.29 -0.86 -12.16
N TRP A 147 0.28 -1.93 -11.64
CA TRP A 147 1.64 -1.94 -11.14
C TRP A 147 2.61 -1.18 -12.06
N ASP A 148 2.61 -1.55 -13.34
CA ASP A 148 3.50 -0.89 -14.31
C ASP A 148 3.30 0.62 -14.30
N GLY A 149 2.05 1.06 -14.22
CA GLY A 149 1.77 2.48 -14.19
C GLY A 149 2.38 3.14 -12.98
N PHE A 150 2.10 2.58 -11.81
CA PHE A 150 2.64 3.11 -10.55
C PHE A 150 4.11 3.48 -10.71
N VAL A 151 4.87 2.58 -11.32
CA VAL A 151 6.29 2.80 -11.54
C VAL A 151 6.51 3.72 -12.75
N GLU A 152 5.57 3.69 -13.69
CA GLU A 152 5.67 4.55 -14.88
C GLU A 152 5.55 6.00 -14.44
N PHE A 153 4.82 6.21 -13.36
CA PHE A 153 4.61 7.53 -12.78
C PHE A 153 5.86 7.95 -12.03
N PHE A 154 6.53 6.95 -11.46
CA PHE A 154 7.74 7.17 -10.67
C PHE A 154 8.96 6.60 -11.38
N HIS A 155 8.96 6.67 -12.71
CA HIS A 155 10.08 6.18 -13.50
C HIS A 155 11.11 7.27 -13.74
N VAL A 156 10.86 8.43 -13.16
CA VAL A 156 11.76 9.57 -13.30
C VAL A 156 12.49 9.86 -11.99
N GLN A 157 13.77 9.50 -11.94
CA GLN A 157 14.59 9.72 -10.76
C GLN A 157 15.79 10.61 -11.07
N ASP A 158 16.20 10.60 -12.34
CA ASP A 158 17.34 11.41 -12.77
C ASP A 158 16.89 12.55 -13.67
N LEU A 159 15.59 12.83 -13.66
CA LEU A 159 15.04 13.90 -14.49
C LEU A 159 15.03 15.23 -13.72
N GLU A 160 15.90 16.14 -14.12
CA GLU A 160 16.00 17.46 -13.48
C GLU A 160 14.91 18.39 -14.00
N GLY A 161 14.90 19.62 -13.46
CA GLY A 161 13.91 20.59 -13.88
C GLY A 161 13.74 21.71 -12.87
N GLY A 162 13.97 21.40 -11.60
CA GLY A 162 13.83 22.40 -10.56
C GLY A 162 15.08 22.53 -9.71
N GLY A 1 -9.10 -4.70 -23.81
CA GLY A 1 -10.26 -5.52 -23.35
C GLY A 1 -10.24 -5.79 -21.86
N PRO A 2 -11.42 -5.81 -21.21
CA PRO A 2 -11.52 -6.05 -19.76
C PRO A 2 -11.20 -7.50 -19.40
N LEU A 3 -10.88 -7.73 -18.14
CA LEU A 3 -10.57 -9.08 -17.65
C LEU A 3 -11.78 -9.72 -17.00
N GLY A 4 -11.65 -11.00 -16.66
CA GLY A 4 -12.75 -11.71 -16.04
C GLY A 4 -12.61 -11.76 -14.52
N SER A 5 -12.61 -12.96 -13.97
CA SER A 5 -12.49 -13.15 -12.52
C SER A 5 -11.06 -13.52 -12.14
N GLU A 6 -10.23 -13.80 -13.15
CA GLU A 6 -8.84 -14.17 -12.92
C GLU A 6 -7.95 -12.93 -12.92
N ASP A 7 -7.59 -12.47 -11.72
CA ASP A 7 -6.73 -11.30 -11.58
C ASP A 7 -5.28 -11.71 -11.40
N ASP A 8 -4.45 -11.35 -12.39
CA ASP A 8 -3.02 -11.68 -12.34
C ASP A 8 -2.25 -10.64 -11.54
N LEU A 9 -2.77 -9.41 -11.52
CA LEU A 9 -2.11 -8.33 -10.79
C LEU A 9 -2.12 -8.59 -9.29
N TYR A 10 -3.31 -8.86 -8.75
CA TYR A 10 -3.49 -9.11 -7.32
C TYR A 10 -2.37 -9.98 -6.76
N ARG A 11 -1.79 -10.84 -7.60
CA ARG A 11 -0.72 -11.73 -7.17
C ARG A 11 0.49 -10.94 -6.68
N GLN A 12 0.97 -9.98 -7.48
CA GLN A 12 2.12 -9.19 -7.07
C GLN A 12 1.71 -8.03 -6.19
N SER A 13 0.48 -7.52 -6.36
CA SER A 13 0.01 -6.44 -5.52
C SER A 13 0.05 -6.90 -4.07
N LEU A 14 -0.12 -8.22 -3.92
CA LEU A 14 -0.10 -8.89 -2.63
C LEU A 14 1.32 -9.26 -2.22
N GLU A 15 2.02 -9.98 -3.10
CA GLU A 15 3.39 -10.39 -2.83
C GLU A 15 4.25 -9.19 -2.49
N ILE A 16 3.98 -8.09 -3.15
CA ILE A 16 4.72 -6.85 -2.93
C ILE A 16 4.27 -6.18 -1.64
N ILE A 17 2.96 -6.06 -1.46
CA ILE A 17 2.43 -5.45 -0.25
C ILE A 17 2.98 -6.17 0.97
N SER A 18 2.96 -7.50 0.92
CA SER A 18 3.46 -8.30 2.02
C SER A 18 4.96 -8.05 2.21
N ARG A 19 5.66 -7.87 1.10
CA ARG A 19 7.09 -7.60 1.12
C ARG A 19 7.37 -6.26 1.78
N TYR A 20 6.67 -5.23 1.31
CA TYR A 20 6.82 -3.87 1.85
C TYR A 20 6.38 -3.81 3.31
N LEU A 21 5.16 -4.27 3.57
CA LEU A 21 4.59 -4.26 4.91
C LEU A 21 5.51 -4.96 5.91
N ARG A 22 6.04 -6.11 5.53
CA ARG A 22 6.92 -6.86 6.41
C ARG A 22 8.26 -6.13 6.58
N GLU A 23 8.60 -5.33 5.58
CA GLU A 23 9.85 -4.56 5.61
C GLU A 23 9.69 -3.29 6.45
N GLN A 24 8.46 -2.79 6.53
CA GLN A 24 8.18 -1.59 7.31
C GLN A 24 7.94 -1.92 8.77
N ALA A 25 7.11 -2.93 9.01
CA ALA A 25 6.79 -3.36 10.38
C ALA A 25 8.05 -3.58 11.20
N THR A 26 9.12 -4.03 10.55
CA THR A 26 10.38 -4.27 11.23
C THR A 26 11.40 -3.18 10.93
N GLY A 27 11.45 -2.76 9.67
CA GLY A 27 12.37 -1.71 9.27
C GLY A 27 13.73 -2.25 8.90
N SER A 28 13.91 -3.56 9.03
CA SER A 28 15.18 -4.20 8.70
C SER A 28 14.97 -5.63 8.23
N LYS A 29 13.81 -5.89 7.64
CA LYS A 29 13.47 -7.23 7.15
C LYS A 29 14.28 -7.57 5.90
N ASP A 30 13.61 -7.91 4.81
CA ASP A 30 14.27 -8.25 3.56
C ASP A 30 14.72 -7.02 2.80
N SER A 31 15.92 -7.10 2.22
CA SER A 31 16.48 -5.99 1.45
C SER A 31 16.80 -6.43 0.03
N LYS A 32 16.82 -7.75 -0.17
CA LYS A 32 17.11 -8.32 -1.49
C LYS A 32 15.91 -8.19 -2.42
N PRO A 33 16.14 -8.28 -3.74
CA PRO A 33 15.08 -8.17 -4.75
C PRO A 33 13.82 -8.92 -4.36
N LEU A 34 12.69 -8.49 -4.92
CA LEU A 34 11.39 -9.11 -4.62
C LEU A 34 11.34 -10.56 -5.09
N GLY A 35 10.12 -11.07 -5.29
CA GLY A 35 9.96 -12.44 -5.71
C GLY A 35 9.53 -12.61 -7.16
N GLU A 36 8.35 -13.18 -7.37
CA GLU A 36 7.83 -13.42 -8.72
C GLU A 36 7.01 -12.24 -9.24
N ALA A 37 6.84 -11.21 -8.42
CA ALA A 37 6.07 -10.04 -8.82
C ALA A 37 6.53 -9.54 -10.19
N GLY A 38 7.83 -9.61 -10.42
CA GLY A 38 8.40 -9.17 -11.68
C GLY A 38 9.20 -7.90 -11.55
N ALA A 39 8.99 -6.96 -12.46
CA ALA A 39 9.70 -5.70 -12.43
C ALA A 39 9.03 -4.70 -11.49
N ALA A 40 7.73 -4.88 -11.28
CA ALA A 40 6.97 -4.00 -10.40
C ALA A 40 7.52 -4.01 -8.99
N GLY A 41 7.50 -5.18 -8.36
CA GLY A 41 7.98 -5.30 -7.00
C GLY A 41 9.38 -4.78 -6.80
N ARG A 42 10.30 -5.23 -7.65
CA ARG A 42 11.69 -4.79 -7.55
C ARG A 42 11.76 -3.28 -7.39
N ARG A 43 11.03 -2.57 -8.25
CA ARG A 43 11.00 -1.12 -8.22
C ARG A 43 9.92 -0.59 -7.28
N ALA A 44 8.98 -1.45 -6.91
CA ALA A 44 7.88 -1.07 -6.04
C ALA A 44 8.31 -0.94 -4.58
N LEU A 45 8.91 -1.99 -4.04
CA LEU A 45 9.33 -1.97 -2.65
C LEU A 45 10.29 -0.81 -2.38
N GLU A 46 11.07 -0.45 -3.39
CA GLU A 46 12.03 0.65 -3.26
C GLU A 46 11.33 1.99 -3.44
N THR A 47 10.57 2.12 -4.53
CA THR A 47 9.85 3.34 -4.82
C THR A 47 8.87 3.67 -3.69
N LEU A 48 8.23 2.63 -3.18
CA LEU A 48 7.27 2.77 -2.08
C LEU A 48 7.98 3.10 -0.78
N ARG A 49 9.18 2.56 -0.59
CA ARG A 49 9.94 2.83 0.61
C ARG A 49 10.32 4.29 0.69
N ARG A 50 10.63 4.87 -0.46
CA ARG A 50 11.01 6.28 -0.53
C ARG A 50 9.77 7.18 -0.45
N VAL A 51 8.80 6.92 -1.32
CA VAL A 51 7.57 7.71 -1.33
C VAL A 51 6.82 7.55 -0.02
N GLY A 52 6.88 6.34 0.55
CA GLY A 52 6.21 6.10 1.82
C GLY A 52 6.84 6.87 2.95
N ASP A 53 8.17 6.87 3.00
CA ASP A 53 8.90 7.58 4.03
C ASP A 53 8.49 9.06 4.02
N GLY A 54 8.25 9.57 2.82
CA GLY A 54 7.83 10.95 2.68
C GLY A 54 6.37 11.11 3.04
N VAL A 55 5.53 10.22 2.50
CA VAL A 55 4.10 10.24 2.77
C VAL A 55 3.83 10.33 4.26
N GLN A 56 4.48 9.44 5.01
CA GLN A 56 4.33 9.41 6.45
C GLN A 56 4.71 10.75 7.08
N ARG A 57 5.76 11.36 6.54
CA ARG A 57 6.22 12.65 7.04
C ARG A 57 5.33 13.78 6.54
N ASN A 58 4.62 13.52 5.45
CA ASN A 58 3.73 14.50 4.86
C ASN A 58 2.30 14.34 5.39
N HIS A 59 2.03 13.18 5.98
CA HIS A 59 0.71 12.88 6.48
C HIS A 59 0.71 12.73 7.99
N GLU A 60 1.88 12.77 8.61
CA GLU A 60 1.98 12.62 10.06
C GLU A 60 0.77 13.24 10.77
N THR A 61 0.28 14.36 10.24
CA THR A 61 -0.90 15.01 10.81
C THR A 61 -2.15 14.22 10.48
N ALA A 62 -2.29 13.86 9.20
CA ALA A 62 -3.43 13.07 8.74
C ALA A 62 -3.37 11.66 9.32
N PHE A 63 -2.24 10.99 9.10
CA PHE A 63 -2.01 9.64 9.61
C PHE A 63 -2.36 9.54 11.09
N GLN A 64 -2.01 10.57 11.84
CA GLN A 64 -2.28 10.60 13.28
C GLN A 64 -3.77 10.71 13.55
N GLY A 65 -4.45 11.53 12.76
CA GLY A 65 -5.88 11.73 12.93
C GLY A 65 -6.71 10.57 12.38
N MET A 66 -6.18 9.90 11.35
CA MET A 66 -6.90 8.79 10.74
C MET A 66 -6.95 7.60 11.67
N LEU A 67 -5.78 7.15 12.12
CA LEU A 67 -5.69 6.00 13.03
C LEU A 67 -6.35 6.33 14.37
N ARG A 68 -6.18 7.56 14.84
CA ARG A 68 -6.77 7.98 16.10
C ARG A 68 -8.28 7.79 16.06
N LYS A 69 -8.88 8.12 14.93
CA LYS A 69 -10.32 7.98 14.75
C LYS A 69 -10.71 6.51 14.86
N LEU A 70 -9.81 5.62 14.45
CA LEU A 70 -10.06 4.20 14.50
C LEU A 70 -9.70 3.64 15.87
N ASP A 71 -9.75 2.31 16.00
CA ASP A 71 -9.42 1.65 17.26
C ASP A 71 -9.25 0.15 17.06
N ILE A 72 -8.25 -0.21 16.26
CA ILE A 72 -7.97 -1.61 15.96
C ILE A 72 -7.87 -2.43 17.24
N LYS A 73 -8.74 -3.41 17.39
CA LYS A 73 -8.76 -4.27 18.56
C LYS A 73 -8.72 -5.73 18.14
N ASN A 74 -9.33 -6.02 17.00
CA ASN A 74 -9.38 -7.36 16.44
C ASN A 74 -9.46 -7.30 14.92
N GLU A 75 -9.63 -8.46 14.30
CA GLU A 75 -9.74 -8.53 12.84
C GLU A 75 -11.05 -7.89 12.38
N GLY A 76 -11.90 -7.55 13.35
CA GLY A 76 -13.17 -6.94 13.04
C GLY A 76 -13.07 -5.43 12.88
N ASP A 77 -12.01 -4.85 13.44
CA ASP A 77 -11.79 -3.40 13.35
C ASP A 77 -11.33 -3.02 11.95
N VAL A 78 -11.07 -4.04 11.13
CA VAL A 78 -10.64 -3.82 9.76
C VAL A 78 -11.69 -3.03 8.98
N LYS A 79 -12.92 -3.08 9.46
CA LYS A 79 -14.02 -2.36 8.82
C LYS A 79 -13.66 -0.87 8.70
N SER A 80 -12.88 -0.40 9.66
CA SER A 80 -12.44 0.99 9.66
C SER A 80 -11.53 1.24 8.47
N PHE A 81 -10.66 0.26 8.18
CA PHE A 81 -9.75 0.35 7.06
C PHE A 81 -10.53 0.55 5.77
N SER A 82 -11.71 -0.07 5.71
CA SER A 82 -12.57 0.07 4.53
C SER A 82 -12.98 1.53 4.37
N ARG A 83 -13.25 2.18 5.49
CA ARG A 83 -13.64 3.59 5.48
C ARG A 83 -12.51 4.43 4.88
N VAL A 84 -11.32 4.34 5.48
CA VAL A 84 -10.16 5.06 4.99
C VAL A 84 -9.86 4.70 3.55
N MET A 85 -10.28 3.50 3.14
CA MET A 85 -10.09 3.09 1.76
C MET A 85 -10.84 4.08 0.87
N VAL A 86 -12.04 4.43 1.31
CA VAL A 86 -12.86 5.40 0.60
C VAL A 86 -12.35 6.82 0.86
N HIS A 87 -11.71 7.00 2.02
CA HIS A 87 -11.14 8.30 2.40
C HIS A 87 -10.20 8.79 1.33
N VAL A 88 -9.19 7.98 1.07
CA VAL A 88 -8.17 8.28 0.09
C VAL A 88 -8.77 8.47 -1.30
N PHE A 89 -9.85 7.76 -1.59
CA PHE A 89 -10.51 7.87 -2.88
C PHE A 89 -11.78 8.71 -2.76
N LYS A 90 -11.73 9.76 -1.95
CA LYS A 90 -12.87 10.64 -1.75
C LYS A 90 -12.87 11.79 -2.76
N ASP A 91 -11.74 12.49 -2.85
CA ASP A 91 -11.62 13.61 -3.77
C ASP A 91 -11.80 13.15 -5.21
N GLY A 92 -12.37 14.02 -6.04
CA GLY A 92 -12.59 13.68 -7.43
C GLY A 92 -11.29 13.51 -8.20
N VAL A 93 -10.19 13.90 -7.59
CA VAL A 93 -8.88 13.79 -8.22
C VAL A 93 -8.28 12.41 -8.01
N THR A 94 -8.30 11.60 -9.07
CA THR A 94 -7.75 10.25 -9.01
C THR A 94 -6.36 10.20 -9.62
N ASN A 95 -5.35 10.08 -8.77
CA ASN A 95 -3.96 10.02 -9.22
C ASN A 95 -3.17 8.97 -8.44
N TRP A 96 -2.03 8.57 -9.00
CA TRP A 96 -1.18 7.58 -8.35
C TRP A 96 -0.81 8.02 -6.95
N GLY A 97 -0.64 9.32 -6.77
CA GLY A 97 -0.31 9.85 -5.46
C GLY A 97 -1.36 9.49 -4.43
N ARG A 98 -2.62 9.48 -4.85
CA ARG A 98 -3.71 9.13 -3.96
C ARG A 98 -3.62 7.67 -3.56
N ILE A 99 -3.47 6.79 -4.56
CA ILE A 99 -3.33 5.37 -4.29
C ILE A 99 -2.11 5.11 -3.44
N VAL A 100 -1.11 5.97 -3.55
CA VAL A 100 0.10 5.86 -2.76
C VAL A 100 -0.22 6.15 -1.30
N THR A 101 -1.16 7.06 -1.10
CA THR A 101 -1.59 7.45 0.24
C THR A 101 -2.31 6.30 0.93
N LEU A 102 -3.09 5.54 0.17
CA LEU A 102 -3.82 4.41 0.72
C LEU A 102 -2.85 3.33 1.17
N ILE A 103 -1.97 2.92 0.27
CA ILE A 103 -0.97 1.92 0.59
C ILE A 103 -0.10 2.42 1.75
N SER A 104 0.09 3.74 1.77
CA SER A 104 0.88 4.39 2.80
C SER A 104 0.22 4.27 4.17
N PHE A 105 -1.08 4.57 4.23
CA PHE A 105 -1.81 4.52 5.48
C PHE A 105 -1.74 3.13 6.11
N GLY A 106 -2.19 2.11 5.38
CA GLY A 106 -2.16 0.76 5.88
C GLY A 106 -0.78 0.30 6.27
N ALA A 107 0.21 0.70 5.47
CA ALA A 107 1.59 0.33 5.76
C ALA A 107 2.03 0.93 7.09
N PHE A 108 1.62 2.18 7.30
CA PHE A 108 1.93 2.90 8.54
C PHE A 108 1.10 2.35 9.69
N VAL A 109 -0.12 1.92 9.37
CA VAL A 109 -1.01 1.37 10.39
C VAL A 109 -0.49 0.03 10.89
N ALA A 110 0.11 -0.75 10.00
CA ALA A 110 0.67 -2.04 10.37
C ALA A 110 1.86 -1.83 11.29
N LYS A 111 2.70 -0.86 10.94
CA LYS A 111 3.87 -0.53 11.74
C LYS A 111 3.39 -0.02 13.11
N HIS A 112 2.23 0.62 13.10
CA HIS A 112 1.63 1.14 14.31
C HIS A 112 1.15 -0.03 15.17
N LEU A 113 0.42 -0.94 14.53
CA LEU A 113 -0.10 -2.13 15.19
C LEU A 113 1.04 -3.01 15.71
N LYS A 114 2.17 -2.98 15.00
CA LYS A 114 3.32 -3.78 15.38
C LYS A 114 4.01 -3.18 16.61
N SER A 115 3.92 -1.87 16.74
CA SER A 115 4.53 -1.17 17.86
C SER A 115 3.85 -1.55 19.17
N VAL A 116 2.67 -2.14 19.09
CA VAL A 116 1.92 -2.54 20.27
C VAL A 116 1.88 -4.07 20.41
N ASN A 117 2.58 -4.74 19.50
CA ASN A 117 2.64 -6.21 19.51
C ASN A 117 1.28 -6.83 19.22
N GLN A 118 0.75 -6.55 18.03
CA GLN A 118 -0.53 -7.10 17.63
C GLN A 118 -0.49 -7.55 16.17
N GLU A 119 0.69 -8.00 15.74
CA GLU A 119 0.89 -8.47 14.37
C GLU A 119 -0.21 -9.45 13.97
N SER A 120 -0.86 -10.05 14.97
CA SER A 120 -1.94 -11.01 14.72
C SER A 120 -3.00 -10.39 13.80
N PHE A 121 -3.40 -9.16 14.11
CA PHE A 121 -4.40 -8.46 13.31
C PHE A 121 -3.75 -7.78 12.12
N ILE A 122 -2.42 -7.68 12.16
CA ILE A 122 -1.67 -7.04 11.10
C ILE A 122 -1.76 -7.85 9.79
N GLU A 123 -1.46 -9.14 9.89
CA GLU A 123 -1.51 -10.02 8.72
C GLU A 123 -2.78 -9.82 7.92
N PRO A 124 -3.97 -9.92 8.56
CA PRO A 124 -5.25 -9.73 7.87
C PRO A 124 -5.51 -8.27 7.52
N LEU A 125 -4.83 -7.36 8.21
CA LEU A 125 -5.00 -5.95 7.95
C LEU A 125 -4.34 -5.55 6.64
N ALA A 126 -3.11 -6.02 6.45
CA ALA A 126 -2.37 -5.73 5.24
C ALA A 126 -2.97 -6.49 4.06
N GLU A 127 -3.54 -7.66 4.36
CA GLU A 127 -4.18 -8.48 3.34
C GLU A 127 -5.47 -7.83 2.86
N THR A 128 -6.10 -7.07 3.76
CA THR A 128 -7.34 -6.39 3.44
C THR A 128 -7.09 -5.09 2.68
N ILE A 129 -6.27 -4.21 3.26
CA ILE A 129 -5.95 -2.94 2.62
C ILE A 129 -5.46 -3.16 1.19
N THR A 130 -4.70 -4.23 0.99
CA THR A 130 -4.18 -4.57 -0.33
C THR A 130 -5.29 -5.07 -1.24
N ASP A 131 -6.04 -6.05 -0.77
CA ASP A 131 -7.13 -6.62 -1.54
C ASP A 131 -8.00 -5.50 -2.11
N VAL A 132 -8.47 -4.63 -1.23
CA VAL A 132 -9.30 -3.52 -1.65
C VAL A 132 -8.50 -2.54 -2.50
N LEU A 133 -7.19 -2.53 -2.34
CA LEU A 133 -6.35 -1.61 -3.12
C LEU A 133 -6.42 -1.95 -4.60
N VAL A 134 -6.10 -3.19 -4.95
CA VAL A 134 -6.15 -3.62 -6.34
C VAL A 134 -7.60 -3.85 -6.77
N ARG A 135 -8.40 -4.38 -5.84
CA ARG A 135 -9.81 -4.66 -6.11
C ARG A 135 -10.64 -3.37 -6.26
N THR A 136 -10.18 -2.27 -5.66
CA THR A 136 -10.94 -1.02 -5.74
C THR A 136 -10.54 -0.23 -6.98
N LYS A 137 -9.24 -0.13 -7.23
CA LYS A 137 -8.76 0.61 -8.40
C LYS A 137 -8.33 -0.35 -9.50
N ARG A 138 -9.07 -1.43 -9.68
CA ARG A 138 -8.78 -2.42 -10.71
C ARG A 138 -8.91 -1.82 -12.10
N ASP A 139 -10.03 -1.14 -12.36
CA ASP A 139 -10.27 -0.51 -13.65
C ASP A 139 -9.07 0.34 -14.06
N TRP A 140 -8.59 1.13 -13.12
CA TRP A 140 -7.44 1.99 -13.33
C TRP A 140 -6.20 1.11 -13.55
N LEU A 141 -6.06 0.11 -12.69
CA LEU A 141 -4.95 -0.82 -12.76
C LEU A 141 -4.90 -1.52 -14.12
N VAL A 142 -6.06 -1.69 -14.73
CA VAL A 142 -6.13 -2.35 -16.04
C VAL A 142 -6.00 -1.33 -17.17
N LYS A 143 -6.44 -0.11 -16.91
CA LYS A 143 -6.36 0.95 -17.91
C LYS A 143 -5.01 1.66 -17.87
N GLN A 144 -4.22 1.39 -16.83
CA GLN A 144 -2.91 2.00 -16.70
C GLN A 144 -1.86 0.98 -16.29
N ARG A 145 -1.95 -0.22 -16.87
CA ARG A 145 -1.01 -1.30 -16.58
C ARG A 145 -0.73 -1.44 -15.09
N GLY A 146 -1.65 -0.96 -14.26
CA GLY A 146 -1.51 -1.06 -12.82
C GLY A 146 -0.07 -0.90 -12.36
N TRP A 147 0.47 -1.97 -11.78
CA TRP A 147 1.83 -1.99 -11.27
C TRP A 147 2.80 -1.21 -12.18
N ASP A 148 2.74 -1.46 -13.48
CA ASP A 148 3.63 -0.77 -14.42
C ASP A 148 3.44 0.74 -14.33
N GLY A 149 2.19 1.20 -14.36
CA GLY A 149 1.92 2.61 -14.26
C GLY A 149 2.47 3.20 -12.97
N PHE A 150 2.18 2.54 -11.86
CA PHE A 150 2.66 2.98 -10.55
C PHE A 150 4.13 3.37 -10.63
N VAL A 151 4.93 2.52 -11.26
CA VAL A 151 6.35 2.78 -11.43
C VAL A 151 6.58 3.80 -12.52
N GLU A 152 5.66 3.85 -13.50
CA GLU A 152 5.77 4.82 -14.58
C GLU A 152 5.69 6.22 -14.01
N PHE A 153 4.99 6.33 -12.88
CA PHE A 153 4.83 7.60 -12.18
C PHE A 153 6.05 7.84 -11.29
N PHE A 154 6.60 6.74 -10.77
CA PHE A 154 7.76 6.80 -9.90
C PHE A 154 8.95 6.07 -10.52
N HIS A 155 9.29 6.46 -11.75
CA HIS A 155 10.41 5.85 -12.45
C HIS A 155 11.73 6.47 -11.99
N VAL A 156 11.66 7.25 -10.93
CA VAL A 156 12.83 7.91 -10.38
C VAL A 156 13.58 6.98 -9.41
N GLN A 157 14.88 6.85 -9.62
CA GLN A 157 15.70 5.99 -8.77
C GLN A 157 16.77 6.81 -8.04
N ASP A 158 17.66 7.42 -8.81
CA ASP A 158 18.73 8.24 -8.24
C ASP A 158 18.64 9.68 -8.71
N LEU A 159 17.47 10.04 -9.23
CA LEU A 159 17.24 11.40 -9.73
C LEU A 159 16.70 12.30 -8.63
N GLU A 160 16.96 13.60 -8.74
CA GLU A 160 16.51 14.56 -7.75
C GLU A 160 16.03 15.85 -8.43
N GLY A 161 14.82 16.28 -8.06
CA GLY A 161 14.28 17.50 -8.64
C GLY A 161 12.96 17.24 -9.36
N GLY A 162 12.73 18.00 -10.43
CA GLY A 162 11.50 17.83 -11.20
C GLY A 162 11.59 18.48 -12.57
N GLY A 1 5.45 -14.71 -21.78
CA GLY A 1 4.72 -14.80 -20.48
C GLY A 1 3.57 -13.82 -20.38
N PRO A 2 2.41 -14.12 -21.01
CA PRO A 2 1.25 -13.24 -20.98
C PRO A 2 0.60 -13.19 -19.60
N LEU A 3 -0.19 -12.15 -19.37
CA LEU A 3 -0.88 -11.97 -18.09
C LEU A 3 -2.37 -12.25 -18.23
N GLY A 4 -3.08 -12.21 -17.10
CA GLY A 4 -4.51 -12.45 -17.12
C GLY A 4 -5.33 -11.17 -17.02
N SER A 5 -6.52 -11.19 -17.59
CA SER A 5 -7.41 -10.02 -17.55
C SER A 5 -8.46 -10.17 -16.47
N GLU A 6 -8.35 -11.22 -15.67
CA GLU A 6 -9.30 -11.47 -14.58
C GLU A 6 -8.85 -10.78 -13.30
N ASP A 7 -7.87 -11.38 -12.63
CA ASP A 7 -7.35 -10.82 -11.37
C ASP A 7 -5.97 -11.39 -11.07
N ASP A 8 -5.05 -11.24 -12.02
CA ASP A 8 -3.69 -11.74 -11.85
C ASP A 8 -2.82 -10.72 -11.12
N LEU A 9 -3.23 -9.45 -11.18
CA LEU A 9 -2.48 -8.38 -10.54
C LEU A 9 -2.51 -8.54 -9.02
N TYR A 10 -3.72 -8.71 -8.46
CA TYR A 10 -3.89 -8.86 -7.01
C TYR A 10 -2.78 -9.72 -6.40
N ARG A 11 -2.41 -10.79 -7.11
CA ARG A 11 -1.36 -11.68 -6.62
C ARG A 11 -0.08 -10.89 -6.35
N GLN A 12 0.30 -10.04 -7.28
CA GLN A 12 1.49 -9.22 -7.15
C GLN A 12 1.25 -8.05 -6.18
N SER A 13 0.14 -7.34 -6.38
CA SER A 13 -0.21 -6.22 -5.51
C SER A 13 -0.06 -6.62 -4.05
N LEU A 14 -0.29 -7.91 -3.80
CA LEU A 14 -0.18 -8.49 -2.47
C LEU A 14 1.26 -8.90 -2.17
N GLU A 15 1.93 -9.48 -3.16
CA GLU A 15 3.30 -9.92 -3.00
C GLU A 15 4.20 -8.75 -2.62
N ILE A 16 3.93 -7.59 -3.20
CA ILE A 16 4.71 -6.38 -2.92
C ILE A 16 4.21 -5.71 -1.66
N ILE A 17 2.90 -5.72 -1.43
CA ILE A 17 2.35 -5.11 -0.25
C ILE A 17 2.86 -5.85 0.98
N SER A 18 2.97 -7.16 0.87
CA SER A 18 3.46 -7.99 1.95
C SER A 18 4.94 -7.69 2.20
N ARG A 19 5.72 -7.71 1.13
CA ARG A 19 7.15 -7.42 1.21
C ARG A 19 7.39 -6.03 1.80
N TYR A 20 6.62 -5.06 1.31
CA TYR A 20 6.73 -3.67 1.76
C TYR A 20 6.34 -3.51 3.23
N LEU A 21 5.13 -3.94 3.56
CA LEU A 21 4.62 -3.82 4.92
C LEU A 21 5.42 -4.65 5.92
N ARG A 22 5.97 -5.79 5.46
CA ARG A 22 6.76 -6.64 6.34
C ARG A 22 8.09 -5.99 6.70
N GLU A 23 8.67 -5.26 5.75
CA GLU A 23 9.93 -4.58 5.97
C GLU A 23 9.73 -3.30 6.77
N GLN A 24 8.54 -2.72 6.67
CA GLN A 24 8.22 -1.50 7.39
C GLN A 24 7.90 -1.77 8.85
N ALA A 25 7.06 -2.78 9.09
CA ALA A 25 6.66 -3.15 10.45
C ALA A 25 7.87 -3.39 11.34
N THR A 26 8.79 -4.22 10.86
CA THR A 26 9.99 -4.55 11.63
C THR A 26 11.09 -3.51 11.42
N GLY A 27 11.23 -3.04 10.19
CA GLY A 27 12.24 -2.04 9.88
C GLY A 27 13.48 -2.65 9.26
N SER A 28 13.68 -3.94 9.48
CA SER A 28 14.84 -4.65 8.94
C SER A 28 14.49 -6.10 8.63
N LYS A 29 13.22 -6.36 8.37
CA LYS A 29 12.74 -7.70 8.06
C LYS A 29 13.24 -8.15 6.69
N ASP A 30 12.35 -8.10 5.70
CA ASP A 30 12.67 -8.50 4.34
C ASP A 30 13.98 -7.86 3.86
N SER A 31 14.85 -8.68 3.29
CA SER A 31 16.13 -8.20 2.78
C SER A 31 16.39 -8.73 1.37
N LYS A 32 15.95 -9.96 1.12
CA LYS A 32 16.12 -10.59 -0.18
C LYS A 32 15.23 -9.92 -1.22
N PRO A 33 15.59 -10.05 -2.51
CA PRO A 33 14.84 -9.44 -3.62
C PRO A 33 13.37 -9.87 -3.60
N LEU A 34 12.59 -9.29 -4.51
CA LEU A 34 11.17 -9.61 -4.61
C LEU A 34 10.95 -11.02 -5.14
N GLY A 35 12.04 -11.72 -5.43
CA GLY A 35 11.94 -13.08 -5.93
C GLY A 35 11.38 -13.15 -7.34
N GLU A 36 10.31 -13.91 -7.52
CA GLU A 36 9.69 -14.06 -8.83
C GLU A 36 8.49 -13.13 -8.98
N ALA A 37 8.31 -12.25 -8.01
CA ALA A 37 7.20 -11.29 -8.05
C ALA A 37 7.17 -10.53 -9.37
N GLY A 38 8.35 -10.08 -9.81
CA GLY A 38 8.43 -9.35 -11.05
C GLY A 38 9.23 -8.06 -10.92
N ALA A 39 9.08 -7.18 -11.90
CA ALA A 39 9.79 -5.91 -11.90
C ALA A 39 9.06 -4.87 -11.07
N ALA A 40 7.76 -5.08 -10.86
CA ALA A 40 6.95 -4.13 -10.08
C ALA A 40 7.40 -4.08 -8.64
N GLY A 41 7.80 -5.22 -8.08
CA GLY A 41 8.22 -5.25 -6.71
C GLY A 41 9.60 -4.67 -6.48
N ARG A 42 10.57 -5.13 -7.26
CA ARG A 42 11.93 -4.64 -7.14
C ARG A 42 11.95 -3.12 -7.26
N ARG A 43 11.07 -2.59 -8.11
CA ARG A 43 10.99 -1.15 -8.33
C ARG A 43 10.05 -0.46 -7.33
N ALA A 44 8.89 -1.06 -7.07
CA ALA A 44 7.93 -0.48 -6.15
C ALA A 44 8.45 -0.45 -4.73
N LEU A 45 8.87 -1.60 -4.22
CA LEU A 45 9.37 -1.65 -2.85
C LEU A 45 10.41 -0.56 -2.62
N GLU A 46 11.12 -0.17 -3.67
CA GLU A 46 12.13 0.89 -3.57
C GLU A 46 11.48 2.24 -3.73
N THR A 47 10.41 2.30 -4.51
CA THR A 47 9.69 3.55 -4.72
C THR A 47 8.75 3.81 -3.54
N LEU A 48 7.84 2.87 -3.29
CA LEU A 48 6.90 2.97 -2.20
C LEU A 48 7.59 3.27 -0.88
N ARG A 49 8.80 2.74 -0.71
CA ARG A 49 9.57 2.99 0.50
C ARG A 49 9.88 4.47 0.62
N ARG A 50 10.42 5.04 -0.44
CA ARG A 50 10.76 6.46 -0.47
C ARG A 50 9.50 7.33 -0.36
N VAL A 51 8.55 7.12 -1.27
CA VAL A 51 7.31 7.90 -1.24
C VAL A 51 6.62 7.79 0.11
N GLY A 52 6.63 6.59 0.68
CA GLY A 52 6.00 6.40 1.97
C GLY A 52 6.64 7.25 3.04
N ASP A 53 7.96 7.38 2.97
CA ASP A 53 8.70 8.19 3.92
C ASP A 53 8.20 9.63 3.87
N GLY A 54 7.93 10.10 2.66
CA GLY A 54 7.42 11.44 2.49
C GLY A 54 5.95 11.54 2.84
N VAL A 55 5.17 10.57 2.36
CA VAL A 55 3.74 10.53 2.63
C VAL A 55 3.46 10.64 4.13
N GLN A 56 4.24 9.91 4.91
CA GLN A 56 4.09 9.93 6.35
C GLN A 56 4.50 11.28 6.92
N ARG A 57 5.58 11.84 6.40
CA ARG A 57 6.05 13.14 6.85
C ARG A 57 5.07 14.23 6.43
N ASN A 58 4.27 13.91 5.41
CA ASN A 58 3.27 14.82 4.89
C ASN A 58 1.96 14.60 5.62
N HIS A 59 1.74 13.38 6.06
CA HIS A 59 0.53 13.01 6.74
C HIS A 59 0.82 12.49 8.14
N GLU A 60 1.78 13.05 8.84
CA GLU A 60 2.08 12.56 10.19
C GLU A 60 0.93 12.89 11.13
N THR A 61 0.30 14.04 10.90
CA THR A 61 -0.83 14.46 11.70
C THR A 61 -2.09 13.77 11.23
N ALA A 62 -2.25 13.68 9.91
CA ALA A 62 -3.40 13.02 9.32
C ALA A 62 -3.36 11.53 9.63
N PHE A 63 -2.19 10.92 9.38
CA PHE A 63 -1.97 9.50 9.63
C PHE A 63 -2.31 9.14 11.07
N GLN A 64 -1.74 9.89 12.01
CA GLN A 64 -1.96 9.66 13.42
C GLN A 64 -3.44 9.70 13.76
N GLY A 65 -4.08 10.81 13.42
CA GLY A 65 -5.49 10.97 13.69
C GLY A 65 -6.37 10.01 12.90
N MET A 66 -5.89 9.61 11.73
CA MET A 66 -6.66 8.71 10.87
C MET A 66 -6.99 7.38 11.54
N LEU A 67 -5.96 6.65 12.00
CA LEU A 67 -6.22 5.36 12.64
C LEU A 67 -6.37 5.49 14.15
N ARG A 68 -5.75 6.51 14.75
CA ARG A 68 -5.86 6.71 16.20
C ARG A 68 -7.32 6.98 16.56
N LYS A 69 -8.00 7.75 15.71
CA LYS A 69 -9.40 8.07 15.94
C LYS A 69 -10.22 6.78 15.95
N LEU A 70 -9.77 5.80 15.18
CA LEU A 70 -10.45 4.52 15.11
C LEU A 70 -10.16 3.71 16.38
N ASP A 71 -10.22 2.39 16.28
CA ASP A 71 -9.96 1.54 17.44
C ASP A 71 -9.78 0.08 17.05
N ILE A 72 -8.63 -0.22 16.48
CA ILE A 72 -8.32 -1.59 16.06
C ILE A 72 -8.29 -2.52 17.27
N LYS A 73 -9.24 -3.43 17.33
CA LYS A 73 -9.33 -4.37 18.45
C LYS A 73 -9.22 -5.80 17.92
N ASN A 74 -9.80 -6.02 16.76
CA ASN A 74 -9.80 -7.33 16.12
C ASN A 74 -9.85 -7.17 14.61
N GLU A 75 -10.00 -8.28 13.91
CA GLU A 75 -10.08 -8.27 12.46
C GLU A 75 -11.38 -7.61 12.01
N GLY A 76 -12.22 -7.28 12.96
CA GLY A 76 -13.49 -6.63 12.67
C GLY A 76 -13.37 -5.13 12.52
N ASP A 77 -12.31 -4.56 13.11
CA ASP A 77 -12.10 -3.12 13.02
C ASP A 77 -11.65 -2.73 11.62
N VAL A 78 -11.37 -3.73 10.80
CA VAL A 78 -10.93 -3.50 9.44
C VAL A 78 -12.01 -2.73 8.66
N LYS A 79 -13.25 -2.86 9.11
CA LYS A 79 -14.36 -2.16 8.48
C LYS A 79 -14.10 -0.67 8.46
N SER A 80 -13.38 -0.20 9.49
CA SER A 80 -13.03 1.20 9.59
C SER A 80 -12.05 1.58 8.49
N PHE A 81 -11.14 0.65 8.18
CA PHE A 81 -10.16 0.88 7.13
C PHE A 81 -10.86 1.03 5.79
N SER A 82 -12.03 0.40 5.67
CA SER A 82 -12.82 0.50 4.45
C SER A 82 -13.27 1.94 4.22
N ARG A 83 -13.67 2.59 5.31
CA ARG A 83 -14.11 3.98 5.25
C ARG A 83 -12.98 4.87 4.74
N VAL A 84 -11.78 4.65 5.27
CA VAL A 84 -10.62 5.42 4.85
C VAL A 84 -10.10 4.90 3.51
N MET A 85 -10.61 3.75 3.09
CA MET A 85 -10.22 3.18 1.82
C MET A 85 -10.88 3.94 0.68
N VAL A 86 -12.08 4.43 0.95
CA VAL A 86 -12.82 5.20 -0.04
C VAL A 86 -12.62 6.69 0.18
N HIS A 87 -12.37 7.07 1.43
CA HIS A 87 -12.16 8.47 1.78
C HIS A 87 -10.84 8.99 1.21
N VAL A 88 -9.89 8.09 1.01
CA VAL A 88 -8.59 8.49 0.46
C VAL A 88 -8.76 9.13 -0.91
N PHE A 89 -9.68 8.57 -1.70
CA PHE A 89 -9.96 9.10 -3.04
C PHE A 89 -11.22 9.97 -3.00
N LYS A 90 -11.28 10.86 -2.02
CA LYS A 90 -12.42 11.76 -1.84
C LYS A 90 -12.78 12.44 -3.16
N ASP A 91 -11.90 13.33 -3.63
CA ASP A 91 -12.14 14.07 -4.87
C ASP A 91 -12.51 13.11 -6.00
N GLY A 92 -13.33 13.60 -6.93
CA GLY A 92 -13.75 12.78 -8.05
C GLY A 92 -12.58 12.17 -8.80
N VAL A 93 -11.74 13.04 -9.35
CA VAL A 93 -10.56 12.60 -10.10
C VAL A 93 -9.48 12.07 -9.15
N THR A 94 -8.99 10.87 -9.43
CA THR A 94 -7.96 10.26 -8.61
C THR A 94 -6.66 10.10 -9.39
N ASN A 95 -5.55 10.09 -8.66
CA ASN A 95 -4.23 9.93 -9.26
C ASN A 95 -3.39 8.94 -8.48
N TRP A 96 -2.23 8.59 -9.01
CA TRP A 96 -1.34 7.65 -8.35
C TRP A 96 -1.02 8.12 -6.94
N GLY A 97 -0.92 9.44 -6.77
CA GLY A 97 -0.64 9.98 -5.46
C GLY A 97 -1.67 9.59 -4.43
N ARG A 98 -2.94 9.60 -4.84
CA ARG A 98 -4.04 9.24 -3.95
C ARG A 98 -3.91 7.77 -3.55
N ILE A 99 -3.73 6.90 -4.54
CA ILE A 99 -3.57 5.48 -4.28
C ILE A 99 -2.34 5.23 -3.42
N VAL A 100 -1.35 6.12 -3.55
CA VAL A 100 -0.13 6.02 -2.78
C VAL A 100 -0.39 6.39 -1.33
N THR A 101 -1.37 7.28 -1.12
CA THR A 101 -1.73 7.71 0.22
C THR A 101 -2.45 6.60 0.96
N LEU A 102 -3.19 5.79 0.21
CA LEU A 102 -3.92 4.66 0.79
C LEU A 102 -2.94 3.59 1.23
N ILE A 103 -2.08 3.16 0.31
CA ILE A 103 -1.08 2.15 0.62
C ILE A 103 -0.20 2.64 1.76
N SER A 104 0.01 3.96 1.79
CA SER A 104 0.83 4.60 2.82
C SER A 104 0.15 4.55 4.18
N PHE A 105 -1.14 4.87 4.21
CA PHE A 105 -1.89 4.88 5.47
C PHE A 105 -1.86 3.50 6.14
N GLY A 106 -2.33 2.49 5.44
CA GLY A 106 -2.36 1.14 5.99
C GLY A 106 -0.98 0.63 6.35
N ALA A 107 0.00 0.94 5.52
CA ALA A 107 1.37 0.50 5.78
C ALA A 107 1.85 1.10 7.10
N PHE A 108 1.49 2.37 7.31
CA PHE A 108 1.85 3.08 8.52
C PHE A 108 1.09 2.52 9.71
N VAL A 109 -0.18 2.19 9.48
CA VAL A 109 -1.03 1.61 10.51
C VAL A 109 -0.50 0.25 10.92
N ALA A 110 0.11 -0.46 9.97
CA ALA A 110 0.68 -1.77 10.25
C ALA A 110 1.83 -1.62 11.23
N LYS A 111 2.73 -0.70 10.93
CA LYS A 111 3.86 -0.43 11.81
C LYS A 111 3.36 0.06 13.15
N HIS A 112 2.23 0.77 13.11
CA HIS A 112 1.60 1.29 14.32
C HIS A 112 1.04 0.12 15.13
N LEU A 113 0.44 -0.82 14.42
CA LEU A 113 -0.14 -2.01 15.03
C LEU A 113 0.95 -2.91 15.61
N LYS A 114 2.12 -2.89 14.97
CA LYS A 114 3.24 -3.71 15.42
C LYS A 114 3.85 -3.13 16.69
N SER A 115 3.74 -1.81 16.84
CA SER A 115 4.28 -1.12 18.01
C SER A 115 3.52 -1.51 19.27
N VAL A 116 2.32 -2.03 19.10
CA VAL A 116 1.49 -2.44 20.23
C VAL A 116 1.46 -3.97 20.37
N ASN A 117 2.20 -4.65 19.50
CA ASN A 117 2.27 -6.11 19.52
C ASN A 117 0.92 -6.74 19.17
N GLN A 118 0.42 -6.43 17.98
CA GLN A 118 -0.85 -6.98 17.53
C GLN A 118 -0.72 -7.49 16.09
N GLU A 119 0.46 -7.97 15.76
CA GLU A 119 0.74 -8.50 14.42
C GLU A 119 -0.37 -9.46 13.98
N SER A 120 -1.10 -10.01 14.95
CA SER A 120 -2.19 -10.94 14.66
C SER A 120 -3.19 -10.30 13.71
N PHE A 121 -3.57 -9.05 13.99
CA PHE A 121 -4.52 -8.34 13.15
C PHE A 121 -3.81 -7.62 12.02
N ILE A 122 -2.48 -7.59 12.09
CA ILE A 122 -1.67 -6.94 11.06
C ILE A 122 -1.77 -7.69 9.74
N GLU A 123 -1.60 -9.02 9.79
CA GLU A 123 -1.67 -9.84 8.58
C GLU A 123 -2.94 -9.52 7.79
N PRO A 124 -4.12 -9.60 8.42
CA PRO A 124 -5.39 -9.31 7.74
C PRO A 124 -5.57 -7.82 7.49
N LEU A 125 -4.77 -7.01 8.19
CA LEU A 125 -4.83 -5.56 8.03
C LEU A 125 -4.33 -5.14 6.65
N ALA A 126 -3.23 -5.74 6.24
CA ALA A 126 -2.64 -5.44 4.94
C ALA A 126 -3.36 -6.21 3.83
N GLU A 127 -3.70 -7.46 4.11
CA GLU A 127 -4.38 -8.31 3.14
C GLU A 127 -5.71 -7.67 2.72
N THR A 128 -6.32 -6.92 3.63
CA THR A 128 -7.59 -6.27 3.35
C THR A 128 -7.38 -4.95 2.61
N ILE A 129 -6.56 -4.05 3.17
CA ILE A 129 -6.32 -2.77 2.54
C ILE A 129 -5.79 -2.96 1.12
N THR A 130 -4.97 -3.98 0.93
CA THR A 130 -4.42 -4.28 -0.38
C THR A 130 -5.50 -4.83 -1.31
N ASP A 131 -6.26 -5.80 -0.80
CA ASP A 131 -7.34 -6.39 -1.58
C ASP A 131 -8.24 -5.31 -2.14
N VAL A 132 -8.78 -4.47 -1.27
CA VAL A 132 -9.65 -3.40 -1.69
C VAL A 132 -8.91 -2.39 -2.55
N LEU A 133 -7.60 -2.31 -2.39
CA LEU A 133 -6.82 -1.35 -3.18
C LEU A 133 -6.84 -1.73 -4.66
N VAL A 134 -6.46 -2.96 -4.97
CA VAL A 134 -6.46 -3.43 -6.33
C VAL A 134 -7.88 -3.72 -6.79
N ARG A 135 -8.69 -4.22 -5.87
CA ARG A 135 -10.08 -4.55 -6.15
C ARG A 135 -10.94 -3.29 -6.35
N THR A 136 -10.53 -2.17 -5.74
CA THR A 136 -11.29 -0.94 -5.88
C THR A 136 -10.85 -0.15 -7.10
N LYS A 137 -9.55 -0.16 -7.39
CA LYS A 137 -9.03 0.55 -8.55
C LYS A 137 -8.62 -0.42 -9.65
N ARG A 138 -9.40 -1.48 -9.83
CA ARG A 138 -9.12 -2.47 -10.85
C ARG A 138 -9.23 -1.86 -12.25
N ASP A 139 -10.28 -1.06 -12.47
CA ASP A 139 -10.49 -0.41 -13.75
C ASP A 139 -9.26 0.39 -14.15
N TRP A 140 -8.80 1.22 -13.22
CA TRP A 140 -7.61 2.03 -13.43
C TRP A 140 -6.40 1.12 -13.63
N LEU A 141 -6.28 0.14 -12.76
CA LEU A 141 -5.20 -0.82 -12.81
C LEU A 141 -5.16 -1.54 -14.15
N VAL A 142 -6.32 -1.70 -14.79
CA VAL A 142 -6.39 -2.37 -16.08
C VAL A 142 -6.20 -1.37 -17.22
N LYS A 143 -6.62 -0.13 -16.99
CA LYS A 143 -6.50 0.92 -18.00
C LYS A 143 -5.12 1.58 -17.95
N GLN A 144 -4.36 1.28 -16.90
CA GLN A 144 -3.02 1.85 -16.74
C GLN A 144 -2.02 0.78 -16.33
N ARG A 145 -2.16 -0.41 -16.93
CA ARG A 145 -1.27 -1.55 -16.65
C ARG A 145 -0.92 -1.65 -15.17
N GLY A 146 -1.83 -1.13 -14.32
CA GLY A 146 -1.64 -1.18 -12.89
C GLY A 146 -0.20 -1.02 -12.45
N TRP A 147 0.32 -2.06 -11.79
CA TRP A 147 1.68 -2.07 -11.28
C TRP A 147 2.65 -1.33 -12.20
N ASP A 148 2.80 -1.82 -13.43
CA ASP A 148 3.71 -1.21 -14.39
C ASP A 148 3.52 0.30 -14.43
N GLY A 149 2.27 0.74 -14.55
CA GLY A 149 1.99 2.16 -14.58
C GLY A 149 2.52 2.88 -13.36
N PHE A 150 2.19 2.36 -12.18
CA PHE A 150 2.66 2.94 -10.92
C PHE A 150 4.13 3.33 -11.03
N VAL A 151 4.92 2.45 -11.64
CA VAL A 151 6.35 2.71 -11.82
C VAL A 151 6.59 3.67 -12.97
N GLU A 152 5.73 3.62 -14.00
CA GLU A 152 5.88 4.53 -15.13
C GLU A 152 5.72 5.96 -14.63
N PHE A 153 4.85 6.10 -13.65
CA PHE A 153 4.57 7.38 -13.02
C PHE A 153 5.72 7.77 -12.12
N PHE A 154 6.37 6.76 -11.56
CA PHE A 154 7.49 6.96 -10.65
C PHE A 154 8.76 6.32 -11.19
N HIS A 155 9.09 6.63 -12.44
CA HIS A 155 10.28 6.08 -13.07
C HIS A 155 11.53 6.82 -12.59
N VAL A 156 11.36 7.62 -11.54
CA VAL A 156 12.47 8.38 -10.98
C VAL A 156 13.11 7.63 -9.81
N GLN A 157 14.44 7.63 -9.77
CA GLN A 157 15.17 6.96 -8.72
C GLN A 157 15.98 7.95 -7.89
N ASP A 158 16.78 8.76 -8.58
CA ASP A 158 17.61 9.76 -7.91
C ASP A 158 17.26 11.17 -8.38
N LEU A 159 16.09 11.31 -9.01
CA LEU A 159 15.64 12.60 -9.51
C LEU A 159 14.47 13.13 -8.67
N GLU A 160 14.73 14.19 -7.92
CA GLU A 160 13.70 14.80 -7.08
C GLU A 160 12.79 15.70 -7.89
N GLY A 161 11.71 16.16 -7.26
CA GLY A 161 10.77 17.03 -7.95
C GLY A 161 10.49 18.30 -7.18
N GLY A 162 10.57 19.44 -7.87
CA GLY A 162 10.31 20.72 -7.22
C GLY A 162 11.48 21.68 -7.35
N GLY A 1 -15.00 -20.60 -11.29
CA GLY A 1 -16.39 -20.80 -10.79
C GLY A 1 -17.26 -19.57 -11.01
N PRO A 2 -18.28 -19.38 -10.15
CA PRO A 2 -19.18 -18.23 -10.27
C PRO A 2 -18.50 -16.91 -9.91
N LEU A 3 -17.31 -17.01 -9.31
CA LEU A 3 -16.56 -15.83 -8.92
C LEU A 3 -15.53 -15.46 -9.99
N GLY A 4 -15.10 -14.20 -9.96
CA GLY A 4 -14.13 -13.73 -10.94
C GLY A 4 -13.27 -12.60 -10.40
N SER A 5 -12.79 -12.74 -9.18
CA SER A 5 -11.96 -11.73 -8.54
C SER A 5 -10.49 -12.11 -8.62
N GLU A 6 -10.20 -13.19 -9.35
CA GLU A 6 -8.82 -13.66 -9.50
C GLU A 6 -8.14 -12.97 -10.68
N ASP A 7 -7.32 -11.96 -10.37
CA ASP A 7 -6.60 -11.22 -11.41
C ASP A 7 -5.12 -11.52 -11.36
N ASP A 8 -4.40 -11.12 -12.41
CA ASP A 8 -2.96 -11.34 -12.48
C ASP A 8 -2.21 -10.32 -11.64
N LEU A 9 -2.65 -9.07 -11.68
CA LEU A 9 -2.03 -8.00 -10.93
C LEU A 9 -2.08 -8.31 -9.43
N TYR A 10 -3.26 -8.63 -8.94
CA TYR A 10 -3.49 -8.94 -7.52
C TYR A 10 -2.33 -9.73 -6.93
N ARG A 11 -1.79 -10.67 -7.70
CA ARG A 11 -0.68 -11.49 -7.24
C ARG A 11 0.54 -10.63 -6.89
N GLN A 12 0.87 -9.70 -7.78
CA GLN A 12 2.01 -8.82 -7.56
C GLN A 12 1.66 -7.71 -6.56
N SER A 13 0.42 -7.23 -6.61
CA SER A 13 -0.04 -6.18 -5.68
C SER A 13 0.11 -6.67 -4.25
N LEU A 14 -0.05 -7.97 -4.07
CA LEU A 14 0.07 -8.62 -2.77
C LEU A 14 1.52 -8.95 -2.44
N GLU A 15 2.22 -9.55 -3.41
CA GLU A 15 3.61 -9.93 -3.20
C GLU A 15 4.45 -8.72 -2.80
N ILE A 16 4.13 -7.56 -3.37
CA ILE A 16 4.84 -6.33 -3.07
C ILE A 16 4.31 -5.69 -1.79
N ILE A 17 3.00 -5.75 -1.60
CA ILE A 17 2.40 -5.17 -0.41
C ILE A 17 2.94 -5.87 0.84
N SER A 18 3.06 -7.19 0.74
CA SER A 18 3.58 -7.98 1.84
C SER A 18 5.05 -7.65 2.08
N ARG A 19 5.82 -7.64 1.00
CA ARG A 19 7.24 -7.33 1.08
C ARG A 19 7.45 -5.92 1.64
N TYR A 20 6.62 -4.99 1.19
CA TYR A 20 6.70 -3.60 1.63
C TYR A 20 6.31 -3.44 3.09
N LEU A 21 5.10 -3.88 3.43
CA LEU A 21 4.58 -3.77 4.80
C LEU A 21 5.41 -4.57 5.79
N ARG A 22 6.00 -5.68 5.35
CA ARG A 22 6.81 -6.53 6.23
C ARG A 22 8.12 -5.83 6.57
N GLU A 23 8.72 -5.18 5.58
CA GLU A 23 9.98 -4.48 5.78
C GLU A 23 9.78 -3.22 6.63
N GLN A 24 8.56 -2.67 6.58
CA GLN A 24 8.25 -1.47 7.34
C GLN A 24 7.90 -1.79 8.79
N ALA A 25 7.03 -2.80 8.96
CA ALA A 25 6.61 -3.22 10.29
C ALA A 25 7.80 -3.56 11.18
N THR A 26 8.78 -4.26 10.59
CA THR A 26 9.98 -4.65 11.33
C THR A 26 10.94 -3.48 11.46
N GLY A 27 11.05 -2.67 10.41
CA GLY A 27 11.94 -1.53 10.44
C GLY A 27 13.28 -1.81 9.79
N SER A 28 13.39 -2.98 9.18
CA SER A 28 14.63 -3.38 8.51
C SER A 28 14.43 -3.50 7.01
N LYS A 29 15.37 -2.94 6.25
CA LYS A 29 15.30 -2.98 4.79
C LYS A 29 15.99 -4.22 4.25
N ASP A 30 15.53 -4.69 3.09
CA ASP A 30 16.11 -5.87 2.46
C ASP A 30 17.17 -5.48 1.44
N SER A 31 18.15 -6.36 1.22
CA SER A 31 19.22 -6.10 0.27
C SER A 31 19.14 -7.07 -0.91
N LYS A 32 18.37 -8.15 -0.73
CA LYS A 32 18.20 -9.14 -1.78
C LYS A 32 17.02 -8.78 -2.69
N PRO A 33 17.04 -9.27 -3.95
CA PRO A 33 15.97 -8.99 -4.91
C PRO A 33 14.63 -9.56 -4.46
N LEU A 34 13.57 -9.21 -5.18
CA LEU A 34 12.23 -9.69 -4.86
C LEU A 34 11.97 -11.05 -5.49
N GLY A 35 12.99 -11.60 -6.16
CA GLY A 35 12.85 -12.90 -6.79
C GLY A 35 12.32 -12.81 -8.22
N GLU A 36 11.13 -13.35 -8.44
CA GLU A 36 10.52 -13.32 -9.76
C GLU A 36 9.69 -12.05 -9.91
N ALA A 37 9.23 -11.53 -8.78
CA ALA A 37 8.45 -10.31 -8.74
C ALA A 37 9.38 -9.11 -8.60
N GLY A 38 10.65 -9.33 -8.97
CA GLY A 38 11.65 -8.28 -8.87
C GLY A 38 11.42 -7.11 -9.80
N ALA A 39 10.38 -7.17 -10.61
CA ALA A 39 10.10 -6.06 -11.53
C ALA A 39 9.32 -4.96 -10.83
N ALA A 40 8.11 -5.30 -10.39
CA ALA A 40 7.27 -4.35 -9.69
C ALA A 40 7.65 -4.26 -8.22
N GLY A 41 8.20 -5.34 -7.70
CA GLY A 41 8.60 -5.36 -6.31
C GLY A 41 9.87 -4.58 -6.07
N ARG A 42 10.89 -4.85 -6.85
CA ARG A 42 12.16 -4.15 -6.70
C ARG A 42 11.99 -2.68 -7.04
N ARG A 43 11.10 -2.37 -7.99
CA ARG A 43 10.88 -0.99 -8.39
C ARG A 43 9.85 -0.30 -7.49
N ALA A 44 8.86 -1.03 -7.00
CA ALA A 44 7.85 -0.44 -6.13
C ALA A 44 8.36 -0.37 -4.70
N LEU A 45 8.80 -1.51 -4.16
CA LEU A 45 9.29 -1.52 -2.80
C LEU A 45 10.35 -0.43 -2.61
N GLU A 46 11.06 -0.07 -3.68
CA GLU A 46 12.07 0.97 -3.61
C GLU A 46 11.43 2.34 -3.78
N THR A 47 10.35 2.39 -4.55
CA THR A 47 9.64 3.64 -4.78
C THR A 47 8.73 3.94 -3.59
N LEU A 48 7.83 3.00 -3.31
CA LEU A 48 6.89 3.12 -2.20
C LEU A 48 7.62 3.41 -0.90
N ARG A 49 8.81 2.85 -0.74
CA ARG A 49 9.61 3.07 0.46
C ARG A 49 9.91 4.55 0.62
N ARG A 50 10.42 5.15 -0.45
CA ARG A 50 10.75 6.58 -0.44
C ARG A 50 9.48 7.43 -0.29
N VAL A 51 8.52 7.24 -1.20
CA VAL A 51 7.28 8.00 -1.16
C VAL A 51 6.56 7.81 0.17
N GLY A 52 6.79 6.67 0.80
CA GLY A 52 6.15 6.39 2.07
C GLY A 52 6.79 7.19 3.18
N ASP A 53 8.13 7.23 3.18
CA ASP A 53 8.86 7.99 4.17
C ASP A 53 8.45 9.45 4.11
N GLY A 54 8.19 9.92 2.89
CA GLY A 54 7.76 11.28 2.70
C GLY A 54 6.30 11.45 3.07
N VAL A 55 5.45 10.58 2.53
CA VAL A 55 4.02 10.63 2.82
C VAL A 55 3.78 10.73 4.32
N GLN A 56 4.47 9.90 5.08
CA GLN A 56 4.33 9.89 6.54
C GLN A 56 4.69 11.26 7.12
N ARG A 57 5.74 11.86 6.58
CA ARG A 57 6.19 13.16 7.04
C ARG A 57 5.25 14.26 6.54
N ASN A 58 4.52 13.95 5.47
CA ASN A 58 3.58 14.89 4.88
C ASN A 58 2.17 14.70 5.44
N HIS A 59 1.93 13.54 6.04
CA HIS A 59 0.62 13.22 6.56
C HIS A 59 0.64 13.07 8.07
N GLU A 60 1.83 13.14 8.68
CA GLU A 60 1.93 12.98 10.13
C GLU A 60 0.73 13.58 10.85
N THR A 61 0.19 14.67 10.30
CA THR A 61 -0.99 15.30 10.89
C THR A 61 -2.23 14.49 10.56
N ALA A 62 -2.37 14.13 9.28
CA ALA A 62 -3.50 13.32 8.82
C ALA A 62 -3.42 11.92 9.41
N PHE A 63 -2.28 11.27 9.20
CA PHE A 63 -2.03 9.93 9.71
C PHE A 63 -2.36 9.83 11.20
N GLN A 64 -1.92 10.82 11.96
CA GLN A 64 -2.18 10.85 13.39
C GLN A 64 -3.66 11.06 13.66
N GLY A 65 -4.29 11.87 12.81
CA GLY A 65 -5.71 12.14 12.96
C GLY A 65 -6.58 10.96 12.61
N MET A 66 -6.18 10.19 11.59
CA MET A 66 -6.95 9.03 11.16
C MET A 66 -6.92 7.95 12.23
N LEU A 67 -5.74 7.48 12.57
CA LEU A 67 -5.60 6.45 13.59
C LEU A 67 -6.17 6.93 14.92
N ARG A 68 -6.18 8.25 15.12
CA ARG A 68 -6.72 8.82 16.35
C ARG A 68 -8.20 8.49 16.49
N LYS A 69 -8.96 8.72 15.42
CA LYS A 69 -10.39 8.43 15.41
C LYS A 69 -10.62 6.93 15.24
N LEU A 70 -9.58 6.25 14.74
CA LEU A 70 -9.64 4.81 14.53
C LEU A 70 -9.31 4.08 15.84
N ASP A 71 -9.50 2.77 15.87
CA ASP A 71 -9.21 2.00 17.08
C ASP A 71 -9.15 0.51 16.78
N ILE A 72 -8.08 0.10 16.13
CA ILE A 72 -7.89 -1.30 15.78
C ILE A 72 -7.79 -2.14 17.05
N LYS A 73 -8.75 -3.04 17.23
CA LYS A 73 -8.76 -3.91 18.40
C LYS A 73 -8.58 -5.35 17.97
N ASN A 74 -9.14 -5.66 16.82
CA ASN A 74 -9.06 -7.00 16.24
C ASN A 74 -9.14 -6.90 14.72
N GLU A 75 -9.08 -8.04 14.06
CA GLU A 75 -9.17 -8.07 12.60
C GLU A 75 -10.54 -7.58 12.15
N GLY A 76 -11.45 -7.43 13.11
CA GLY A 76 -12.78 -6.95 12.82
C GLY A 76 -12.84 -5.44 12.73
N ASP A 77 -11.87 -4.77 13.36
CA ASP A 77 -11.81 -3.31 13.34
C ASP A 77 -11.36 -2.83 11.97
N VAL A 78 -11.06 -3.78 11.09
CA VAL A 78 -10.61 -3.47 9.74
C VAL A 78 -11.67 -2.66 8.99
N LYS A 79 -12.92 -2.78 9.46
CA LYS A 79 -14.03 -2.07 8.87
C LYS A 79 -13.72 -0.58 8.79
N SER A 80 -12.96 -0.10 9.76
CA SER A 80 -12.55 1.30 9.81
C SER A 80 -11.64 1.62 8.63
N PHE A 81 -10.75 0.68 8.33
CA PHE A 81 -9.82 0.85 7.22
C PHE A 81 -10.60 1.02 5.92
N SER A 82 -11.75 0.38 5.83
CA SER A 82 -12.59 0.50 4.65
C SER A 82 -12.98 1.95 4.45
N ARG A 83 -13.20 2.65 5.56
CA ARG A 83 -13.57 4.06 5.50
C ARG A 83 -12.42 4.87 4.90
N VAL A 84 -11.24 4.78 5.53
CA VAL A 84 -10.07 5.50 5.05
C VAL A 84 -9.79 5.15 3.60
N MET A 85 -10.19 3.93 3.20
CA MET A 85 -10.03 3.51 1.81
C MET A 85 -10.78 4.50 0.94
N VAL A 86 -12.00 4.81 1.37
CA VAL A 86 -12.83 5.78 0.66
C VAL A 86 -12.33 7.21 0.91
N HIS A 87 -11.68 7.39 2.06
CA HIS A 87 -11.12 8.70 2.43
C HIS A 87 -10.20 9.20 1.35
N VAL A 88 -9.19 8.39 1.07
CA VAL A 88 -8.18 8.70 0.07
C VAL A 88 -8.80 8.85 -1.31
N PHE A 89 -9.78 8.01 -1.62
CA PHE A 89 -10.44 8.07 -2.91
C PHE A 89 -11.79 8.77 -2.80
N LYS A 90 -11.84 9.82 -1.99
CA LYS A 90 -13.08 10.57 -1.79
C LYS A 90 -13.23 11.66 -2.85
N ASP A 91 -12.15 12.38 -3.09
CA ASP A 91 -12.15 13.46 -4.08
C ASP A 91 -12.38 12.91 -5.48
N GLY A 92 -12.78 13.78 -6.40
CA GLY A 92 -13.03 13.36 -7.77
C GLY A 92 -11.75 13.28 -8.58
N VAL A 93 -10.66 13.80 -8.03
CA VAL A 93 -9.38 13.78 -8.71
C VAL A 93 -8.64 12.47 -8.45
N THR A 94 -8.44 11.70 -9.52
CA THR A 94 -7.75 10.42 -9.42
C THR A 94 -6.29 10.54 -9.86
N ASN A 95 -5.37 10.42 -8.91
CA ASN A 95 -3.95 10.52 -9.20
C ASN A 95 -3.16 9.44 -8.46
N TRP A 96 -2.03 9.04 -9.04
CA TRP A 96 -1.19 8.02 -8.43
C TRP A 96 -0.82 8.40 -7.01
N GLY A 97 -0.61 9.69 -6.79
CA GLY A 97 -0.27 10.15 -5.46
C GLY A 97 -1.33 9.78 -4.45
N ARG A 98 -2.59 9.81 -4.88
CA ARG A 98 -3.70 9.45 -4.00
C ARG A 98 -3.62 7.98 -3.64
N ILE A 99 -3.45 7.13 -4.66
CA ILE A 99 -3.33 5.70 -4.43
C ILE A 99 -2.13 5.41 -3.56
N VAL A 100 -1.12 6.27 -3.64
CA VAL A 100 0.08 6.13 -2.82
C VAL A 100 -0.23 6.45 -1.37
N THR A 101 -1.17 7.36 -1.17
CA THR A 101 -1.59 7.76 0.18
C THR A 101 -2.30 6.62 0.88
N LEU A 102 -3.15 5.91 0.14
CA LEU A 102 -3.89 4.79 0.71
C LEU A 102 -2.93 3.70 1.16
N ILE A 103 -2.06 3.27 0.25
CA ILE A 103 -1.07 2.25 0.57
C ILE A 103 -0.18 2.76 1.69
N SER A 104 0.05 4.07 1.71
CA SER A 104 0.89 4.71 2.71
C SER A 104 0.25 4.63 4.09
N PHE A 105 -1.03 4.97 4.19
CA PHE A 105 -1.74 4.95 5.46
C PHE A 105 -1.67 3.57 6.12
N GLY A 106 -2.17 2.56 5.41
CA GLY A 106 -2.17 1.21 5.94
C GLY A 106 -0.78 0.72 6.27
N ALA A 107 0.19 1.01 5.42
CA ALA A 107 1.56 0.59 5.66
C ALA A 107 2.05 1.21 6.97
N PHE A 108 1.67 2.47 7.18
CA PHE A 108 2.02 3.19 8.39
C PHE A 108 1.25 2.64 9.57
N VAL A 109 0.01 2.26 9.32
CA VAL A 109 -0.84 1.70 10.37
C VAL A 109 -0.34 0.33 10.77
N ALA A 110 0.26 -0.39 9.83
CA ALA A 110 0.79 -1.72 10.12
C ALA A 110 1.96 -1.59 11.08
N LYS A 111 2.88 -0.67 10.79
CA LYS A 111 4.02 -0.43 11.65
C LYS A 111 3.53 0.04 13.00
N HIS A 112 2.39 0.74 12.99
CA HIS A 112 1.77 1.24 14.21
C HIS A 112 1.22 0.06 15.01
N LEU A 113 0.55 -0.84 14.29
CA LEU A 113 -0.03 -2.03 14.90
C LEU A 113 1.06 -2.94 15.48
N LYS A 114 2.23 -2.91 14.84
CA LYS A 114 3.35 -3.73 15.29
C LYS A 114 3.99 -3.13 16.53
N SER A 115 3.90 -1.81 16.66
CA SER A 115 4.47 -1.11 17.81
C SER A 115 3.69 -1.42 19.08
N VAL A 116 2.48 -1.94 18.92
CA VAL A 116 1.64 -2.27 20.06
C VAL A 116 1.56 -3.79 20.26
N ASN A 117 2.32 -4.53 19.47
CA ASN A 117 2.36 -5.99 19.55
C ASN A 117 1.00 -6.60 19.23
N GLN A 118 0.53 -6.34 18.01
CA GLN A 118 -0.75 -6.89 17.56
C GLN A 118 -0.62 -7.44 16.13
N GLU A 119 0.57 -7.93 15.81
CA GLU A 119 0.83 -8.50 14.49
C GLU A 119 -0.27 -9.47 14.07
N SER A 120 -0.99 -10.00 15.06
CA SER A 120 -2.08 -10.93 14.80
C SER A 120 -3.07 -10.36 13.80
N PHE A 121 -3.45 -9.10 14.01
CA PHE A 121 -4.39 -8.43 13.12
C PHE A 121 -3.65 -7.75 11.98
N ILE A 122 -2.33 -7.69 12.09
CA ILE A 122 -1.50 -7.07 11.06
C ILE A 122 -1.59 -7.84 9.74
N GLU A 123 -1.43 -9.16 9.82
CA GLU A 123 -1.49 -10.00 8.63
C GLU A 123 -2.75 -9.71 7.83
N PRO A 124 -3.94 -9.80 8.45
CA PRO A 124 -5.20 -9.52 7.76
C PRO A 124 -5.38 -8.03 7.49
N LEU A 125 -4.57 -7.22 8.17
CA LEU A 125 -4.63 -5.77 8.00
C LEU A 125 -4.16 -5.38 6.61
N ALA A 126 -3.02 -5.94 6.20
CA ALA A 126 -2.46 -5.66 4.89
C ALA A 126 -3.21 -6.42 3.81
N GLU A 127 -3.55 -7.67 4.09
CA GLU A 127 -4.27 -8.50 3.15
C GLU A 127 -5.58 -7.84 2.73
N THR A 128 -6.16 -7.07 3.64
CA THR A 128 -7.42 -6.38 3.37
C THR A 128 -7.19 -5.07 2.63
N ILE A 129 -6.36 -4.20 3.20
CA ILE A 129 -6.07 -2.91 2.55
C ILE A 129 -5.56 -3.11 1.14
N THR A 130 -4.78 -4.17 0.95
CA THR A 130 -4.24 -4.50 -0.36
C THR A 130 -5.34 -4.98 -1.28
N ASP A 131 -6.17 -5.89 -0.76
CA ASP A 131 -7.29 -6.43 -1.53
C ASP A 131 -8.11 -5.30 -2.10
N VAL A 132 -8.59 -4.43 -1.21
CA VAL A 132 -9.38 -3.30 -1.62
C VAL A 132 -8.56 -2.34 -2.47
N LEU A 133 -7.24 -2.38 -2.33
CA LEU A 133 -6.38 -1.49 -3.10
C LEU A 133 -6.46 -1.80 -4.59
N VAL A 134 -6.17 -3.05 -4.95
CA VAL A 134 -6.23 -3.46 -6.35
C VAL A 134 -7.68 -3.67 -6.76
N ARG A 135 -8.48 -4.15 -5.82
CA ARG A 135 -9.90 -4.41 -6.07
C ARG A 135 -10.72 -3.12 -6.20
N THR A 136 -10.24 -2.01 -5.60
CA THR A 136 -10.97 -0.75 -5.69
C THR A 136 -10.57 0.02 -6.94
N LYS A 137 -9.27 0.16 -7.16
CA LYS A 137 -8.78 0.88 -8.33
C LYS A 137 -8.39 -0.09 -9.43
N ARG A 138 -9.18 -1.15 -9.58
CA ARG A 138 -8.94 -2.16 -10.60
C ARG A 138 -9.10 -1.56 -12.00
N ASP A 139 -10.18 -0.81 -12.21
CA ASP A 139 -10.43 -0.19 -13.50
C ASP A 139 -9.21 0.62 -13.93
N TRP A 140 -8.73 1.46 -13.02
CA TRP A 140 -7.54 2.27 -13.27
C TRP A 140 -6.37 1.35 -13.54
N LEU A 141 -6.20 0.36 -12.68
CA LEU A 141 -5.13 -0.62 -12.80
C LEU A 141 -5.19 -1.32 -14.16
N VAL A 142 -6.38 -1.47 -14.71
CA VAL A 142 -6.54 -2.11 -16.00
C VAL A 142 -6.34 -1.11 -17.13
N LYS A 143 -6.67 0.15 -16.86
CA LYS A 143 -6.53 1.21 -17.86
C LYS A 143 -5.11 1.76 -17.87
N GLN A 144 -4.35 1.47 -16.81
CA GLN A 144 -2.97 1.95 -16.72
C GLN A 144 -2.02 0.78 -16.45
N ARG A 145 -2.30 -0.35 -17.08
CA ARG A 145 -1.50 -1.57 -16.94
C ARG A 145 -1.03 -1.80 -15.50
N GLY A 146 -1.78 -1.27 -14.55
CA GLY A 146 -1.49 -1.44 -13.15
C GLY A 146 -0.06 -1.11 -12.74
N TRP A 147 0.51 -2.03 -11.95
CA TRP A 147 1.85 -1.89 -11.40
C TRP A 147 2.81 -1.09 -12.29
N ASP A 148 3.10 -1.59 -13.48
CA ASP A 148 4.04 -0.91 -14.38
C ASP A 148 3.73 0.58 -14.46
N GLY A 149 2.44 0.92 -14.53
CA GLY A 149 2.06 2.33 -14.59
C GLY A 149 2.53 3.08 -13.37
N PHE A 150 2.21 2.56 -12.19
CA PHE A 150 2.61 3.19 -10.94
C PHE A 150 4.07 3.63 -11.00
N VAL A 151 4.92 2.76 -11.52
CA VAL A 151 6.34 3.05 -11.65
C VAL A 151 6.58 3.98 -12.84
N GLU A 152 5.72 3.90 -13.85
CA GLU A 152 5.85 4.77 -15.01
C GLU A 152 5.70 6.22 -14.57
N PHE A 153 4.85 6.41 -13.58
CA PHE A 153 4.60 7.72 -13.00
C PHE A 153 5.80 8.16 -12.16
N PHE A 154 6.48 7.16 -11.61
CA PHE A 154 7.64 7.39 -10.76
C PHE A 154 8.90 6.80 -11.39
N HIS A 155 9.11 7.10 -12.67
CA HIS A 155 10.29 6.61 -13.39
C HIS A 155 11.44 7.59 -13.24
N VAL A 156 11.28 8.53 -12.31
CA VAL A 156 12.30 9.54 -12.06
C VAL A 156 13.26 9.09 -10.96
N GLN A 157 13.07 7.86 -10.50
CA GLN A 157 13.90 7.29 -9.46
C GLN A 157 14.86 6.25 -10.04
N ASP A 158 14.65 5.91 -11.31
CA ASP A 158 15.49 4.93 -11.99
C ASP A 158 16.18 5.55 -13.19
N LEU A 159 16.23 6.88 -13.22
CA LEU A 159 16.86 7.60 -14.31
C LEU A 159 18.36 7.28 -14.38
N GLU A 160 18.84 7.04 -15.60
CA GLU A 160 20.25 6.71 -15.81
C GLU A 160 20.88 7.67 -16.81
N GLY A 161 20.07 8.54 -17.40
CA GLY A 161 20.57 9.50 -18.36
C GLY A 161 20.18 9.14 -19.78
N GLY A 162 18.88 9.09 -20.05
CA GLY A 162 18.41 8.75 -21.38
C GLY A 162 18.25 7.27 -21.59
N GLY A 1 -13.38 -14.75 -21.70
CA GLY A 1 -12.56 -15.57 -20.75
C GLY A 1 -13.30 -15.87 -19.46
N PRO A 2 -12.75 -16.76 -18.62
CA PRO A 2 -13.37 -17.12 -17.34
C PRO A 2 -13.34 -15.98 -16.33
N LEU A 3 -14.24 -16.02 -15.36
CA LEU A 3 -14.31 -14.98 -14.34
C LEU A 3 -14.00 -15.57 -12.96
N GLY A 4 -13.42 -14.75 -12.09
CA GLY A 4 -13.08 -15.19 -10.75
C GLY A 4 -12.61 -14.07 -9.87
N SER A 5 -12.16 -14.41 -8.66
CA SER A 5 -11.67 -13.41 -7.72
C SER A 5 -10.15 -13.36 -7.72
N GLU A 6 -9.53 -14.39 -8.27
CA GLU A 6 -8.07 -14.46 -8.34
C GLU A 6 -7.56 -13.82 -9.63
N ASP A 7 -7.09 -12.58 -9.52
CA ASP A 7 -6.56 -11.86 -10.68
C ASP A 7 -5.05 -12.02 -10.78
N ASP A 8 -4.48 -11.57 -11.90
CA ASP A 8 -3.04 -11.65 -12.11
C ASP A 8 -2.30 -10.60 -11.30
N LEU A 9 -2.74 -9.34 -11.43
CA LEU A 9 -2.11 -8.25 -10.71
C LEU A 9 -2.16 -8.51 -9.21
N TYR A 10 -3.34 -8.83 -8.70
CA TYR A 10 -3.54 -9.10 -7.27
C TYR A 10 -2.36 -9.88 -6.69
N ARG A 11 -1.93 -10.93 -7.39
CA ARG A 11 -0.81 -11.73 -6.92
C ARG A 11 0.39 -10.84 -6.61
N GLN A 12 0.67 -9.91 -7.52
CA GLN A 12 1.78 -8.98 -7.36
C GLN A 12 1.45 -7.91 -6.32
N SER A 13 0.28 -7.29 -6.46
CA SER A 13 -0.16 -6.25 -5.53
C SER A 13 -0.01 -6.73 -4.09
N LEU A 14 -0.13 -8.04 -3.91
CA LEU A 14 0.00 -8.67 -2.60
C LEU A 14 1.46 -8.97 -2.28
N GLU A 15 2.20 -9.43 -3.26
CA GLU A 15 3.61 -9.76 -3.07
C GLU A 15 4.39 -8.52 -2.64
N ILE A 16 4.00 -7.36 -3.18
CA ILE A 16 4.66 -6.11 -2.84
C ILE A 16 4.12 -5.56 -1.53
N ILE A 17 2.80 -5.61 -1.35
CA ILE A 17 2.21 -5.11 -0.12
C ILE A 17 2.78 -5.87 1.07
N SER A 18 2.93 -7.18 0.91
CA SER A 18 3.47 -8.02 1.96
C SER A 18 4.93 -7.66 2.21
N ARG A 19 5.69 -7.49 1.13
CA ARG A 19 7.11 -7.14 1.23
C ARG A 19 7.28 -5.77 1.89
N TYR A 20 6.41 -4.83 1.55
CA TYR A 20 6.48 -3.48 2.10
C TYR A 20 6.00 -3.43 3.54
N LEU A 21 4.81 -3.94 3.79
CA LEU A 21 4.23 -3.92 5.13
C LEU A 21 5.05 -4.75 6.12
N ARG A 22 5.69 -5.81 5.63
CA ARG A 22 6.50 -6.66 6.48
C ARG A 22 7.81 -5.97 6.86
N GLU A 23 8.43 -5.32 5.88
CA GLU A 23 9.68 -4.62 6.10
C GLU A 23 9.46 -3.36 6.93
N GLN A 24 8.25 -2.81 6.84
CA GLN A 24 7.90 -1.60 7.58
C GLN A 24 7.52 -1.94 9.03
N ALA A 25 6.75 -3.01 9.19
CA ALA A 25 6.31 -3.44 10.51
C ALA A 25 7.50 -3.67 11.43
N THR A 26 8.51 -4.37 10.94
CA THR A 26 9.70 -4.67 11.72
C THR A 26 10.63 -3.45 11.79
N GLY A 27 10.59 -2.62 10.75
CA GLY A 27 11.43 -1.43 10.71
C GLY A 27 12.83 -1.74 10.23
N SER A 28 12.97 -2.77 9.41
CA SER A 28 14.27 -3.15 8.87
C SER A 28 14.21 -3.33 7.35
N LYS A 29 15.28 -2.94 6.67
CA LYS A 29 15.34 -3.06 5.22
C LYS A 29 15.91 -4.42 4.81
N ASP A 30 15.43 -4.93 3.67
CA ASP A 30 15.88 -6.22 3.18
C ASP A 30 17.15 -6.06 2.34
N SER A 31 18.08 -6.99 2.51
CA SER A 31 19.33 -6.96 1.76
C SER A 31 19.21 -7.72 0.45
N LYS A 32 18.29 -8.68 0.41
CA LYS A 32 18.06 -9.48 -0.78
C LYS A 32 17.02 -8.84 -1.68
N PRO A 33 17.06 -9.12 -2.99
CA PRO A 33 16.11 -8.56 -3.97
C PRO A 33 14.69 -9.08 -3.74
N LEU A 34 13.75 -8.52 -4.50
CA LEU A 34 12.35 -8.92 -4.39
C LEU A 34 12.19 -10.42 -4.55
N GLY A 35 12.26 -10.88 -5.79
CA GLY A 35 12.13 -12.29 -6.07
C GLY A 35 11.50 -12.57 -7.42
N GLU A 36 10.36 -13.25 -7.42
CA GLU A 36 9.67 -13.59 -8.65
C GLU A 36 8.68 -12.50 -9.06
N ALA A 37 8.49 -11.53 -8.17
CA ALA A 37 7.57 -10.43 -8.45
C ALA A 37 7.87 -9.80 -9.81
N GLY A 38 9.16 -9.64 -10.10
CA GLY A 38 9.56 -9.07 -11.37
C GLY A 38 10.08 -7.66 -11.23
N ALA A 39 9.67 -6.78 -12.14
CA ALA A 39 10.10 -5.40 -12.12
C ALA A 39 9.25 -4.55 -11.18
N ALA A 40 8.05 -5.02 -10.87
CA ALA A 40 7.16 -4.28 -9.98
C ALA A 40 7.71 -4.19 -8.57
N GLY A 41 7.76 -5.33 -7.89
CA GLY A 41 8.25 -5.35 -6.52
C GLY A 41 9.63 -4.73 -6.36
N ARG A 42 10.53 -5.04 -7.27
CA ARG A 42 11.89 -4.52 -7.19
C ARG A 42 11.90 -2.99 -7.23
N ARG A 43 11.14 -2.43 -8.17
CA ARG A 43 11.08 -0.97 -8.33
C ARG A 43 10.01 -0.33 -7.45
N ALA A 44 9.08 -1.14 -6.96
CA ALA A 44 8.00 -0.64 -6.12
C ALA A 44 8.43 -0.57 -4.67
N LEU A 45 8.93 -1.68 -4.15
CA LEU A 45 9.37 -1.71 -2.75
C LEU A 45 10.35 -0.57 -2.48
N GLU A 46 11.10 -0.16 -3.51
CA GLU A 46 12.05 0.93 -3.37
C GLU A 46 11.35 2.27 -3.54
N THR A 47 10.36 2.31 -4.43
CA THR A 47 9.60 3.51 -4.67
C THR A 47 8.69 3.80 -3.48
N LEU A 48 7.83 2.83 -3.17
CA LEU A 48 6.91 2.93 -2.04
C LEU A 48 7.65 3.24 -0.74
N ARG A 49 8.86 2.72 -0.60
CA ARG A 49 9.65 2.97 0.59
C ARG A 49 9.92 4.46 0.74
N ARG A 50 10.36 5.08 -0.35
CA ARG A 50 10.64 6.51 -0.36
C ARG A 50 9.36 7.33 -0.20
N VAL A 51 8.39 7.10 -1.09
CA VAL A 51 7.12 7.83 -1.03
C VAL A 51 6.44 7.65 0.31
N GLY A 52 6.68 6.52 0.95
CA GLY A 52 6.08 6.26 2.24
C GLY A 52 6.72 7.08 3.34
N ASP A 53 8.05 7.08 3.34
CA ASP A 53 8.80 7.85 4.33
C ASP A 53 8.41 9.32 4.23
N GLY A 54 8.15 9.77 3.01
CA GLY A 54 7.73 11.13 2.80
C GLY A 54 6.29 11.34 3.17
N VAL A 55 5.41 10.47 2.64
CA VAL A 55 3.98 10.56 2.93
C VAL A 55 3.74 10.66 4.43
N GLN A 56 4.42 9.82 5.19
CA GLN A 56 4.28 9.81 6.64
C GLN A 56 4.65 11.17 7.22
N ARG A 57 5.71 11.76 6.68
CA ARG A 57 6.17 13.07 7.15
C ARG A 57 5.24 14.17 6.64
N ASN A 58 4.51 13.88 5.57
CA ASN A 58 3.59 14.83 4.98
C ASN A 58 2.18 14.65 5.53
N HIS A 59 1.93 13.51 6.15
CA HIS A 59 0.62 13.21 6.68
C HIS A 59 0.62 13.08 8.19
N GLU A 60 1.80 13.15 8.81
CA GLU A 60 1.89 13.01 10.27
C GLU A 60 0.67 13.62 10.96
N THR A 61 0.16 14.72 10.41
CA THR A 61 -1.03 15.36 10.97
C THR A 61 -2.27 14.52 10.65
N ALA A 62 -2.41 14.17 9.37
CA ALA A 62 -3.54 13.34 8.91
C ALA A 62 -3.45 11.95 9.50
N PHE A 63 -2.30 11.30 9.31
CA PHE A 63 -2.05 9.97 9.83
C PHE A 63 -2.38 9.88 11.31
N GLN A 64 -2.07 10.94 12.05
CA GLN A 64 -2.32 10.98 13.48
C GLN A 64 -3.82 10.90 13.76
N GLY A 65 -4.59 11.77 13.10
CA GLY A 65 -6.03 11.79 13.31
C GLY A 65 -6.73 10.60 12.68
N MET A 66 -6.16 10.07 11.60
CA MET A 66 -6.74 8.93 10.89
C MET A 66 -6.66 7.66 11.72
N LEU A 67 -5.59 7.53 12.48
CA LEU A 67 -5.39 6.36 13.34
C LEU A 67 -5.93 6.59 14.75
N ARG A 68 -5.85 7.85 15.21
CA ARG A 68 -6.31 8.20 16.55
C ARG A 68 -7.82 8.03 16.69
N LYS A 69 -8.56 8.59 15.73
CA LYS A 69 -10.02 8.49 15.75
C LYS A 69 -10.43 7.03 15.66
N LEU A 70 -9.53 6.21 15.14
CA LEU A 70 -9.76 4.79 14.98
C LEU A 70 -9.05 4.02 16.09
N ASP A 71 -9.23 2.71 16.14
CA ASP A 71 -8.58 1.89 17.15
C ASP A 71 -8.72 0.40 16.85
N ILE A 72 -7.73 -0.15 16.16
CA ILE A 72 -7.74 -1.56 15.81
C ILE A 72 -7.79 -2.42 17.08
N LYS A 73 -8.83 -3.23 17.20
CA LYS A 73 -9.00 -4.09 18.36
C LYS A 73 -9.06 -5.54 17.92
N ASN A 74 -9.65 -5.76 16.75
CA ASN A 74 -9.78 -7.09 16.18
C ASN A 74 -9.80 -6.99 14.65
N GLU A 75 -9.96 -8.14 14.01
CA GLU A 75 -10.02 -8.18 12.55
C GLU A 75 -11.25 -7.43 12.06
N GLY A 76 -12.16 -7.14 12.99
CA GLY A 76 -13.37 -6.41 12.66
C GLY A 76 -13.12 -4.92 12.56
N ASP A 77 -12.08 -4.45 13.24
CA ASP A 77 -11.74 -3.03 13.22
C ASP A 77 -11.28 -2.61 11.83
N VAL A 78 -11.06 -3.61 10.98
CA VAL A 78 -10.64 -3.36 9.61
C VAL A 78 -11.68 -2.51 8.87
N LYS A 79 -12.91 -2.54 9.38
CA LYS A 79 -13.99 -1.75 8.82
C LYS A 79 -13.61 -0.27 8.83
N SER A 80 -12.87 0.12 9.86
CA SER A 80 -12.40 1.49 9.99
C SER A 80 -11.51 1.84 8.81
N PHE A 81 -10.77 0.84 8.31
CA PHE A 81 -9.90 1.03 7.17
C PHE A 81 -10.75 1.25 5.92
N SER A 82 -11.91 0.62 5.89
CA SER A 82 -12.81 0.78 4.75
C SER A 82 -13.25 2.24 4.63
N ARG A 83 -13.48 2.86 5.79
CA ARG A 83 -13.89 4.26 5.83
C ARG A 83 -12.83 5.14 5.17
N VAL A 84 -11.58 4.92 5.54
CA VAL A 84 -10.47 5.68 4.97
C VAL A 84 -10.21 5.23 3.53
N MET A 85 -10.61 4.00 3.21
CA MET A 85 -10.44 3.49 1.86
C MET A 85 -11.08 4.43 0.86
N VAL A 86 -12.30 4.83 1.15
CA VAL A 86 -13.03 5.75 0.29
C VAL A 86 -12.66 7.19 0.59
N HIS A 87 -12.37 7.48 1.86
CA HIS A 87 -12.00 8.82 2.27
C HIS A 87 -10.71 9.27 1.60
N VAL A 88 -9.89 8.30 1.20
CA VAL A 88 -8.63 8.62 0.52
C VAL A 88 -8.88 9.17 -0.87
N PHE A 89 -9.73 8.47 -1.63
CA PHE A 89 -10.07 8.89 -2.99
C PHE A 89 -11.38 9.67 -2.99
N LYS A 90 -11.56 10.51 -1.96
CA LYS A 90 -12.76 11.31 -1.83
C LYS A 90 -12.90 12.29 -2.98
N ASP A 91 -11.78 12.77 -3.50
CA ASP A 91 -11.77 13.73 -4.60
C ASP A 91 -11.98 13.02 -5.93
N GLY A 92 -12.77 13.64 -6.80
CA GLY A 92 -13.04 13.05 -8.10
C GLY A 92 -11.79 12.89 -8.93
N VAL A 93 -10.76 13.67 -8.61
CA VAL A 93 -9.50 13.61 -9.33
C VAL A 93 -8.73 12.35 -8.98
N THR A 94 -8.63 11.42 -9.94
CA THR A 94 -7.92 10.17 -9.72
C THR A 94 -6.44 10.31 -10.10
N ASN A 95 -5.57 10.12 -9.12
CA ASN A 95 -4.14 10.22 -9.34
C ASN A 95 -3.37 9.19 -8.52
N TRP A 96 -2.20 8.80 -9.03
CA TRP A 96 -1.37 7.82 -8.34
C TRP A 96 -1.07 8.29 -6.93
N GLY A 97 -0.99 9.61 -6.76
CA GLY A 97 -0.72 10.16 -5.44
C GLY A 97 -1.76 9.75 -4.44
N ARG A 98 -3.02 9.72 -4.88
CA ARG A 98 -4.13 9.32 -4.01
C ARG A 98 -3.98 7.85 -3.64
N ILE A 99 -3.76 7.01 -4.63
CA ILE A 99 -3.58 5.58 -4.41
C ILE A 99 -2.36 5.34 -3.52
N VAL A 100 -1.40 6.25 -3.60
CA VAL A 100 -0.20 6.16 -2.79
C VAL A 100 -0.54 6.40 -1.33
N THR A 101 -1.52 7.27 -1.09
CA THR A 101 -1.96 7.58 0.26
C THR A 101 -2.63 6.38 0.90
N LEU A 102 -3.42 5.65 0.11
CA LEU A 102 -4.11 4.47 0.61
C LEU A 102 -3.09 3.45 1.07
N ILE A 103 -2.15 3.12 0.19
CA ILE A 103 -1.11 2.16 0.51
C ILE A 103 -0.24 2.70 1.65
N SER A 104 -0.08 4.02 1.69
CA SER A 104 0.71 4.69 2.71
C SER A 104 0.07 4.62 4.09
N PHE A 105 -1.26 4.74 4.14
CA PHE A 105 -1.96 4.70 5.41
C PHE A 105 -1.88 3.31 6.05
N GLY A 106 -2.37 2.30 5.34
CA GLY A 106 -2.33 0.95 5.86
C GLY A 106 -0.92 0.49 6.15
N ALA A 107 0.04 0.95 5.36
CA ALA A 107 1.43 0.58 5.57
C ALA A 107 1.93 1.17 6.87
N PHE A 108 1.56 2.42 7.12
CA PHE A 108 1.92 3.13 8.34
C PHE A 108 1.16 2.55 9.52
N VAL A 109 -0.06 2.10 9.27
CA VAL A 109 -0.90 1.51 10.30
C VAL A 109 -0.40 0.12 10.66
N ALA A 110 0.18 -0.57 9.68
CA ALA A 110 0.72 -1.91 9.91
C ALA A 110 1.90 -1.83 10.84
N LYS A 111 2.78 -0.86 10.59
CA LYS A 111 3.95 -0.66 11.44
C LYS A 111 3.49 -0.24 12.83
N HIS A 112 2.36 0.46 12.87
CA HIS A 112 1.77 0.90 14.12
C HIS A 112 1.24 -0.30 14.88
N LEU A 113 0.53 -1.16 14.15
CA LEU A 113 -0.05 -2.37 14.73
C LEU A 113 1.05 -3.29 15.27
N LYS A 114 2.22 -3.25 14.65
CA LYS A 114 3.34 -4.08 15.08
C LYS A 114 4.03 -3.46 16.29
N SER A 115 3.95 -2.14 16.40
CA SER A 115 4.57 -1.44 17.51
C SER A 115 3.84 -1.72 18.82
N VAL A 116 2.63 -2.24 18.71
CA VAL A 116 1.82 -2.57 19.89
C VAL A 116 1.76 -4.08 20.11
N ASN A 117 2.48 -4.82 19.27
CA ASN A 117 2.52 -6.28 19.37
C ASN A 117 1.15 -6.90 19.11
N GLN A 118 0.59 -6.59 17.95
CA GLN A 118 -0.71 -7.12 17.56
C GLN A 118 -0.64 -7.75 16.17
N GLU A 119 0.51 -8.32 15.85
CA GLU A 119 0.72 -8.96 14.55
C GLU A 119 -0.42 -9.90 14.22
N SER A 120 -1.15 -10.35 15.25
CA SER A 120 -2.28 -11.25 15.06
C SER A 120 -3.29 -10.65 14.10
N PHE A 121 -3.62 -9.37 14.30
CA PHE A 121 -4.56 -8.69 13.46
C PHE A 121 -3.87 -8.11 12.24
N ILE A 122 -2.54 -8.11 12.26
CA ILE A 122 -1.75 -7.59 11.16
C ILE A 122 -1.89 -8.48 9.93
N GLU A 123 -1.90 -9.79 10.14
CA GLU A 123 -2.03 -10.73 9.03
C GLU A 123 -3.25 -10.37 8.17
N PRO A 124 -4.46 -10.31 8.77
CA PRO A 124 -5.66 -9.95 8.02
C PRO A 124 -5.67 -8.49 7.64
N LEU A 125 -4.83 -7.71 8.34
CA LEU A 125 -4.73 -6.29 8.07
C LEU A 125 -4.11 -6.05 6.69
N ALA A 126 -2.96 -6.66 6.47
CA ALA A 126 -2.27 -6.53 5.20
C ALA A 126 -3.06 -7.15 4.07
N GLU A 127 -3.70 -8.29 4.33
CA GLU A 127 -4.49 -8.97 3.31
C GLU A 127 -5.66 -8.12 2.86
N THR A 128 -6.21 -7.33 3.78
CA THR A 128 -7.35 -6.46 3.45
C THR A 128 -6.90 -5.22 2.71
N ILE A 129 -5.93 -4.50 3.28
CA ILE A 129 -5.41 -3.28 2.67
C ILE A 129 -5.13 -3.49 1.18
N THR A 130 -4.48 -4.61 0.85
CA THR A 130 -4.16 -4.93 -0.53
C THR A 130 -5.42 -5.23 -1.33
N ASP A 131 -6.22 -6.15 -0.81
CA ASP A 131 -7.46 -6.56 -1.46
C ASP A 131 -8.24 -5.36 -1.95
N VAL A 132 -8.57 -4.45 -1.04
CA VAL A 132 -9.32 -3.26 -1.41
C VAL A 132 -8.51 -2.35 -2.32
N LEU A 133 -7.18 -2.44 -2.21
CA LEU A 133 -6.33 -1.60 -3.05
C LEU A 133 -6.44 -1.95 -4.52
N VAL A 134 -6.22 -3.21 -4.86
CA VAL A 134 -6.32 -3.65 -6.24
C VAL A 134 -7.77 -3.83 -6.65
N ARG A 135 -8.60 -4.21 -5.69
CA ARG A 135 -10.02 -4.43 -5.94
C ARG A 135 -10.81 -3.11 -6.04
N THR A 136 -10.33 -2.04 -5.41
CA THR A 136 -11.06 -0.76 -5.46
C THR A 136 -10.64 0.07 -6.67
N LYS A 137 -9.46 -0.20 -7.21
CA LYS A 137 -8.97 0.53 -8.37
C LYS A 137 -8.49 -0.42 -9.45
N ARG A 138 -9.20 -1.52 -9.63
CA ARG A 138 -8.86 -2.52 -10.63
C ARG A 138 -9.00 -1.95 -12.04
N ASP A 139 -10.11 -1.24 -12.29
CA ASP A 139 -10.35 -0.63 -13.59
C ASP A 139 -9.14 0.18 -14.02
N TRP A 140 -8.69 1.06 -13.12
CA TRP A 140 -7.52 1.89 -13.39
C TRP A 140 -6.31 0.99 -13.58
N LEU A 141 -6.16 0.02 -12.69
CA LEU A 141 -5.05 -0.92 -12.74
C LEU A 141 -5.02 -1.65 -14.08
N VAL A 142 -6.19 -1.84 -14.69
CA VAL A 142 -6.27 -2.54 -15.96
C VAL A 142 -6.13 -1.56 -17.13
N LYS A 143 -6.56 -0.33 -16.91
CA LYS A 143 -6.49 0.70 -17.93
C LYS A 143 -5.13 1.40 -17.93
N GLN A 144 -4.33 1.16 -16.90
CA GLN A 144 -3.01 1.77 -16.79
C GLN A 144 -1.97 0.76 -16.34
N ARG A 145 -2.07 -0.46 -16.86
CA ARG A 145 -1.14 -1.53 -16.54
C ARG A 145 -0.84 -1.61 -15.04
N GLY A 146 -1.78 -1.11 -14.23
CA GLY A 146 -1.61 -1.14 -12.79
C GLY A 146 -0.17 -0.96 -12.34
N TRP A 147 0.40 -2.02 -11.81
CA TRP A 147 1.78 -2.01 -11.32
C TRP A 147 2.72 -1.24 -12.25
N ASP A 148 2.71 -1.58 -13.53
CA ASP A 148 3.57 -0.91 -14.49
C ASP A 148 3.36 0.60 -14.47
N GLY A 149 2.10 1.02 -14.43
CA GLY A 149 1.79 2.43 -14.40
C GLY A 149 2.35 3.10 -13.16
N PHE A 150 2.09 2.50 -12.01
CA PHE A 150 2.58 3.02 -10.74
C PHE A 150 4.04 3.43 -10.85
N VAL A 151 4.84 2.58 -11.50
CA VAL A 151 6.25 2.85 -11.70
C VAL A 151 6.47 3.82 -12.86
N GLU A 152 5.55 3.80 -13.83
CA GLU A 152 5.64 4.70 -14.97
C GLU A 152 5.50 6.14 -14.49
N PHE A 153 4.69 6.31 -13.45
CA PHE A 153 4.45 7.60 -12.84
C PHE A 153 5.63 7.99 -11.98
N PHE A 154 6.32 6.98 -11.46
CA PHE A 154 7.47 7.17 -10.59
C PHE A 154 8.73 6.59 -11.21
N HIS A 155 8.98 6.91 -12.47
CA HIS A 155 10.16 6.43 -13.17
C HIS A 155 11.32 7.40 -12.98
N VAL A 156 11.15 8.32 -12.02
CA VAL A 156 12.17 9.31 -11.73
C VAL A 156 13.21 8.77 -10.77
N GLN A 157 13.07 7.50 -10.42
CA GLN A 157 14.00 6.84 -9.51
C GLN A 157 15.20 6.28 -10.27
N ASP A 158 15.20 6.48 -11.59
CA ASP A 158 16.29 6.00 -12.42
C ASP A 158 16.96 7.15 -13.16
N LEU A 159 16.72 8.37 -12.67
CA LEU A 159 17.30 9.56 -13.28
C LEU A 159 17.92 10.47 -12.22
N GLU A 160 19.17 10.86 -12.45
CA GLU A 160 19.88 11.73 -11.52
C GLU A 160 20.15 13.09 -12.15
N GLY A 161 19.92 14.15 -11.38
CA GLY A 161 20.16 15.49 -11.88
C GLY A 161 18.88 16.32 -11.93
N GLY A 162 18.37 16.55 -13.13
CA GLY A 162 17.16 17.33 -13.28
C GLY A 162 15.91 16.50 -13.11
N GLY A 1 -24.36 -17.55 -9.49
CA GLY A 1 -22.96 -18.06 -9.64
C GLY A 1 -22.07 -17.09 -10.40
N PRO A 2 -21.65 -15.99 -9.77
CA PRO A 2 -20.78 -14.99 -10.41
C PRO A 2 -19.47 -15.58 -10.89
N LEU A 3 -18.66 -14.77 -11.56
CA LEU A 3 -17.37 -15.20 -12.07
C LEU A 3 -16.27 -15.00 -11.04
N GLY A 4 -15.03 -15.21 -11.45
CA GLY A 4 -13.91 -15.05 -10.55
C GLY A 4 -13.28 -13.67 -10.63
N SER A 5 -12.98 -13.08 -9.48
CA SER A 5 -12.37 -11.75 -9.44
C SER A 5 -10.87 -11.84 -9.21
N GLU A 6 -10.35 -13.07 -9.22
CA GLU A 6 -8.92 -13.28 -9.03
C GLU A 6 -8.14 -13.02 -10.30
N ASP A 7 -7.53 -11.85 -10.39
CA ASP A 7 -6.74 -11.47 -11.56
C ASP A 7 -5.28 -11.87 -11.39
N ASP A 8 -4.46 -11.50 -12.36
CA ASP A 8 -3.03 -11.81 -12.32
C ASP A 8 -2.27 -10.79 -11.50
N LEU A 9 -2.70 -9.53 -11.57
CA LEU A 9 -2.06 -8.45 -10.83
C LEU A 9 -2.09 -8.73 -9.33
N TYR A 10 -3.28 -9.00 -8.81
CA TYR A 10 -3.48 -9.29 -7.39
C TYR A 10 -2.30 -10.07 -6.81
N ARG A 11 -1.87 -11.12 -7.50
CA ARG A 11 -0.74 -11.93 -7.04
C ARG A 11 0.46 -11.04 -6.74
N GLN A 12 0.79 -10.17 -7.68
CA GLN A 12 1.90 -9.25 -7.54
C GLN A 12 1.60 -8.18 -6.48
N SER A 13 0.43 -7.55 -6.62
CA SER A 13 0.01 -6.51 -5.68
C SER A 13 0.15 -6.99 -4.24
N LEU A 14 0.00 -8.29 -4.05
CA LEU A 14 0.12 -8.93 -2.75
C LEU A 14 1.58 -9.24 -2.41
N GLU A 15 2.31 -9.75 -3.40
CA GLU A 15 3.71 -10.10 -3.20
C GLU A 15 4.51 -8.89 -2.73
N ILE A 16 4.25 -7.74 -3.35
CA ILE A 16 4.92 -6.50 -2.99
C ILE A 16 4.35 -5.90 -1.71
N ILE A 17 3.02 -5.92 -1.57
CA ILE A 17 2.42 -5.36 -0.37
C ILE A 17 2.94 -6.07 0.86
N SER A 18 3.06 -7.40 0.76
CA SER A 18 3.57 -8.19 1.87
C SER A 18 5.02 -7.81 2.14
N ARG A 19 5.79 -7.67 1.07
CA ARG A 19 7.19 -7.29 1.16
C ARG A 19 7.33 -5.95 1.87
N TYR A 20 6.60 -4.95 1.40
CA TYR A 20 6.64 -3.60 1.98
C TYR A 20 6.11 -3.61 3.41
N LEU A 21 4.90 -4.13 3.59
CA LEU A 21 4.26 -4.19 4.89
C LEU A 21 5.16 -4.86 5.92
N ARG A 22 5.96 -5.82 5.47
CA ARG A 22 6.88 -6.54 6.35
C ARG A 22 8.11 -5.72 6.67
N GLU A 23 8.56 -4.94 5.68
CA GLU A 23 9.74 -4.10 5.85
C GLU A 23 9.42 -2.86 6.68
N GLN A 24 8.15 -2.45 6.65
CA GLN A 24 7.71 -1.28 7.40
C GLN A 24 7.33 -1.66 8.83
N ALA A 25 6.61 -2.78 8.97
CA ALA A 25 6.17 -3.26 10.28
C ALA A 25 7.34 -3.33 11.25
N THR A 26 8.51 -3.74 10.75
CA THR A 26 9.70 -3.85 11.59
C THR A 26 10.56 -2.60 11.48
N GLY A 27 10.63 -2.03 10.28
CA GLY A 27 11.43 -0.83 10.07
C GLY A 27 12.73 -1.12 9.35
N SER A 28 13.18 -2.37 9.42
CA SER A 28 14.42 -2.77 8.75
C SER A 28 14.16 -3.85 7.72
N LYS A 29 15.20 -4.23 6.99
CA LYS A 29 15.10 -5.26 5.97
C LYS A 29 14.71 -6.61 6.59
N ASP A 30 13.51 -7.08 6.28
CA ASP A 30 13.03 -8.35 6.80
C ASP A 30 13.83 -9.52 6.23
N SER A 31 14.02 -9.52 4.92
CA SER A 31 14.77 -10.57 4.25
C SER A 31 15.47 -10.05 3.00
N LYS A 32 15.94 -10.97 2.16
CA LYS A 32 16.64 -10.61 0.93
C LYS A 32 15.73 -9.76 0.03
N PRO A 33 16.35 -8.96 -0.87
CA PRO A 33 15.59 -8.10 -1.79
C PRO A 33 14.66 -8.89 -2.71
N LEU A 34 13.99 -8.18 -3.61
CA LEU A 34 13.08 -8.82 -4.55
C LEU A 34 13.79 -9.79 -5.46
N GLY A 35 13.03 -10.69 -6.08
CA GLY A 35 13.61 -11.67 -6.98
C GLY A 35 12.55 -12.52 -7.66
N GLU A 36 11.29 -12.30 -7.30
CA GLU A 36 10.18 -13.06 -7.87
C GLU A 36 9.17 -12.13 -8.54
N ALA A 37 8.87 -11.02 -7.87
CA ALA A 37 7.92 -10.04 -8.39
C ALA A 37 8.35 -9.54 -9.75
N GLY A 38 9.65 -9.63 -10.02
CA GLY A 38 10.18 -9.19 -11.30
C GLY A 38 10.60 -7.73 -11.27
N ALA A 39 10.06 -6.94 -12.19
CA ALA A 39 10.38 -5.53 -12.27
C ALA A 39 9.51 -4.70 -11.32
N ALA A 40 8.37 -5.25 -10.93
CA ALA A 40 7.45 -4.54 -10.04
C ALA A 40 8.03 -4.37 -8.65
N GLY A 41 8.14 -5.48 -7.92
CA GLY A 41 8.65 -5.43 -6.56
C GLY A 41 10.01 -4.77 -6.46
N ARG A 42 10.84 -4.92 -7.48
CA ARG A 42 12.17 -4.33 -7.48
C ARG A 42 12.09 -2.81 -7.45
N ARG A 43 11.31 -2.25 -8.37
CA ARG A 43 11.16 -0.80 -8.46
C ARG A 43 10.04 -0.27 -7.56
N ALA A 44 9.19 -1.17 -7.10
CA ALA A 44 8.06 -0.79 -6.26
C ALA A 44 8.45 -0.75 -4.78
N LEU A 45 9.20 -1.75 -4.32
CA LEU A 45 9.60 -1.78 -2.93
C LEU A 45 10.56 -0.63 -2.63
N GLU A 46 11.33 -0.23 -3.63
CA GLU A 46 12.27 0.88 -3.47
C GLU A 46 11.54 2.20 -3.62
N THR A 47 10.61 2.26 -4.57
CA THR A 47 9.83 3.47 -4.78
C THR A 47 8.91 3.71 -3.59
N LEU A 48 8.09 2.71 -3.28
CA LEU A 48 7.16 2.78 -2.15
C LEU A 48 7.90 3.11 -0.86
N ARG A 49 9.12 2.61 -0.74
CA ARG A 49 9.92 2.87 0.45
C ARG A 49 10.18 4.36 0.59
N ARG A 50 10.56 4.98 -0.52
CA ARG A 50 10.83 6.42 -0.54
C ARG A 50 9.55 7.23 -0.33
N VAL A 51 8.56 7.00 -1.20
CA VAL A 51 7.29 7.71 -1.11
C VAL A 51 6.65 7.53 0.26
N GLY A 52 6.90 6.38 0.88
CA GLY A 52 6.33 6.12 2.19
C GLY A 52 7.04 6.90 3.27
N ASP A 53 8.36 6.91 3.23
CA ASP A 53 9.14 7.65 4.19
C ASP A 53 8.75 9.11 4.16
N GLY A 54 8.45 9.59 2.95
CA GLY A 54 8.04 10.96 2.79
C GLY A 54 6.59 11.16 3.21
N VAL A 55 5.70 10.31 2.69
CA VAL A 55 4.28 10.40 3.02
C VAL A 55 4.08 10.44 4.52
N GLN A 56 4.79 9.56 5.24
CA GLN A 56 4.68 9.50 6.69
C GLN A 56 5.10 10.82 7.33
N ARG A 57 6.13 11.44 6.76
CA ARG A 57 6.62 12.72 7.27
C ARG A 57 5.69 13.85 6.84
N ASN A 58 4.93 13.61 5.77
CA ASN A 58 4.00 14.60 5.24
C ASN A 58 2.61 14.41 5.84
N HIS A 59 2.36 13.24 6.41
CA HIS A 59 1.07 12.93 6.97
C HIS A 59 1.13 12.73 8.48
N GLU A 60 2.33 12.69 9.04
CA GLU A 60 2.47 12.48 10.49
C GLU A 60 1.33 13.14 11.26
N THR A 61 0.85 14.28 10.76
CA THR A 61 -0.27 14.97 11.39
C THR A 61 -1.57 14.24 11.07
N ALA A 62 -1.78 13.97 9.78
CA ALA A 62 -2.96 13.24 9.33
C ALA A 62 -2.95 11.82 9.86
N PHE A 63 -1.85 11.11 9.60
CA PHE A 63 -1.68 9.73 10.04
C PHE A 63 -1.99 9.60 11.53
N GLN A 64 -1.52 10.55 12.33
CA GLN A 64 -1.75 10.54 13.76
C GLN A 64 -3.23 10.73 14.05
N GLY A 65 -3.87 11.61 13.29
CA GLY A 65 -5.29 11.88 13.48
C GLY A 65 -6.16 10.74 12.98
N MET A 66 -5.72 10.05 11.94
CA MET A 66 -6.49 8.95 11.38
C MET A 66 -6.60 7.81 12.38
N LEU A 67 -5.45 7.29 12.80
CA LEU A 67 -5.42 6.20 13.77
C LEU A 67 -6.02 6.65 15.10
N ARG A 68 -5.93 7.95 15.38
CA ARG A 68 -6.48 8.52 16.61
C ARG A 68 -7.97 8.22 16.70
N LYS A 69 -8.68 8.48 15.61
CA LYS A 69 -10.12 8.22 15.57
C LYS A 69 -10.38 6.74 15.41
N LEU A 70 -9.42 6.04 14.81
CA LEU A 70 -9.52 4.60 14.60
C LEU A 70 -9.54 3.86 15.95
N ASP A 71 -9.55 2.54 15.90
CA ASP A 71 -9.57 1.73 17.11
C ASP A 71 -9.26 0.27 16.79
N ILE A 72 -8.12 0.05 16.14
CA ILE A 72 -7.71 -1.30 15.78
C ILE A 72 -7.49 -2.17 17.01
N LYS A 73 -8.42 -3.09 17.24
CA LYS A 73 -8.34 -4.01 18.38
C LYS A 73 -8.59 -5.45 17.94
N ASN A 74 -9.16 -5.62 16.76
CA ASN A 74 -9.47 -6.95 16.24
C ASN A 74 -9.44 -6.98 14.70
N GLU A 75 -9.88 -8.07 14.12
CA GLU A 75 -9.92 -8.20 12.67
C GLU A 75 -11.11 -7.44 12.12
N GLY A 76 -11.96 -6.94 13.02
CA GLY A 76 -13.13 -6.20 12.63
C GLY A 76 -12.85 -4.73 12.41
N ASP A 77 -11.86 -4.19 13.13
CA ASP A 77 -11.49 -2.78 13.01
C ASP A 77 -11.15 -2.44 11.57
N VAL A 78 -10.65 -3.44 10.85
CA VAL A 78 -10.28 -3.29 9.46
C VAL A 78 -11.40 -2.62 8.65
N LYS A 79 -12.62 -2.77 9.14
CA LYS A 79 -13.78 -2.16 8.50
C LYS A 79 -13.54 -0.67 8.30
N SER A 80 -12.87 -0.06 9.28
CA SER A 80 -12.55 1.36 9.23
C SER A 80 -11.66 1.64 8.03
N PHE A 81 -10.69 0.76 7.80
CA PHE A 81 -9.78 0.91 6.67
C PHE A 81 -10.58 0.96 5.37
N SER A 82 -11.72 0.27 5.36
CA SER A 82 -12.58 0.29 4.19
C SER A 82 -13.09 1.70 3.95
N ARG A 83 -13.60 2.32 5.01
CA ARG A 83 -14.08 3.69 4.93
C ARG A 83 -12.91 4.58 4.52
N VAL A 84 -11.71 4.08 4.78
CA VAL A 84 -10.48 4.78 4.42
C VAL A 84 -10.17 4.55 2.95
N MET A 85 -10.48 3.36 2.47
CA MET A 85 -10.26 3.02 1.07
C MET A 85 -11.00 4.01 0.20
N VAL A 86 -12.12 4.48 0.70
CA VAL A 86 -12.94 5.45 -0.02
C VAL A 86 -12.49 6.87 0.29
N HIS A 87 -12.16 7.13 1.55
CA HIS A 87 -11.74 8.46 1.97
C HIS A 87 -10.47 8.88 1.23
N VAL A 88 -9.67 7.91 0.82
CA VAL A 88 -8.45 8.21 0.08
C VAL A 88 -8.78 8.66 -1.34
N PHE A 89 -9.56 7.84 -2.04
CA PHE A 89 -9.99 8.17 -3.40
C PHE A 89 -11.41 8.71 -3.39
N LYS A 90 -11.64 9.75 -2.60
CA LYS A 90 -12.97 10.35 -2.47
C LYS A 90 -13.58 10.65 -3.84
N ASP A 91 -13.36 11.87 -4.34
CA ASP A 91 -13.91 12.27 -5.62
C ASP A 91 -13.11 13.43 -6.21
N GLY A 92 -12.59 13.22 -7.42
CA GLY A 92 -11.81 14.25 -8.08
C GLY A 92 -10.88 13.67 -9.13
N VAL A 93 -9.63 14.12 -9.12
CA VAL A 93 -8.64 13.64 -10.06
C VAL A 93 -7.98 12.36 -9.57
N THR A 94 -7.87 11.37 -10.46
CA THR A 94 -7.25 10.11 -10.11
C THR A 94 -5.75 10.14 -10.37
N ASN A 95 -4.97 10.21 -9.30
CA ASN A 95 -3.52 10.27 -9.41
C ASN A 95 -2.85 9.18 -8.57
N TRP A 96 -1.71 8.70 -9.05
CA TRP A 96 -0.96 7.67 -8.34
C TRP A 96 -0.63 8.15 -6.95
N GLY A 97 -0.50 9.46 -6.78
CA GLY A 97 -0.21 10.02 -5.47
C GLY A 97 -1.28 9.65 -4.47
N ARG A 98 -2.54 9.68 -4.91
CA ARG A 98 -3.66 9.33 -4.06
C ARG A 98 -3.57 7.85 -3.68
N ILE A 99 -3.37 7.00 -4.68
CA ILE A 99 -3.25 5.57 -4.45
C ILE A 99 -2.05 5.30 -3.54
N VAL A 100 -1.06 6.18 -3.61
CA VAL A 100 0.12 6.06 -2.78
C VAL A 100 -0.24 6.34 -1.32
N THR A 101 -1.22 7.23 -1.12
CA THR A 101 -1.67 7.59 0.22
C THR A 101 -2.38 6.41 0.88
N LEU A 102 -3.16 5.67 0.11
CA LEU A 102 -3.87 4.51 0.64
C LEU A 102 -2.86 3.47 1.10
N ILE A 103 -1.96 3.10 0.21
CA ILE A 103 -0.93 2.12 0.53
C ILE A 103 -0.05 2.64 1.66
N SER A 104 0.14 3.96 1.69
CA SER A 104 0.96 4.61 2.70
C SER A 104 0.30 4.57 4.09
N PHE A 105 -1.03 4.75 4.13
CA PHE A 105 -1.73 4.75 5.40
C PHE A 105 -1.67 3.39 6.07
N GLY A 106 -2.16 2.36 5.37
CA GLY A 106 -2.15 1.02 5.91
C GLY A 106 -0.75 0.54 6.23
N ALA A 107 0.21 0.98 5.43
CA ALA A 107 1.60 0.59 5.65
C ALA A 107 2.08 1.16 6.97
N PHE A 108 1.72 2.41 7.24
CA PHE A 108 2.09 3.07 8.48
C PHE A 108 1.30 2.48 9.64
N VAL A 109 0.05 2.12 9.37
CA VAL A 109 -0.81 1.52 10.37
C VAL A 109 -0.32 0.13 10.74
N ALA A 110 0.28 -0.56 9.78
CA ALA A 110 0.82 -1.89 10.02
C ALA A 110 2.02 -1.78 10.94
N LYS A 111 2.86 -0.77 10.69
CA LYS A 111 4.03 -0.53 11.52
C LYS A 111 3.58 -0.13 12.91
N HIS A 112 2.42 0.54 12.96
CA HIS A 112 1.83 0.98 14.22
C HIS A 112 1.37 -0.24 15.00
N LEU A 113 0.66 -1.12 14.29
CA LEU A 113 0.15 -2.36 14.87
C LEU A 113 1.28 -3.22 15.42
N LYS A 114 2.44 -3.14 14.78
CA LYS A 114 3.60 -3.92 15.21
C LYS A 114 4.27 -3.28 16.42
N SER A 115 4.14 -1.96 16.53
CA SER A 115 4.73 -1.22 17.65
C SER A 115 4.00 -1.53 18.95
N VAL A 116 2.80 -2.09 18.82
CA VAL A 116 2.00 -2.44 19.99
C VAL A 116 1.97 -3.95 20.22
N ASN A 117 2.73 -4.67 19.39
CA ASN A 117 2.80 -6.13 19.49
C ASN A 117 1.44 -6.77 19.25
N GLN A 118 0.87 -6.49 18.08
CA GLN A 118 -0.43 -7.06 17.71
C GLN A 118 -0.37 -7.66 16.31
N GLU A 119 0.80 -8.19 15.97
CA GLU A 119 1.00 -8.81 14.66
C GLU A 119 -0.13 -9.77 14.32
N SER A 120 -0.84 -10.22 15.34
CA SER A 120 -1.95 -11.14 15.15
C SER A 120 -2.95 -10.59 14.14
N PHE A 121 -3.31 -9.31 14.30
CA PHE A 121 -4.25 -8.68 13.40
C PHE A 121 -3.53 -8.06 12.22
N ILE A 122 -2.20 -8.07 12.28
CA ILE A 122 -1.39 -7.51 11.20
C ILE A 122 -1.48 -8.38 9.95
N GLU A 123 -1.40 -9.69 10.13
CA GLU A 123 -1.49 -10.62 9.01
C GLU A 123 -2.71 -10.32 8.15
N PRO A 124 -3.93 -10.28 8.75
CA PRO A 124 -5.15 -9.98 8.01
C PRO A 124 -5.20 -8.51 7.63
N LEU A 125 -4.41 -7.69 8.31
CA LEU A 125 -4.38 -6.26 8.03
C LEU A 125 -3.77 -6.04 6.65
N ALA A 126 -2.59 -6.60 6.43
CA ALA A 126 -1.91 -6.46 5.14
C ALA A 126 -2.71 -7.13 4.03
N GLU A 127 -3.27 -8.29 4.32
CA GLU A 127 -4.06 -9.02 3.33
C GLU A 127 -5.24 -8.20 2.85
N THR A 128 -5.84 -7.43 3.75
CA THR A 128 -6.99 -6.59 3.41
C THR A 128 -6.55 -5.35 2.63
N ILE A 129 -5.61 -4.60 3.21
CA ILE A 129 -5.10 -3.39 2.57
C ILE A 129 -4.83 -3.63 1.09
N THR A 130 -4.24 -4.78 0.78
CA THR A 130 -3.93 -5.14 -0.60
C THR A 130 -5.20 -5.41 -1.39
N ASP A 131 -6.00 -6.34 -0.88
CA ASP A 131 -7.24 -6.74 -1.52
C ASP A 131 -8.01 -5.53 -2.01
N VAL A 132 -8.32 -4.62 -1.11
CA VAL A 132 -9.06 -3.43 -1.47
C VAL A 132 -8.26 -2.55 -2.40
N LEU A 133 -6.93 -2.59 -2.30
CA LEU A 133 -6.09 -1.77 -3.15
C LEU A 133 -6.24 -2.14 -4.63
N VAL A 134 -6.02 -3.41 -4.95
CA VAL A 134 -6.14 -3.87 -6.32
C VAL A 134 -7.60 -4.05 -6.71
N ARG A 135 -8.42 -4.43 -5.74
CA ARG A 135 -9.84 -4.64 -5.97
C ARG A 135 -10.61 -3.34 -6.08
N THR A 136 -10.10 -2.26 -5.47
CA THR A 136 -10.79 -0.96 -5.53
C THR A 136 -10.40 -0.17 -6.78
N LYS A 137 -9.12 -0.23 -7.14
CA LYS A 137 -8.64 0.48 -8.32
C LYS A 137 -8.27 -0.48 -9.43
N ARG A 138 -9.07 -1.53 -9.59
CA ARG A 138 -8.83 -2.52 -10.63
C ARG A 138 -8.98 -1.92 -12.02
N ASP A 139 -10.04 -1.13 -12.21
CA ASP A 139 -10.29 -0.48 -13.50
C ASP A 139 -9.05 0.31 -13.93
N TRP A 140 -8.54 1.11 -13.00
CA TRP A 140 -7.34 1.90 -13.25
C TRP A 140 -6.18 0.96 -13.52
N LEU A 141 -6.03 -0.03 -12.66
CA LEU A 141 -4.98 -1.02 -12.76
C LEU A 141 -5.03 -1.73 -14.13
N VAL A 142 -6.21 -1.84 -14.71
CA VAL A 142 -6.37 -2.50 -15.99
C VAL A 142 -6.21 -1.51 -17.14
N LYS A 143 -6.57 -0.26 -16.90
CA LYS A 143 -6.46 0.78 -17.93
C LYS A 143 -5.07 1.40 -17.95
N GLN A 144 -4.29 1.15 -16.90
CA GLN A 144 -2.94 1.69 -16.80
C GLN A 144 -1.95 0.60 -16.40
N ARG A 145 -2.13 -0.59 -16.96
CA ARG A 145 -1.26 -1.74 -16.68
C ARG A 145 -0.86 -1.80 -15.21
N GLY A 146 -1.75 -1.30 -14.35
CA GLY A 146 -1.52 -1.29 -12.92
C GLY A 146 -0.07 -1.13 -12.52
N TRP A 147 0.47 -2.16 -11.87
CA TRP A 147 1.85 -2.17 -11.39
C TRP A 147 2.80 -1.39 -12.31
N ASP A 148 2.94 -1.85 -13.56
CA ASP A 148 3.83 -1.18 -14.51
C ASP A 148 3.60 0.32 -14.53
N GLY A 149 2.34 0.73 -14.54
CA GLY A 149 2.02 2.15 -14.55
C GLY A 149 2.55 2.85 -13.32
N PHE A 150 2.30 2.26 -12.16
CA PHE A 150 2.77 2.82 -10.89
C PHE A 150 4.22 3.25 -11.01
N VAL A 151 5.04 2.39 -11.60
CA VAL A 151 6.45 2.68 -11.78
C VAL A 151 6.65 3.63 -12.95
N GLU A 152 5.74 3.60 -13.91
CA GLU A 152 5.83 4.49 -15.07
C GLU A 152 5.71 5.92 -14.58
N PHE A 153 4.94 6.09 -13.52
CA PHE A 153 4.74 7.40 -12.89
C PHE A 153 5.96 7.78 -12.06
N PHE A 154 6.62 6.75 -11.52
CA PHE A 154 7.80 6.94 -10.70
C PHE A 154 9.02 6.29 -11.33
N HIS A 155 9.24 6.56 -12.60
CA HIS A 155 10.39 6.02 -13.32
C HIS A 155 11.60 6.93 -13.16
N VAL A 156 11.49 7.89 -12.24
CA VAL A 156 12.57 8.84 -11.98
C VAL A 156 13.45 8.36 -10.83
N GLN A 157 14.64 7.88 -11.17
CA GLN A 157 15.59 7.41 -10.18
C GLN A 157 16.88 8.21 -10.23
N ASP A 158 17.21 8.69 -11.42
CA ASP A 158 18.42 9.48 -11.61
C ASP A 158 18.08 10.86 -12.16
N LEU A 159 16.88 11.35 -11.81
CA LEU A 159 16.43 12.65 -12.27
C LEU A 159 17.48 13.73 -12.01
N GLU A 160 17.52 14.74 -12.86
CA GLU A 160 18.49 15.83 -12.73
C GLU A 160 17.87 17.15 -13.16
N GLY A 161 16.64 17.09 -13.67
CA GLY A 161 15.97 18.31 -14.11
C GLY A 161 15.47 19.14 -12.95
N GLY A 162 15.08 18.48 -11.87
CA GLY A 162 14.58 19.19 -10.70
C GLY A 162 13.07 19.36 -10.72
N GLY A 1 -4.49 -20.40 -20.30
CA GLY A 1 -5.93 -20.71 -20.14
C GLY A 1 -6.79 -19.47 -20.08
N PRO A 2 -8.05 -19.55 -20.54
CA PRO A 2 -8.97 -18.40 -20.53
C PRO A 2 -9.15 -17.82 -19.13
N LEU A 3 -9.39 -18.69 -18.15
CA LEU A 3 -9.57 -18.25 -16.77
C LEU A 3 -8.26 -18.30 -16.00
N GLY A 4 -8.17 -17.49 -14.96
CA GLY A 4 -6.96 -17.44 -14.15
C GLY A 4 -6.06 -16.28 -14.51
N SER A 5 -6.30 -15.67 -15.67
CA SER A 5 -5.51 -14.55 -16.13
C SER A 5 -6.24 -13.23 -15.88
N GLU A 6 -7.38 -13.32 -15.18
CA GLU A 6 -8.18 -12.13 -14.88
C GLU A 6 -7.56 -11.36 -13.71
N ASP A 7 -7.56 -11.97 -12.53
CA ASP A 7 -6.99 -11.34 -11.34
C ASP A 7 -5.53 -11.71 -11.17
N ASP A 8 -4.71 -11.36 -12.15
CA ASP A 8 -3.29 -11.66 -12.11
C ASP A 8 -2.52 -10.58 -11.34
N LEU A 9 -3.06 -9.36 -11.34
CA LEU A 9 -2.41 -8.25 -10.63
C LEU A 9 -2.45 -8.47 -9.13
N TYR A 10 -3.64 -8.72 -8.59
CA TYR A 10 -3.82 -8.93 -7.15
C TYR A 10 -2.68 -9.75 -6.56
N ARG A 11 -2.28 -10.80 -7.28
CA ARG A 11 -1.19 -11.67 -6.82
C ARG A 11 0.06 -10.85 -6.56
N GLN A 12 0.37 -9.95 -7.50
CA GLN A 12 1.52 -9.07 -7.37
C GLN A 12 1.27 -7.97 -6.36
N SER A 13 0.14 -7.28 -6.50
CA SER A 13 -0.24 -6.20 -5.58
C SER A 13 -0.09 -6.66 -4.13
N LEU A 14 -0.28 -7.96 -3.92
CA LEU A 14 -0.18 -8.57 -2.61
C LEU A 14 1.27 -8.95 -2.29
N GLU A 15 1.96 -9.50 -3.28
CA GLU A 15 3.36 -9.91 -3.09
C GLU A 15 4.20 -8.72 -2.65
N ILE A 16 3.97 -7.57 -3.27
CA ILE A 16 4.70 -6.36 -2.94
C ILE A 16 4.17 -5.74 -1.66
N ILE A 17 2.85 -5.73 -1.50
CA ILE A 17 2.26 -5.16 -0.30
C ILE A 17 2.78 -5.90 0.93
N SER A 18 2.88 -7.22 0.81
CA SER A 18 3.37 -8.05 1.91
C SER A 18 4.83 -7.73 2.18
N ARG A 19 5.59 -7.57 1.10
CA ARG A 19 7.01 -7.25 1.21
C ARG A 19 7.20 -5.90 1.91
N TYR A 20 6.47 -4.90 1.43
CA TYR A 20 6.53 -3.55 1.99
C TYR A 20 6.03 -3.52 3.43
N LEU A 21 4.81 -4.01 3.63
CA LEU A 21 4.19 -4.03 4.95
C LEU A 21 5.05 -4.76 5.97
N ARG A 22 5.69 -5.84 5.56
CA ARG A 22 6.54 -6.62 6.45
C ARG A 22 7.84 -5.87 6.76
N GLU A 23 8.30 -5.07 5.81
CA GLU A 23 9.53 -4.31 5.98
C GLU A 23 9.28 -3.03 6.78
N GLN A 24 8.05 -2.52 6.73
CA GLN A 24 7.69 -1.31 7.45
C GLN A 24 7.22 -1.63 8.87
N ALA A 25 6.54 -2.76 9.03
CA ALA A 25 6.03 -3.18 10.32
C ALA A 25 7.15 -3.27 11.36
N THR A 26 8.32 -3.75 10.93
CA THR A 26 9.46 -3.89 11.82
C THR A 26 10.53 -2.85 11.52
N GLY A 27 10.78 -2.62 10.23
CA GLY A 27 11.79 -1.65 9.84
C GLY A 27 13.15 -2.28 9.62
N SER A 28 13.23 -3.59 9.78
CA SER A 28 14.47 -4.33 9.61
C SER A 28 14.22 -5.71 9.02
N LYS A 29 13.12 -5.84 8.29
CA LYS A 29 12.75 -7.11 7.68
C LYS A 29 13.67 -7.43 6.49
N ASP A 30 13.08 -7.62 5.32
CA ASP A 30 13.85 -7.93 4.12
C ASP A 30 14.87 -6.83 3.83
N SER A 31 16.15 -7.18 3.96
CA SER A 31 17.22 -6.23 3.70
C SER A 31 17.65 -6.28 2.24
N LYS A 32 17.52 -7.45 1.64
CA LYS A 32 17.89 -7.63 0.24
C LYS A 32 16.74 -7.23 -0.68
N PRO A 33 17.06 -6.85 -1.93
CA PRO A 33 16.05 -6.43 -2.91
C PRO A 33 15.00 -7.52 -3.17
N LEU A 34 14.03 -7.21 -4.02
CA LEU A 34 12.97 -8.14 -4.36
C LEU A 34 13.54 -9.42 -4.97
N GLY A 35 12.67 -10.42 -5.17
CA GLY A 35 13.10 -11.68 -5.73
C GLY A 35 11.94 -12.56 -6.16
N GLU A 36 10.79 -11.95 -6.38
CA GLU A 36 9.60 -12.68 -6.79
C GLU A 36 8.69 -11.81 -7.65
N ALA A 37 8.35 -10.63 -7.14
CA ALA A 37 7.49 -9.69 -7.87
C ALA A 37 8.07 -9.35 -9.24
N GLY A 38 9.36 -9.60 -9.40
CA GLY A 38 10.01 -9.32 -10.66
C GLY A 38 10.40 -7.86 -10.81
N ALA A 39 9.78 -7.18 -11.78
CA ALA A 39 10.06 -5.78 -12.03
C ALA A 39 9.24 -4.86 -11.11
N ALA A 40 8.02 -5.28 -10.77
CA ALA A 40 7.16 -4.47 -9.93
C ALA A 40 7.75 -4.28 -8.53
N GLY A 41 7.88 -5.36 -7.79
CA GLY A 41 8.40 -5.29 -6.44
C GLY A 41 9.74 -4.59 -6.34
N ARG A 42 10.58 -4.77 -7.35
CA ARG A 42 11.91 -4.15 -7.34
C ARG A 42 11.79 -2.63 -7.34
N ARG A 43 11.00 -2.10 -8.27
CA ARG A 43 10.81 -0.66 -8.40
C ARG A 43 9.69 -0.14 -7.51
N ALA A 44 8.85 -1.04 -7.02
CA ALA A 44 7.72 -0.66 -6.18
C ALA A 44 8.09 -0.59 -4.70
N LEU A 45 8.84 -1.58 -4.23
CA LEU A 45 9.25 -1.59 -2.84
C LEU A 45 10.26 -0.49 -2.56
N GLU A 46 11.03 -0.13 -3.59
CA GLU A 46 12.02 0.93 -3.46
C GLU A 46 11.36 2.29 -3.61
N THR A 47 10.35 2.35 -4.48
CA THR A 47 9.61 3.59 -4.70
C THR A 47 8.67 3.86 -3.53
N LEU A 48 7.81 2.89 -3.25
CA LEU A 48 6.85 3.00 -2.16
C LEU A 48 7.55 3.33 -0.85
N ARG A 49 8.77 2.81 -0.67
CA ARG A 49 9.53 3.07 0.54
C ARG A 49 9.87 4.56 0.63
N ARG A 50 10.43 5.11 -0.44
CA ARG A 50 10.80 6.52 -0.49
C ARG A 50 9.55 7.40 -0.43
N VAL A 51 8.63 7.18 -1.37
CA VAL A 51 7.41 7.97 -1.42
C VAL A 51 6.65 7.87 -0.10
N GLY A 52 6.67 6.67 0.49
CA GLY A 52 5.99 6.46 1.76
C GLY A 52 6.61 7.27 2.87
N ASP A 53 7.94 7.35 2.87
CA ASP A 53 8.64 8.12 3.88
C ASP A 53 8.19 9.57 3.84
N GLY A 54 7.95 10.07 2.63
CA GLY A 54 7.48 11.42 2.47
C GLY A 54 6.00 11.54 2.80
N VAL A 55 5.22 10.59 2.31
CA VAL A 55 3.78 10.56 2.56
C VAL A 55 3.50 10.70 4.04
N GLN A 56 4.19 9.89 4.84
CA GLN A 56 4.04 9.92 6.28
C GLN A 56 4.46 11.27 6.85
N ARG A 57 5.58 11.79 6.35
CA ARG A 57 6.08 13.08 6.79
C ARG A 57 5.12 14.18 6.36
N ASN A 58 4.33 13.88 5.34
CA ASN A 58 3.36 14.81 4.81
C ASN A 58 2.02 14.64 5.51
N HIS A 59 1.78 13.42 6.00
CA HIS A 59 0.55 13.08 6.67
C HIS A 59 0.81 12.60 8.08
N GLU A 60 1.79 13.13 8.76
CA GLU A 60 2.06 12.68 10.13
C GLU A 60 0.90 13.05 11.04
N THR A 61 0.27 14.19 10.75
CA THR A 61 -0.87 14.65 11.53
C THR A 61 -2.13 13.93 11.08
N ALA A 62 -2.29 13.80 9.76
CA ALA A 62 -3.44 13.12 9.20
C ALA A 62 -3.39 11.64 9.54
N PHE A 63 -2.23 11.04 9.30
CA PHE A 63 -2.00 9.62 9.59
C PHE A 63 -2.33 9.29 11.05
N GLN A 64 -1.74 10.07 11.95
CA GLN A 64 -1.96 9.87 13.37
C GLN A 64 -3.43 9.91 13.72
N GLY A 65 -4.10 11.00 13.37
CA GLY A 65 -5.51 11.14 13.65
C GLY A 65 -6.38 10.17 12.89
N MET A 66 -5.92 9.74 11.71
CA MET A 66 -6.69 8.83 10.87
C MET A 66 -6.98 7.50 11.55
N LEU A 67 -5.94 6.78 11.99
CA LEU A 67 -6.17 5.49 12.64
C LEU A 67 -6.30 5.61 14.15
N ARG A 68 -5.68 6.63 14.75
CA ARG A 68 -5.77 6.82 16.19
C ARG A 68 -7.22 7.09 16.58
N LYS A 69 -7.93 7.82 15.73
CA LYS A 69 -9.33 8.12 15.98
C LYS A 69 -10.16 6.85 15.94
N LEU A 70 -9.69 5.87 15.17
CA LEU A 70 -10.39 4.60 15.06
C LEU A 70 -10.26 3.82 16.38
N ASP A 71 -10.23 2.49 16.29
CA ASP A 71 -10.10 1.68 17.50
C ASP A 71 -9.80 0.22 17.16
N ILE A 72 -8.71 -0.01 16.47
CA ILE A 72 -8.31 -1.36 16.09
C ILE A 72 -8.17 -2.25 17.33
N LYS A 73 -9.09 -3.18 17.48
CA LYS A 73 -9.08 -4.10 18.62
C LYS A 73 -9.09 -5.54 18.15
N ASN A 74 -9.73 -5.76 17.01
CA ASN A 74 -9.82 -7.09 16.42
C ASN A 74 -9.91 -6.99 14.90
N GLU A 75 -10.10 -8.13 14.25
CA GLU A 75 -10.22 -8.16 12.80
C GLU A 75 -11.51 -7.49 12.35
N GLY A 76 -12.32 -7.10 13.33
CA GLY A 76 -13.58 -6.45 13.03
C GLY A 76 -13.43 -4.96 12.83
N ASP A 77 -12.37 -4.38 13.38
CA ASP A 77 -12.12 -2.95 13.26
C ASP A 77 -11.67 -2.60 11.84
N VAL A 78 -11.40 -3.64 11.05
CA VAL A 78 -10.97 -3.44 9.67
C VAL A 78 -12.03 -2.65 8.89
N LYS A 79 -13.27 -2.73 9.37
CA LYS A 79 -14.38 -2.02 8.74
C LYS A 79 -14.07 -0.53 8.69
N SER A 80 -13.33 -0.06 9.69
CA SER A 80 -12.94 1.34 9.77
C SER A 80 -12.00 1.67 8.63
N PHE A 81 -11.11 0.73 8.32
CA PHE A 81 -10.15 0.91 7.23
C PHE A 81 -10.90 1.05 5.92
N SER A 82 -12.06 0.42 5.84
CA SER A 82 -12.89 0.49 4.64
C SER A 82 -13.31 1.94 4.41
N ARG A 83 -13.63 2.63 5.51
CA ARG A 83 -14.05 4.02 5.45
C ARG A 83 -12.94 4.87 4.85
N VAL A 84 -11.74 4.76 5.41
CA VAL A 84 -10.60 5.51 4.91
C VAL A 84 -10.24 5.06 3.50
N MET A 85 -10.52 3.80 3.19
CA MET A 85 -10.25 3.27 1.86
C MET A 85 -10.96 4.12 0.82
N VAL A 86 -12.18 4.53 1.15
CA VAL A 86 -12.97 5.36 0.27
C VAL A 86 -12.64 6.84 0.43
N HIS A 87 -12.47 7.26 1.68
CA HIS A 87 -12.15 8.65 1.98
C HIS A 87 -10.86 9.09 1.29
N VAL A 88 -9.99 8.12 0.98
CA VAL A 88 -8.74 8.43 0.30
C VAL A 88 -9.03 8.85 -1.14
N PHE A 89 -9.85 8.06 -1.82
CA PHE A 89 -10.24 8.37 -3.20
C PHE A 89 -11.65 8.93 -3.22
N LYS A 90 -11.91 9.94 -2.38
CA LYS A 90 -13.21 10.56 -2.28
C LYS A 90 -13.79 10.90 -3.66
N ASP A 91 -13.48 12.10 -4.14
CA ASP A 91 -13.97 12.53 -5.45
C ASP A 91 -13.24 13.78 -5.93
N GLY A 92 -13.00 13.85 -7.23
CA GLY A 92 -12.31 14.98 -7.80
C GLY A 92 -11.14 14.57 -8.67
N VAL A 93 -9.93 14.92 -8.25
CA VAL A 93 -8.73 14.58 -9.00
C VAL A 93 -8.23 13.18 -8.62
N THR A 94 -8.01 12.36 -9.63
CA THR A 94 -7.54 10.99 -9.43
C THR A 94 -6.09 10.85 -9.89
N ASN A 95 -5.20 10.58 -8.96
CA ASN A 95 -3.78 10.43 -9.29
C ASN A 95 -3.12 9.35 -8.42
N TRP A 96 -1.97 8.86 -8.90
CA TRP A 96 -1.23 7.83 -8.17
C TRP A 96 -0.93 8.32 -6.77
N GLY A 97 -0.78 9.63 -6.61
CA GLY A 97 -0.51 10.19 -5.31
C GLY A 97 -1.58 9.82 -4.30
N ARG A 98 -2.83 9.84 -4.75
CA ARG A 98 -3.96 9.49 -3.90
C ARG A 98 -3.88 8.01 -3.54
N ILE A 99 -3.70 7.17 -4.55
CA ILE A 99 -3.57 5.73 -4.34
C ILE A 99 -2.39 5.45 -3.42
N VAL A 100 -1.39 6.34 -3.47
CA VAL A 100 -0.22 6.20 -2.63
C VAL A 100 -0.57 6.53 -1.19
N THR A 101 -1.53 7.44 -1.02
CA THR A 101 -1.98 7.85 0.31
C THR A 101 -2.71 6.71 1.00
N LEU A 102 -3.39 5.89 0.21
CA LEU A 102 -4.13 4.75 0.77
C LEU A 102 -3.16 3.66 1.21
N ILE A 103 -2.29 3.25 0.29
CA ILE A 103 -1.30 2.22 0.59
C ILE A 103 -0.39 2.69 1.72
N SER A 104 -0.16 4.00 1.76
CA SER A 104 0.69 4.62 2.78
C SER A 104 0.03 4.56 4.15
N PHE A 105 -1.26 4.91 4.21
CA PHE A 105 -1.98 4.91 5.48
C PHE A 105 -1.93 3.55 6.17
N GLY A 106 -2.40 2.52 5.47
CA GLY A 106 -2.40 1.18 6.03
C GLY A 106 -1.03 0.70 6.42
N ALA A 107 -0.04 0.98 5.58
CA ALA A 107 1.32 0.57 5.87
C ALA A 107 1.79 1.18 7.18
N PHE A 108 1.48 2.46 7.36
CA PHE A 108 1.84 3.19 8.57
C PHE A 108 1.07 2.63 9.75
N VAL A 109 -0.19 2.28 9.51
CA VAL A 109 -1.05 1.72 10.55
C VAL A 109 -0.51 0.36 11.02
N ALA A 110 0.05 -0.40 10.10
CA ALA A 110 0.60 -1.70 10.43
C ALA A 110 1.76 -1.54 11.39
N LYS A 111 2.68 -0.63 11.05
CA LYS A 111 3.82 -0.36 11.92
C LYS A 111 3.33 0.15 13.26
N HIS A 112 2.22 0.88 13.23
CA HIS A 112 1.61 1.41 14.44
C HIS A 112 1.04 0.26 15.27
N LEU A 113 0.38 -0.66 14.59
CA LEU A 113 -0.20 -1.83 15.22
C LEU A 113 0.89 -2.73 15.80
N LYS A 114 2.05 -2.74 15.16
CA LYS A 114 3.17 -3.56 15.62
C LYS A 114 3.78 -2.96 16.89
N SER A 115 3.69 -1.65 17.00
CA SER A 115 4.23 -0.95 18.17
C SER A 115 3.46 -1.30 19.43
N VAL A 116 2.26 -1.86 19.26
CA VAL A 116 1.43 -2.24 20.40
C VAL A 116 1.36 -3.76 20.55
N ASN A 117 2.13 -4.47 19.73
CA ASN A 117 2.19 -5.92 19.79
C ASN A 117 0.83 -6.54 19.45
N GLN A 118 0.34 -6.27 18.25
CA GLN A 118 -0.93 -6.81 17.80
C GLN A 118 -0.81 -7.31 16.36
N GLU A 119 0.37 -7.79 16.01
CA GLU A 119 0.63 -8.31 14.66
C GLU A 119 -0.47 -9.28 14.23
N SER A 120 -1.19 -9.83 15.21
CA SER A 120 -2.27 -10.77 14.93
C SER A 120 -3.27 -10.15 13.94
N PHE A 121 -3.65 -8.90 14.20
CA PHE A 121 -4.59 -8.20 13.35
C PHE A 121 -3.87 -7.51 12.20
N ILE A 122 -2.55 -7.47 12.29
CA ILE A 122 -1.73 -6.83 11.26
C ILE A 122 -1.81 -7.61 9.94
N GLU A 123 -1.67 -8.93 10.03
CA GLU A 123 -1.73 -9.77 8.84
C GLU A 123 -2.98 -9.48 8.02
N PRO A 124 -4.18 -9.54 8.64
CA PRO A 124 -5.44 -9.25 7.95
C PRO A 124 -5.59 -7.76 7.66
N LEU A 125 -4.79 -6.95 8.35
CA LEU A 125 -4.85 -5.50 8.18
C LEU A 125 -4.32 -5.11 6.80
N ALA A 126 -3.22 -5.71 6.40
CA ALA A 126 -2.62 -5.43 5.09
C ALA A 126 -3.30 -6.23 4.00
N GLU A 127 -3.65 -7.48 4.31
CA GLU A 127 -4.32 -8.34 3.34
C GLU A 127 -5.64 -7.73 2.90
N THR A 128 -6.27 -6.97 3.79
CA THR A 128 -7.55 -6.34 3.48
C THR A 128 -7.34 -5.03 2.73
N ILE A 129 -6.55 -4.12 3.29
CA ILE A 129 -6.29 -2.84 2.65
C ILE A 129 -5.78 -3.04 1.23
N THR A 130 -4.95 -4.08 1.05
CA THR A 130 -4.40 -4.39 -0.26
C THR A 130 -5.49 -4.92 -1.19
N ASP A 131 -6.25 -5.89 -0.71
CA ASP A 131 -7.33 -6.47 -1.49
C ASP A 131 -8.21 -5.38 -2.06
N VAL A 132 -8.74 -4.53 -1.17
CA VAL A 132 -9.58 -3.43 -1.59
C VAL A 132 -8.80 -2.43 -2.42
N LEU A 133 -7.48 -2.40 -2.24
CA LEU A 133 -6.64 -1.47 -3.00
C LEU A 133 -6.70 -1.78 -4.49
N VAL A 134 -6.37 -3.02 -4.84
CA VAL A 134 -6.41 -3.43 -6.24
C VAL A 134 -7.84 -3.65 -6.69
N ARG A 135 -8.65 -4.19 -5.77
CA ARG A 135 -10.05 -4.47 -6.06
C ARG A 135 -10.88 -3.19 -6.20
N THR A 136 -10.43 -2.09 -5.59
CA THR A 136 -11.19 -0.83 -5.67
C THR A 136 -10.75 -0.03 -6.89
N LYS A 137 -9.45 0.02 -7.14
CA LYS A 137 -8.94 0.76 -8.29
C LYS A 137 -8.52 -0.19 -9.41
N ARG A 138 -9.30 -1.25 -9.59
CA ARG A 138 -9.02 -2.23 -10.64
C ARG A 138 -9.18 -1.60 -12.03
N ASP A 139 -10.26 -0.86 -12.23
CA ASP A 139 -10.51 -0.20 -13.51
C ASP A 139 -9.30 0.60 -13.94
N TRP A 140 -8.76 1.38 -13.01
CA TRP A 140 -7.58 2.18 -13.25
C TRP A 140 -6.39 1.26 -13.51
N LEU A 141 -6.24 0.28 -12.64
CA LEU A 141 -5.16 -0.69 -12.74
C LEU A 141 -5.18 -1.40 -14.09
N VAL A 142 -6.36 -1.54 -14.68
CA VAL A 142 -6.49 -2.20 -15.97
C VAL A 142 -6.37 -1.19 -17.11
N LYS A 143 -6.77 0.05 -16.84
CA LYS A 143 -6.72 1.10 -17.84
C LYS A 143 -5.35 1.79 -17.85
N GLN A 144 -4.53 1.49 -16.85
CA GLN A 144 -3.20 2.09 -16.75
C GLN A 144 -2.14 1.04 -16.39
N ARG A 145 -2.29 -0.16 -16.96
CA ARG A 145 -1.35 -1.25 -16.72
C ARG A 145 -1.00 -1.40 -15.24
N GLY A 146 -1.89 -0.93 -14.38
CA GLY A 146 -1.70 -1.02 -12.95
C GLY A 146 -0.26 -0.87 -12.49
N TRP A 147 0.23 -1.87 -11.77
CA TRP A 147 1.59 -1.88 -11.24
C TRP A 147 2.58 -1.09 -12.11
N ASP A 148 2.73 -1.49 -13.36
CA ASP A 148 3.66 -0.81 -14.27
C ASP A 148 3.44 0.70 -14.25
N GLY A 149 2.18 1.13 -14.39
CA GLY A 149 1.88 2.54 -14.37
C GLY A 149 2.37 3.20 -13.10
N PHE A 150 2.07 2.57 -11.96
CA PHE A 150 2.50 3.08 -10.67
C PHE A 150 3.95 3.54 -10.73
N VAL A 151 4.80 2.68 -11.28
CA VAL A 151 6.21 2.99 -11.42
C VAL A 151 6.43 4.02 -12.52
N GLU A 152 5.55 4.00 -13.53
CA GLU A 152 5.65 4.95 -14.63
C GLU A 152 5.55 6.37 -14.06
N PHE A 153 4.83 6.48 -12.96
CA PHE A 153 4.65 7.75 -12.26
C PHE A 153 5.85 8.03 -11.37
N PHE A 154 6.42 6.95 -10.83
CA PHE A 154 7.57 7.05 -9.94
C PHE A 154 8.78 6.34 -10.54
N HIS A 155 9.10 6.68 -11.79
CA HIS A 155 10.24 6.09 -12.48
C HIS A 155 11.52 6.85 -12.14
N VAL A 156 11.42 7.71 -11.13
CA VAL A 156 12.56 8.50 -10.70
C VAL A 156 13.32 7.82 -9.57
N GLN A 157 14.57 7.45 -9.83
CA GLN A 157 15.40 6.79 -8.83
C GLN A 157 16.65 7.60 -8.52
N ASP A 158 17.59 7.64 -9.46
CA ASP A 158 18.82 8.38 -9.29
C ASP A 158 18.98 9.45 -10.37
N LEU A 159 17.84 9.91 -10.90
CA LEU A 159 17.84 10.93 -11.94
C LEU A 159 17.70 12.32 -11.33
N GLU A 160 18.61 13.23 -11.70
CA GLU A 160 18.59 14.59 -11.19
C GLU A 160 17.51 15.41 -11.89
N GLY A 161 17.29 16.64 -11.40
CA GLY A 161 16.29 17.49 -11.98
C GLY A 161 16.90 18.70 -12.68
N GLY A 162 17.76 19.42 -11.96
CA GLY A 162 18.39 20.59 -12.52
C GLY A 162 19.84 20.32 -12.94
N GLY A 1 1.52 -19.58 -24.61
CA GLY A 1 0.07 -19.28 -24.43
C GLY A 1 -0.35 -19.30 -22.97
N PRO A 2 0.04 -18.28 -22.19
CA PRO A 2 -0.31 -18.20 -20.76
C PRO A 2 -1.82 -18.26 -20.53
N LEU A 3 -2.24 -19.08 -19.58
CA LEU A 3 -3.66 -19.23 -19.26
C LEU A 3 -3.95 -18.74 -17.84
N GLY A 4 -4.87 -17.79 -17.74
CA GLY A 4 -5.24 -17.24 -16.45
C GLY A 4 -6.62 -16.64 -16.43
N SER A 5 -7.46 -17.09 -15.51
CA SER A 5 -8.83 -16.59 -15.40
C SER A 5 -8.94 -15.56 -14.28
N GLU A 6 -7.96 -15.54 -13.40
CA GLU A 6 -7.95 -14.61 -12.27
C GLU A 6 -7.22 -13.32 -12.66
N ASP A 7 -6.68 -12.62 -11.65
CA ASP A 7 -5.97 -11.38 -11.88
C ASP A 7 -4.46 -11.58 -11.68
N ASP A 8 -3.66 -10.98 -12.56
CA ASP A 8 -2.22 -11.09 -12.48
C ASP A 8 -1.63 -10.06 -11.53
N LEU A 9 -2.21 -8.86 -11.53
CA LEU A 9 -1.74 -7.78 -10.66
C LEU A 9 -1.87 -8.17 -9.20
N TYR A 10 -3.08 -8.56 -8.80
CA TYR A 10 -3.37 -8.95 -7.43
C TYR A 10 -2.22 -9.74 -6.79
N ARG A 11 -1.60 -10.60 -7.58
CA ARG A 11 -0.48 -11.41 -7.08
C ARG A 11 0.66 -10.53 -6.60
N GLN A 12 1.04 -9.54 -7.41
CA GLN A 12 2.13 -8.64 -7.04
C GLN A 12 1.66 -7.60 -6.04
N SER A 13 0.42 -7.15 -6.18
CA SER A 13 -0.13 -6.17 -5.26
C SER A 13 -0.04 -6.69 -3.83
N LEU A 14 -0.21 -8.01 -3.71
CA LEU A 14 -0.15 -8.71 -2.42
C LEU A 14 1.29 -8.99 -2.02
N GLU A 15 2.04 -9.64 -2.90
CA GLU A 15 3.43 -9.97 -2.62
C GLU A 15 4.22 -8.72 -2.23
N ILE A 16 3.95 -7.63 -2.93
CA ILE A 16 4.64 -6.36 -2.67
C ILE A 16 4.12 -5.70 -1.39
N ILE A 17 2.80 -5.71 -1.20
CA ILE A 17 2.23 -5.10 0.00
C ILE A 17 2.77 -5.80 1.24
N SER A 18 2.72 -7.13 1.23
CA SER A 18 3.23 -7.90 2.35
C SER A 18 4.70 -7.56 2.59
N ARG A 19 5.47 -7.53 1.49
CA ARG A 19 6.88 -7.21 1.56
C ARG A 19 7.09 -5.84 2.21
N TYR A 20 6.38 -4.84 1.70
CA TYR A 20 6.49 -3.48 2.22
C TYR A 20 6.05 -3.39 3.68
N LEU A 21 4.82 -3.81 3.95
CA LEU A 21 4.27 -3.75 5.31
C LEU A 21 5.12 -4.57 6.30
N ARG A 22 5.73 -5.64 5.82
CA ARG A 22 6.56 -6.48 6.67
C ARG A 22 7.85 -5.76 7.05
N GLU A 23 8.34 -4.93 6.14
CA GLU A 23 9.56 -4.17 6.36
C GLU A 23 9.27 -2.89 7.13
N GLN A 24 8.05 -2.39 6.99
CA GLN A 24 7.64 -1.17 7.67
C GLN A 24 7.47 -1.39 9.16
N ALA A 25 6.67 -2.39 9.53
CA ALA A 25 6.43 -2.71 10.93
C ALA A 25 7.74 -2.84 11.71
N THR A 26 8.67 -3.63 11.16
CA THR A 26 9.96 -3.84 11.81
C THR A 26 10.81 -2.58 11.76
N GLY A 27 10.57 -1.75 10.75
CA GLY A 27 11.32 -0.53 10.60
C GLY A 27 12.66 -0.74 9.90
N SER A 28 13.04 -1.99 9.73
CA SER A 28 14.30 -2.33 9.08
C SER A 28 14.08 -3.33 7.96
N LYS A 29 15.15 -3.65 7.24
CA LYS A 29 15.07 -4.61 6.13
C LYS A 29 14.69 -6.00 6.65
N ASP A 30 13.74 -6.63 5.96
CA ASP A 30 13.28 -7.96 6.34
C ASP A 30 14.42 -8.97 6.27
N SER A 31 14.62 -9.56 5.10
CA SER A 31 15.69 -10.54 4.90
C SER A 31 16.20 -10.51 3.46
N LYS A 32 15.58 -11.32 2.60
CA LYS A 32 15.96 -11.38 1.20
C LYS A 32 15.17 -10.36 0.37
N PRO A 33 15.85 -9.64 -0.54
CA PRO A 33 15.21 -8.64 -1.39
C PRO A 33 14.32 -9.27 -2.45
N LEU A 34 13.72 -8.44 -3.30
CA LEU A 34 12.84 -8.92 -4.36
C LEU A 34 13.61 -9.77 -5.35
N GLY A 35 12.88 -10.55 -6.15
CA GLY A 35 13.52 -11.40 -7.14
C GLY A 35 12.53 -12.10 -8.05
N GLU A 36 11.49 -12.69 -7.47
CA GLU A 36 10.48 -13.40 -8.25
C GLU A 36 9.29 -12.49 -8.56
N ALA A 37 9.04 -11.53 -7.68
CA ALA A 37 7.94 -10.59 -7.87
C ALA A 37 7.99 -9.95 -9.24
N GLY A 38 9.21 -9.73 -9.73
CA GLY A 38 9.38 -9.14 -11.04
C GLY A 38 9.95 -7.73 -10.97
N ALA A 39 9.52 -6.87 -11.90
CA ALA A 39 9.99 -5.50 -11.94
C ALA A 39 9.20 -4.60 -11.00
N ALA A 40 7.97 -5.01 -10.67
CA ALA A 40 7.13 -4.22 -9.78
C ALA A 40 7.69 -4.17 -8.37
N GLY A 41 7.82 -5.33 -7.75
CA GLY A 41 8.33 -5.39 -6.38
C GLY A 41 9.64 -4.68 -6.18
N ARG A 42 10.59 -4.92 -7.09
CA ARG A 42 11.90 -4.30 -6.98
C ARG A 42 11.81 -2.78 -7.01
N ARG A 43 11.05 -2.25 -7.95
CA ARG A 43 10.90 -0.81 -8.10
C ARG A 43 9.78 -0.24 -7.23
N ALA A 44 8.91 -1.09 -6.74
CA ALA A 44 7.80 -0.66 -5.91
C ALA A 44 8.18 -0.64 -4.44
N LEU A 45 8.82 -1.70 -3.98
CA LEU A 45 9.22 -1.77 -2.59
C LEU A 45 10.21 -0.65 -2.26
N GLU A 46 11.01 -0.26 -3.25
CA GLU A 46 11.99 0.81 -3.06
C GLU A 46 11.31 2.17 -3.21
N THR A 47 10.42 2.27 -4.18
CA THR A 47 9.68 3.51 -4.40
C THR A 47 8.77 3.78 -3.21
N LEU A 48 7.91 2.81 -2.92
CA LEU A 48 6.97 2.91 -1.80
C LEU A 48 7.70 3.20 -0.49
N ARG A 49 8.90 2.65 -0.34
CA ARG A 49 9.68 2.87 0.87
C ARG A 49 9.98 4.35 1.02
N ARG A 50 10.39 4.98 -0.08
CA ARG A 50 10.71 6.41 -0.07
C ARG A 50 9.44 7.25 0.07
N VAL A 51 8.48 7.05 -0.84
CA VAL A 51 7.23 7.81 -0.80
C VAL A 51 6.52 7.63 0.52
N GLY A 52 6.73 6.49 1.17
CA GLY A 52 6.10 6.24 2.45
C GLY A 52 6.75 7.04 3.56
N ASP A 53 8.08 7.04 3.56
CA ASP A 53 8.84 7.79 4.56
C ASP A 53 8.47 9.26 4.46
N GLY A 54 8.22 9.71 3.23
CA GLY A 54 7.84 11.08 3.01
C GLY A 54 6.39 11.32 3.37
N VAL A 55 5.50 10.47 2.84
CA VAL A 55 4.08 10.58 3.12
C VAL A 55 3.83 10.70 4.62
N GLN A 56 4.49 9.85 5.39
CA GLN A 56 4.34 9.86 6.84
C GLN A 56 4.76 11.21 7.42
N ARG A 57 5.84 11.77 6.87
CA ARG A 57 6.34 13.06 7.33
C ARG A 57 5.44 14.19 6.83
N ASN A 58 4.72 13.91 5.76
CA ASN A 58 3.81 14.89 5.16
C ASN A 58 2.41 14.77 5.73
N HIS A 59 2.11 13.61 6.34
CA HIS A 59 0.81 13.36 6.88
C HIS A 59 0.85 13.20 8.40
N GLU A 60 2.03 13.23 8.99
CA GLU A 60 2.15 13.07 10.43
C GLU A 60 0.97 13.68 11.17
N THR A 61 0.45 14.80 10.67
CA THR A 61 -0.70 15.43 11.28
C THR A 61 -1.97 14.65 10.94
N ALA A 62 -2.12 14.33 9.65
CA ALA A 62 -3.27 13.56 9.18
C ALA A 62 -3.22 12.15 9.76
N PHE A 63 -2.10 11.47 9.54
CA PHE A 63 -1.88 10.11 10.02
C PHE A 63 -2.21 10.00 11.50
N GLN A 64 -1.81 11.00 12.28
CA GLN A 64 -2.06 11.02 13.72
C GLN A 64 -3.55 11.15 14.02
N GLY A 65 -4.21 12.04 13.27
CA GLY A 65 -5.63 12.26 13.48
C GLY A 65 -6.49 11.14 12.93
N MET A 66 -6.02 10.48 11.89
CA MET A 66 -6.77 9.39 11.26
C MET A 66 -6.81 8.18 12.17
N LEU A 67 -5.64 7.68 12.56
CA LEU A 67 -5.54 6.52 13.43
C LEU A 67 -6.15 6.83 14.80
N ARG A 68 -6.04 8.09 15.22
CA ARG A 68 -6.60 8.52 16.50
C ARG A 68 -8.10 8.26 16.53
N LYS A 69 -8.78 8.64 15.45
CA LYS A 69 -10.21 8.44 15.35
C LYS A 69 -10.55 6.95 15.39
N LEU A 70 -9.65 6.14 14.84
CA LEU A 70 -9.84 4.70 14.83
C LEU A 70 -9.29 4.07 16.10
N ASP A 71 -9.41 2.75 16.21
CA ASP A 71 -8.92 2.03 17.38
C ASP A 71 -8.98 0.52 17.15
N ILE A 72 -7.99 0.02 16.40
CA ILE A 72 -7.91 -1.41 16.10
C ILE A 72 -7.94 -2.24 17.38
N LYS A 73 -8.93 -3.12 17.48
CA LYS A 73 -9.07 -3.99 18.64
C LYS A 73 -9.14 -5.45 18.20
N ASN A 74 -9.76 -5.66 17.05
CA ASN A 74 -9.91 -7.00 16.50
C ASN A 74 -9.96 -6.93 14.97
N GLU A 75 -10.22 -8.06 14.34
CA GLU A 75 -10.31 -8.11 12.88
C GLU A 75 -11.53 -7.31 12.41
N GLY A 76 -12.41 -7.02 13.35
CA GLY A 76 -13.61 -6.25 13.03
C GLY A 76 -13.31 -4.77 12.91
N ASP A 77 -12.20 -4.33 13.48
CA ASP A 77 -11.82 -2.93 13.43
C ASP A 77 -11.36 -2.56 12.02
N VAL A 78 -11.15 -3.58 11.20
CA VAL A 78 -10.73 -3.37 9.82
C VAL A 78 -11.80 -2.59 9.06
N LYS A 79 -13.04 -2.65 9.56
CA LYS A 79 -14.14 -1.93 8.96
C LYS A 79 -13.84 -0.45 8.94
N SER A 80 -13.08 -0.01 9.94
CA SER A 80 -12.68 1.39 10.04
C SER A 80 -11.77 1.75 8.88
N PHE A 81 -10.95 0.79 8.46
CA PHE A 81 -10.05 1.01 7.34
C PHE A 81 -10.86 1.22 6.08
N SER A 82 -11.99 0.54 5.99
CA SER A 82 -12.87 0.69 4.83
C SER A 82 -13.30 2.15 4.70
N ARG A 83 -13.57 2.78 5.84
CA ARG A 83 -13.98 4.17 5.87
C ARG A 83 -12.90 5.05 5.22
N VAL A 84 -11.67 4.91 5.69
CA VAL A 84 -10.56 5.67 5.14
C VAL A 84 -10.28 5.25 3.70
N MET A 85 -10.63 4.02 3.37
CA MET A 85 -10.43 3.52 2.00
C MET A 85 -11.10 4.47 1.03
N VAL A 86 -12.32 4.85 1.36
CA VAL A 86 -13.09 5.76 0.54
C VAL A 86 -12.68 7.21 0.75
N HIS A 87 -12.48 7.59 2.00
CA HIS A 87 -12.09 8.96 2.33
C HIS A 87 -10.78 9.35 1.64
N VAL A 88 -9.99 8.35 1.27
CA VAL A 88 -8.73 8.61 0.59
C VAL A 88 -8.98 9.07 -0.84
N PHE A 89 -9.85 8.36 -1.56
CA PHE A 89 -10.19 8.72 -2.92
C PHE A 89 -11.51 9.49 -2.97
N LYS A 90 -11.71 10.37 -1.99
CA LYS A 90 -12.93 11.15 -1.91
C LYS A 90 -13.11 12.03 -3.14
N ASP A 91 -12.08 12.82 -3.45
CA ASP A 91 -12.12 13.71 -4.61
C ASP A 91 -12.41 12.92 -5.89
N GLY A 92 -13.21 13.50 -6.77
CA GLY A 92 -13.54 12.85 -8.02
C GLY A 92 -12.32 12.57 -8.87
N VAL A 93 -11.39 13.53 -8.89
CA VAL A 93 -10.17 13.40 -9.68
C VAL A 93 -9.30 12.27 -9.14
N THR A 94 -8.83 11.41 -10.04
CA THR A 94 -7.98 10.28 -9.67
C THR A 94 -6.50 10.61 -9.87
N ASN A 95 -5.68 10.22 -8.91
CA ASN A 95 -4.24 10.47 -8.99
C ASN A 95 -3.46 9.42 -8.20
N TRP A 96 -2.31 9.02 -8.74
CA TRP A 96 -1.47 8.03 -8.09
C TRP A 96 -1.15 8.46 -6.67
N GLY A 97 -1.02 9.77 -6.48
CA GLY A 97 -0.73 10.29 -5.15
C GLY A 97 -1.78 9.88 -4.14
N ARG A 98 -3.04 9.86 -4.58
CA ARG A 98 -4.15 9.46 -3.72
C ARG A 98 -4.02 8.00 -3.35
N ILE A 99 -3.80 7.15 -4.36
CA ILE A 99 -3.64 5.73 -4.14
C ILE A 99 -2.41 5.47 -3.26
N VAL A 100 -1.44 6.37 -3.36
CA VAL A 100 -0.23 6.25 -2.55
C VAL A 100 -0.55 6.51 -1.08
N THR A 101 -1.52 7.39 -0.84
CA THR A 101 -1.93 7.72 0.52
C THR A 101 -2.64 6.54 1.16
N LEU A 102 -3.41 5.82 0.36
CA LEU A 102 -4.14 4.65 0.84
C LEU A 102 -3.15 3.59 1.32
N ILE A 103 -2.23 3.24 0.44
CA ILE A 103 -1.21 2.26 0.78
C ILE A 103 -0.34 2.79 1.92
N SER A 104 -0.17 4.12 1.93
CA SER A 104 0.63 4.77 2.95
C SER A 104 -0.02 4.71 4.33
N PHE A 105 -1.35 4.85 4.37
CA PHE A 105 -2.05 4.82 5.64
C PHE A 105 -1.99 3.44 6.29
N GLY A 106 -2.48 2.43 5.57
CA GLY A 106 -2.46 1.08 6.09
C GLY A 106 -1.05 0.60 6.39
N ALA A 107 -0.08 1.07 5.61
CA ALA A 107 1.30 0.68 5.82
C ALA A 107 1.80 1.25 7.13
N PHE A 108 1.42 2.50 7.39
CA PHE A 108 1.81 3.19 8.63
C PHE A 108 1.02 2.61 9.80
N VAL A 109 -0.21 2.21 9.53
CA VAL A 109 -1.07 1.63 10.56
C VAL A 109 -0.58 0.24 10.92
N ALA A 110 0.01 -0.46 9.94
CA ALA A 110 0.54 -1.79 10.17
C ALA A 110 1.73 -1.70 11.11
N LYS A 111 2.59 -0.72 10.87
CA LYS A 111 3.77 -0.50 11.70
C LYS A 111 3.30 -0.08 13.09
N HIS A 112 2.16 0.61 13.12
CA HIS A 112 1.56 1.07 14.36
C HIS A 112 1.03 -0.13 15.14
N LEU A 113 0.36 -1.02 14.41
CA LEU A 113 -0.22 -2.23 14.99
C LEU A 113 0.88 -3.15 15.53
N LYS A 114 2.05 -3.11 14.89
CA LYS A 114 3.17 -3.94 15.33
C LYS A 114 3.90 -3.30 16.51
N SER A 115 3.83 -1.97 16.59
CA SER A 115 4.47 -1.24 17.67
C SER A 115 3.74 -1.48 18.99
N VAL A 116 2.50 -1.94 18.90
CA VAL A 116 1.70 -2.21 20.09
C VAL A 116 1.61 -3.71 20.37
N ASN A 117 2.33 -4.50 19.57
CA ASN A 117 2.35 -5.95 19.73
C ASN A 117 0.98 -6.56 19.46
N GLN A 118 0.47 -6.33 18.25
CA GLN A 118 -0.82 -6.86 17.85
C GLN A 118 -0.74 -7.49 16.46
N GLU A 119 0.43 -8.04 16.14
CA GLU A 119 0.66 -8.67 14.84
C GLU A 119 -0.47 -9.66 14.51
N SER A 120 -1.18 -10.11 15.53
CA SER A 120 -2.28 -11.05 15.34
C SER A 120 -3.30 -10.49 14.36
N PHE A 121 -3.67 -9.22 14.55
CA PHE A 121 -4.63 -8.58 13.68
C PHE A 121 -3.94 -7.98 12.46
N ILE A 122 -2.61 -7.98 12.49
CA ILE A 122 -1.82 -7.44 11.40
C ILE A 122 -1.89 -8.34 10.18
N GLU A 123 -1.86 -9.66 10.40
CA GLU A 123 -1.93 -10.61 9.29
C GLU A 123 -3.13 -10.30 8.41
N PRO A 124 -4.36 -10.24 8.99
CA PRO A 124 -5.55 -9.92 8.22
C PRO A 124 -5.58 -8.46 7.83
N LEU A 125 -4.80 -7.65 8.54
CA LEU A 125 -4.72 -6.23 8.25
C LEU A 125 -4.12 -6.01 6.87
N ALA A 126 -2.95 -6.59 6.64
CA ALA A 126 -2.28 -6.47 5.36
C ALA A 126 -3.11 -7.11 4.25
N GLU A 127 -3.66 -8.29 4.53
CA GLU A 127 -4.47 -9.00 3.55
C GLU A 127 -5.66 -8.15 3.09
N THR A 128 -6.19 -7.34 4.00
CA THR A 128 -7.33 -6.49 3.69
C THR A 128 -6.91 -5.24 2.93
N ILE A 129 -5.91 -4.53 3.46
CA ILE A 129 -5.43 -3.31 2.83
C ILE A 129 -5.10 -3.55 1.35
N THR A 130 -4.50 -4.70 1.06
CA THR A 130 -4.15 -5.05 -0.31
C THR A 130 -5.38 -5.34 -1.14
N ASP A 131 -6.18 -6.28 -0.66
CA ASP A 131 -7.41 -6.67 -1.35
C ASP A 131 -8.20 -5.44 -1.72
N VAL A 132 -8.45 -4.63 -0.72
CA VAL A 132 -9.20 -3.42 -0.87
C VAL A 132 -8.49 -2.40 -1.76
N LEU A 133 -7.16 -2.54 -1.85
CA LEU A 133 -6.38 -1.61 -2.68
C LEU A 133 -6.51 -1.92 -4.17
N VAL A 134 -6.20 -3.16 -4.57
CA VAL A 134 -6.30 -3.53 -5.98
C VAL A 134 -7.74 -3.74 -6.40
N ARG A 135 -8.55 -4.21 -5.46
CA ARG A 135 -9.97 -4.46 -5.72
C ARG A 135 -10.77 -3.17 -5.79
N THR A 136 -10.30 -2.11 -5.14
CA THR A 136 -11.03 -0.84 -5.16
C THR A 136 -10.64 0.01 -6.36
N LYS A 137 -9.42 -0.16 -6.83
CA LYS A 137 -8.94 0.59 -7.98
C LYS A 137 -8.50 -0.34 -9.12
N ARG A 138 -9.25 -1.43 -9.30
CA ARG A 138 -8.95 -2.40 -10.35
C ARG A 138 -9.10 -1.78 -11.74
N ASP A 139 -10.21 -1.06 -11.96
CA ASP A 139 -10.46 -0.42 -13.25
C ASP A 139 -9.25 0.40 -13.68
N TRP A 140 -8.79 1.27 -12.79
CA TRP A 140 -7.63 2.10 -13.05
C TRP A 140 -6.40 1.21 -13.25
N LEU A 141 -6.22 0.26 -12.34
CA LEU A 141 -5.11 -0.67 -12.40
C LEU A 141 -5.08 -1.42 -13.73
N VAL A 142 -6.24 -1.63 -14.32
CA VAL A 142 -6.32 -2.34 -15.60
C VAL A 142 -6.20 -1.37 -16.77
N LYS A 143 -6.66 -0.14 -16.55
CA LYS A 143 -6.61 0.89 -17.60
C LYS A 143 -5.26 1.60 -17.61
N GLN A 144 -4.44 1.36 -16.58
CA GLN A 144 -3.13 2.00 -16.50
C GLN A 144 -2.06 1.00 -16.07
N ARG A 145 -2.15 -0.21 -16.58
CA ARG A 145 -1.19 -1.28 -16.28
C ARG A 145 -0.89 -1.35 -14.78
N GLY A 146 -1.82 -0.86 -13.96
CA GLY A 146 -1.64 -0.88 -12.52
C GLY A 146 -0.21 -0.69 -12.07
N TRP A 147 0.39 -1.77 -11.60
CA TRP A 147 1.77 -1.74 -11.11
C TRP A 147 2.69 -0.93 -12.03
N ASP A 148 2.71 -1.27 -13.31
CA ASP A 148 3.56 -0.57 -14.27
C ASP A 148 3.28 0.93 -14.24
N GLY A 149 2.01 1.29 -14.14
CA GLY A 149 1.65 2.70 -14.10
C GLY A 149 2.22 3.40 -12.89
N PHE A 150 2.00 2.81 -11.72
CA PHE A 150 2.50 3.36 -10.46
C PHE A 150 3.95 3.79 -10.61
N VAL A 151 4.75 2.95 -11.25
CA VAL A 151 6.16 3.23 -11.47
C VAL A 151 6.34 4.17 -12.66
N GLU A 152 5.41 4.10 -13.62
CA GLU A 152 5.46 4.97 -14.79
C GLU A 152 5.32 6.42 -14.35
N PHE A 153 4.52 6.62 -13.31
CA PHE A 153 4.27 7.92 -12.74
C PHE A 153 5.51 8.40 -11.99
N PHE A 154 6.18 7.45 -11.35
CA PHE A 154 7.38 7.73 -10.58
C PHE A 154 8.64 7.34 -11.33
N HIS A 155 8.55 7.35 -12.67
CA HIS A 155 9.70 7.04 -13.51
C HIS A 155 10.45 8.32 -13.86
N VAL A 156 10.05 9.40 -13.21
CA VAL A 156 10.66 10.70 -13.43
C VAL A 156 11.93 10.88 -12.61
N GLN A 157 12.22 9.88 -11.79
CA GLN A 157 13.40 9.90 -10.93
C GLN A 157 14.67 10.13 -11.77
N ASP A 158 14.60 9.75 -13.05
CA ASP A 158 15.74 9.91 -13.94
C ASP A 158 15.39 10.82 -15.12
N LEU A 159 14.57 11.84 -14.83
CA LEU A 159 14.15 12.79 -15.85
C LEU A 159 13.89 14.16 -15.25
N GLU A 160 14.34 15.21 -15.92
CA GLU A 160 14.16 16.58 -15.45
C GLU A 160 14.03 17.54 -16.62
N GLY A 161 13.76 18.80 -16.32
CA GLY A 161 13.61 19.81 -17.35
C GLY A 161 12.49 20.78 -17.06
N GLY A 162 11.73 21.14 -18.09
CA GLY A 162 10.63 22.07 -17.91
C GLY A 162 10.21 22.72 -19.22
N GLY A 1 -2.22 -21.79 -8.47
CA GLY A 1 -2.85 -22.77 -9.40
C GLY A 1 -3.03 -22.21 -10.79
N PRO A 2 -3.21 -23.09 -11.80
CA PRO A 2 -3.39 -22.66 -13.20
C PRO A 2 -4.58 -21.71 -13.35
N LEU A 3 -5.64 -21.97 -12.61
CA LEU A 3 -6.84 -21.13 -12.67
C LEU A 3 -6.58 -19.77 -12.04
N GLY A 4 -7.40 -18.79 -12.39
CA GLY A 4 -7.25 -17.45 -11.86
C GLY A 4 -6.66 -16.49 -12.87
N SER A 5 -7.35 -16.33 -13.99
CA SER A 5 -6.89 -15.43 -15.04
C SER A 5 -7.59 -14.08 -14.96
N GLU A 6 -8.39 -13.90 -13.90
CA GLU A 6 -9.11 -12.66 -13.69
C GLU A 6 -8.25 -11.62 -12.98
N ASP A 7 -8.09 -11.79 -11.66
CA ASP A 7 -7.29 -10.88 -10.87
C ASP A 7 -5.82 -11.31 -10.86
N ASP A 8 -5.09 -10.92 -11.89
CA ASP A 8 -3.68 -11.28 -12.01
C ASP A 8 -2.80 -10.28 -11.25
N LEU A 9 -3.18 -9.01 -11.30
CA LEU A 9 -2.43 -7.97 -10.62
C LEU A 9 -2.46 -8.17 -9.11
N TYR A 10 -3.66 -8.34 -8.56
CA TYR A 10 -3.83 -8.53 -7.12
C TYR A 10 -2.75 -9.45 -6.55
N ARG A 11 -2.41 -10.51 -7.29
CA ARG A 11 -1.38 -11.44 -6.85
C ARG A 11 -0.09 -10.70 -6.54
N GLN A 12 0.29 -9.79 -7.43
CA GLN A 12 1.51 -9.01 -7.25
C GLN A 12 1.28 -7.87 -6.26
N SER A 13 0.20 -7.11 -6.44
CA SER A 13 -0.12 -6.01 -5.53
C SER A 13 0.01 -6.47 -4.09
N LEU A 14 -0.22 -7.77 -3.89
CA LEU A 14 -0.12 -8.41 -2.58
C LEU A 14 1.32 -8.80 -2.27
N GLU A 15 2.00 -9.35 -3.28
CA GLU A 15 3.39 -9.77 -3.10
C GLU A 15 4.23 -8.58 -2.66
N ILE A 16 4.13 -7.49 -3.39
CA ILE A 16 4.87 -6.28 -3.07
C ILE A 16 4.38 -5.69 -1.75
N ILE A 17 3.07 -5.60 -1.59
CA ILE A 17 2.51 -5.05 -0.36
C ILE A 17 3.03 -5.84 0.83
N SER A 18 3.11 -7.15 0.68
CA SER A 18 3.61 -8.01 1.74
C SER A 18 5.06 -7.68 2.03
N ARG A 19 5.83 -7.45 0.97
CA ARG A 19 7.24 -7.09 1.09
C ARG A 19 7.41 -5.75 1.79
N TYR A 20 6.71 -4.74 1.28
CA TYR A 20 6.76 -3.39 1.84
C TYR A 20 6.26 -3.36 3.28
N LEU A 21 5.10 -3.97 3.51
CA LEU A 21 4.49 -3.99 4.84
C LEU A 21 5.38 -4.73 5.85
N ARG A 22 6.04 -5.79 5.40
CA ARG A 22 6.91 -6.57 6.26
C ARG A 22 8.21 -5.83 6.56
N GLU A 23 8.56 -4.90 5.67
CA GLU A 23 9.77 -4.12 5.82
C GLU A 23 9.53 -2.89 6.68
N GLN A 24 8.29 -2.42 6.70
CA GLN A 24 7.93 -1.24 7.50
C GLN A 24 7.52 -1.64 8.92
N ALA A 25 6.77 -2.73 9.03
CA ALA A 25 6.31 -3.21 10.33
C ALA A 25 7.48 -3.50 11.26
N THR A 26 8.54 -4.10 10.71
CA THR A 26 9.71 -4.44 11.49
C THR A 26 10.80 -3.37 11.37
N GLY A 27 10.92 -2.80 10.17
CA GLY A 27 11.91 -1.77 9.94
C GLY A 27 13.16 -2.31 9.25
N SER A 28 13.34 -3.62 9.31
CA SER A 28 14.50 -4.26 8.69
C SER A 28 14.16 -4.75 7.28
N LYS A 29 15.18 -4.94 6.46
CA LYS A 29 15.00 -5.41 5.10
C LYS A 29 14.43 -6.83 5.09
N ASP A 30 13.68 -7.15 4.03
CA ASP A 30 13.07 -8.47 3.90
C ASP A 30 14.13 -9.52 3.56
N SER A 31 13.70 -10.77 3.42
CA SER A 31 14.60 -11.87 3.10
C SER A 31 14.31 -12.43 1.71
N LYS A 32 13.04 -12.37 1.30
CA LYS A 32 12.62 -12.87 0.00
C LYS A 32 12.72 -11.77 -1.07
N PRO A 33 13.45 -12.05 -2.17
CA PRO A 33 13.63 -11.08 -3.26
C PRO A 33 12.38 -10.96 -4.13
N LEU A 34 12.33 -9.93 -4.95
CA LEU A 34 11.21 -9.70 -5.85
C LEU A 34 11.44 -10.39 -7.19
N GLY A 35 12.55 -11.11 -7.29
CA GLY A 35 12.90 -11.81 -8.52
C GLY A 35 11.74 -12.60 -9.11
N GLU A 36 10.89 -13.13 -8.24
CA GLU A 36 9.74 -13.92 -8.68
C GLU A 36 8.53 -13.02 -8.91
N ALA A 37 8.25 -12.16 -7.95
CA ALA A 37 7.12 -11.24 -8.05
C ALA A 37 7.21 -10.40 -9.32
N GLY A 38 8.44 -10.24 -9.82
CA GLY A 38 8.65 -9.46 -11.03
C GLY A 38 9.50 -8.24 -10.80
N ALA A 39 9.47 -7.32 -11.76
CA ALA A 39 10.26 -6.09 -11.67
C ALA A 39 9.54 -5.03 -10.85
N ALA A 40 8.22 -5.17 -10.72
CA ALA A 40 7.43 -4.20 -9.97
C ALA A 40 7.99 -3.98 -8.58
N GLY A 41 8.01 -5.04 -7.78
CA GLY A 41 8.51 -4.93 -6.42
C GLY A 41 9.91 -4.35 -6.31
N ARG A 42 10.73 -4.59 -7.32
CA ARG A 42 12.09 -4.08 -7.32
C ARG A 42 12.09 -2.55 -7.29
N ARG A 43 11.38 -1.95 -8.23
CA ARG A 43 11.29 -0.49 -8.33
C ARG A 43 10.17 0.08 -7.48
N ALA A 44 9.24 -0.76 -7.07
CA ALA A 44 8.08 -0.33 -6.28
C ALA A 44 8.39 -0.32 -4.79
N LEU A 45 9.14 -1.30 -4.31
CA LEU A 45 9.48 -1.37 -2.91
C LEU A 45 10.45 -0.26 -2.53
N GLU A 46 11.33 0.10 -3.47
CA GLU A 46 12.29 1.17 -3.24
C GLU A 46 11.62 2.53 -3.42
N THR A 47 10.67 2.58 -4.34
CA THR A 47 9.93 3.80 -4.58
C THR A 47 8.97 4.06 -3.43
N LEU A 48 8.10 3.08 -3.17
CA LEU A 48 7.13 3.16 -2.08
C LEU A 48 7.82 3.48 -0.76
N ARG A 49 9.03 2.94 -0.58
CA ARG A 49 9.78 3.18 0.64
C ARG A 49 10.06 4.67 0.79
N ARG A 50 10.51 5.29 -0.30
CA ARG A 50 10.81 6.72 -0.30
C ARG A 50 9.52 7.55 -0.18
N VAL A 51 8.58 7.33 -1.09
CA VAL A 51 7.33 8.07 -1.07
C VAL A 51 6.61 7.88 0.25
N GLY A 52 6.84 6.75 0.90
CA GLY A 52 6.22 6.49 2.17
C GLY A 52 6.84 7.31 3.28
N ASP A 53 8.16 7.33 3.31
CA ASP A 53 8.89 8.11 4.30
C ASP A 53 8.48 9.57 4.20
N GLY A 54 8.22 10.01 2.97
CA GLY A 54 7.79 11.36 2.74
C GLY A 54 6.33 11.55 3.11
N VAL A 55 5.48 10.67 2.57
CA VAL A 55 4.04 10.73 2.87
C VAL A 55 3.80 10.87 4.36
N GLN A 56 4.47 10.03 5.14
CA GLN A 56 4.32 10.05 6.60
C GLN A 56 4.70 11.42 7.15
N ARG A 57 5.76 12.01 6.61
CA ARG A 57 6.20 13.32 7.06
C ARG A 57 5.28 14.42 6.54
N ASN A 58 4.55 14.10 5.47
CA ASN A 58 3.62 15.03 4.86
C ASN A 58 2.21 14.86 5.44
N HIS A 59 1.96 13.71 6.04
CA HIS A 59 0.65 13.40 6.59
C HIS A 59 0.68 13.27 8.09
N GLU A 60 1.86 13.34 8.70
CA GLU A 60 1.97 13.20 10.16
C GLU A 60 0.75 13.77 10.87
N THR A 61 0.21 14.86 10.33
CA THR A 61 -0.99 15.47 10.92
C THR A 61 -2.22 14.62 10.59
N ALA A 62 -2.36 14.31 9.31
CA ALA A 62 -3.48 13.48 8.84
C ALA A 62 -3.37 12.07 9.42
N PHE A 63 -2.22 11.44 9.22
CA PHE A 63 -1.96 10.10 9.72
C PHE A 63 -2.31 9.98 11.20
N GLN A 64 -1.91 10.99 11.97
CA GLN A 64 -2.20 11.00 13.40
C GLN A 64 -3.68 11.14 13.67
N GLY A 65 -4.34 11.99 12.87
CA GLY A 65 -5.77 12.21 13.04
C GLY A 65 -6.61 11.06 12.54
N MET A 66 -6.12 10.34 11.53
CA MET A 66 -6.86 9.21 10.97
C MET A 66 -6.86 8.02 11.93
N LEU A 67 -5.67 7.57 12.32
CA LEU A 67 -5.55 6.45 13.23
C LEU A 67 -6.22 6.75 14.56
N ARG A 68 -6.10 8.01 15.00
CA ARG A 68 -6.70 8.42 16.27
C ARG A 68 -8.22 8.23 16.21
N LYS A 69 -8.80 8.59 15.06
CA LYS A 69 -10.23 8.46 14.86
C LYS A 69 -10.65 7.00 14.95
N LEU A 70 -9.79 6.11 14.46
CA LEU A 70 -10.07 4.67 14.50
C LEU A 70 -9.68 4.09 15.85
N ASP A 71 -9.89 2.79 16.02
CA ASP A 71 -9.55 2.10 17.26
C ASP A 71 -9.41 0.61 17.02
N ILE A 72 -8.39 0.25 16.28
CA ILE A 72 -8.11 -1.16 15.96
C ILE A 72 -8.00 -1.99 17.24
N LYS A 73 -8.89 -2.97 17.36
CA LYS A 73 -8.89 -3.86 18.52
C LYS A 73 -8.68 -5.29 18.06
N ASN A 74 -9.24 -5.60 16.91
CA ASN A 74 -9.12 -6.92 16.30
C ASN A 74 -9.21 -6.81 14.78
N GLU A 75 -9.16 -7.95 14.10
CA GLU A 75 -9.25 -7.97 12.64
C GLU A 75 -10.62 -7.46 12.21
N GLY A 76 -11.53 -7.33 13.17
CA GLY A 76 -12.87 -6.85 12.88
C GLY A 76 -12.93 -5.33 12.79
N ASP A 77 -11.94 -4.67 13.40
CA ASP A 77 -11.88 -3.21 13.39
C ASP A 77 -11.44 -2.72 12.02
N VAL A 78 -11.14 -3.66 11.13
CA VAL A 78 -10.70 -3.35 9.78
C VAL A 78 -11.77 -2.53 9.05
N LYS A 79 -13.02 -2.65 9.52
CA LYS A 79 -14.14 -1.93 8.93
C LYS A 79 -13.81 -0.44 8.87
N SER A 80 -13.02 0.03 9.83
CA SER A 80 -12.62 1.42 9.89
C SER A 80 -11.70 1.74 8.71
N PHE A 81 -10.83 0.78 8.38
CA PHE A 81 -9.91 0.96 7.27
C PHE A 81 -10.69 1.12 5.96
N SER A 82 -11.88 0.52 5.93
CA SER A 82 -12.72 0.62 4.75
C SER A 82 -13.15 2.08 4.54
N ARG A 83 -13.47 2.75 5.64
CA ARG A 83 -13.87 4.14 5.60
C ARG A 83 -12.78 5.01 4.99
N VAL A 84 -11.55 4.83 5.46
CA VAL A 84 -10.42 5.59 4.94
C VAL A 84 -10.10 5.14 3.52
N MET A 85 -10.37 3.87 3.21
CA MET A 85 -10.12 3.34 1.89
C MET A 85 -10.76 4.23 0.84
N VAL A 86 -12.02 4.59 1.06
CA VAL A 86 -12.75 5.45 0.15
C VAL A 86 -12.45 6.92 0.43
N HIS A 87 -12.23 7.24 1.70
CA HIS A 87 -11.93 8.61 2.10
C HIS A 87 -10.63 9.09 1.46
N VAL A 88 -9.76 8.16 1.10
CA VAL A 88 -8.49 8.51 0.47
C VAL A 88 -8.71 8.99 -0.95
N PHE A 89 -9.51 8.25 -1.71
CA PHE A 89 -9.82 8.62 -3.09
C PHE A 89 -11.17 9.35 -3.17
N LYS A 90 -11.43 10.21 -2.19
CA LYS A 90 -12.67 10.96 -2.15
C LYS A 90 -12.46 12.41 -2.54
N ASP A 91 -11.21 12.78 -2.78
CA ASP A 91 -10.87 14.15 -3.16
C ASP A 91 -11.50 14.50 -4.52
N GLY A 92 -11.57 13.52 -5.40
CA GLY A 92 -12.15 13.76 -6.72
C GLY A 92 -11.31 13.14 -7.82
N VAL A 93 -10.26 13.85 -8.23
CA VAL A 93 -9.38 13.37 -9.29
C VAL A 93 -8.59 12.15 -8.83
N THR A 94 -8.61 11.11 -9.67
CA THR A 94 -7.90 9.87 -9.35
C THR A 94 -6.47 9.91 -9.88
N ASN A 95 -5.50 9.93 -8.97
CA ASN A 95 -4.09 9.97 -9.35
C ASN A 95 -3.27 9.04 -8.46
N TRP A 96 -2.07 8.71 -8.92
CA TRP A 96 -1.19 7.82 -8.17
C TRP A 96 -0.90 8.37 -6.79
N GLY A 97 -0.91 9.71 -6.66
CA GLY A 97 -0.68 10.33 -5.38
C GLY A 97 -1.69 9.88 -4.35
N ARG A 98 -2.95 9.80 -4.76
CA ARG A 98 -4.02 9.37 -3.87
C ARG A 98 -3.81 7.91 -3.47
N ILE A 99 -3.57 7.07 -4.47
CA ILE A 99 -3.33 5.64 -4.21
C ILE A 99 -2.10 5.48 -3.33
N VAL A 100 -1.18 6.43 -3.42
CA VAL A 100 0.04 6.40 -2.62
C VAL A 100 -0.31 6.65 -1.14
N THR A 101 -1.30 7.51 -0.91
CA THR A 101 -1.73 7.83 0.44
C THR A 101 -2.40 6.63 1.09
N LEU A 102 -3.14 5.86 0.29
CA LEU A 102 -3.82 4.68 0.79
C LEU A 102 -2.80 3.64 1.24
N ILE A 103 -1.87 3.30 0.37
CA ILE A 103 -0.84 2.34 0.68
C ILE A 103 0.01 2.85 1.85
N SER A 104 0.18 4.17 1.90
CA SER A 104 0.95 4.81 2.94
C SER A 104 0.26 4.74 4.29
N PHE A 105 -1.05 4.94 4.31
CA PHE A 105 -1.80 4.91 5.56
C PHE A 105 -1.73 3.54 6.22
N GLY A 106 -2.17 2.51 5.51
CA GLY A 106 -2.15 1.17 6.06
C GLY A 106 -0.75 0.69 6.40
N ALA A 107 0.21 1.06 5.57
CA ALA A 107 1.59 0.64 5.83
C ALA A 107 2.07 1.26 7.14
N PHE A 108 1.68 2.52 7.34
CA PHE A 108 2.03 3.25 8.55
C PHE A 108 1.23 2.71 9.74
N VAL A 109 -0.01 2.31 9.48
CA VAL A 109 -0.88 1.77 10.51
C VAL A 109 -0.37 0.41 10.97
N ALA A 110 0.23 -0.34 10.04
CA ALA A 110 0.77 -1.65 10.37
C ALA A 110 1.96 -1.51 11.32
N LYS A 111 2.85 -0.58 10.98
CA LYS A 111 4.02 -0.32 11.82
C LYS A 111 3.54 0.16 13.18
N HIS A 112 2.39 0.82 13.18
CA HIS A 112 1.78 1.33 14.40
C HIS A 112 1.25 0.16 15.22
N LEU A 113 0.48 -0.70 14.56
CA LEU A 113 -0.10 -1.88 15.19
C LEU A 113 0.99 -2.76 15.79
N LYS A 114 2.09 -2.93 15.07
CA LYS A 114 3.19 -3.75 15.54
C LYS A 114 3.76 -3.19 16.84
N SER A 115 3.91 -1.87 16.88
CA SER A 115 4.43 -1.20 18.06
C SER A 115 3.43 -1.33 19.21
N VAL A 116 2.20 -1.69 18.86
CA VAL A 116 1.13 -1.86 19.83
C VAL A 116 1.03 -3.33 20.26
N ASN A 117 1.82 -4.18 19.60
CA ASN A 117 1.85 -5.60 19.88
C ASN A 117 0.57 -6.30 19.45
N GLN A 118 0.20 -6.12 18.19
CA GLN A 118 -1.00 -6.75 17.65
C GLN A 118 -0.79 -7.25 16.24
N GLU A 119 0.41 -7.78 15.98
CA GLU A 119 0.75 -8.31 14.66
C GLU A 119 -0.31 -9.30 14.19
N SER A 120 -1.06 -9.85 15.14
CA SER A 120 -2.12 -10.81 14.83
C SER A 120 -3.10 -10.21 13.83
N PHE A 121 -3.52 -8.98 14.06
CA PHE A 121 -4.44 -8.30 13.18
C PHE A 121 -3.69 -7.60 12.06
N ILE A 122 -2.37 -7.54 12.19
CA ILE A 122 -1.53 -6.89 11.19
C ILE A 122 -1.59 -7.66 9.87
N GLU A 123 -1.45 -8.98 9.94
CA GLU A 123 -1.49 -9.81 8.74
C GLU A 123 -2.72 -9.50 7.91
N PRO A 124 -3.94 -9.58 8.50
CA PRO A 124 -5.18 -9.29 7.79
C PRO A 124 -5.35 -7.78 7.55
N LEU A 125 -4.53 -6.99 8.23
CA LEU A 125 -4.57 -5.53 8.09
C LEU A 125 -4.07 -5.11 6.72
N ALA A 126 -2.94 -5.70 6.31
CA ALA A 126 -2.35 -5.38 5.02
C ALA A 126 -3.03 -6.16 3.90
N GLU A 127 -3.39 -7.41 4.18
CA GLU A 127 -4.05 -8.25 3.19
C GLU A 127 -5.38 -7.65 2.78
N THR A 128 -6.01 -6.93 3.70
CA THR A 128 -7.30 -6.30 3.43
C THR A 128 -7.12 -4.97 2.71
N ILE A 129 -6.33 -4.07 3.28
CA ILE A 129 -6.10 -2.76 2.68
C ILE A 129 -5.60 -2.92 1.23
N THR A 130 -4.76 -3.92 1.02
CA THR A 130 -4.23 -4.19 -0.31
C THR A 130 -5.32 -4.71 -1.23
N ASP A 131 -6.06 -5.71 -0.76
CA ASP A 131 -7.14 -6.29 -1.54
C ASP A 131 -8.08 -5.21 -2.04
N VAL A 132 -8.58 -4.39 -1.12
CA VAL A 132 -9.47 -3.32 -1.48
C VAL A 132 -8.79 -2.28 -2.35
N LEU A 133 -7.46 -2.16 -2.26
CA LEU A 133 -6.76 -1.18 -3.07
C LEU A 133 -6.82 -1.55 -4.55
N VAL A 134 -6.38 -2.77 -4.88
CA VAL A 134 -6.41 -3.23 -6.25
C VAL A 134 -7.83 -3.54 -6.68
N ARG A 135 -8.63 -4.04 -5.74
CA ARG A 135 -10.02 -4.38 -6.01
C ARG A 135 -10.92 -3.15 -6.15
N THR A 136 -10.53 -2.04 -5.50
CA THR A 136 -11.33 -0.81 -5.57
C THR A 136 -10.95 0.04 -6.78
N LYS A 137 -9.66 0.05 -7.11
CA LYS A 137 -9.18 0.83 -8.24
C LYS A 137 -8.65 -0.07 -9.35
N ARG A 138 -9.35 -1.18 -9.58
CA ARG A 138 -8.97 -2.12 -10.62
C ARG A 138 -9.07 -1.49 -12.01
N ASP A 139 -10.17 -0.76 -12.25
CA ASP A 139 -10.37 -0.11 -13.53
C ASP A 139 -9.15 0.73 -13.92
N TRP A 140 -8.71 1.58 -13.00
CA TRP A 140 -7.53 2.40 -13.21
C TRP A 140 -6.31 1.51 -13.41
N LEU A 141 -6.20 0.51 -12.54
CA LEU A 141 -5.09 -0.43 -12.60
C LEU A 141 -5.03 -1.14 -13.95
N VAL A 142 -6.18 -1.31 -14.59
CA VAL A 142 -6.24 -1.97 -15.88
C VAL A 142 -6.07 -0.98 -17.02
N LYS A 143 -6.51 0.26 -16.79
CA LYS A 143 -6.41 1.30 -17.81
C LYS A 143 -5.06 2.00 -17.75
N GLN A 144 -4.29 1.73 -16.69
CA GLN A 144 -2.98 2.34 -16.53
C GLN A 144 -1.93 1.31 -16.11
N ARG A 145 -2.03 0.12 -16.69
CA ARG A 145 -1.10 -0.97 -16.40
C ARG A 145 -0.81 -1.10 -14.90
N GLY A 146 -1.75 -0.61 -14.09
CA GLY A 146 -1.58 -0.68 -12.64
C GLY A 146 -0.14 -0.56 -12.19
N TRP A 147 0.39 -1.65 -11.66
CA TRP A 147 1.76 -1.70 -11.18
C TRP A 147 2.72 -0.93 -12.11
N ASP A 148 2.76 -1.33 -13.38
CA ASP A 148 3.63 -0.68 -14.35
C ASP A 148 3.46 0.83 -14.32
N GLY A 149 2.21 1.28 -14.35
CA GLY A 149 1.94 2.72 -14.32
C GLY A 149 2.54 3.36 -13.10
N PHE A 150 2.29 2.78 -11.93
CA PHE A 150 2.83 3.31 -10.68
C PHE A 150 4.29 3.71 -10.86
N VAL A 151 5.05 2.84 -11.52
CA VAL A 151 6.46 3.10 -11.77
C VAL A 151 6.65 4.09 -12.92
N GLU A 152 5.73 4.09 -13.88
CA GLU A 152 5.82 5.02 -15.00
C GLU A 152 5.72 6.44 -14.48
N PHE A 153 4.79 6.62 -13.54
CA PHE A 153 4.57 7.91 -12.90
C PHE A 153 5.82 8.33 -12.14
N PHE A 154 6.50 7.33 -11.59
CA PHE A 154 7.71 7.55 -10.81
C PHE A 154 8.95 7.03 -11.54
N HIS A 155 8.93 7.11 -12.87
CA HIS A 155 10.05 6.66 -13.69
C HIS A 155 11.01 7.82 -13.94
N VAL A 156 10.78 8.92 -13.24
CA VAL A 156 11.59 10.12 -13.38
C VAL A 156 12.63 10.21 -12.27
N GLN A 157 12.54 9.28 -11.33
CA GLN A 157 13.46 9.23 -10.20
C GLN A 157 14.90 9.05 -10.69
N ASP A 158 15.07 8.31 -11.77
CA ASP A 158 16.39 8.06 -12.34
C ASP A 158 16.49 8.57 -13.77
N LEU A 159 15.91 9.75 -14.00
CA LEU A 159 15.93 10.36 -15.33
C LEU A 159 15.59 11.85 -15.26
N GLU A 160 16.24 12.63 -16.11
CA GLU A 160 16.01 14.08 -16.14
C GLU A 160 16.48 14.67 -17.46
N GLY A 161 15.57 15.34 -18.17
CA GLY A 161 15.91 15.94 -19.44
C GLY A 161 14.99 17.08 -19.81
N GLY A 162 14.25 16.92 -20.90
CA GLY A 162 13.33 17.95 -21.34
C GLY A 162 13.11 17.93 -22.84
N GLY A 1 -14.84 -16.23 -14.13
CA GLY A 1 -15.95 -16.24 -15.12
C GLY A 1 -15.52 -16.76 -16.47
N PRO A 2 -15.24 -15.88 -17.44
CA PRO A 2 -14.83 -16.27 -18.79
C PRO A 2 -13.58 -17.15 -18.77
N LEU A 3 -12.58 -16.74 -18.00
CA LEU A 3 -11.33 -17.48 -17.89
C LEU A 3 -10.79 -17.43 -16.46
N GLY A 4 -11.63 -17.00 -15.53
CA GLY A 4 -11.22 -16.91 -14.14
C GLY A 4 -11.47 -15.54 -13.55
N SER A 5 -11.73 -15.49 -12.25
CA SER A 5 -11.98 -14.23 -11.56
C SER A 5 -10.74 -13.76 -10.81
N GLU A 6 -9.68 -14.56 -10.88
CA GLU A 6 -8.43 -14.23 -10.21
C GLU A 6 -7.52 -13.42 -11.12
N ASP A 7 -7.47 -12.11 -10.90
CA ASP A 7 -6.64 -11.22 -11.70
C ASP A 7 -5.17 -11.55 -11.51
N ASP A 8 -4.35 -11.05 -12.44
CA ASP A 8 -2.91 -11.29 -12.39
C ASP A 8 -2.22 -10.27 -11.49
N LEU A 9 -2.71 -9.04 -11.49
CA LEU A 9 -2.13 -7.98 -10.68
C LEU A 9 -2.23 -8.32 -9.20
N TYR A 10 -3.44 -8.62 -8.74
CA TYR A 10 -3.68 -8.97 -7.33
C TYR A 10 -2.54 -9.81 -6.75
N ARG A 11 -2.10 -10.82 -7.49
CA ARG A 11 -1.03 -11.68 -7.03
C ARG A 11 0.21 -10.87 -6.65
N GLN A 12 0.55 -9.90 -7.49
CA GLN A 12 1.71 -9.05 -7.24
C GLN A 12 1.38 -7.95 -6.23
N SER A 13 0.20 -7.36 -6.34
CA SER A 13 -0.23 -6.30 -5.42
C SER A 13 -0.11 -6.82 -3.99
N LEU A 14 -0.28 -8.13 -3.84
CA LEU A 14 -0.20 -8.79 -2.54
C LEU A 14 1.24 -9.13 -2.18
N GLU A 15 1.98 -9.67 -3.14
CA GLU A 15 3.38 -10.03 -2.92
C GLU A 15 4.17 -8.82 -2.46
N ILE A 16 3.91 -7.68 -3.09
CA ILE A 16 4.59 -6.44 -2.77
C ILE A 16 4.07 -5.85 -1.48
N ILE A 17 2.75 -5.82 -1.30
CA ILE A 17 2.18 -5.27 -0.09
C ILE A 17 2.66 -6.06 1.12
N SER A 18 2.73 -7.37 0.98
CA SER A 18 3.20 -8.24 2.05
C SER A 18 4.67 -7.99 2.31
N ARG A 19 5.42 -7.70 1.25
CA ARG A 19 6.83 -7.42 1.36
C ARG A 19 7.08 -6.09 2.06
N TYR A 20 6.33 -5.07 1.63
CA TYR A 20 6.45 -3.73 2.20
C TYR A 20 5.92 -3.71 3.63
N LEU A 21 4.71 -4.21 3.82
CA LEU A 21 4.07 -4.23 5.14
C LEU A 21 4.94 -4.95 6.16
N ARG A 22 5.66 -5.98 5.70
CA ARG A 22 6.52 -6.76 6.59
C ARG A 22 7.80 -5.99 6.90
N GLU A 23 8.49 -5.54 5.85
CA GLU A 23 9.72 -4.80 6.01
C GLU A 23 9.51 -3.52 6.82
N GLN A 24 8.28 -3.01 6.78
CA GLN A 24 7.94 -1.79 7.50
C GLN A 24 7.56 -2.12 8.94
N ALA A 25 6.70 -3.12 9.11
CA ALA A 25 6.25 -3.53 10.44
C ALA A 25 7.43 -3.79 11.37
N THR A 26 8.44 -4.49 10.85
CA THR A 26 9.63 -4.81 11.63
C THR A 26 10.65 -3.69 11.58
N GLY A 27 10.82 -3.11 10.38
CA GLY A 27 11.76 -2.02 10.22
C GLY A 27 13.10 -2.49 9.68
N SER A 28 13.22 -3.80 9.48
CA SER A 28 14.46 -4.38 8.96
C SER A 28 14.44 -4.44 7.44
N LYS A 29 15.50 -3.95 6.81
CA LYS A 29 15.61 -3.95 5.36
C LYS A 29 16.05 -5.32 4.84
N ASP A 30 15.43 -5.76 3.75
CA ASP A 30 15.76 -7.05 3.16
C ASP A 30 16.99 -6.93 2.25
N SER A 31 17.83 -7.96 2.28
CA SER A 31 19.04 -7.97 1.46
C SER A 31 18.81 -8.75 0.17
N LYS A 32 17.78 -9.60 0.17
CA LYS A 32 17.46 -10.41 -1.01
C LYS A 32 16.48 -9.68 -1.92
N PRO A 33 16.50 -9.99 -3.22
CA PRO A 33 15.61 -9.35 -4.20
C PRO A 33 14.14 -9.60 -3.89
N LEU A 34 13.27 -9.13 -4.80
CA LEU A 34 11.84 -9.31 -4.62
C LEU A 34 11.41 -10.74 -4.96
N GLY A 35 12.38 -11.56 -5.35
CA GLY A 35 12.10 -12.94 -5.69
C GLY A 35 11.66 -13.12 -7.13
N GLU A 36 10.53 -13.78 -7.33
CA GLU A 36 10.00 -14.02 -8.67
C GLU A 36 8.86 -13.06 -8.99
N ALA A 37 8.56 -12.17 -8.04
CA ALA A 37 7.50 -11.19 -8.23
C ALA A 37 7.69 -10.42 -9.53
N GLY A 38 8.93 -10.02 -9.79
CA GLY A 38 9.23 -9.29 -11.01
C GLY A 38 9.94 -7.97 -10.74
N ALA A 39 9.78 -7.03 -11.66
CA ALA A 39 10.40 -5.72 -11.53
C ALA A 39 9.55 -4.79 -10.67
N ALA A 40 8.27 -5.09 -10.55
CA ALA A 40 7.35 -4.26 -9.78
C ALA A 40 7.85 -4.08 -8.35
N GLY A 41 7.83 -5.16 -7.58
CA GLY A 41 8.25 -5.09 -6.19
C GLY A 41 9.64 -4.53 -6.01
N ARG A 42 10.54 -4.83 -6.92
CA ARG A 42 11.90 -4.33 -6.82
C ARG A 42 11.91 -2.80 -6.81
N ARG A 43 11.20 -2.22 -7.77
CA ARG A 43 11.12 -0.76 -7.88
C ARG A 43 9.98 -0.17 -7.05
N ALA A 44 9.05 -1.02 -6.63
CA ALA A 44 7.90 -0.59 -5.85
C ALA A 44 8.20 -0.55 -4.36
N LEU A 45 8.95 -1.52 -3.88
CA LEU A 45 9.29 -1.57 -2.46
C LEU A 45 10.24 -0.43 -2.10
N GLU A 46 11.13 -0.09 -3.04
CA GLU A 46 12.08 0.99 -2.82
C GLU A 46 11.37 2.33 -3.00
N THR A 47 10.48 2.38 -3.98
CA THR A 47 9.72 3.60 -4.24
C THR A 47 8.77 3.87 -3.09
N LEU A 48 7.92 2.88 -2.80
CA LEU A 48 6.95 2.96 -1.70
C LEU A 48 7.65 3.31 -0.40
N ARG A 49 8.87 2.80 -0.23
CA ARG A 49 9.64 3.08 0.98
C ARG A 49 9.90 4.57 1.10
N ARG A 50 10.31 5.18 -0.01
CA ARG A 50 10.59 6.61 -0.05
C ARG A 50 9.31 7.42 0.08
N VAL A 51 8.34 7.17 -0.81
CA VAL A 51 7.08 7.90 -0.78
C VAL A 51 6.38 7.73 0.56
N GLY A 52 6.63 6.60 1.22
CA GLY A 52 6.02 6.35 2.50
C GLY A 52 6.68 7.17 3.60
N ASP A 53 8.00 7.14 3.64
CA ASP A 53 8.76 7.90 4.62
C ASP A 53 8.38 9.38 4.51
N GLY A 54 8.14 9.81 3.28
CA GLY A 54 7.76 11.18 3.04
C GLY A 54 6.30 11.41 3.41
N VAL A 55 5.41 10.57 2.87
CA VAL A 55 3.99 10.68 3.15
C VAL A 55 3.73 10.80 4.64
N GLN A 56 4.43 9.96 5.42
CA GLN A 56 4.28 9.96 6.87
C GLN A 56 4.69 11.31 7.45
N ARG A 57 5.76 11.88 6.91
CA ARG A 57 6.25 13.17 7.38
C ARG A 57 5.35 14.30 6.88
N ASN A 58 4.62 14.02 5.79
CA ASN A 58 3.72 14.98 5.20
C ASN A 58 2.32 14.85 5.77
N HIS A 59 2.02 13.70 6.37
CA HIS A 59 0.71 13.43 6.91
C HIS A 59 0.76 13.28 8.42
N GLU A 60 1.94 13.32 9.02
CA GLU A 60 2.05 13.16 10.47
C GLU A 60 0.86 13.77 11.20
N THR A 61 0.33 14.87 10.68
CA THR A 61 -0.83 15.51 11.28
C THR A 61 -2.08 14.70 10.94
N ALA A 62 -2.25 14.40 9.66
CA ALA A 62 -3.38 13.62 9.20
C ALA A 62 -3.32 12.20 9.75
N PHE A 63 -2.18 11.54 9.54
CA PHE A 63 -1.96 10.18 10.02
C PHE A 63 -2.31 10.06 11.50
N GLN A 64 -1.89 11.04 12.28
CA GLN A 64 -2.16 11.05 13.71
C GLN A 64 -3.66 11.17 13.99
N GLY A 65 -4.31 12.03 13.22
CA GLY A 65 -5.74 12.23 13.40
C GLY A 65 -6.59 11.10 12.85
N MET A 66 -6.08 10.42 11.82
CA MET A 66 -6.80 9.31 11.21
C MET A 66 -6.84 8.11 12.14
N LEU A 67 -5.65 7.64 12.54
CA LEU A 67 -5.55 6.50 13.43
C LEU A 67 -6.20 6.79 14.77
N ARG A 68 -6.11 8.05 15.21
CA ARG A 68 -6.70 8.46 16.48
C ARG A 68 -8.20 8.21 16.45
N LYS A 69 -8.84 8.59 15.34
CA LYS A 69 -10.27 8.41 15.18
C LYS A 69 -10.62 6.93 15.24
N LEU A 70 -9.72 6.09 14.72
CA LEU A 70 -9.95 4.65 14.71
C LEU A 70 -9.45 4.04 16.02
N ASP A 71 -9.59 2.71 16.14
CA ASP A 71 -9.16 2.02 17.34
C ASP A 71 -9.10 0.51 17.09
N ILE A 72 -8.04 0.08 16.42
CA ILE A 72 -7.85 -1.33 16.12
C ILE A 72 -7.84 -2.17 17.39
N LYS A 73 -8.78 -3.11 17.47
CA LYS A 73 -8.89 -3.99 18.62
C LYS A 73 -8.71 -5.44 18.17
N ASN A 74 -9.23 -5.72 16.99
CA ASN A 74 -9.13 -7.04 16.38
C ASN A 74 -9.16 -6.92 14.86
N GLU A 75 -9.09 -8.04 14.17
CA GLU A 75 -9.14 -8.04 12.72
C GLU A 75 -10.46 -7.50 12.22
N GLY A 76 -11.41 -7.34 13.15
CA GLY A 76 -12.72 -6.82 12.81
C GLY A 76 -12.71 -5.31 12.70
N ASP A 77 -11.75 -4.68 13.36
CA ASP A 77 -11.62 -3.22 13.33
C ASP A 77 -11.18 -2.75 11.94
N VAL A 78 -10.85 -3.72 11.09
CA VAL A 78 -10.43 -3.43 9.73
C VAL A 78 -11.52 -2.69 8.97
N LYS A 79 -12.75 -2.83 9.45
CA LYS A 79 -13.89 -2.14 8.83
C LYS A 79 -13.62 -0.65 8.79
N SER A 80 -12.87 -0.16 9.77
CA SER A 80 -12.51 1.24 9.85
C SER A 80 -11.60 1.61 8.70
N PHE A 81 -10.72 0.68 8.33
CA PHE A 81 -9.80 0.90 7.23
C PHE A 81 -10.59 1.08 5.94
N SER A 82 -11.73 0.39 5.85
CA SER A 82 -12.59 0.51 4.67
C SER A 82 -13.05 1.95 4.51
N ARG A 83 -13.39 2.59 5.63
CA ARG A 83 -13.83 3.97 5.63
C ARG A 83 -12.77 4.87 4.99
N VAL A 84 -11.54 4.76 5.48
CA VAL A 84 -10.43 5.54 4.95
C VAL A 84 -10.09 5.06 3.54
N MET A 85 -10.43 3.82 3.24
CA MET A 85 -10.17 3.27 1.91
C MET A 85 -10.92 4.09 0.87
N VAL A 86 -12.08 4.60 1.27
CA VAL A 86 -12.90 5.41 0.39
C VAL A 86 -12.57 6.89 0.54
N HIS A 87 -12.32 7.31 1.77
CA HIS A 87 -12.00 8.70 2.06
C HIS A 87 -10.71 9.13 1.38
N VAL A 88 -9.85 8.16 1.07
CA VAL A 88 -8.59 8.46 0.40
C VAL A 88 -8.84 8.96 -1.02
N PHE A 89 -9.76 8.31 -1.72
CA PHE A 89 -10.11 8.70 -3.08
C PHE A 89 -11.33 9.61 -3.09
N LYS A 90 -11.38 10.53 -2.12
CA LYS A 90 -12.49 11.47 -2.01
C LYS A 90 -12.60 12.33 -3.26
N ASP A 91 -11.53 13.03 -3.60
CA ASP A 91 -11.51 13.90 -4.77
C ASP A 91 -11.89 13.12 -6.02
N GLY A 92 -12.73 13.74 -6.85
CA GLY A 92 -13.16 13.09 -8.08
C GLY A 92 -12.00 12.76 -9.00
N VAL A 93 -10.96 13.58 -8.95
CA VAL A 93 -9.78 13.39 -9.78
C VAL A 93 -8.93 12.24 -9.26
N THR A 94 -8.67 11.25 -10.12
CA THR A 94 -7.87 10.10 -9.73
C THR A 94 -6.39 10.35 -10.01
N ASN A 95 -5.55 10.07 -9.01
CA ASN A 95 -4.11 10.26 -9.14
C ASN A 95 -3.34 9.24 -8.32
N TRP A 96 -2.18 8.83 -8.82
CA TRP A 96 -1.35 7.85 -8.14
C TRP A 96 -1.01 8.34 -6.74
N GLY A 97 -0.88 9.65 -6.59
CA GLY A 97 -0.59 10.22 -5.29
C GLY A 97 -1.62 9.85 -4.26
N ARG A 98 -2.90 9.86 -4.66
CA ARG A 98 -3.98 9.50 -3.77
C ARG A 98 -3.88 8.04 -3.36
N ILE A 99 -3.72 7.17 -4.36
CA ILE A 99 -3.58 5.75 -4.10
C ILE A 99 -2.33 5.48 -3.27
N VAL A 100 -1.34 6.35 -3.40
CA VAL A 100 -0.10 6.22 -2.63
C VAL A 100 -0.37 6.52 -1.17
N THR A 101 -1.30 7.43 -0.91
CA THR A 101 -1.67 7.80 0.45
C THR A 101 -2.40 6.67 1.14
N LEU A 102 -3.22 5.95 0.38
CA LEU A 102 -3.96 4.83 0.95
C LEU A 102 -3.00 3.75 1.39
N ILE A 103 -2.12 3.32 0.48
CA ILE A 103 -1.13 2.31 0.80
C ILE A 103 -0.23 2.84 1.91
N SER A 104 -0.03 4.15 1.91
CA SER A 104 0.81 4.83 2.90
C SER A 104 0.15 4.78 4.28
N PHE A 105 -1.17 4.93 4.33
CA PHE A 105 -1.89 4.91 5.59
C PHE A 105 -1.81 3.54 6.26
N GLY A 106 -2.27 2.51 5.56
CA GLY A 106 -2.23 1.16 6.10
C GLY A 106 -0.83 0.71 6.40
N ALA A 107 0.13 1.16 5.61
CA ALA A 107 1.52 0.79 5.81
C ALA A 107 2.01 1.38 7.14
N PHE A 108 1.60 2.62 7.39
CA PHE A 108 1.97 3.31 8.62
C PHE A 108 1.19 2.73 9.79
N VAL A 109 -0.05 2.33 9.52
CA VAL A 109 -0.90 1.74 10.55
C VAL A 109 -0.39 0.36 10.93
N ALA A 110 0.21 -0.33 9.96
CA ALA A 110 0.77 -1.65 10.20
C ALA A 110 1.95 -1.55 11.15
N LYS A 111 2.83 -0.58 10.88
CA LYS A 111 3.98 -0.35 11.73
C LYS A 111 3.50 0.06 13.11
N HIS A 112 2.34 0.72 13.14
CA HIS A 112 1.72 1.16 14.38
C HIS A 112 1.21 -0.05 15.14
N LEU A 113 0.53 -0.92 14.42
CA LEU A 113 -0.02 -2.15 14.99
C LEU A 113 1.08 -3.04 15.55
N LYS A 114 2.25 -2.98 14.92
CA LYS A 114 3.39 -3.78 15.36
C LYS A 114 4.07 -3.16 16.57
N SER A 115 3.96 -1.83 16.68
CA SER A 115 4.57 -1.11 17.79
C SER A 115 3.86 -1.43 19.10
N VAL A 116 2.66 -1.98 19.00
CA VAL A 116 1.88 -2.33 20.18
C VAL A 116 1.87 -3.84 20.42
N ASN A 117 2.58 -4.57 19.56
CA ASN A 117 2.68 -6.02 19.68
C ASN A 117 1.33 -6.69 19.43
N GLN A 118 0.75 -6.41 18.27
CA GLN A 118 -0.54 -6.99 17.90
C GLN A 118 -0.49 -7.57 16.50
N GLU A 119 0.68 -8.10 16.13
CA GLU A 119 0.88 -8.69 14.81
C GLU A 119 -0.25 -9.67 14.47
N SER A 120 -0.94 -10.14 15.50
CA SER A 120 -2.05 -11.08 15.32
C SER A 120 -3.04 -10.54 14.29
N PHE A 121 -3.41 -9.27 14.43
CA PHE A 121 -4.35 -8.65 13.51
C PHE A 121 -3.62 -8.04 12.33
N ILE A 122 -2.29 -7.98 12.42
CA ILE A 122 -1.48 -7.43 11.34
C ILE A 122 -1.57 -8.29 10.09
N GLU A 123 -1.47 -9.60 10.25
CA GLU A 123 -1.55 -10.51 9.12
C GLU A 123 -2.79 -10.22 8.28
N PRO A 124 -4.00 -10.24 8.89
CA PRO A 124 -5.24 -9.94 8.17
C PRO A 124 -5.34 -8.47 7.83
N LEU A 125 -4.52 -7.66 8.49
CA LEU A 125 -4.51 -6.23 8.23
C LEU A 125 -3.95 -5.94 6.85
N ALA A 126 -2.76 -6.47 6.59
CA ALA A 126 -2.11 -6.31 5.30
C ALA A 126 -2.96 -6.93 4.19
N GLU A 127 -3.50 -8.12 4.48
CA GLU A 127 -4.33 -8.83 3.50
C GLU A 127 -5.50 -7.96 3.03
N THR A 128 -6.12 -7.25 3.97
CA THR A 128 -7.26 -6.39 3.64
C THR A 128 -6.80 -5.14 2.88
N ILE A 129 -5.83 -4.42 3.45
CA ILE A 129 -5.31 -3.20 2.83
C ILE A 129 -5.06 -3.42 1.34
N THR A 130 -4.48 -4.57 1.01
CA THR A 130 -4.20 -4.93 -0.38
C THR A 130 -5.48 -5.18 -1.16
N ASP A 131 -6.28 -6.11 -0.65
CA ASP A 131 -7.53 -6.49 -1.29
C ASP A 131 -8.29 -5.28 -1.77
N VAL A 132 -8.59 -4.37 -0.86
CA VAL A 132 -9.33 -3.17 -1.21
C VAL A 132 -8.52 -2.30 -2.17
N LEU A 133 -7.20 -2.33 -2.06
CA LEU A 133 -6.37 -1.51 -2.93
C LEU A 133 -6.51 -1.90 -4.39
N VAL A 134 -6.29 -3.17 -4.71
CA VAL A 134 -6.40 -3.62 -6.09
C VAL A 134 -7.87 -3.82 -6.48
N ARG A 135 -8.68 -4.21 -5.51
CA ARG A 135 -10.10 -4.45 -5.74
C ARG A 135 -10.91 -3.15 -5.84
N THR A 136 -10.41 -2.06 -5.24
CA THR A 136 -11.13 -0.79 -5.29
C THR A 136 -10.76 0.01 -6.53
N LYS A 137 -9.49 -0.04 -6.91
CA LYS A 137 -9.03 0.68 -8.09
C LYS A 137 -8.59 -0.29 -9.18
N ARG A 138 -9.34 -1.37 -9.35
CA ARG A 138 -9.04 -2.37 -10.35
C ARG A 138 -9.15 -1.80 -11.76
N ASP A 139 -10.25 -1.08 -12.03
CA ASP A 139 -10.46 -0.48 -13.34
C ASP A 139 -9.24 0.31 -13.76
N TRP A 140 -8.79 1.21 -12.89
CA TRP A 140 -7.61 2.02 -13.16
C TRP A 140 -6.39 1.11 -13.31
N LEU A 141 -6.26 0.19 -12.37
CA LEU A 141 -5.15 -0.76 -12.38
C LEU A 141 -5.10 -1.53 -13.70
N VAL A 142 -6.25 -1.74 -14.32
CA VAL A 142 -6.30 -2.45 -15.58
C VAL A 142 -6.13 -1.50 -16.76
N LYS A 143 -6.58 -0.26 -16.59
CA LYS A 143 -6.48 0.75 -17.64
C LYS A 143 -5.07 1.35 -17.69
N GLN A 144 -4.31 1.19 -16.61
CA GLN A 144 -2.95 1.72 -16.55
C GLN A 144 -1.97 0.67 -16.03
N ARG A 145 -2.17 -0.58 -16.45
CA ARG A 145 -1.31 -1.69 -16.04
C ARG A 145 -1.02 -1.64 -14.55
N GLY A 146 -1.89 -0.97 -13.79
CA GLY A 146 -1.71 -0.87 -12.36
C GLY A 146 -0.26 -0.75 -11.95
N TRP A 147 0.33 -1.89 -11.62
CA TRP A 147 1.72 -1.94 -11.18
C TRP A 147 2.65 -1.16 -12.11
N ASP A 148 2.59 -1.42 -13.41
CA ASP A 148 3.45 -0.72 -14.36
C ASP A 148 3.24 0.78 -14.29
N GLY A 149 1.99 1.20 -14.19
CA GLY A 149 1.68 2.61 -14.11
C GLY A 149 2.28 3.24 -12.88
N PHE A 150 2.04 2.63 -11.72
CA PHE A 150 2.57 3.12 -10.46
C PHE A 150 4.03 3.51 -10.61
N VAL A 151 4.81 2.64 -11.24
CA VAL A 151 6.22 2.90 -11.47
C VAL A 151 6.42 3.86 -12.63
N GLU A 152 5.48 3.84 -13.58
CA GLU A 152 5.55 4.73 -14.73
C GLU A 152 5.44 6.17 -14.25
N PHE A 153 4.71 6.35 -13.16
CA PHE A 153 4.52 7.65 -12.54
C PHE A 153 5.74 8.02 -11.72
N PHE A 154 6.42 7.00 -11.24
CA PHE A 154 7.61 7.17 -10.42
C PHE A 154 8.84 6.53 -11.08
N HIS A 155 9.01 6.82 -12.36
CA HIS A 155 10.16 6.29 -13.11
C HIS A 155 11.36 7.22 -12.99
N VAL A 156 11.25 8.18 -12.09
CA VAL A 156 12.33 9.15 -11.87
C VAL A 156 13.18 8.77 -10.67
N GLN A 157 14.50 8.71 -10.87
CA GLN A 157 15.42 8.36 -9.80
C GLN A 157 16.41 9.49 -9.54
N ASP A 158 17.29 9.73 -10.51
CA ASP A 158 18.29 10.78 -10.37
C ASP A 158 18.14 11.81 -11.49
N LEU A 159 16.98 11.84 -12.12
CA LEU A 159 16.71 12.78 -13.20
C LEU A 159 16.06 14.05 -12.66
N GLU A 160 16.74 15.19 -12.84
CA GLU A 160 16.24 16.47 -12.38
C GLU A 160 15.62 17.27 -13.53
N GLY A 161 15.77 16.74 -14.75
CA GLY A 161 15.24 17.42 -15.91
C GLY A 161 16.19 17.40 -17.09
N GLY A 162 15.69 17.80 -18.26
CA GLY A 162 16.51 17.82 -19.45
C GLY A 162 16.42 16.53 -20.25
N GLY A 1 -13.87 -8.73 -14.68
CA GLY A 1 -14.16 -8.57 -16.14
C GLY A 1 -14.67 -9.87 -16.77
N PRO A 2 -15.54 -9.77 -17.78
CA PRO A 2 -16.10 -10.94 -18.46
C PRO A 2 -15.02 -11.81 -19.09
N LEU A 3 -13.90 -11.19 -19.45
CA LEU A 3 -12.79 -11.91 -20.07
C LEU A 3 -11.56 -11.92 -19.16
N GLY A 4 -11.81 -11.82 -17.86
CA GLY A 4 -10.71 -11.80 -16.90
C GLY A 4 -11.16 -12.12 -15.49
N SER A 5 -11.17 -13.40 -15.15
CA SER A 5 -11.58 -13.84 -13.81
C SER A 5 -10.37 -14.12 -12.93
N GLU A 6 -9.28 -14.51 -13.58
CA GLU A 6 -8.04 -14.82 -12.86
C GLU A 6 -7.16 -13.58 -12.75
N ASP A 7 -7.18 -12.96 -11.57
CA ASP A 7 -6.39 -11.75 -11.34
C ASP A 7 -4.94 -12.11 -11.01
N ASP A 8 -4.04 -11.77 -11.91
CA ASP A 8 -2.61 -12.05 -11.72
C ASP A 8 -1.94 -10.94 -10.91
N LEU A 9 -2.45 -9.72 -11.04
CA LEU A 9 -1.91 -8.57 -10.32
C LEU A 9 -1.97 -8.81 -8.81
N TYR A 10 -3.17 -9.13 -8.33
CA TYR A 10 -3.42 -9.38 -6.91
C TYR A 10 -2.23 -10.08 -6.25
N ARG A 11 -1.59 -10.98 -6.99
CA ARG A 11 -0.44 -11.72 -6.48
C ARG A 11 0.70 -10.77 -6.12
N GLN A 12 1.02 -9.85 -7.02
CA GLN A 12 2.09 -8.89 -6.78
C GLN A 12 1.65 -7.78 -5.84
N SER A 13 0.39 -7.40 -5.93
CA SER A 13 -0.15 -6.36 -5.06
C SER A 13 -0.02 -6.83 -3.61
N LEU A 14 -0.15 -8.13 -3.43
CA LEU A 14 -0.05 -8.76 -2.12
C LEU A 14 1.40 -9.07 -1.75
N GLU A 15 2.15 -9.61 -2.71
CA GLU A 15 3.54 -9.95 -2.47
C GLU A 15 4.35 -8.71 -2.13
N ILE A 16 4.06 -7.62 -2.84
CA ILE A 16 4.73 -6.35 -2.62
C ILE A 16 4.26 -5.72 -1.31
N ILE A 17 2.95 -5.72 -1.09
CA ILE A 17 2.42 -5.14 0.13
C ILE A 17 2.94 -5.91 1.35
N SER A 18 2.97 -7.23 1.23
CA SER A 18 3.46 -8.06 2.32
C SER A 18 4.95 -7.79 2.56
N ARG A 19 5.69 -7.66 1.46
CA ARG A 19 7.11 -7.38 1.52
C ARG A 19 7.35 -6.04 2.20
N TYR A 20 6.63 -5.02 1.77
CA TYR A 20 6.75 -3.68 2.33
C TYR A 20 6.26 -3.64 3.77
N LEU A 21 5.01 -4.05 3.98
CA LEU A 21 4.39 -4.06 5.31
C LEU A 21 5.29 -4.77 6.33
N ARG A 22 5.98 -5.80 5.89
CA ARG A 22 6.86 -6.55 6.78
C ARG A 22 8.13 -5.77 7.12
N GLU A 23 8.73 -5.17 6.10
CA GLU A 23 9.96 -4.39 6.29
C GLU A 23 9.68 -3.14 7.11
N GLN A 24 8.44 -2.65 7.05
CA GLN A 24 8.05 -1.45 7.78
C GLN A 24 7.64 -1.79 9.21
N ALA A 25 6.84 -2.85 9.36
CA ALA A 25 6.37 -3.28 10.66
C ALA A 25 7.53 -3.47 11.64
N THR A 26 8.62 -4.05 11.16
CA THR A 26 9.79 -4.28 11.99
C THR A 26 10.76 -3.10 11.92
N GLY A 27 10.81 -2.44 10.77
CA GLY A 27 11.69 -1.31 10.59
C GLY A 27 13.07 -1.71 10.12
N SER A 28 13.19 -2.95 9.65
CA SER A 28 14.47 -3.46 9.17
C SER A 28 14.33 -4.01 7.75
N LYS A 29 15.35 -3.77 6.93
CA LYS A 29 15.34 -4.25 5.56
C LYS A 29 15.33 -5.78 5.51
N ASP A 30 14.58 -6.34 4.56
CA ASP A 30 14.50 -7.79 4.41
C ASP A 30 15.85 -8.39 4.04
N SER A 31 15.99 -9.69 4.23
CA SER A 31 17.24 -10.38 3.91
C SER A 31 17.24 -10.87 2.48
N LYS A 32 16.07 -11.32 2.01
CA LYS A 32 15.94 -11.81 0.64
C LYS A 32 15.55 -10.68 -0.30
N PRO A 33 16.02 -10.74 -1.56
CA PRO A 33 15.71 -9.72 -2.56
C PRO A 33 14.29 -9.83 -3.11
N LEU A 34 13.84 -8.77 -3.76
CA LEU A 34 12.50 -8.75 -4.35
C LEU A 34 12.49 -9.44 -5.70
N GLY A 35 13.60 -10.10 -6.01
CA GLY A 35 13.74 -10.80 -7.28
C GLY A 35 12.58 -11.75 -7.57
N GLU A 36 11.75 -12.00 -6.56
CA GLU A 36 10.60 -12.89 -6.73
C GLU A 36 9.38 -12.12 -7.21
N ALA A 37 9.14 -10.95 -6.62
CA ALA A 37 8.02 -10.12 -6.99
C ALA A 37 8.11 -9.71 -8.45
N GLY A 38 9.33 -9.72 -8.96
CA GLY A 38 9.56 -9.34 -10.35
C GLY A 38 10.04 -7.91 -10.50
N ALA A 39 9.46 -7.20 -11.47
CA ALA A 39 9.84 -5.82 -11.72
C ALA A 39 9.07 -4.85 -10.84
N ALA A 40 7.81 -5.17 -10.55
CA ALA A 40 6.97 -4.30 -9.72
C ALA A 40 7.51 -4.17 -8.31
N GLY A 41 7.71 -5.30 -7.65
CA GLY A 41 8.20 -5.28 -6.29
C GLY A 41 9.48 -4.51 -6.09
N ARG A 42 10.49 -4.81 -6.91
CA ARG A 42 11.78 -4.13 -6.80
C ARG A 42 11.64 -2.62 -6.94
N ARG A 43 10.85 -2.19 -7.92
CA ARG A 43 10.66 -0.76 -8.16
C ARG A 43 9.54 -0.14 -7.33
N ALA A 44 8.65 -0.98 -6.82
CA ALA A 44 7.54 -0.50 -6.01
C ALA A 44 7.94 -0.38 -4.56
N LEU A 45 8.47 -1.45 -4.00
CA LEU A 45 8.90 -1.43 -2.60
C LEU A 45 9.93 -0.34 -2.37
N GLU A 46 10.77 -0.08 -3.38
CA GLU A 46 11.78 0.95 -3.28
C GLU A 46 11.13 2.32 -3.43
N THR A 47 10.03 2.35 -4.16
CA THR A 47 9.29 3.58 -4.35
C THR A 47 8.53 3.93 -3.08
N LEU A 48 7.68 3.00 -2.63
CA LEU A 48 6.91 3.17 -1.41
C LEU A 48 7.80 3.46 -0.22
N ARG A 49 9.00 2.89 -0.20
CA ARG A 49 9.92 3.13 0.89
C ARG A 49 10.24 4.60 0.99
N ARG A 50 10.56 5.22 -0.15
CA ARG A 50 10.86 6.64 -0.18
C ARG A 50 9.60 7.48 -0.03
N VAL A 51 8.61 7.26 -0.91
CA VAL A 51 7.36 8.01 -0.84
C VAL A 51 6.67 7.80 0.50
N GLY A 52 6.98 6.68 1.16
CA GLY A 52 6.38 6.41 2.44
C GLY A 52 7.00 7.26 3.52
N ASP A 53 8.33 7.37 3.46
CA ASP A 53 9.06 8.17 4.42
C ASP A 53 8.61 9.62 4.32
N GLY A 54 8.35 10.05 3.08
CA GLY A 54 7.87 11.39 2.85
C GLY A 54 6.41 11.54 3.22
N VAL A 55 5.59 10.61 2.73
CA VAL A 55 4.16 10.62 3.01
C VAL A 55 3.90 10.78 4.51
N GLN A 56 4.58 9.97 5.31
CA GLN A 56 4.42 10.02 6.75
C GLN A 56 4.80 11.39 7.29
N ARG A 57 5.85 11.98 6.73
CA ARG A 57 6.29 13.31 7.15
C ARG A 57 5.31 14.37 6.66
N ASN A 58 4.55 14.01 5.63
CA ASN A 58 3.56 14.91 5.04
C ASN A 58 2.20 14.74 5.68
N HIS A 59 1.99 13.61 6.35
CA HIS A 59 0.71 13.32 6.95
C HIS A 59 0.80 13.12 8.45
N GLU A 60 2.00 13.14 9.00
CA GLU A 60 2.17 12.94 10.45
C GLU A 60 1.00 13.51 11.25
N THR A 61 0.49 14.65 10.80
CA THR A 61 -0.66 15.27 11.47
C THR A 61 -1.93 14.49 11.16
N ALA A 62 -2.14 14.21 9.87
CA ALA A 62 -3.30 13.45 9.43
C ALA A 62 -3.22 12.01 9.92
N PHE A 63 -2.10 11.35 9.63
CA PHE A 63 -1.87 9.98 10.06
C PHE A 63 -2.22 9.81 11.53
N GLN A 64 -1.79 10.77 12.34
CA GLN A 64 -2.06 10.75 13.77
C GLN A 64 -3.56 10.90 14.03
N GLY A 65 -4.20 11.73 13.22
CA GLY A 65 -5.62 11.97 13.36
C GLY A 65 -6.47 10.80 12.90
N MET A 66 -6.02 10.10 11.85
CA MET A 66 -6.77 8.96 11.34
C MET A 66 -6.83 7.85 12.38
N LEU A 67 -5.67 7.38 12.79
CA LEU A 67 -5.60 6.31 13.79
C LEU A 67 -6.22 6.78 15.10
N ARG A 68 -6.18 8.09 15.35
CA ARG A 68 -6.76 8.65 16.56
C ARG A 68 -8.24 8.29 16.64
N LYS A 69 -8.95 8.49 15.53
CA LYS A 69 -10.37 8.18 15.46
C LYS A 69 -10.55 6.67 15.34
N LEU A 70 -9.53 6.00 14.80
CA LEU A 70 -9.57 4.56 14.62
C LEU A 70 -9.55 3.86 15.98
N ASP A 71 -9.66 2.54 15.97
CA ASP A 71 -9.65 1.77 17.21
C ASP A 71 -9.49 0.28 16.94
N ILE A 72 -8.43 -0.06 16.22
CA ILE A 72 -8.15 -1.45 15.88
C ILE A 72 -8.12 -2.32 17.14
N LYS A 73 -9.05 -3.27 17.21
CA LYS A 73 -9.15 -4.16 18.36
C LYS A 73 -9.08 -5.61 17.90
N ASN A 74 -9.65 -5.86 16.73
CA ASN A 74 -9.65 -7.19 16.13
C ASN A 74 -9.69 -7.09 14.62
N GLU A 75 -9.85 -8.22 13.96
CA GLU A 75 -9.91 -8.26 12.50
C GLU A 75 -11.18 -7.59 12.00
N GLY A 76 -12.07 -7.26 12.93
CA GLY A 76 -13.33 -6.62 12.58
C GLY A 76 -13.19 -5.11 12.47
N ASP A 77 -12.16 -4.55 13.08
CA ASP A 77 -11.93 -3.11 13.04
C ASP A 77 -11.42 -2.69 11.66
N VAL A 78 -11.08 -3.67 10.85
CA VAL A 78 -10.58 -3.41 9.50
C VAL A 78 -11.62 -2.68 8.67
N LYS A 79 -12.89 -2.83 9.07
CA LYS A 79 -13.99 -2.17 8.38
C LYS A 79 -13.75 -0.66 8.31
N SER A 80 -13.14 -0.13 9.37
CA SER A 80 -12.83 1.30 9.43
C SER A 80 -11.84 1.65 8.32
N PHE A 81 -10.84 0.80 8.15
CA PHE A 81 -9.83 1.01 7.12
C PHE A 81 -10.49 1.22 5.77
N SER A 82 -11.52 0.41 5.49
CA SER A 82 -12.25 0.52 4.23
C SER A 82 -12.71 1.96 4.00
N ARG A 83 -13.14 2.61 5.06
CA ARG A 83 -13.62 3.98 4.98
C ARG A 83 -12.45 4.96 4.81
N VAL A 84 -11.33 4.67 5.45
CA VAL A 84 -10.15 5.54 5.37
C VAL A 84 -9.25 5.16 4.22
N MET A 85 -9.58 4.08 3.51
CA MET A 85 -8.79 3.71 2.35
C MET A 85 -9.41 4.36 1.13
N VAL A 86 -10.74 4.46 1.16
CA VAL A 86 -11.48 5.10 0.08
C VAL A 86 -11.52 6.62 0.28
N HIS A 87 -11.58 7.04 1.55
CA HIS A 87 -11.61 8.47 1.87
C HIS A 87 -10.35 9.15 1.37
N VAL A 88 -9.32 8.34 1.09
CA VAL A 88 -8.06 8.85 0.60
C VAL A 88 -8.25 9.49 -0.78
N PHE A 89 -9.08 8.85 -1.61
CA PHE A 89 -9.36 9.38 -2.94
C PHE A 89 -10.66 10.19 -2.92
N LYS A 90 -10.84 10.98 -1.87
CA LYS A 90 -12.03 11.80 -1.71
C LYS A 90 -12.37 12.55 -3.01
N ASP A 91 -11.36 13.20 -3.58
CA ASP A 91 -11.55 13.95 -4.82
C ASP A 91 -11.96 13.01 -5.96
N GLY A 92 -12.89 13.48 -6.79
CA GLY A 92 -13.35 12.67 -7.91
C GLY A 92 -12.23 12.29 -8.86
N VAL A 93 -11.13 13.03 -8.79
CA VAL A 93 -9.99 12.76 -9.64
C VAL A 93 -9.08 11.69 -9.05
N THR A 94 -8.75 10.68 -9.85
CA THR A 94 -7.89 9.58 -9.40
C THR A 94 -6.44 9.87 -9.76
N ASN A 95 -5.61 10.08 -8.73
CA ASN A 95 -4.21 10.36 -8.94
C ASN A 95 -3.32 9.35 -8.21
N TRP A 96 -2.16 9.09 -8.78
CA TRP A 96 -1.22 8.13 -8.19
C TRP A 96 -0.82 8.55 -6.79
N GLY A 97 -0.67 9.85 -6.57
CA GLY A 97 -0.30 10.35 -5.26
C GLY A 97 -1.30 9.92 -4.20
N ARG A 98 -2.59 9.96 -4.56
CA ARG A 98 -3.64 9.54 -3.64
C ARG A 98 -3.49 8.06 -3.31
N ILE A 99 -3.27 7.25 -4.34
CA ILE A 99 -3.08 5.82 -4.16
C ILE A 99 -1.86 5.57 -3.28
N VAL A 100 -0.90 6.49 -3.34
CA VAL A 100 0.30 6.39 -2.54
C VAL A 100 -0.01 6.68 -1.09
N THR A 101 -1.05 7.48 -0.86
CA THR A 101 -1.48 7.84 0.48
C THR A 101 -2.19 6.68 1.15
N LEU A 102 -2.91 5.88 0.36
CA LEU A 102 -3.62 4.73 0.90
C LEU A 102 -2.64 3.65 1.29
N ILE A 103 -1.76 3.26 0.36
CA ILE A 103 -0.78 2.25 0.65
C ILE A 103 0.10 2.71 1.82
N SER A 104 0.29 4.02 1.89
CA SER A 104 1.09 4.63 2.94
C SER A 104 0.37 4.60 4.29
N PHE A 105 -0.95 4.84 4.27
CA PHE A 105 -1.72 4.85 5.51
C PHE A 105 -1.72 3.48 6.18
N GLY A 106 -2.19 2.46 5.48
CA GLY A 106 -2.23 1.13 6.04
C GLY A 106 -0.86 0.60 6.34
N ALA A 107 0.13 1.00 5.54
CA ALA A 107 1.49 0.56 5.76
C ALA A 107 1.99 1.11 7.09
N PHE A 108 1.63 2.36 7.36
CA PHE A 108 2.02 3.03 8.59
C PHE A 108 1.21 2.46 9.76
N VAL A 109 -0.07 2.20 9.50
CA VAL A 109 -0.95 1.63 10.52
C VAL A 109 -0.51 0.23 10.87
N ALA A 110 0.05 -0.47 9.88
CA ALA A 110 0.53 -1.83 10.09
C ALA A 110 1.74 -1.80 11.02
N LYS A 111 2.63 -0.84 10.80
CA LYS A 111 3.80 -0.67 11.65
C LYS A 111 3.35 -0.21 13.02
N HIS A 112 2.26 0.55 13.04
CA HIS A 112 1.68 1.05 14.27
C HIS A 112 1.11 -0.12 15.07
N LEU A 113 0.45 -1.02 14.35
CA LEU A 113 -0.14 -2.21 14.94
C LEU A 113 0.95 -3.12 15.51
N LYS A 114 2.12 -3.09 14.91
CA LYS A 114 3.24 -3.91 15.36
C LYS A 114 3.87 -3.31 16.61
N SER A 115 3.76 -1.99 16.74
CA SER A 115 4.34 -1.28 17.89
C SER A 115 3.53 -1.57 19.15
N VAL A 116 2.32 -2.08 18.99
CA VAL A 116 1.46 -2.40 20.13
C VAL A 116 1.38 -3.91 20.35
N ASN A 117 2.17 -4.66 19.59
CA ASN A 117 2.19 -6.12 19.70
C ASN A 117 0.85 -6.73 19.34
N GLN A 118 0.40 -6.46 18.12
CA GLN A 118 -0.86 -7.01 17.63
C GLN A 118 -0.69 -7.60 16.24
N GLU A 119 0.50 -8.14 15.98
CA GLU A 119 0.81 -8.75 14.69
C GLU A 119 -0.30 -9.70 14.25
N SER A 120 -1.07 -10.20 15.22
CA SER A 120 -2.17 -11.11 14.94
C SER A 120 -3.12 -10.52 13.92
N PHE A 121 -3.49 -9.25 14.12
CA PHE A 121 -4.39 -8.57 13.21
C PHE A 121 -3.61 -7.94 12.06
N ILE A 122 -2.28 -7.95 12.18
CA ILE A 122 -1.43 -7.38 11.15
C ILE A 122 -1.49 -8.21 9.86
N GLU A 123 -1.41 -9.53 10.00
CA GLU A 123 -1.47 -10.42 8.84
C GLU A 123 -2.69 -10.09 7.99
N PRO A 124 -3.90 -10.10 8.58
CA PRO A 124 -5.13 -9.78 7.85
C PRO A 124 -5.20 -8.30 7.50
N LEU A 125 -4.37 -7.51 8.18
CA LEU A 125 -4.33 -6.08 7.94
C LEU A 125 -3.73 -5.81 6.55
N ALA A 126 -2.54 -6.35 6.32
CA ALA A 126 -1.88 -6.18 5.03
C ALA A 126 -2.69 -6.81 3.92
N GLU A 127 -3.33 -7.94 4.23
CA GLU A 127 -4.14 -8.65 3.26
C GLU A 127 -5.37 -7.84 2.86
N THR A 128 -5.87 -7.03 3.79
CA THR A 128 -7.05 -6.20 3.53
C THR A 128 -6.70 -4.92 2.78
N ILE A 129 -5.69 -4.21 3.27
CA ILE A 129 -5.25 -2.96 2.64
C ILE A 129 -5.00 -3.19 1.16
N THR A 130 -4.40 -4.32 0.83
CA THR A 130 -4.12 -4.67 -0.56
C THR A 130 -5.40 -5.04 -1.28
N ASP A 131 -6.11 -6.02 -0.72
CA ASP A 131 -7.36 -6.49 -1.31
C ASP A 131 -8.19 -5.32 -1.79
N VAL A 132 -8.49 -4.40 -0.89
CA VAL A 132 -9.28 -3.25 -1.23
C VAL A 132 -8.60 -2.35 -2.24
N LEU A 133 -7.28 -2.30 -2.22
CA LEU A 133 -6.57 -1.45 -3.16
C LEU A 133 -6.66 -1.98 -4.60
N VAL A 134 -6.31 -3.24 -4.81
CA VAL A 134 -6.37 -3.81 -6.15
C VAL A 134 -7.82 -4.12 -6.56
N ARG A 135 -8.64 -4.45 -5.58
CA ARG A 135 -10.05 -4.79 -5.84
C ARG A 135 -10.90 -3.53 -6.01
N THR A 136 -10.57 -2.46 -5.29
CA THR A 136 -11.36 -1.22 -5.40
C THR A 136 -10.84 -0.34 -6.51
N LYS A 137 -9.57 -0.51 -6.87
CA LYS A 137 -8.96 0.26 -7.93
C LYS A 137 -8.57 -0.63 -9.11
N ARG A 138 -9.41 -1.63 -9.39
CA ARG A 138 -9.16 -2.55 -10.50
C ARG A 138 -9.24 -1.82 -11.84
N ASP A 139 -10.30 -1.02 -12.01
CA ASP A 139 -10.48 -0.26 -13.25
C ASP A 139 -9.22 0.52 -13.59
N TRP A 140 -8.78 1.35 -12.66
CA TRP A 140 -7.56 2.14 -12.85
C TRP A 140 -6.39 1.20 -13.16
N LEU A 141 -6.34 0.10 -12.42
CA LEU A 141 -5.29 -0.90 -12.60
C LEU A 141 -5.28 -1.45 -14.03
N VAL A 142 -6.46 -1.49 -14.64
CA VAL A 142 -6.59 -2.01 -15.99
C VAL A 142 -6.40 -0.89 -17.02
N LYS A 143 -6.76 0.33 -16.64
CA LYS A 143 -6.64 1.48 -17.53
C LYS A 143 -5.23 2.08 -17.48
N GLN A 144 -4.43 1.66 -16.50
CA GLN A 144 -3.07 2.17 -16.37
C GLN A 144 -2.08 1.05 -16.04
N ARG A 145 -2.26 -0.10 -16.67
CA ARG A 145 -1.38 -1.24 -16.46
C ARG A 145 -1.08 -1.47 -14.99
N GLY A 146 -1.99 -1.03 -14.12
CA GLY A 146 -1.82 -1.19 -12.70
C GLY A 146 -0.39 -0.99 -12.24
N TRP A 147 0.20 -2.04 -11.68
CA TRP A 147 1.56 -1.99 -11.16
C TRP A 147 2.51 -1.22 -12.10
N ASP A 148 2.45 -1.53 -13.39
CA ASP A 148 3.30 -0.87 -14.37
C ASP A 148 3.12 0.65 -14.33
N GLY A 149 1.87 1.09 -14.38
CA GLY A 149 1.59 2.52 -14.35
C GLY A 149 2.17 3.15 -13.09
N PHE A 150 1.88 2.54 -11.95
CA PHE A 150 2.38 3.03 -10.68
C PHE A 150 3.84 3.44 -10.79
N VAL A 151 4.65 2.59 -11.41
CA VAL A 151 6.06 2.85 -11.60
C VAL A 151 6.28 3.81 -12.77
N GLU A 152 5.35 3.79 -13.73
CA GLU A 152 5.45 4.68 -14.89
C GLU A 152 5.44 6.12 -14.41
N PHE A 153 4.59 6.40 -13.44
CA PHE A 153 4.48 7.72 -12.85
C PHE A 153 5.76 8.07 -12.13
N PHE A 154 6.29 7.08 -11.41
CA PHE A 154 7.51 7.23 -10.65
C PHE A 154 8.71 6.61 -11.37
N HIS A 155 8.72 6.76 -12.70
CA HIS A 155 9.82 6.24 -13.51
C HIS A 155 10.88 7.30 -13.69
N VAL A 156 10.73 8.39 -12.95
CA VAL A 156 11.67 9.50 -13.04
C VAL A 156 12.50 9.60 -11.76
N GLN A 157 12.16 8.78 -10.79
CA GLN A 157 12.87 8.74 -9.52
C GLN A 157 13.87 7.60 -9.48
N ASP A 158 13.81 6.73 -10.48
CA ASP A 158 14.71 5.59 -10.57
C ASP A 158 15.69 5.76 -11.73
N LEU A 159 15.81 6.99 -12.21
CA LEU A 159 16.71 7.29 -13.32
C LEU A 159 17.07 8.77 -13.34
N GLU A 160 18.29 9.09 -12.94
CA GLU A 160 18.76 10.47 -12.91
C GLU A 160 19.07 10.96 -14.33
N GLY A 161 19.09 12.28 -14.49
CA GLY A 161 19.39 12.85 -15.79
C GLY A 161 18.85 14.27 -15.93
N GLY A 162 19.36 15.18 -15.10
CA GLY A 162 18.91 16.55 -15.15
C GLY A 162 20.04 17.54 -14.86
N GLY A 1 -8.80 -20.47 -17.58
CA GLY A 1 -10.06 -20.96 -16.94
C GLY A 1 -11.29 -20.28 -17.51
N PRO A 2 -12.48 -20.91 -17.35
CA PRO A 2 -13.74 -20.34 -17.86
C PRO A 2 -13.99 -18.94 -17.34
N LEU A 3 -14.09 -18.81 -16.03
CA LEU A 3 -14.34 -17.51 -15.40
C LEU A 3 -13.07 -16.66 -15.39
N GLY A 4 -13.19 -15.45 -14.88
CA GLY A 4 -12.04 -14.55 -14.82
C GLY A 4 -12.35 -13.25 -14.11
N SER A 5 -12.73 -13.35 -12.83
CA SER A 5 -13.05 -12.18 -12.04
C SER A 5 -11.87 -11.80 -11.14
N GLU A 6 -11.00 -12.77 -10.88
CA GLU A 6 -9.82 -12.54 -10.04
C GLU A 6 -8.63 -12.08 -10.88
N ASP A 7 -8.36 -10.78 -10.84
CA ASP A 7 -7.26 -10.21 -11.60
C ASP A 7 -5.93 -10.85 -11.19
N ASP A 8 -5.05 -11.03 -12.16
CA ASP A 8 -3.74 -11.64 -11.91
C ASP A 8 -2.82 -10.66 -11.18
N LEU A 9 -3.10 -9.37 -11.30
CA LEU A 9 -2.29 -8.34 -10.66
C LEU A 9 -2.28 -8.52 -9.15
N TYR A 10 -3.46 -8.76 -8.57
CA TYR A 10 -3.58 -8.95 -7.13
C TYR A 10 -2.44 -9.79 -6.57
N ARG A 11 -2.02 -10.79 -7.32
CA ARG A 11 -0.92 -11.66 -6.90
C ARG A 11 0.33 -10.84 -6.61
N GLN A 12 0.65 -9.93 -7.52
CA GLN A 12 1.81 -9.05 -7.38
C GLN A 12 1.53 -7.98 -6.32
N SER A 13 0.42 -7.27 -6.50
CA SER A 13 0.04 -6.21 -5.56
C SER A 13 0.19 -6.69 -4.12
N LEU A 14 0.01 -7.99 -3.93
CA LEU A 14 0.13 -8.62 -2.62
C LEU A 14 1.57 -8.98 -2.30
N GLU A 15 2.26 -9.57 -3.27
CA GLU A 15 3.64 -9.97 -3.10
C GLU A 15 4.50 -8.79 -2.66
N ILE A 16 4.25 -7.64 -3.27
CA ILE A 16 4.99 -6.43 -2.95
C ILE A 16 4.45 -5.76 -1.69
N ILE A 17 3.14 -5.82 -1.49
CA ILE A 17 2.54 -5.24 -0.30
C ILE A 17 3.07 -5.94 0.95
N SER A 18 3.16 -7.26 0.87
CA SER A 18 3.66 -8.04 1.99
C SER A 18 5.12 -7.73 2.24
N ARG A 19 5.91 -7.72 1.17
CA ARG A 19 7.33 -7.41 1.27
C ARG A 19 7.55 -6.01 1.83
N TYR A 20 6.79 -5.05 1.32
CA TYR A 20 6.87 -3.66 1.75
C TYR A 20 6.47 -3.50 3.21
N LEU A 21 5.25 -3.93 3.53
CA LEU A 21 4.73 -3.81 4.89
C LEU A 21 5.57 -4.60 5.89
N ARG A 22 6.16 -5.70 5.44
CA ARG A 22 6.99 -6.53 6.31
C ARG A 22 8.28 -5.78 6.69
N GLU A 23 8.80 -5.01 5.76
CA GLU A 23 10.02 -4.24 5.98
C GLU A 23 9.73 -3.00 6.82
N GLN A 24 8.52 -2.48 6.71
CA GLN A 24 8.13 -1.29 7.46
C GLN A 24 7.80 -1.62 8.91
N ALA A 25 7.03 -2.70 9.10
CA ALA A 25 6.65 -3.13 10.44
C ALA A 25 7.85 -3.28 11.36
N THR A 26 8.86 -4.02 10.91
CA THR A 26 10.07 -4.23 11.70
C THR A 26 11.05 -3.09 11.52
N GLY A 27 11.21 -2.62 10.28
CA GLY A 27 12.13 -1.54 10.01
C GLY A 27 13.45 -2.02 9.44
N SER A 28 13.75 -3.30 9.65
CA SER A 28 14.98 -3.90 9.15
C SER A 28 14.76 -5.35 8.75
N LYS A 29 13.52 -5.69 8.41
CA LYS A 29 13.18 -7.04 8.01
C LYS A 29 13.72 -7.36 6.62
N ASP A 30 12.82 -7.59 5.67
CA ASP A 30 13.21 -7.90 4.30
C ASP A 30 14.03 -6.77 3.69
N SER A 31 15.34 -6.96 3.64
CA SER A 31 16.24 -5.97 3.07
C SER A 31 16.72 -6.40 1.68
N LYS A 32 16.62 -7.71 1.42
CA LYS A 32 17.03 -8.26 0.15
C LYS A 32 15.97 -8.02 -0.91
N PRO A 33 16.36 -8.02 -2.21
CA PRO A 33 15.44 -7.80 -3.32
C PRO A 33 14.13 -8.58 -3.16
N LEU A 34 13.06 -8.05 -3.75
CA LEU A 34 11.75 -8.68 -3.67
C LEU A 34 11.79 -10.11 -4.23
N GLY A 35 10.66 -10.80 -4.13
CA GLY A 35 10.58 -12.17 -4.61
C GLY A 35 10.70 -12.27 -6.12
N GLU A 36 9.81 -13.04 -6.74
CA GLU A 36 9.82 -13.23 -8.18
C GLU A 36 8.98 -12.18 -8.88
N ALA A 37 8.58 -11.15 -8.15
CA ALA A 37 7.78 -10.08 -8.72
C ALA A 37 8.38 -9.58 -10.02
N GLY A 38 9.68 -9.32 -9.99
CA GLY A 38 10.38 -8.86 -11.18
C GLY A 38 10.73 -7.39 -11.13
N ALA A 39 10.15 -6.61 -12.03
CA ALA A 39 10.42 -5.18 -12.10
C ALA A 39 9.54 -4.40 -11.13
N ALA A 40 8.35 -4.92 -10.82
CA ALA A 40 7.44 -4.24 -9.91
C ALA A 40 7.99 -4.18 -8.51
N GLY A 41 8.15 -5.33 -7.89
CA GLY A 41 8.65 -5.38 -6.52
C GLY A 41 9.96 -4.66 -6.32
N ARG A 42 10.94 -4.94 -7.16
CA ARG A 42 12.24 -4.30 -7.04
C ARG A 42 12.11 -2.78 -7.05
N ARG A 43 11.28 -2.28 -7.96
CA ARG A 43 11.07 -0.83 -8.10
C ARG A 43 9.96 -0.32 -7.19
N ALA A 44 9.13 -1.22 -6.69
CA ALA A 44 8.01 -0.84 -5.83
C ALA A 44 8.44 -0.74 -4.38
N LEU A 45 9.06 -1.78 -3.86
CA LEU A 45 9.50 -1.76 -2.47
C LEU A 45 10.49 -0.61 -2.24
N GLU A 46 11.24 -0.25 -3.28
CA GLU A 46 12.21 0.84 -3.17
C GLU A 46 11.51 2.18 -3.34
N THR A 47 10.60 2.25 -4.30
CA THR A 47 9.85 3.47 -4.55
C THR A 47 8.92 3.75 -3.38
N LEU A 48 8.06 2.78 -3.07
CA LEU A 48 7.12 2.89 -1.96
C LEU A 48 7.85 3.24 -0.67
N ARG A 49 9.06 2.72 -0.52
CA ARG A 49 9.85 2.99 0.68
C ARG A 49 10.13 4.48 0.81
N ARG A 50 10.62 5.08 -0.27
CA ARG A 50 10.94 6.51 -0.27
C ARG A 50 9.67 7.37 -0.20
N VAL A 51 8.65 7.01 -0.97
CA VAL A 51 7.40 7.78 -0.97
C VAL A 51 6.67 7.60 0.35
N GLY A 52 6.90 6.47 1.01
CA GLY A 52 6.25 6.22 2.28
C GLY A 52 6.88 7.03 3.38
N ASP A 53 8.21 7.05 3.41
CA ASP A 53 8.94 7.81 4.39
C ASP A 53 8.54 9.28 4.29
N GLY A 54 8.28 9.71 3.07
CA GLY A 54 7.85 11.07 2.84
C GLY A 54 6.40 11.27 3.21
N VAL A 55 5.53 10.41 2.66
CA VAL A 55 4.10 10.47 2.95
C VAL A 55 3.85 10.58 4.45
N GLN A 56 4.57 9.77 5.22
CA GLN A 56 4.42 9.77 6.67
C GLN A 56 4.81 11.11 7.26
N ARG A 57 5.87 11.71 6.73
CA ARG A 57 6.33 13.02 7.20
C ARG A 57 5.40 14.12 6.70
N ASN A 58 4.69 13.83 5.62
CA ASN A 58 3.76 14.78 5.02
C ASN A 58 2.36 14.62 5.61
N HIS A 59 2.10 13.46 6.19
CA HIS A 59 0.80 13.17 6.75
C HIS A 59 0.85 13.00 8.25
N GLU A 60 2.05 13.05 8.84
CA GLU A 60 2.20 12.88 10.28
C GLU A 60 1.01 13.47 11.04
N THR A 61 0.45 14.57 10.52
CA THR A 61 -0.71 15.19 11.14
C THR A 61 -1.96 14.39 10.82
N ALA A 62 -2.13 14.06 9.54
CA ALA A 62 -3.27 13.27 9.09
C ALA A 62 -3.18 11.85 9.65
N PHE A 63 -2.04 11.20 9.43
CA PHE A 63 -1.79 9.85 9.90
C PHE A 63 -2.09 9.73 11.38
N GLN A 64 -1.64 10.73 12.16
CA GLN A 64 -1.88 10.73 13.60
C GLN A 64 -3.35 10.90 13.90
N GLY A 65 -4.02 11.75 13.12
CA GLY A 65 -5.43 11.99 13.33
C GLY A 65 -6.30 10.84 12.89
N MET A 66 -5.84 10.10 11.87
CA MET A 66 -6.60 8.97 11.36
C MET A 66 -6.66 7.85 12.38
N LEU A 67 -5.50 7.35 12.78
CA LEU A 67 -5.42 6.29 13.77
C LEU A 67 -5.98 6.76 15.11
N ARG A 68 -5.91 8.07 15.36
CA ARG A 68 -6.43 8.63 16.61
C ARG A 68 -7.92 8.33 16.73
N LYS A 69 -8.66 8.61 15.66
CA LYS A 69 -10.09 8.35 15.63
C LYS A 69 -10.35 6.85 15.54
N LEU A 70 -9.44 6.16 14.86
CA LEU A 70 -9.54 4.72 14.69
C LEU A 70 -9.25 4.01 16.01
N ASP A 71 -9.43 2.70 16.05
CA ASP A 71 -9.17 1.94 17.26
C ASP A 71 -9.16 0.44 16.99
N ILE A 72 -8.11 0.00 16.31
CA ILE A 72 -7.96 -1.41 15.97
C ILE A 72 -7.96 -2.27 17.24
N LYS A 73 -8.94 -3.16 17.34
CA LYS A 73 -9.06 -4.04 18.50
C LYS A 73 -8.94 -5.48 18.05
N ASN A 74 -9.52 -5.78 16.90
CA ASN A 74 -9.49 -7.11 16.34
C ASN A 74 -9.56 -7.03 14.81
N GLU A 75 -9.70 -8.19 14.18
CA GLU A 75 -9.78 -8.25 12.72
C GLU A 75 -11.07 -7.58 12.25
N GLY A 76 -11.97 -7.32 13.19
CA GLY A 76 -13.23 -6.67 12.88
C GLY A 76 -13.10 -5.17 12.78
N ASP A 77 -12.04 -4.63 13.39
CA ASP A 77 -11.80 -3.19 13.36
C ASP A 77 -11.29 -2.77 11.99
N VAL A 78 -11.00 -3.76 11.15
CA VAL A 78 -10.51 -3.51 9.81
C VAL A 78 -11.54 -2.70 9.01
N LYS A 79 -12.79 -2.75 9.45
CA LYS A 79 -13.87 -2.01 8.80
C LYS A 79 -13.50 -0.54 8.74
N SER A 80 -12.78 -0.06 9.76
CA SER A 80 -12.35 1.32 9.82
C SER A 80 -11.41 1.61 8.65
N PHE A 81 -10.57 0.62 8.33
CA PHE A 81 -9.63 0.75 7.23
C PHE A 81 -10.39 0.94 5.93
N SER A 82 -11.55 0.30 5.84
CA SER A 82 -12.40 0.41 4.65
C SER A 82 -12.85 1.85 4.47
N ARG A 83 -13.16 2.51 5.58
CA ARG A 83 -13.61 3.90 5.55
C ARG A 83 -12.57 4.77 4.85
N VAL A 84 -11.34 4.70 5.32
CA VAL A 84 -10.25 5.47 4.73
C VAL A 84 -9.96 4.97 3.31
N MET A 85 -10.20 3.69 3.07
CA MET A 85 -9.98 3.11 1.75
C MET A 85 -10.72 3.92 0.71
N VAL A 86 -11.91 4.37 1.07
CA VAL A 86 -12.74 5.17 0.18
C VAL A 86 -12.40 6.64 0.27
N HIS A 87 -12.15 7.11 1.49
CA HIS A 87 -11.82 8.51 1.72
C HIS A 87 -10.53 8.91 1.00
N VAL A 88 -9.68 7.92 0.71
CA VAL A 88 -8.43 8.20 0.01
C VAL A 88 -8.72 8.56 -1.45
N PHE A 89 -9.61 7.78 -2.08
CA PHE A 89 -9.99 8.02 -3.46
C PHE A 89 -11.39 8.63 -3.51
N LYS A 90 -11.55 9.77 -2.85
CA LYS A 90 -12.84 10.48 -2.80
C LYS A 90 -13.62 10.34 -4.11
N ASP A 91 -13.28 11.18 -5.09
CA ASP A 91 -13.95 11.14 -6.38
C ASP A 91 -13.21 12.01 -7.40
N GLY A 92 -13.40 13.31 -7.32
CA GLY A 92 -12.75 14.22 -8.24
C GLY A 92 -11.23 14.06 -8.24
N VAL A 93 -10.63 14.09 -7.06
CA VAL A 93 -9.19 13.95 -6.92
C VAL A 93 -8.75 12.51 -7.18
N THR A 94 -8.17 12.28 -8.36
CA THR A 94 -7.71 10.95 -8.73
C THR A 94 -6.30 11.00 -9.33
N ASN A 95 -5.33 10.50 -8.60
CA ASN A 95 -3.94 10.49 -9.05
C ASN A 95 -3.15 9.41 -8.33
N TRP A 96 -2.01 9.03 -8.91
CA TRP A 96 -1.16 8.00 -8.33
C TRP A 96 -0.80 8.36 -6.90
N GLY A 97 -0.60 9.65 -6.65
CA GLY A 97 -0.27 10.10 -5.32
C GLY A 97 -1.33 9.70 -4.31
N ARG A 98 -2.59 9.73 -4.75
CA ARG A 98 -3.70 9.34 -3.89
C ARG A 98 -3.61 7.87 -3.54
N ILE A 99 -3.42 7.03 -4.56
CA ILE A 99 -3.29 5.61 -4.37
C ILE A 99 -2.09 5.31 -3.49
N VAL A 100 -1.09 6.19 -3.55
CA VAL A 100 0.11 6.04 -2.75
C VAL A 100 -0.21 6.35 -1.30
N THR A 101 -1.15 7.26 -1.08
CA THR A 101 -1.57 7.64 0.26
C THR A 101 -2.30 6.50 0.95
N LEU A 102 -3.12 5.78 0.20
CA LEU A 102 -3.86 4.65 0.74
C LEU A 102 -2.89 3.57 1.20
N ILE A 103 -2.02 3.14 0.29
CA ILE A 103 -1.04 2.13 0.61
C ILE A 103 -0.13 2.62 1.74
N SER A 104 0.09 3.93 1.74
CA SER A 104 0.92 4.58 2.76
C SER A 104 0.27 4.52 4.14
N PHE A 105 -1.01 4.81 4.21
CA PHE A 105 -1.73 4.79 5.48
C PHE A 105 -1.66 3.41 6.14
N GLY A 106 -2.16 2.41 5.44
CA GLY A 106 -2.16 1.06 5.97
C GLY A 106 -0.77 0.58 6.32
N ALA A 107 0.22 0.90 5.47
CA ALA A 107 1.59 0.49 5.72
C ALA A 107 2.07 1.11 7.03
N PHE A 108 1.71 2.37 7.24
CA PHE A 108 2.10 3.09 8.45
C PHE A 108 1.30 2.56 9.64
N VAL A 109 0.06 2.17 9.38
CA VAL A 109 -0.81 1.63 10.41
C VAL A 109 -0.31 0.26 10.86
N ALA A 110 0.29 -0.48 9.93
CA ALA A 110 0.83 -1.79 10.25
C ALA A 110 2.02 -1.65 11.17
N LYS A 111 2.90 -0.71 10.84
CA LYS A 111 4.07 -0.44 11.67
C LYS A 111 3.60 0.05 13.04
N HIS A 112 2.47 0.74 13.04
CA HIS A 112 1.88 1.25 14.27
C HIS A 112 1.36 0.09 15.10
N LEU A 113 0.63 -0.80 14.42
CA LEU A 113 0.08 -1.99 15.06
C LEU A 113 1.18 -2.90 15.59
N LYS A 114 2.32 -2.89 14.91
CA LYS A 114 3.45 -3.72 15.32
C LYS A 114 4.14 -3.13 16.54
N SER A 115 4.07 -1.81 16.67
CA SER A 115 4.69 -1.12 17.80
C SER A 115 3.98 -1.46 19.11
N VAL A 116 2.77 -2.00 19.00
CA VAL A 116 1.99 -2.37 20.17
C VAL A 116 1.93 -3.89 20.34
N ASN A 117 2.63 -4.61 19.48
CA ASN A 117 2.67 -6.07 19.52
C ASN A 117 1.30 -6.68 19.23
N GLN A 118 0.78 -6.40 18.05
CA GLN A 118 -0.52 -6.92 17.64
C GLN A 118 -0.47 -7.41 16.19
N GLU A 119 0.70 -7.90 15.78
CA GLU A 119 0.90 -8.41 14.43
C GLU A 119 -0.21 -9.38 14.04
N SER A 120 -0.88 -9.93 15.05
CA SER A 120 -1.98 -10.87 14.82
C SER A 120 -3.01 -10.26 13.89
N PHE A 121 -3.40 -9.02 14.16
CA PHE A 121 -4.37 -8.32 13.35
C PHE A 121 -3.71 -7.65 12.15
N ILE A 122 -2.38 -7.59 12.20
CA ILE A 122 -1.62 -6.98 11.11
C ILE A 122 -1.71 -7.80 9.84
N GLU A 123 -1.44 -9.10 9.97
CA GLU A 123 -1.49 -10.00 8.81
C GLU A 123 -2.76 -9.80 8.00
N PRO A 124 -3.95 -9.85 8.63
CA PRO A 124 -5.22 -9.66 7.94
C PRO A 124 -5.46 -8.20 7.57
N LEU A 125 -4.76 -7.29 8.24
CA LEU A 125 -4.91 -5.87 7.97
C LEU A 125 -4.28 -5.51 6.63
N ALA A 126 -3.10 -6.08 6.38
CA ALA A 126 -2.39 -5.82 5.14
C ALA A 126 -3.05 -6.57 3.99
N GLU A 127 -3.50 -7.78 4.27
CA GLU A 127 -4.16 -8.60 3.25
C GLU A 127 -5.47 -7.94 2.82
N THR A 128 -6.06 -7.18 3.74
CA THR A 128 -7.32 -6.49 3.45
C THR A 128 -7.07 -5.18 2.72
N ILE A 129 -6.24 -4.31 3.32
CA ILE A 129 -5.95 -3.02 2.70
C ILE A 129 -5.45 -3.20 1.27
N THR A 130 -4.64 -4.24 1.05
CA THR A 130 -4.11 -4.53 -0.27
C THR A 130 -5.21 -5.03 -1.19
N ASP A 131 -5.98 -6.00 -0.71
CA ASP A 131 -7.08 -6.55 -1.50
C ASP A 131 -7.95 -5.43 -2.04
N VAL A 132 -8.45 -4.60 -1.14
CA VAL A 132 -9.29 -3.48 -1.53
C VAL A 132 -8.50 -2.47 -2.36
N LEU A 133 -7.18 -2.46 -2.20
CA LEU A 133 -6.34 -1.53 -2.95
C LEU A 133 -6.41 -1.83 -4.44
N VAL A 134 -6.10 -3.06 -4.82
CA VAL A 134 -6.16 -3.46 -6.21
C VAL A 134 -7.59 -3.70 -6.64
N ARG A 135 -8.39 -4.21 -5.72
CA ARG A 135 -9.80 -4.49 -5.98
C ARG A 135 -10.62 -3.21 -6.11
N THR A 136 -10.17 -2.11 -5.49
CA THR A 136 -10.91 -0.86 -5.57
C THR A 136 -10.51 -0.05 -6.80
N LYS A 137 -9.21 0.00 -7.07
CA LYS A 137 -8.71 0.73 -8.23
C LYS A 137 -8.32 -0.22 -9.34
N ARG A 138 -9.11 -1.28 -9.51
CA ARG A 138 -8.85 -2.27 -10.55
C ARG A 138 -9.01 -1.65 -11.94
N ASP A 139 -10.10 -0.91 -12.14
CA ASP A 139 -10.35 -0.26 -13.43
C ASP A 139 -9.13 0.55 -13.86
N TRP A 140 -8.63 1.36 -12.93
CA TRP A 140 -7.44 2.17 -13.17
C TRP A 140 -6.26 1.24 -13.45
N LEU A 141 -6.11 0.25 -12.59
CA LEU A 141 -5.04 -0.73 -12.72
C LEU A 141 -5.09 -1.43 -14.07
N VAL A 142 -6.27 -1.55 -14.64
CA VAL A 142 -6.43 -2.20 -15.94
C VAL A 142 -6.25 -1.19 -17.07
N LYS A 143 -6.60 0.06 -16.80
CA LYS A 143 -6.48 1.12 -17.79
C LYS A 143 -5.07 1.72 -17.80
N GLN A 144 -4.30 1.44 -16.76
CA GLN A 144 -2.93 1.94 -16.66
C GLN A 144 -1.96 0.80 -16.35
N ARG A 145 -2.22 -0.35 -16.97
CA ARG A 145 -1.39 -1.54 -16.79
C ARG A 145 -0.94 -1.74 -15.34
N GLY A 146 -1.73 -1.21 -14.43
CA GLY A 146 -1.45 -1.34 -13.01
C GLY A 146 -0.02 -1.07 -12.59
N TRP A 147 0.53 -2.02 -11.83
CA TRP A 147 1.88 -1.94 -11.29
C TRP A 147 2.87 -1.13 -12.13
N ASP A 148 3.16 -1.59 -13.34
CA ASP A 148 4.11 -0.90 -14.22
C ASP A 148 3.79 0.59 -14.29
N GLY A 149 2.51 0.92 -14.35
CA GLY A 149 2.12 2.32 -14.40
C GLY A 149 2.58 3.08 -13.18
N PHE A 150 2.28 2.53 -12.00
CA PHE A 150 2.67 3.16 -10.74
C PHE A 150 4.12 3.65 -10.82
N VAL A 151 5.00 2.76 -11.28
CA VAL A 151 6.41 3.09 -11.42
C VAL A 151 6.64 3.98 -12.64
N GLU A 152 5.77 3.86 -13.65
CA GLU A 152 5.89 4.68 -14.84
C GLU A 152 5.73 6.14 -14.46
N PHE A 153 4.84 6.39 -13.51
CA PHE A 153 4.59 7.72 -13.00
C PHE A 153 5.81 8.23 -12.25
N PHE A 154 6.44 7.32 -11.52
CA PHE A 154 7.62 7.63 -10.74
C PHE A 154 8.90 7.23 -11.47
N HIS A 155 8.80 7.07 -12.78
CA HIS A 155 9.95 6.72 -13.60
C HIS A 155 10.63 7.97 -14.12
N VAL A 156 10.22 9.12 -13.58
CA VAL A 156 10.76 10.40 -13.99
C VAL A 156 11.53 11.06 -12.85
N GLN A 157 11.47 10.43 -11.69
CA GLN A 157 12.16 10.94 -10.50
C GLN A 157 13.57 10.37 -10.41
N ASP A 158 13.98 9.65 -11.45
CA ASP A 158 15.31 9.05 -11.49
C ASP A 158 16.11 9.58 -12.68
N LEU A 159 15.66 10.70 -13.24
CA LEU A 159 16.33 11.32 -14.37
C LEU A 159 17.38 12.32 -13.91
N GLU A 160 18.43 12.48 -14.70
CA GLU A 160 19.50 13.42 -14.36
C GLU A 160 20.19 13.93 -15.63
N GLY A 161 20.40 15.24 -15.69
CA GLY A 161 21.04 15.84 -16.84
C GLY A 161 20.04 16.24 -17.92
N GLY A 162 20.56 16.61 -19.09
CA GLY A 162 19.70 17.01 -20.19
C GLY A 162 20.16 16.44 -21.51
N GLY A 1 -3.34 -25.55 -8.21
CA GLY A 1 -4.75 -25.12 -8.44
C GLY A 1 -4.84 -23.78 -9.14
N PRO A 2 -6.00 -23.47 -9.76
CA PRO A 2 -6.20 -22.20 -10.47
C PRO A 2 -6.26 -21.00 -9.53
N LEU A 3 -5.74 -19.87 -9.98
CA LEU A 3 -5.74 -18.66 -9.18
C LEU A 3 -7.10 -17.98 -9.20
N GLY A 4 -8.10 -18.69 -9.70
CA GLY A 4 -9.44 -18.14 -9.76
C GLY A 4 -9.68 -17.33 -11.02
N SER A 5 -10.79 -16.59 -11.04
CA SER A 5 -11.15 -15.77 -12.19
C SER A 5 -10.78 -14.31 -11.95
N GLU A 6 -10.08 -14.05 -10.85
CA GLU A 6 -9.66 -12.70 -10.50
C GLU A 6 -8.70 -12.13 -11.53
N ASP A 7 -7.80 -11.26 -11.07
CA ASP A 7 -6.81 -10.64 -11.95
C ASP A 7 -5.40 -11.16 -11.65
N ASP A 8 -4.46 -10.85 -12.55
CA ASP A 8 -3.08 -11.27 -12.37
C ASP A 8 -2.31 -10.30 -11.49
N LEU A 9 -2.60 -9.01 -11.65
CA LEU A 9 -1.94 -7.97 -10.86
C LEU A 9 -2.07 -8.26 -9.37
N TYR A 10 -3.28 -8.59 -8.95
CA TYR A 10 -3.58 -8.90 -7.56
C TYR A 10 -2.44 -9.67 -6.89
N ARG A 11 -1.83 -10.58 -7.63
CA ARG A 11 -0.73 -11.38 -7.10
C ARG A 11 0.43 -10.50 -6.66
N GLN A 12 0.86 -9.58 -7.52
CA GLN A 12 1.97 -8.68 -7.19
C GLN A 12 1.51 -7.59 -6.24
N SER A 13 0.26 -7.17 -6.37
CA SER A 13 -0.27 -6.14 -5.49
C SER A 13 -0.22 -6.62 -4.05
N LEU A 14 -0.40 -7.92 -3.89
CA LEU A 14 -0.38 -8.57 -2.58
C LEU A 14 1.05 -8.93 -2.17
N GLU A 15 1.80 -9.51 -3.10
CA GLU A 15 3.18 -9.90 -2.83
C GLU A 15 4.01 -8.68 -2.46
N ILE A 16 3.86 -7.61 -3.23
CA ILE A 16 4.58 -6.37 -2.99
C ILE A 16 4.07 -5.66 -1.75
N ILE A 17 2.76 -5.70 -1.54
CA ILE A 17 2.17 -5.06 -0.36
C ILE A 17 2.68 -5.74 0.90
N SER A 18 2.66 -7.06 0.91
CA SER A 18 3.13 -7.82 2.06
C SER A 18 4.61 -7.55 2.27
N ARG A 19 5.37 -7.60 1.19
CA ARG A 19 6.80 -7.35 1.23
C ARG A 19 7.09 -5.95 1.78
N TYR A 20 6.36 -4.96 1.26
CA TYR A 20 6.52 -3.58 1.68
C TYR A 20 6.12 -3.38 3.14
N LEU A 21 4.89 -3.76 3.47
CA LEU A 21 4.36 -3.60 4.82
C LEU A 21 5.18 -4.38 5.84
N ARG A 22 5.76 -5.51 5.42
CA ARG A 22 6.57 -6.33 6.31
C ARG A 22 7.90 -5.65 6.61
N GLU A 23 8.43 -4.94 5.62
CA GLU A 23 9.70 -4.23 5.78
C GLU A 23 9.51 -2.92 6.54
N GLN A 24 8.31 -2.36 6.44
CA GLN A 24 8.00 -1.10 7.11
C GLN A 24 7.59 -1.33 8.56
N ALA A 25 6.86 -2.41 8.80
CA ALA A 25 6.40 -2.74 10.14
C ALA A 25 7.57 -2.85 11.12
N THR A 26 8.66 -3.46 10.66
CA THR A 26 9.85 -3.63 11.49
C THR A 26 10.77 -2.42 11.37
N GLY A 27 10.69 -1.74 10.24
CA GLY A 27 11.52 -0.57 10.02
C GLY A 27 12.81 -0.90 9.28
N SER A 28 13.21 -2.17 9.34
CA SER A 28 14.42 -2.61 8.67
C SER A 28 14.11 -3.65 7.60
N LYS A 29 15.15 -4.12 6.91
CA LYS A 29 14.99 -5.11 5.86
C LYS A 29 14.55 -6.46 6.44
N ASP A 30 13.35 -6.90 6.04
CA ASP A 30 12.82 -8.18 6.52
C ASP A 30 13.65 -9.35 6.00
N SER A 31 13.68 -9.48 4.68
CA SER A 31 14.43 -10.55 4.04
C SER A 31 15.10 -10.08 2.75
N LYS A 32 15.59 -11.02 1.95
CA LYS A 32 16.24 -10.69 0.69
C LYS A 32 15.32 -9.87 -0.21
N PRO A 33 15.89 -9.06 -1.11
CA PRO A 33 15.11 -8.23 -2.03
C PRO A 33 14.21 -9.04 -2.95
N LEU A 34 13.46 -8.35 -3.80
CA LEU A 34 12.55 -9.01 -4.73
C LEU A 34 13.31 -9.93 -5.68
N GLY A 35 12.59 -10.82 -6.36
CA GLY A 35 13.21 -11.75 -7.27
C GLY A 35 12.22 -12.35 -8.26
N GLU A 36 11.22 -13.06 -7.76
CA GLU A 36 10.22 -13.70 -8.60
C GLU A 36 9.04 -12.76 -8.85
N ALA A 37 8.80 -11.86 -7.91
CA ALA A 37 7.70 -10.90 -8.01
C ALA A 37 7.74 -10.19 -9.36
N GLY A 38 8.95 -9.94 -9.85
CA GLY A 38 9.11 -9.26 -11.12
C GLY A 38 9.77 -7.91 -10.98
N ALA A 39 9.48 -7.02 -11.92
CA ALA A 39 10.06 -5.68 -11.90
C ALA A 39 9.26 -4.73 -11.00
N ALA A 40 7.99 -5.09 -10.76
CA ALA A 40 7.13 -4.25 -9.93
C ALA A 40 7.64 -4.17 -8.50
N GLY A 41 7.80 -5.33 -7.86
CA GLY A 41 8.25 -5.35 -6.48
C GLY A 41 9.55 -4.61 -6.24
N ARG A 42 10.56 -4.90 -7.05
CA ARG A 42 11.85 -4.25 -6.90
C ARG A 42 11.72 -2.74 -6.95
N ARG A 43 10.95 -2.24 -7.91
CA ARG A 43 10.75 -0.80 -8.08
C ARG A 43 9.60 -0.27 -7.22
N ALA A 44 8.75 -1.16 -6.74
CA ALA A 44 7.61 -0.76 -5.93
C ALA A 44 7.99 -0.63 -4.47
N LEU A 45 8.57 -1.69 -3.91
CA LEU A 45 8.97 -1.65 -2.51
C LEU A 45 9.97 -0.52 -2.26
N GLU A 46 10.76 -0.18 -3.27
CA GLU A 46 11.73 0.90 -3.14
C GLU A 46 11.06 2.25 -3.35
N THR A 47 10.22 2.34 -4.38
CA THR A 47 9.51 3.56 -4.66
C THR A 47 8.57 3.89 -3.51
N LEU A 48 7.70 2.93 -3.19
CA LEU A 48 6.74 3.08 -2.10
C LEU A 48 7.45 3.42 -0.80
N ARG A 49 8.64 2.88 -0.60
CA ARG A 49 9.42 3.15 0.60
C ARG A 49 9.70 4.64 0.71
N ARG A 50 10.15 5.23 -0.39
CA ARG A 50 10.46 6.65 -0.44
C ARG A 50 9.20 7.49 -0.29
N VAL A 51 8.21 7.26 -1.17
CA VAL A 51 6.96 8.02 -1.12
C VAL A 51 6.28 7.87 0.23
N GLY A 52 6.49 6.74 0.87
CA GLY A 52 5.89 6.50 2.16
C GLY A 52 6.58 7.30 3.25
N ASP A 53 7.89 7.32 3.21
CA ASP A 53 8.67 8.08 4.19
C ASP A 53 8.26 9.54 4.13
N GLY A 54 7.99 10.01 2.92
CA GLY A 54 7.56 11.38 2.73
C GLY A 54 6.11 11.57 3.13
N VAL A 55 5.25 10.70 2.60
CA VAL A 55 3.82 10.76 2.89
C VAL A 55 3.59 10.83 4.40
N GLN A 56 4.30 9.99 5.14
CA GLN A 56 4.17 9.95 6.59
C GLN A 56 4.57 11.28 7.21
N ARG A 57 5.63 11.89 6.67
CA ARG A 57 6.10 13.18 7.16
C ARG A 57 5.17 14.31 6.71
N ASN A 58 4.43 14.04 5.64
CA ASN A 58 3.50 15.01 5.09
C ASN A 58 2.11 14.84 5.69
N HIS A 59 1.85 13.67 6.25
CA HIS A 59 0.55 13.37 6.82
C HIS A 59 0.63 13.17 8.32
N GLU A 60 1.83 13.20 8.90
CA GLU A 60 1.99 12.99 10.33
C GLU A 60 0.81 13.56 11.11
N THR A 61 0.26 14.69 10.65
CA THR A 61 -0.89 15.30 11.29
C THR A 61 -2.14 14.49 10.97
N ALA A 62 -2.34 14.21 9.68
CA ALA A 62 -3.48 13.42 9.22
C ALA A 62 -3.39 11.99 9.74
N PHE A 63 -2.25 11.35 9.48
CA PHE A 63 -2.00 9.98 9.92
C PHE A 63 -2.28 9.82 11.40
N GLN A 64 -1.89 10.82 12.19
CA GLN A 64 -2.10 10.77 13.64
C GLN A 64 -3.58 10.85 13.97
N GLY A 65 -4.30 11.71 13.25
CA GLY A 65 -5.72 11.87 13.49
C GLY A 65 -6.56 10.74 12.93
N MET A 66 -6.07 10.12 11.85
CA MET A 66 -6.79 9.03 11.21
C MET A 66 -6.82 7.80 12.10
N LEU A 67 -5.64 7.33 12.50
CA LEU A 67 -5.53 6.16 13.36
C LEU A 67 -6.13 6.44 14.73
N ARG A 68 -5.97 7.67 15.21
CA ARG A 68 -6.51 8.06 16.51
C ARG A 68 -8.01 7.82 16.54
N LYS A 69 -8.68 8.16 15.45
CA LYS A 69 -10.12 7.97 15.34
C LYS A 69 -10.46 6.49 15.38
N LEU A 70 -9.58 5.67 14.80
CA LEU A 70 -9.77 4.23 14.78
C LEU A 70 -9.26 3.60 16.07
N ASP A 71 -9.48 2.29 16.22
CA ASP A 71 -9.03 1.57 17.41
C ASP A 71 -8.93 0.08 17.14
N ILE A 72 -7.89 -0.30 16.42
CA ILE A 72 -7.67 -1.71 16.07
C ILE A 72 -7.60 -2.57 17.33
N LYS A 73 -8.60 -3.44 17.49
CA LYS A 73 -8.65 -4.35 18.62
C LYS A 73 -8.73 -5.79 18.13
N ASN A 74 -9.38 -5.96 17.00
CA ASN A 74 -9.53 -7.27 16.39
C ASN A 74 -9.65 -7.12 14.87
N GLU A 75 -9.94 -8.22 14.19
CA GLU A 75 -10.10 -8.20 12.74
C GLU A 75 -11.36 -7.45 12.35
N GLY A 76 -12.12 -7.05 13.36
CA GLY A 76 -13.36 -6.32 13.11
C GLY A 76 -13.14 -4.83 12.95
N ASP A 77 -12.01 -4.34 13.46
CA ASP A 77 -11.69 -2.91 13.35
C ASP A 77 -11.28 -2.56 11.93
N VAL A 78 -11.05 -3.59 11.12
CA VAL A 78 -10.66 -3.39 9.74
C VAL A 78 -11.73 -2.58 9.00
N LYS A 79 -12.95 -2.60 9.53
CA LYS A 79 -14.05 -1.85 8.94
C LYS A 79 -13.69 -0.38 8.84
N SER A 80 -12.92 0.10 9.81
CA SER A 80 -12.47 1.49 9.82
C SER A 80 -11.59 1.76 8.60
N PHE A 81 -10.75 0.79 8.27
CA PHE A 81 -9.87 0.90 7.12
C PHE A 81 -10.70 1.09 5.86
N SER A 82 -11.86 0.44 5.82
CA SER A 82 -12.76 0.57 4.68
C SER A 82 -13.18 2.02 4.49
N ARG A 83 -13.46 2.69 5.60
CA ARG A 83 -13.87 4.09 5.57
C ARG A 83 -12.80 4.94 4.89
N VAL A 84 -11.55 4.80 5.35
CA VAL A 84 -10.45 5.54 4.77
C VAL A 84 -10.14 5.04 3.37
N MET A 85 -10.53 3.79 3.10
CA MET A 85 -10.31 3.21 1.78
C MET A 85 -11.05 4.01 0.72
N VAL A 86 -12.23 4.50 1.09
CA VAL A 86 -13.04 5.29 0.18
C VAL A 86 -12.71 6.78 0.30
N HIS A 87 -12.44 7.22 1.52
CA HIS A 87 -12.12 8.62 1.77
C HIS A 87 -10.86 9.04 1.03
N VAL A 88 -9.98 8.08 0.72
CA VAL A 88 -8.75 8.39 0.01
C VAL A 88 -9.06 8.80 -1.43
N PHE A 89 -9.91 8.02 -2.09
CA PHE A 89 -10.31 8.30 -3.47
C PHE A 89 -11.63 9.05 -3.50
N LYS A 90 -11.81 9.97 -2.56
CA LYS A 90 -13.04 10.76 -2.47
C LYS A 90 -13.09 11.82 -3.58
N ASP A 91 -12.07 12.66 -3.63
CA ASP A 91 -11.99 13.72 -4.64
C ASP A 91 -12.12 13.15 -6.05
N GLY A 92 -12.81 13.86 -6.92
CA GLY A 92 -12.98 13.42 -8.28
C GLY A 92 -11.66 13.27 -9.02
N VAL A 93 -10.66 14.03 -8.61
CA VAL A 93 -9.35 13.97 -9.23
C VAL A 93 -8.66 12.65 -8.93
N THR A 94 -8.31 11.92 -9.98
CA THR A 94 -7.64 10.63 -9.84
C THR A 94 -6.18 10.73 -10.21
N ASN A 95 -5.31 10.46 -9.24
CA ASN A 95 -3.86 10.52 -9.47
C ASN A 95 -3.14 9.45 -8.65
N TRP A 96 -2.01 8.98 -9.17
CA TRP A 96 -1.22 7.97 -8.47
C TRP A 96 -0.89 8.41 -7.06
N GLY A 97 -0.71 9.71 -6.89
CA GLY A 97 -0.41 10.24 -5.57
C GLY A 97 -1.48 9.89 -4.57
N ARG A 98 -2.74 9.96 -5.00
CA ARG A 98 -3.87 9.63 -4.13
C ARG A 98 -3.81 8.16 -3.75
N ILE A 99 -3.64 7.30 -4.76
CA ILE A 99 -3.54 5.86 -4.52
C ILE A 99 -2.36 5.56 -3.62
N VAL A 100 -1.34 6.42 -3.69
CA VAL A 100 -0.15 6.25 -2.88
C VAL A 100 -0.44 6.61 -1.43
N THR A 101 -1.39 7.54 -1.23
CA THR A 101 -1.78 7.96 0.11
C THR A 101 -2.51 6.85 0.84
N LEU A 102 -3.37 6.15 0.13
CA LEU A 102 -4.12 5.05 0.74
C LEU A 102 -3.17 3.95 1.15
N ILE A 103 -2.35 3.49 0.21
CA ILE A 103 -1.38 2.46 0.50
C ILE A 103 -0.45 2.93 1.62
N SER A 104 -0.20 4.24 1.61
CA SER A 104 0.65 4.87 2.62
C SER A 104 0.03 4.77 4.00
N PHE A 105 -1.26 5.09 4.10
CA PHE A 105 -1.96 5.04 5.38
C PHE A 105 -1.89 3.64 5.99
N GLY A 106 -2.39 2.65 5.26
CA GLY A 106 -2.39 1.29 5.73
C GLY A 106 -1.00 0.79 6.06
N ALA A 107 -0.03 1.12 5.21
CA ALA A 107 1.34 0.69 5.44
C ALA A 107 1.85 1.29 6.74
N PHE A 108 1.47 2.53 7.00
CA PHE A 108 1.86 3.23 8.21
C PHE A 108 1.09 2.67 9.41
N VAL A 109 -0.15 2.25 9.14
CA VAL A 109 -0.99 1.67 10.18
C VAL A 109 -0.46 0.32 10.60
N ALA A 110 0.14 -0.41 9.66
CA ALA A 110 0.70 -1.72 9.95
C ALA A 110 1.91 -1.55 10.86
N LYS A 111 2.76 -0.58 10.52
CA LYS A 111 3.94 -0.30 11.33
C LYS A 111 3.51 0.16 12.71
N HIS A 112 2.35 0.82 12.75
CA HIS A 112 1.78 1.32 13.99
C HIS A 112 1.31 0.13 14.81
N LEU A 113 0.60 -0.77 14.15
CA LEU A 113 0.08 -1.97 14.78
C LEU A 113 1.22 -2.86 15.26
N LYS A 114 2.33 -2.83 14.54
CA LYS A 114 3.50 -3.63 14.90
C LYS A 114 4.19 -3.06 16.13
N SER A 115 4.09 -1.75 16.30
CA SER A 115 4.70 -1.07 17.43
C SER A 115 4.01 -1.45 18.74
N VAL A 116 2.80 -2.00 18.63
CA VAL A 116 2.04 -2.39 19.80
C VAL A 116 1.99 -3.91 19.94
N ASN A 117 2.71 -4.61 19.07
CA ASN A 117 2.76 -6.07 19.09
C ASN A 117 1.40 -6.68 18.82
N GLN A 118 0.84 -6.39 17.65
CA GLN A 118 -0.46 -6.94 17.27
C GLN A 118 -0.44 -7.41 15.82
N GLU A 119 0.74 -7.85 15.37
CA GLU A 119 0.91 -8.35 14.01
C GLU A 119 -0.19 -9.35 13.65
N SER A 120 -0.83 -9.93 14.67
CA SER A 120 -1.90 -10.89 14.45
C SER A 120 -2.99 -10.28 13.59
N PHE A 121 -3.39 -9.06 13.91
CA PHE A 121 -4.42 -8.36 13.15
C PHE A 121 -3.82 -7.64 11.97
N ILE A 122 -2.49 -7.57 11.94
CA ILE A 122 -1.79 -6.91 10.85
C ILE A 122 -1.93 -7.69 9.54
N GLU A 123 -1.65 -8.99 9.61
CA GLU A 123 -1.74 -9.85 8.44
C GLU A 123 -3.06 -9.62 7.69
N PRO A 124 -4.21 -9.71 8.38
CA PRO A 124 -5.51 -9.49 7.74
C PRO A 124 -5.75 -8.03 7.40
N LEU A 125 -5.04 -7.12 8.08
CA LEU A 125 -5.20 -5.70 7.82
C LEU A 125 -4.57 -5.33 6.50
N ALA A 126 -3.40 -5.90 6.22
CA ALA A 126 -2.70 -5.64 4.98
C ALA A 126 -3.38 -6.37 3.83
N GLU A 127 -3.87 -7.57 4.12
CA GLU A 127 -4.56 -8.37 3.10
C GLU A 127 -5.85 -7.69 2.68
N THR A 128 -6.42 -6.91 3.59
CA THR A 128 -7.66 -6.19 3.32
C THR A 128 -7.40 -4.89 2.59
N ILE A 129 -6.56 -4.02 3.19
CA ILE A 129 -6.24 -2.74 2.58
C ILE A 129 -5.76 -2.93 1.14
N THR A 130 -5.00 -4.00 0.92
CA THR A 130 -4.49 -4.32 -0.40
C THR A 130 -5.60 -4.84 -1.29
N ASP A 131 -6.41 -5.75 -0.76
CA ASP A 131 -7.52 -6.31 -1.51
C ASP A 131 -8.34 -5.19 -2.12
N VAL A 132 -8.81 -4.30 -1.27
CA VAL A 132 -9.60 -3.16 -1.72
C VAL A 132 -8.74 -2.24 -2.58
N LEU A 133 -7.42 -2.28 -2.40
CA LEU A 133 -6.53 -1.42 -3.17
C LEU A 133 -6.60 -1.76 -4.66
N VAL A 134 -6.34 -3.01 -5.01
CA VAL A 134 -6.41 -3.42 -6.41
C VAL A 134 -7.85 -3.63 -6.82
N ARG A 135 -8.66 -4.10 -5.88
CA ARG A 135 -10.08 -4.35 -6.15
C ARG A 135 -10.87 -3.05 -6.29
N THR A 136 -10.38 -1.95 -5.70
CA THR A 136 -11.09 -0.67 -5.79
C THR A 136 -10.69 0.09 -7.04
N LYS A 137 -9.38 0.16 -7.30
CA LYS A 137 -8.87 0.86 -8.46
C LYS A 137 -8.49 -0.13 -9.56
N ARG A 138 -9.30 -1.17 -9.71
CA ARG A 138 -9.06 -2.18 -10.74
C ARG A 138 -9.18 -1.58 -12.14
N ASP A 139 -10.25 -0.82 -12.37
CA ASP A 139 -10.47 -0.18 -13.66
C ASP A 139 -9.24 0.61 -14.08
N TRP A 140 -8.75 1.45 -13.17
CA TRP A 140 -7.56 2.24 -13.42
C TRP A 140 -6.38 1.30 -13.66
N LEU A 141 -6.24 0.32 -12.77
CA LEU A 141 -5.19 -0.67 -12.87
C LEU A 141 -5.22 -1.39 -14.21
N VAL A 142 -6.41 -1.52 -14.78
CA VAL A 142 -6.56 -2.19 -16.08
C VAL A 142 -6.34 -1.21 -17.22
N LYS A 143 -6.66 0.06 -16.97
CA LYS A 143 -6.50 1.11 -17.97
C LYS A 143 -5.07 1.64 -17.98
N GLN A 144 -4.32 1.36 -16.91
CA GLN A 144 -2.94 1.82 -16.80
C GLN A 144 -2.00 0.64 -16.52
N ARG A 145 -2.30 -0.49 -17.15
CA ARG A 145 -1.51 -1.72 -17.00
C ARG A 145 -1.06 -1.95 -15.56
N GLY A 146 -1.81 -1.39 -14.61
CA GLY A 146 -1.52 -1.57 -13.20
C GLY A 146 -0.10 -1.24 -12.78
N TRP A 147 0.46 -2.15 -11.99
CA TRP A 147 1.81 -2.01 -11.43
C TRP A 147 2.78 -1.21 -12.30
N ASP A 148 3.08 -1.72 -13.49
CA ASP A 148 4.02 -1.04 -14.39
C ASP A 148 3.70 0.45 -14.49
N GLY A 149 2.42 0.79 -14.56
CA GLY A 149 2.03 2.18 -14.64
C GLY A 149 2.49 2.95 -13.41
N PHE A 150 2.14 2.43 -12.24
CA PHE A 150 2.53 3.07 -10.97
C PHE A 150 3.98 3.54 -11.03
N VAL A 151 4.85 2.66 -11.51
CA VAL A 151 6.27 2.98 -11.63
C VAL A 151 6.52 3.89 -12.84
N GLU A 152 5.68 3.77 -13.86
CA GLU A 152 5.82 4.61 -15.04
C GLU A 152 5.66 6.08 -14.63
N PHE A 153 4.82 6.28 -13.63
CA PHE A 153 4.56 7.60 -13.09
C PHE A 153 5.75 8.06 -12.25
N PHE A 154 6.35 7.10 -11.56
CA PHE A 154 7.50 7.35 -10.71
C PHE A 154 8.78 6.79 -11.29
N HIS A 155 8.93 6.90 -12.61
CA HIS A 155 10.12 6.42 -13.29
C HIS A 155 11.17 7.52 -13.37
N VAL A 156 10.85 8.65 -12.76
CA VAL A 156 11.75 9.80 -12.75
C VAL A 156 11.76 10.48 -11.39
N GLN A 157 12.96 10.79 -10.90
CA GLN A 157 13.09 11.43 -9.60
C GLN A 157 13.77 12.79 -9.74
N ASP A 158 15.04 12.77 -10.16
CA ASP A 158 15.80 13.99 -10.34
C ASP A 158 16.27 14.13 -11.79
N LEU A 159 15.65 13.37 -12.68
CA LEU A 159 16.00 13.41 -14.09
C LEU A 159 14.81 13.86 -14.94
N GLU A 160 15.09 14.58 -16.02
CA GLU A 160 14.05 15.07 -16.91
C GLU A 160 13.70 14.02 -17.96
N GLY A 161 12.41 13.88 -18.23
CA GLY A 161 11.96 12.91 -19.22
C GLY A 161 11.74 13.54 -20.59
N GLY A 162 12.82 13.65 -21.37
CA GLY A 162 12.73 14.23 -22.69
C GLY A 162 12.55 13.18 -23.76
N GLY A 1 -16.21 -9.69 -22.57
CA GLY A 1 -15.83 -11.12 -22.73
C GLY A 1 -15.17 -11.68 -21.49
N PRO A 2 -15.47 -12.95 -21.12
CA PRO A 2 -14.88 -13.59 -19.94
C PRO A 2 -13.36 -13.62 -19.99
N LEU A 3 -12.73 -13.49 -18.82
CA LEU A 3 -11.27 -13.50 -18.72
C LEU A 3 -10.82 -14.23 -17.46
N GLY A 4 -9.53 -14.53 -17.40
CA GLY A 4 -8.98 -15.22 -16.25
C GLY A 4 -7.76 -14.52 -15.67
N SER A 5 -7.50 -13.31 -16.16
CA SER A 5 -6.35 -12.54 -15.69
C SER A 5 -6.79 -11.49 -14.66
N GLU A 6 -8.05 -11.54 -14.28
CA GLU A 6 -8.59 -10.59 -13.31
C GLU A 6 -7.93 -10.77 -11.94
N ASP A 7 -7.53 -12.00 -11.64
CA ASP A 7 -6.89 -12.30 -10.36
C ASP A 7 -5.38 -12.50 -10.55
N ASP A 8 -4.85 -11.92 -11.61
CA ASP A 8 -3.42 -12.02 -11.89
C ASP A 8 -2.62 -10.97 -11.14
N LEU A 9 -3.03 -9.71 -11.26
CA LEU A 9 -2.35 -8.62 -10.60
C LEU A 9 -2.37 -8.82 -9.09
N TYR A 10 -3.55 -9.04 -8.52
CA TYR A 10 -3.71 -9.25 -7.09
C TYR A 10 -2.59 -10.11 -6.52
N ARG A 11 -2.17 -11.11 -7.29
CA ARG A 11 -1.09 -12.00 -6.85
C ARG A 11 0.16 -11.20 -6.55
N GLN A 12 0.52 -10.29 -7.47
CA GLN A 12 1.69 -9.45 -7.30
C GLN A 12 1.42 -8.35 -6.28
N SER A 13 0.30 -7.64 -6.45
CA SER A 13 -0.07 -6.56 -5.54
C SER A 13 0.07 -7.01 -4.09
N LEU A 14 -0.13 -8.31 -3.89
CA LEU A 14 -0.03 -8.93 -2.57
C LEU A 14 1.41 -9.30 -2.24
N GLU A 15 2.12 -9.82 -3.24
CA GLU A 15 3.51 -10.22 -3.05
C GLU A 15 4.35 -9.03 -2.59
N ILE A 16 4.17 -7.90 -3.27
CA ILE A 16 4.90 -6.68 -2.94
C ILE A 16 4.36 -6.04 -1.68
N ILE A 17 3.05 -6.10 -1.49
CA ILE A 17 2.45 -5.50 -0.30
C ILE A 17 2.95 -6.22 0.95
N SER A 18 3.00 -7.55 0.89
CA SER A 18 3.47 -8.35 2.01
C SER A 18 4.94 -8.06 2.24
N ARG A 19 5.73 -8.13 1.17
CA ARG A 19 7.14 -7.87 1.22
C ARG A 19 7.43 -6.48 1.80
N TYR A 20 6.70 -5.49 1.30
CA TYR A 20 6.85 -4.11 1.74
C TYR A 20 6.47 -3.95 3.21
N LEU A 21 5.24 -4.34 3.54
CA LEU A 21 4.75 -4.22 4.91
C LEU A 21 5.59 -5.04 5.88
N ARG A 22 6.15 -6.14 5.40
CA ARG A 22 6.98 -7.00 6.24
C ARG A 22 8.27 -6.29 6.62
N GLU A 23 8.80 -5.52 5.69
CA GLU A 23 10.03 -4.77 5.91
C GLU A 23 9.80 -3.59 6.85
N GLN A 24 8.57 -3.06 6.83
CA GLN A 24 8.23 -1.93 7.68
C GLN A 24 7.90 -2.39 9.10
N ALA A 25 7.05 -3.40 9.21
CA ALA A 25 6.65 -3.93 10.51
C ALA A 25 7.87 -4.24 11.39
N THR A 26 8.92 -4.75 10.76
CA THR A 26 10.14 -5.08 11.48
C THR A 26 11.04 -3.85 11.67
N GLY A 27 11.13 -3.04 10.62
CA GLY A 27 11.95 -1.84 10.68
C GLY A 27 13.33 -2.06 10.10
N SER A 28 13.63 -3.30 9.73
CA SER A 28 14.93 -3.63 9.15
C SER A 28 14.90 -3.50 7.63
N LYS A 29 16.05 -3.23 7.04
CA LYS A 29 16.17 -3.07 5.59
C LYS A 29 16.47 -4.41 4.93
N ASP A 30 15.67 -4.76 3.92
CA ASP A 30 15.87 -6.01 3.20
C ASP A 30 17.04 -5.90 2.21
N SER A 31 17.96 -6.84 2.29
CA SER A 31 19.12 -6.84 1.40
C SER A 31 18.85 -7.65 0.14
N LYS A 32 18.26 -8.83 0.33
CA LYS A 32 17.95 -9.70 -0.80
C LYS A 32 16.95 -9.05 -1.75
N PRO A 33 17.16 -9.19 -3.07
CA PRO A 33 16.27 -8.61 -4.08
C PRO A 33 14.94 -9.32 -4.16
N LEU A 34 14.08 -8.88 -5.08
CA LEU A 34 12.76 -9.47 -5.26
C LEU A 34 12.88 -10.87 -5.85
N GLY A 35 11.80 -11.65 -5.74
CA GLY A 35 11.81 -13.01 -6.26
C GLY A 35 11.03 -13.14 -7.56
N GLU A 36 9.71 -13.11 -7.47
CA GLU A 36 8.84 -13.23 -8.64
C GLU A 36 8.55 -11.85 -9.22
N ALA A 37 8.38 -10.87 -8.34
CA ALA A 37 8.09 -9.51 -8.77
C ALA A 37 9.39 -8.78 -9.10
N GLY A 38 10.31 -9.48 -9.75
CA GLY A 38 11.60 -8.90 -10.11
C GLY A 38 11.48 -7.48 -10.65
N ALA A 39 10.45 -7.24 -11.46
CA ALA A 39 10.23 -5.91 -12.03
C ALA A 39 9.45 -5.00 -11.09
N ALA A 40 8.24 -5.43 -10.73
CA ALA A 40 7.39 -4.63 -9.85
C ALA A 40 7.96 -4.50 -8.45
N GLY A 41 8.13 -5.61 -7.76
CA GLY A 41 8.62 -5.58 -6.39
C GLY A 41 9.93 -4.82 -6.22
N ARG A 42 10.86 -5.02 -7.14
CA ARG A 42 12.15 -4.35 -7.05
C ARG A 42 11.99 -2.84 -7.13
N ARG A 43 11.22 -2.37 -8.10
CA ARG A 43 11.00 -0.94 -8.29
C ARG A 43 9.85 -0.40 -7.45
N ALA A 44 9.00 -1.28 -6.95
CA ALA A 44 7.84 -0.88 -6.16
C ALA A 44 8.17 -0.83 -4.68
N LEU A 45 8.88 -1.83 -4.19
CA LEU A 45 9.24 -1.86 -2.78
C LEU A 45 10.24 -0.76 -2.46
N GLU A 46 11.05 -0.39 -3.44
CA GLU A 46 12.04 0.67 -3.24
C GLU A 46 11.38 2.03 -3.41
N THR A 47 10.41 2.10 -4.32
CA THR A 47 9.68 3.33 -4.57
C THR A 47 8.73 3.58 -3.40
N LEU A 48 7.86 2.61 -3.14
CA LEU A 48 6.89 2.69 -2.05
C LEU A 48 7.59 3.00 -0.73
N ARG A 49 8.79 2.45 -0.56
CA ARG A 49 9.56 2.69 0.66
C ARG A 49 9.82 4.18 0.84
N ARG A 50 10.32 4.80 -0.23
CA ARG A 50 10.61 6.23 -0.21
C ARG A 50 9.33 7.06 -0.06
N VAL A 51 8.38 6.85 -0.98
CA VAL A 51 7.12 7.59 -0.93
C VAL A 51 6.40 7.38 0.40
N GLY A 52 6.65 6.23 1.02
CA GLY A 52 6.02 5.95 2.30
C GLY A 52 6.65 6.75 3.41
N ASP A 53 7.97 6.74 3.45
CA ASP A 53 8.71 7.50 4.47
C ASP A 53 8.31 8.96 4.39
N GLY A 54 8.06 9.42 3.17
CA GLY A 54 7.65 10.78 2.97
C GLY A 54 6.19 10.98 3.33
N VAL A 55 5.33 10.12 2.77
CA VAL A 55 3.90 10.19 3.05
C VAL A 55 3.64 10.31 4.55
N GLN A 56 4.33 9.47 5.32
CA GLN A 56 4.19 9.47 6.76
C GLN A 56 4.55 10.83 7.35
N ARG A 57 5.64 11.42 6.85
CA ARG A 57 6.08 12.73 7.33
C ARG A 57 5.16 13.82 6.81
N ASN A 58 4.46 13.54 5.72
CA ASN A 58 3.55 14.49 5.11
C ASN A 58 2.14 14.32 5.66
N HIS A 59 1.87 13.17 6.26
CA HIS A 59 0.56 12.88 6.79
C HIS A 59 0.56 12.75 8.30
N GLU A 60 1.73 12.82 8.92
CA GLU A 60 1.83 12.67 10.38
C GLU A 60 0.61 13.27 11.07
N THR A 61 0.09 14.37 10.53
CA THR A 61 -1.10 15.01 11.10
C THR A 61 -2.33 14.17 10.77
N ALA A 62 -2.48 13.83 9.50
CA ALA A 62 -3.59 13.01 9.03
C ALA A 62 -3.50 11.60 9.61
N PHE A 63 -2.36 10.96 9.40
CA PHE A 63 -2.10 9.61 9.90
C PHE A 63 -2.45 9.50 11.37
N GLN A 64 -2.13 10.55 12.13
CA GLN A 64 -2.41 10.57 13.56
C GLN A 64 -3.91 10.54 13.83
N GLY A 65 -4.65 11.38 13.10
CA GLY A 65 -6.08 11.44 13.27
C GLY A 65 -6.81 10.26 12.67
N MET A 66 -6.23 9.68 11.62
CA MET A 66 -6.84 8.54 10.94
C MET A 66 -6.74 7.28 11.77
N LEU A 67 -5.67 7.14 12.53
CA LEU A 67 -5.47 5.98 13.38
C LEU A 67 -6.02 6.20 14.79
N ARG A 68 -5.93 7.45 15.27
CA ARG A 68 -6.41 7.79 16.61
C ARG A 68 -7.94 7.81 16.68
N LYS A 69 -8.57 8.49 15.71
CA LYS A 69 -10.03 8.56 15.67
C LYS A 69 -10.62 7.16 15.65
N LEU A 70 -9.85 6.22 15.12
CA LEU A 70 -10.27 4.84 15.02
C LEU A 70 -9.78 4.07 16.27
N ASP A 71 -9.88 2.75 16.24
CA ASP A 71 -9.43 1.96 17.38
C ASP A 71 -9.39 0.47 17.05
N ILE A 72 -8.32 0.07 16.37
CA ILE A 72 -8.14 -1.33 16.00
C ILE A 72 -8.05 -2.18 17.25
N LYS A 73 -9.01 -3.08 17.44
CA LYS A 73 -9.02 -3.95 18.60
C LYS A 73 -8.92 -5.40 18.16
N ASN A 74 -9.53 -5.69 17.02
CA ASN A 74 -9.52 -7.03 16.48
C ASN A 74 -9.61 -6.97 14.95
N GLU A 75 -9.64 -8.13 14.32
CA GLU A 75 -9.75 -8.21 12.87
C GLU A 75 -11.06 -7.60 12.42
N GLY A 76 -11.97 -7.42 13.37
CA GLY A 76 -13.27 -6.83 13.06
C GLY A 76 -13.20 -5.33 12.93
N ASP A 77 -12.19 -4.73 13.57
CA ASP A 77 -12.01 -3.29 13.52
C ASP A 77 -11.53 -2.86 12.13
N VAL A 78 -11.31 -3.85 11.26
CA VAL A 78 -10.87 -3.59 9.91
C VAL A 78 -11.89 -2.75 9.16
N LYS A 79 -13.13 -2.78 9.64
CA LYS A 79 -14.20 -1.99 9.04
C LYS A 79 -13.79 -0.53 8.99
N SER A 80 -13.00 -0.12 9.98
CA SER A 80 -12.51 1.25 10.06
C SER A 80 -11.59 1.53 8.88
N PHE A 81 -10.83 0.51 8.48
CA PHE A 81 -9.91 0.63 7.36
C PHE A 81 -10.71 0.79 6.07
N SER A 82 -11.93 0.25 6.06
CA SER A 82 -12.79 0.38 4.90
C SER A 82 -13.20 1.84 4.72
N ARG A 83 -13.47 2.49 5.85
CA ARG A 83 -13.85 3.90 5.86
C ARG A 83 -12.77 4.76 5.21
N VAL A 84 -11.51 4.45 5.52
CA VAL A 84 -10.40 5.19 4.94
C VAL A 84 -10.16 4.76 3.50
N MET A 85 -10.46 3.49 3.21
CA MET A 85 -10.31 2.96 1.86
C MET A 85 -11.07 3.84 0.88
N VAL A 86 -12.20 4.37 1.32
CA VAL A 86 -13.01 5.23 0.48
C VAL A 86 -12.60 6.69 0.61
N HIS A 87 -12.27 7.10 1.82
CA HIS A 87 -11.87 8.48 2.07
C HIS A 87 -10.59 8.83 1.33
N VAL A 88 -9.77 7.83 1.03
CA VAL A 88 -8.53 8.06 0.29
C VAL A 88 -8.86 8.48 -1.14
N PHE A 89 -9.80 7.76 -1.75
CA PHE A 89 -10.24 8.07 -3.11
C PHE A 89 -11.67 8.61 -3.07
N LYS A 90 -11.85 9.75 -2.40
CA LYS A 90 -13.17 10.37 -2.27
C LYS A 90 -13.89 10.44 -3.62
N ASP A 91 -13.63 11.49 -4.39
CA ASP A 91 -14.27 11.66 -5.68
C ASP A 91 -13.71 12.87 -6.43
N GLY A 92 -13.21 12.62 -7.64
CA GLY A 92 -12.63 13.68 -8.43
C GLY A 92 -11.47 13.20 -9.27
N VAL A 93 -10.39 13.96 -9.25
CA VAL A 93 -9.19 13.60 -10.01
C VAL A 93 -8.31 12.65 -9.20
N THR A 94 -8.30 11.38 -9.58
CA THR A 94 -7.50 10.38 -8.89
C THR A 94 -6.11 10.28 -9.50
N ASN A 95 -5.11 10.15 -8.63
CA ASN A 95 -3.73 10.04 -9.08
C ASN A 95 -2.99 8.96 -8.28
N TRP A 96 -1.85 8.52 -8.81
CA TRP A 96 -1.06 7.50 -8.15
C TRP A 96 -0.72 7.93 -6.73
N GLY A 97 -0.60 9.24 -6.52
CA GLY A 97 -0.33 9.75 -5.20
C GLY A 97 -1.40 9.37 -4.20
N ARG A 98 -2.65 9.39 -4.66
CA ARG A 98 -3.78 9.03 -3.81
C ARG A 98 -3.69 7.56 -3.44
N ILE A 99 -3.49 6.70 -4.45
CA ILE A 99 -3.37 5.28 -4.23
C ILE A 99 -2.18 4.99 -3.33
N VAL A 100 -1.17 5.86 -3.39
CA VAL A 100 0.01 5.72 -2.56
C VAL A 100 -0.33 6.02 -1.11
N THR A 101 -1.29 6.91 -0.90
CA THR A 101 -1.72 7.29 0.44
C THR A 101 -2.44 6.13 1.11
N LEU A 102 -3.27 5.42 0.35
CA LEU A 102 -4.01 4.28 0.89
C LEU A 102 -3.04 3.19 1.33
N ILE A 103 -2.15 2.79 0.43
CA ILE A 103 -1.15 1.79 0.75
C ILE A 103 -0.26 2.29 1.88
N SER A 104 -0.07 3.61 1.90
CA SER A 104 0.76 4.26 2.91
C SER A 104 0.12 4.17 4.29
N PHE A 105 -1.19 4.43 4.37
CA PHE A 105 -1.90 4.39 5.64
C PHE A 105 -1.80 3.01 6.29
N GLY A 106 -2.26 1.99 5.57
CA GLY A 106 -2.22 0.64 6.11
C GLY A 106 -0.82 0.18 6.43
N ALA A 107 0.14 0.53 5.58
CA ALA A 107 1.52 0.14 5.83
C ALA A 107 2.01 0.78 7.12
N PHE A 108 1.60 2.03 7.34
CA PHE A 108 1.96 2.76 8.54
C PHE A 108 1.22 2.21 9.75
N VAL A 109 0.00 1.73 9.51
CA VAL A 109 -0.82 1.16 10.55
C VAL A 109 -0.28 -0.21 10.96
N ALA A 110 0.33 -0.91 10.01
CA ALA A 110 0.92 -2.20 10.29
C ALA A 110 2.09 -2.02 11.25
N LYS A 111 2.94 -1.04 10.94
CA LYS A 111 4.08 -0.73 11.78
C LYS A 111 3.57 -0.35 13.16
N HIS A 112 2.39 0.29 13.17
CA HIS A 112 1.74 0.69 14.41
C HIS A 112 1.33 -0.56 15.18
N LEU A 113 0.67 -1.47 14.48
CA LEU A 113 0.24 -2.73 15.07
C LEU A 113 1.38 -3.43 15.78
N LYS A 114 2.51 -3.57 15.08
CA LYS A 114 3.69 -4.23 15.65
C LYS A 114 4.27 -3.39 16.79
N SER A 115 4.09 -2.08 16.72
CA SER A 115 4.60 -1.17 17.73
C SER A 115 3.87 -1.39 19.06
N VAL A 116 2.70 -2.03 18.98
CA VAL A 116 1.91 -2.30 20.18
C VAL A 116 1.76 -3.81 20.41
N ASN A 117 2.53 -4.60 19.65
CA ASN A 117 2.50 -6.04 19.77
C ASN A 117 1.13 -6.60 19.39
N GLN A 118 0.69 -6.30 18.18
CA GLN A 118 -0.60 -6.78 17.69
C GLN A 118 -0.50 -7.26 16.25
N GLU A 119 0.66 -7.81 15.90
CA GLU A 119 0.90 -8.32 14.55
C GLU A 119 -0.23 -9.28 14.14
N SER A 120 -0.94 -9.79 15.15
CA SER A 120 -2.06 -10.71 14.91
C SER A 120 -3.05 -10.08 13.94
N PHE A 121 -3.30 -8.78 14.09
CA PHE A 121 -4.23 -8.09 13.22
C PHE A 121 -3.51 -7.54 12.00
N ILE A 122 -2.18 -7.57 12.05
CA ILE A 122 -1.36 -7.10 10.95
C ILE A 122 -1.58 -7.95 9.70
N GLU A 123 -1.51 -9.26 9.86
CA GLU A 123 -1.69 -10.19 8.75
C GLU A 123 -2.97 -9.86 7.98
N PRO A 124 -4.14 -9.81 8.66
CA PRO A 124 -5.41 -9.50 8.01
C PRO A 124 -5.52 -8.01 7.70
N LEU A 125 -4.61 -7.22 8.27
CA LEU A 125 -4.60 -5.78 8.05
C LEU A 125 -4.13 -5.48 6.64
N ALA A 126 -3.03 -6.11 6.23
CA ALA A 126 -2.48 -5.90 4.90
C ALA A 126 -3.24 -6.71 3.87
N GLU A 127 -3.65 -7.92 4.24
CA GLU A 127 -4.39 -8.79 3.34
C GLU A 127 -5.69 -8.12 2.92
N THR A 128 -6.28 -7.36 3.82
CA THR A 128 -7.53 -6.67 3.54
C THR A 128 -7.29 -5.37 2.79
N ILE A 129 -6.45 -4.49 3.34
CA ILE A 129 -6.16 -3.22 2.71
C ILE A 129 -5.63 -3.42 1.29
N THR A 130 -4.82 -4.45 1.11
CA THR A 130 -4.26 -4.76 -0.21
C THR A 130 -5.34 -5.27 -1.14
N ASP A 131 -6.15 -6.21 -0.64
CA ASP A 131 -7.23 -6.77 -1.44
C ASP A 131 -8.08 -5.66 -2.00
N VAL A 132 -8.59 -4.80 -1.11
CA VAL A 132 -9.41 -3.68 -1.53
C VAL A 132 -8.60 -2.70 -2.36
N LEU A 133 -7.27 -2.69 -2.19
CA LEU A 133 -6.42 -1.78 -2.93
C LEU A 133 -6.48 -2.08 -4.43
N VAL A 134 -6.17 -3.33 -4.79
CA VAL A 134 -6.22 -3.73 -6.19
C VAL A 134 -7.66 -3.94 -6.62
N ARG A 135 -8.47 -4.45 -5.71
CA ARG A 135 -9.89 -4.71 -5.98
C ARG A 135 -10.69 -3.42 -6.12
N THR A 136 -10.22 -2.32 -5.52
CA THR A 136 -10.95 -1.06 -5.61
C THR A 136 -10.53 -0.27 -6.85
N LYS A 137 -9.22 -0.21 -7.09
CA LYS A 137 -8.71 0.51 -8.26
C LYS A 137 -8.32 -0.46 -9.37
N ARG A 138 -9.11 -1.52 -9.53
CA ARG A 138 -8.87 -2.51 -10.56
C ARG A 138 -9.01 -1.90 -11.95
N ASP A 139 -10.11 -1.17 -12.17
CA ASP A 139 -10.37 -0.53 -13.45
C ASP A 139 -9.14 0.29 -13.89
N TRP A 140 -8.61 1.06 -12.95
CA TRP A 140 -7.42 1.86 -13.21
C TRP A 140 -6.23 0.94 -13.46
N LEU A 141 -6.08 -0.05 -12.58
CA LEU A 141 -5.00 -1.01 -12.69
C LEU A 141 -5.02 -1.73 -14.04
N VAL A 142 -6.20 -1.87 -14.61
CA VAL A 142 -6.34 -2.54 -15.91
C VAL A 142 -6.22 -1.53 -17.05
N LYS A 143 -6.63 -0.29 -16.78
CA LYS A 143 -6.57 0.76 -17.79
C LYS A 143 -5.21 1.45 -17.80
N GLN A 144 -4.38 1.16 -16.80
CA GLN A 144 -3.05 1.76 -16.72
C GLN A 144 -2.00 0.72 -16.35
N ARG A 145 -2.15 -0.49 -16.91
CA ARG A 145 -1.21 -1.57 -16.67
C ARG A 145 -0.86 -1.73 -15.19
N GLY A 146 -1.75 -1.25 -14.32
CA GLY A 146 -1.55 -1.35 -12.89
C GLY A 146 -0.10 -1.20 -12.45
N TRP A 147 0.39 -2.22 -11.75
CA TRP A 147 1.76 -2.23 -11.23
C TRP A 147 2.75 -1.47 -12.11
N ASP A 148 2.94 -1.95 -13.34
CA ASP A 148 3.87 -1.32 -14.26
C ASP A 148 3.65 0.19 -14.33
N GLY A 149 2.38 0.60 -14.42
CA GLY A 149 2.07 2.02 -14.46
C GLY A 149 2.58 2.75 -13.24
N PHE A 150 2.28 2.21 -12.06
CA PHE A 150 2.71 2.80 -10.80
C PHE A 150 4.18 3.23 -10.90
N VAL A 151 5.01 2.35 -11.44
CA VAL A 151 6.43 2.64 -11.61
C VAL A 151 6.65 3.59 -12.78
N GLU A 152 5.77 3.51 -13.78
CA GLU A 152 5.88 4.41 -14.94
C GLU A 152 5.72 5.84 -14.47
N PHE A 153 4.91 5.99 -13.42
CA PHE A 153 4.65 7.29 -12.81
C PHE A 153 5.83 7.70 -11.95
N PHE A 154 6.50 6.70 -11.38
CA PHE A 154 7.63 6.92 -10.51
C PHE A 154 8.91 6.32 -11.10
N HIS A 155 9.18 6.65 -12.36
CA HIS A 155 10.37 6.14 -13.03
C HIS A 155 11.59 7.00 -12.67
N VAL A 156 11.40 7.89 -11.70
CA VAL A 156 12.45 8.78 -11.25
C VAL A 156 12.75 8.57 -9.77
N GLN A 157 13.94 8.07 -9.47
CA GLN A 157 14.35 7.82 -8.09
C GLN A 157 15.33 8.89 -7.61
N ASP A 158 16.00 9.55 -8.56
CA ASP A 158 16.96 10.59 -8.23
C ASP A 158 16.54 11.93 -8.82
N LEU A 159 15.29 12.02 -9.24
CA LEU A 159 14.77 13.25 -9.84
C LEU A 159 13.28 13.42 -9.51
N GLU A 160 12.80 14.65 -9.64
CA GLU A 160 11.40 14.96 -9.37
C GLU A 160 10.85 15.94 -10.39
N GLY A 161 11.72 16.45 -11.25
CA GLY A 161 11.30 17.39 -12.28
C GLY A 161 12.39 17.69 -13.28
N GLY A 162 12.13 17.38 -14.54
CA GLY A 162 13.11 17.62 -15.58
C GLY A 162 12.54 17.46 -16.98
#